data_4ADF
#
_entry.id   4ADF
#
_cell.length_a   218.440
_cell.length_b   218.440
_cell.length_c   331.170
_cell.angle_alpha   90.00
_cell.angle_beta   90.00
_cell.angle_gamma   120.00
#
_symmetry.space_group_name_H-M   'P 31 2 1'
#
loop_
_entity.id
_entity.type
_entity.pdbx_description
1 polymer 'SECRETED PROTEIN BARF1'
2 polymer 'MACROPHAGE COLONY-STIMULATING FACTOR 1'
3 branched alpha-D-mannopyranose-(1-6)-alpha-D-mannopyranose-(1-6)-[alpha-D-mannopyranose-(1-3)]beta-D-mannopyranose-(1-4)-2-acetamido-2-deoxy-beta-D-glucopyranose-(1-4)-2-acetamido-2-deoxy-beta-D-glucopyranose
4 branched alpha-D-mannopyranose-(1-3)-[alpha-D-mannopyranose-(1-6)]alpha-D-mannopyranose-(1-6)-[alpha-D-mannopyranose-(1-3)]beta-D-mannopyranose-(1-4)-2-acetamido-2-deoxy-beta-D-glucopyranose-(1-4)-2-acetamido-2-deoxy-beta-D-glucopyranose
5 branched alpha-D-mannopyranose-(1-3)-[alpha-D-mannopyranose-(1-6)]beta-D-mannopyranose-(1-4)-2-acetamido-2-deoxy-beta-D-glucopyranose-(1-4)-2-acetamido-2-deoxy-beta-D-glucopyranose
#
loop_
_entity_poly.entity_id
_entity_poly.type
_entity_poly.pdbx_seq_one_letter_code
_entity_poly.pdbx_strand_id
1 'polypeptide(L)'
;VTAFLGERVTLTSYWRRVSLGPEIEVSWFKLGPGEEQVLIGRMHHDVIFIEWPFRGFFDIHRSANTFFLVVTAANISHDG
NYLCRMKLGETEVTKQEHLSVVKPLTLSVHSERSQFPDFSVLTVTCTVNAFPHPHVQWLMPEGVEPAPSAANGGVMKEKD
GSLSVAVDLSLPKPWHLPVTCVGKNDKEEAHGVYVSGYLSQKHHHHHH
;
A,B,C,D,E,F,M,N,O,P,Q,R
2 'polypeptide(L)'
;GSHMEEVSEYCSHMIGSGHLQSLQRLIDSQMETSCQITFEFVDQEQLKDPVCYLKKAFLLVQDIMEDTMRFRDNTPNAIA
IVQLQELSLRLKSCFTKDYEEHDKACVRTFYETPLQLLEKVKNVFNETKNLLDKDWNIFSKNCNNSFAECSSQ
;
G,H,I,J,K,L,S,T,U,V,W,X
#
# COMPACT_ATOMS: atom_id res chain seq x y z
N VAL A 1 16.93 -23.18 37.92
CA VAL A 1 15.80 -23.74 38.65
C VAL A 1 14.82 -24.55 37.79
N THR A 2 13.81 -25.09 38.47
CA THR A 2 12.78 -25.93 37.88
C THR A 2 11.47 -25.79 38.68
N ALA A 3 10.32 -25.87 38.01
CA ALA A 3 9.04 -25.86 38.72
C ALA A 3 7.88 -26.43 37.88
N PHE A 4 6.87 -26.95 38.56
CA PHE A 4 5.75 -27.61 37.88
C PHE A 4 4.71 -26.66 37.30
N LEU A 5 3.81 -27.24 36.51
CA LEU A 5 2.74 -26.51 35.85
C LEU A 5 1.78 -25.87 36.85
N GLY A 6 1.45 -24.61 36.62
CA GLY A 6 0.50 -23.88 37.44
C GLY A 6 1.08 -23.20 38.67
N GLU A 7 2.32 -23.53 39.02
CA GLU A 7 2.92 -23.09 40.28
C GLU A 7 3.41 -21.64 40.22
N ARG A 8 3.53 -21.02 41.40
CA ARG A 8 4.12 -19.69 41.50
C ARG A 8 5.62 -19.83 41.77
N VAL A 9 6.42 -19.69 40.71
CA VAL A 9 7.88 -19.86 40.80
C VAL A 9 8.64 -18.54 40.64
N THR A 10 9.74 -18.42 41.36
CA THR A 10 10.53 -17.20 41.40
C THR A 10 11.93 -17.45 40.84
N LEU A 11 12.39 -16.50 40.01
CA LEU A 11 13.76 -16.48 39.52
C LEU A 11 14.48 -15.30 40.16
N THR A 12 15.80 -15.39 40.32
CA THR A 12 16.55 -14.34 41.00
C THR A 12 17.84 -13.86 40.34
N SER A 13 18.18 -12.61 40.67
CA SER A 13 19.44 -12.00 40.27
C SER A 13 19.80 -11.03 41.38
N TYR A 14 21.04 -10.57 41.41
CA TYR A 14 21.50 -9.75 42.53
C TYR A 14 22.72 -8.92 42.15
N TRP A 15 22.88 -7.79 42.84
CA TRP A 15 24.07 -6.95 42.70
C TRP A 15 25.08 -7.36 43.78
N ARG A 16 26.34 -7.56 43.40
CA ARG A 16 27.34 -8.05 44.34
C ARG A 16 27.48 -7.13 45.54
N ARG A 17 27.55 -5.83 45.29
CA ARG A 17 27.68 -4.89 46.39
C ARG A 17 26.39 -4.73 47.18
N VAL A 18 26.52 -5.11 48.44
CA VAL A 18 25.44 -5.17 49.41
C VAL A 18 25.01 -3.75 49.82
N SER A 19 25.78 -2.73 49.42
CA SER A 19 25.38 -1.34 49.62
C SER A 19 24.14 -0.95 48.83
N LEU A 20 23.98 -1.56 47.66
CA LEU A 20 23.05 -1.09 46.65
C LEU A 20 21.85 -1.99 46.37
N GLY A 21 20.66 -1.39 46.32
CA GLY A 21 19.46 -2.10 45.90
C GLY A 21 18.61 -1.38 44.86
N PRO A 22 17.97 -0.27 45.25
CA PRO A 22 17.09 0.49 44.34
C PRO A 22 17.83 1.10 43.15
N GLU A 23 19.07 1.52 43.39
CA GLU A 23 19.86 2.30 42.45
C GLU A 23 20.09 1.57 41.12
N ILE A 24 20.03 0.25 41.14
CA ILE A 24 20.34 -0.53 39.95
C ILE A 24 19.19 -0.45 38.95
N GLU A 25 19.50 -0.24 37.67
CA GLU A 25 18.47 -0.27 36.62
C GLU A 25 18.29 -1.70 36.13
N VAL A 26 17.40 -2.43 36.78
CA VAL A 26 17.12 -3.82 36.47
C VAL A 26 16.07 -3.96 35.37
N SER A 27 16.29 -4.92 34.46
CA SER A 27 15.41 -5.13 33.31
C SER A 27 15.51 -6.56 32.81
N TRP A 28 14.43 -7.34 32.99
CA TRP A 28 14.40 -8.75 32.63
C TRP A 28 13.98 -8.99 31.18
N PHE A 29 14.51 -10.04 30.56
CA PHE A 29 14.13 -10.41 29.19
C PHE A 29 13.88 -11.91 29.10
N LYS A 30 12.91 -12.32 28.28
CA LYS A 30 12.74 -13.72 27.92
C LYS A 30 13.48 -13.98 26.63
N LEU A 31 14.35 -14.98 26.62
CA LEU A 31 15.04 -15.33 25.41
C LEU A 31 14.14 -16.21 24.54
N GLY A 32 13.57 -15.59 23.52
CA GLY A 32 12.85 -16.31 22.48
C GLY A 32 13.89 -17.02 21.65
N PRO A 33 13.50 -18.10 20.96
CA PRO A 33 14.50 -18.88 20.22
C PRO A 33 15.25 -18.04 19.20
N GLY A 34 16.46 -18.46 18.85
CA GLY A 34 17.27 -17.76 17.88
C GLY A 34 17.89 -16.49 18.43
N GLU A 35 18.38 -16.56 19.66
CA GLU A 35 19.11 -15.45 20.28
C GLU A 35 18.26 -14.18 20.41
N GLU A 36 16.94 -14.35 20.49
CA GLU A 36 16.04 -13.21 20.52
C GLU A 36 16.00 -12.65 21.94
N GLN A 37 15.51 -11.42 22.08
CA GLN A 37 15.43 -10.76 23.38
C GLN A 37 14.13 -9.97 23.51
N VAL A 38 13.20 -10.50 24.30
CA VAL A 38 11.90 -9.87 24.51
C VAL A 38 11.81 -9.27 25.91
N LEU A 39 11.50 -7.98 25.99
CA LEU A 39 11.44 -7.30 27.28
C LEU A 39 10.20 -7.69 28.07
N ILE A 40 10.41 -8.17 29.30
CA ILE A 40 9.31 -8.56 30.17
C ILE A 40 8.94 -7.41 31.10
N GLY A 41 9.95 -6.79 31.72
CA GLY A 41 9.69 -5.68 32.62
C GLY A 41 10.93 -4.95 33.07
N ARG A 42 10.73 -3.77 33.67
CA ARG A 42 11.83 -2.93 34.15
C ARG A 42 11.58 -2.42 35.55
N MET A 43 12.65 -2.20 36.32
CA MET A 43 12.54 -1.70 37.68
C MET A 43 13.75 -0.82 37.99
N HIS A 44 13.47 0.34 38.56
CA HIS A 44 14.51 1.30 38.94
C HIS A 44 13.97 2.27 39.99
N HIS A 45 14.77 2.48 41.04
CA HIS A 45 14.37 3.31 42.18
C HIS A 45 13.00 2.87 42.73
N ASP A 46 12.83 1.56 42.83
CA ASP A 46 11.60 0.95 43.34
C ASP A 46 10.34 1.46 42.65
N VAL A 47 10.35 1.43 41.32
CA VAL A 47 9.14 1.54 40.55
C VAL A 47 9.19 0.49 39.45
N ILE A 48 8.31 -0.48 39.55
CA ILE A 48 8.29 -1.60 38.63
C ILE A 48 7.25 -1.38 37.54
N PHE A 49 7.55 -1.90 36.36
CA PHE A 49 6.61 -1.89 35.25
C PHE A 49 6.80 -3.11 34.36
N ILE A 50 5.76 -3.92 34.25
CA ILE A 50 5.77 -5.11 33.42
C ILE A 50 5.09 -4.77 32.10
N GLU A 51 5.64 -5.27 30.99
CA GLU A 51 5.06 -5.02 29.67
C GLU A 51 3.69 -5.67 29.58
N TRP A 52 2.79 -5.03 28.82
CA TRP A 52 1.40 -5.47 28.71
C TRP A 52 1.20 -6.92 28.22
N PRO A 53 2.04 -7.40 27.30
CA PRO A 53 1.90 -8.80 26.90
C PRO A 53 2.21 -9.79 28.02
N PHE A 54 3.15 -9.43 28.91
CA PHE A 54 3.49 -10.28 30.05
C PHE A 54 2.76 -9.89 31.34
N ARG A 55 1.90 -8.87 31.26
CA ARG A 55 1.27 -8.33 32.47
C ARG A 55 0.38 -9.38 33.12
N GLY A 56 0.63 -9.64 34.39
CA GLY A 56 -0.21 -10.54 35.15
C GLY A 56 0.20 -11.99 35.08
N PHE A 57 1.20 -12.29 34.26
CA PHE A 57 1.82 -13.61 34.28
C PHE A 57 3.17 -13.52 35.00
N PHE A 58 3.86 -12.40 34.81
CA PHE A 58 5.09 -12.10 35.53
C PHE A 58 4.92 -10.87 36.41
N ASP A 59 5.83 -10.71 37.35
CA ASP A 59 5.91 -9.51 38.16
C ASP A 59 7.32 -9.44 38.73
N ILE A 60 7.78 -8.23 39.05
CA ILE A 60 9.10 -8.02 39.63
C ILE A 60 8.98 -7.27 40.94
N HIS A 61 9.86 -7.60 41.88
CA HIS A 61 10.00 -6.82 43.11
C HIS A 61 11.44 -6.91 43.61
N ARG A 62 11.73 -6.17 44.67
CA ARG A 62 13.09 -6.10 45.20
C ARG A 62 13.13 -6.17 46.72
N SER A 63 14.22 -6.74 47.22
CA SER A 63 14.58 -6.65 48.62
C SER A 63 16.10 -6.61 48.73
N ALA A 64 16.62 -5.59 49.38
CA ALA A 64 18.05 -5.45 49.58
C ALA A 64 18.80 -5.47 48.23
N ASN A 65 19.92 -6.20 48.13
CA ASN A 65 20.67 -6.30 46.89
C ASN A 65 20.19 -7.41 45.95
N THR A 66 18.96 -7.87 46.16
CA THR A 66 18.36 -8.96 45.40
C THR A 66 17.17 -8.53 44.55
N PHE A 67 17.08 -9.13 43.35
CA PHE A 67 16.03 -8.80 42.40
C PHE A 67 15.28 -10.07 42.02
N PHE A 68 13.94 -10.04 42.10
CA PHE A 68 13.15 -11.23 41.85
C PHE A 68 12.26 -11.10 40.63
N LEU A 69 12.18 -12.16 39.85
CA LEU A 69 11.17 -12.26 38.80
C LEU A 69 10.23 -13.40 39.16
N VAL A 70 9.05 -13.04 39.69
CA VAL A 70 8.04 -14.03 40.06
C VAL A 70 7.14 -14.33 38.87
N VAL A 71 7.01 -15.62 38.55
CA VAL A 71 6.00 -16.07 37.61
C VAL A 71 4.76 -16.48 38.38
N THR A 72 3.70 -15.69 38.26
CA THR A 72 2.51 -15.88 39.07
C THR A 72 1.81 -17.21 38.84
N ALA A 73 1.92 -17.73 37.61
CA ALA A 73 1.44 -19.05 37.30
C ALA A 73 2.19 -19.59 36.09
N ALA A 74 2.87 -20.72 36.28
CA ALA A 74 3.75 -21.27 35.26
C ALA A 74 2.99 -22.06 34.22
N ASN A 75 3.35 -21.88 32.95
CA ASN A 75 2.83 -22.70 31.86
C ASN A 75 3.98 -23.07 30.93
N ILE A 76 3.71 -23.92 29.95
CA ILE A 76 4.78 -24.54 29.16
C ILE A 76 5.51 -23.51 28.31
N SER A 77 4.80 -22.44 27.94
CA SER A 77 5.42 -21.34 27.20
C SER A 77 6.60 -20.76 27.97
N HIS A 78 6.54 -20.83 29.30
CA HIS A 78 7.57 -20.23 30.14
C HIS A 78 8.87 -21.05 30.27
N ASP A 79 8.90 -22.28 29.78
CA ASP A 79 10.14 -23.05 29.76
C ASP A 79 11.08 -22.36 28.78
N GLY A 80 12.29 -22.04 29.24
CA GLY A 80 13.25 -21.34 28.42
C GLY A 80 14.18 -20.51 29.26
N ASN A 81 15.21 -19.94 28.63
CA ASN A 81 16.17 -19.12 29.36
C ASN A 81 15.66 -17.70 29.55
N TYR A 82 16.10 -17.08 30.65
CA TYR A 82 15.75 -15.70 30.96
C TYR A 82 17.01 -14.92 31.25
N LEU A 83 16.98 -13.65 30.87
CA LEU A 83 18.16 -12.80 30.97
C LEU A 83 17.78 -11.58 31.80
N CYS A 84 18.66 -11.23 32.73
CA CYS A 84 18.49 -10.05 33.57
C CYS A 84 19.61 -9.10 33.25
N ARG A 85 19.26 -7.88 32.84
CA ARG A 85 20.26 -6.86 32.60
C ARG A 85 20.22 -5.88 33.76
N MET A 86 21.32 -5.76 34.51
CA MET A 86 21.40 -4.82 35.62
C MET A 86 22.46 -3.77 35.38
N LYS A 87 22.06 -2.51 35.21
CA LYS A 87 23.03 -1.45 34.94
C LYS A 87 23.14 -0.50 36.12
N LEU A 88 24.33 0.06 36.26
CA LEU A 88 24.64 1.09 37.25
C LEU A 88 25.48 2.16 36.62
N GLY A 89 24.82 3.07 35.92
CA GLY A 89 25.56 4.06 35.19
C GLY A 89 26.42 3.38 34.15
N GLU A 90 27.72 3.63 34.27
CA GLU A 90 28.71 3.16 33.31
C GLU A 90 28.80 1.64 33.18
N THR A 91 28.72 0.96 34.32
CA THR A 91 28.84 -0.49 34.41
C THR A 91 27.51 -1.24 34.28
N GLU A 92 27.53 -2.36 33.56
CA GLU A 92 26.33 -3.16 33.36
C GLU A 92 26.66 -4.66 33.35
N VAL A 93 25.90 -5.43 34.11
CA VAL A 93 26.10 -6.87 34.21
C VAL A 93 24.88 -7.64 33.71
N THR A 94 25.14 -8.74 33.01
CA THR A 94 24.11 -9.54 32.38
C THR A 94 24.12 -10.97 32.94
N LYS A 95 23.15 -11.26 33.81
CA LYS A 95 23.02 -12.57 34.45
C LYS A 95 21.87 -13.39 33.87
N GLN A 96 22.21 -14.59 33.39
CA GLN A 96 21.23 -15.51 32.83
C GLN A 96 20.62 -16.36 33.92
N GLU A 97 19.49 -16.98 33.61
CA GLU A 97 18.79 -17.84 34.55
C GLU A 97 17.83 -18.72 33.74
N HIS A 98 18.04 -20.03 33.80
CA HIS A 98 17.18 -20.98 33.10
C HIS A 98 16.02 -21.44 33.96
N LEU A 99 14.93 -21.81 33.31
CA LEU A 99 13.77 -22.38 33.99
C LEU A 99 13.20 -23.55 33.21
N SER A 100 13.16 -24.71 33.86
CA SER A 100 12.47 -25.88 33.30
C SER A 100 11.07 -26.00 33.90
N VAL A 101 10.06 -26.05 33.04
CA VAL A 101 8.70 -26.33 33.46
C VAL A 101 8.37 -27.80 33.26
N VAL A 102 7.60 -28.37 34.18
CA VAL A 102 7.33 -29.81 34.18
C VAL A 102 5.83 -30.08 34.33
N LYS A 103 5.33 -31.04 33.54
CA LYS A 103 3.96 -31.52 33.67
C LYS A 103 3.99 -32.93 34.27
N PRO A 104 3.26 -33.16 35.38
CA PRO A 104 3.31 -34.50 35.97
C PRO A 104 2.62 -35.51 35.04
N LEU A 105 3.37 -36.54 34.63
CA LEU A 105 2.89 -37.45 33.60
C LEU A 105 1.53 -38.05 33.90
N THR A 106 0.78 -38.32 32.83
CA THR A 106 -0.58 -38.84 32.95
C THR A 106 -0.69 -40.15 32.17
N LEU A 107 -0.52 -41.27 32.87
CA LEU A 107 -0.57 -42.59 32.25
C LEU A 107 -1.98 -43.15 32.12
N SER A 108 -2.37 -43.52 30.89
CA SER A 108 -3.71 -44.10 30.64
C SER A 108 -3.62 -45.49 29.99
N VAL A 109 -4.54 -46.39 30.38
CA VAL A 109 -4.68 -47.70 29.72
C VAL A 109 -6.14 -48.12 29.45
N HIS A 110 -6.45 -48.63 28.25
CA HIS A 110 -7.70 -49.38 28.04
C HIS A 110 -7.59 -50.50 26.99
N SER A 111 -8.34 -51.58 27.17
CA SER A 111 -8.29 -52.69 26.22
C SER A 111 -9.29 -52.50 25.08
N GLU A 112 -9.14 -53.34 24.08
CA GLU A 112 -10.13 -53.55 23.03
C GLU A 112 -9.87 -54.94 22.50
N ARG A 113 -10.94 -55.58 22.05
CA ARG A 113 -10.83 -56.81 21.27
C ARG A 113 -11.04 -56.52 19.80
N SER A 114 -10.29 -57.22 18.96
CA SER A 114 -10.40 -57.06 17.52
C SER A 114 -11.79 -57.46 17.08
N GLN A 115 -12.33 -56.77 16.08
CA GLN A 115 -13.66 -57.08 15.58
C GLN A 115 -13.61 -57.99 14.35
N PHE A 116 -12.42 -58.20 13.79
CA PHE A 116 -12.27 -59.02 12.60
C PHE A 116 -10.84 -59.57 12.53
N PRO A 117 -10.67 -60.82 12.04
CA PRO A 117 -11.70 -61.79 11.65
C PRO A 117 -12.31 -62.51 12.85
N ASP A 118 -11.76 -62.28 14.04
CA ASP A 118 -12.23 -62.93 15.25
C ASP A 118 -12.07 -61.98 16.42
N PHE A 119 -12.45 -62.44 17.60
CA PHE A 119 -12.38 -61.63 18.81
C PHE A 119 -11.33 -62.23 19.74
N SER A 120 -10.24 -62.71 19.14
CA SER A 120 -9.13 -63.28 19.89
C SER A 120 -8.02 -62.25 20.11
N VAL A 121 -7.72 -61.43 19.11
CA VAL A 121 -6.61 -60.50 19.23
C VAL A 121 -6.94 -59.34 20.16
N LEU A 122 -6.59 -59.48 21.43
CA LEU A 122 -6.81 -58.41 22.40
C LEU A 122 -5.70 -57.37 22.31
N THR A 123 -6.08 -56.14 21.98
CA THR A 123 -5.16 -55.03 21.83
C THR A 123 -5.34 -54.07 23.01
N VAL A 124 -4.24 -53.78 23.70
CA VAL A 124 -4.24 -52.77 24.76
C VAL A 124 -3.40 -51.56 24.35
N THR A 125 -3.79 -50.39 24.86
CA THR A 125 -3.14 -49.13 24.51
C THR A 125 -2.68 -48.45 25.80
N CYS A 126 -1.37 -48.26 25.94
CA CYS A 126 -0.83 -47.47 27.05
C CYS A 126 -0.44 -46.07 26.54
N THR A 127 -0.95 -45.05 27.22
CA THR A 127 -0.76 -43.66 26.80
C THR A 127 -0.18 -42.80 27.93
N VAL A 128 0.67 -41.84 27.57
CA VAL A 128 1.26 -40.91 28.54
C VAL A 128 1.38 -39.48 28.04
N ASN A 129 0.86 -38.56 28.85
CA ASN A 129 0.89 -37.12 28.59
C ASN A 129 1.73 -36.42 29.64
N ALA A 130 2.95 -36.03 29.29
CA ALA A 130 3.85 -35.36 30.22
C ALA A 130 4.66 -34.26 29.53
N PHE A 131 5.56 -33.65 30.28
CA PHE A 131 6.48 -32.67 29.74
C PHE A 131 7.72 -32.62 30.64
N PRO A 132 8.92 -32.55 30.04
CA PRO A 132 9.26 -32.33 28.63
C PRO A 132 9.59 -33.60 27.83
N HIS A 133 9.87 -34.73 28.49
CA HIS A 133 10.26 -35.94 27.77
C HIS A 133 9.42 -37.15 28.17
N PRO A 134 8.18 -37.25 27.66
CA PRO A 134 7.41 -38.46 27.95
C PRO A 134 7.87 -39.63 27.09
N HIS A 135 7.72 -40.84 27.61
CA HIS A 135 8.18 -42.03 26.92
C HIS A 135 7.49 -43.28 27.46
N VAL A 136 6.82 -44.01 26.57
CA VAL A 136 6.06 -45.20 26.95
C VAL A 136 6.63 -46.45 26.30
N GLN A 137 6.55 -47.56 27.01
CA GLN A 137 7.14 -48.81 26.56
C GLN A 137 6.41 -50.01 27.18
N TRP A 138 6.13 -51.03 26.37
CA TRP A 138 5.46 -52.24 26.85
C TRP A 138 6.49 -53.29 27.24
N LEU A 139 6.37 -53.84 28.46
CA LEU A 139 7.29 -54.90 28.88
C LEU A 139 7.03 -56.35 28.51
N MET A 140 7.98 -56.92 27.75
CA MET A 140 8.09 -58.33 27.30
C MET A 140 7.51 -58.44 25.89
N ASN A 152 4.97 -48.71 17.18
CA ASN A 152 3.74 -48.05 16.77
C ASN A 152 3.44 -46.83 17.65
N GLY A 153 4.28 -45.81 17.57
CA GLY A 153 4.24 -44.68 18.49
C GLY A 153 4.19 -43.30 17.85
N GLY A 154 3.03 -42.65 17.94
CA GLY A 154 2.87 -41.31 17.37
C GLY A 154 2.99 -40.20 18.41
N VAL A 155 3.88 -39.24 18.16
CA VAL A 155 4.06 -38.10 19.05
C VAL A 155 3.09 -36.96 18.71
N MET A 156 2.19 -36.65 19.62
CA MET A 156 1.22 -35.58 19.37
C MET A 156 1.54 -34.43 20.33
N LYS A 157 1.18 -33.20 19.95
CA LYS A 157 1.30 -32.04 20.82
C LYS A 157 -0.09 -31.49 21.18
N GLU A 158 -0.31 -31.30 22.48
CA GLU A 158 -1.61 -30.88 23.03
C GLU A 158 -1.84 -29.36 23.03
N LYS A 159 -3.05 -28.96 23.40
CA LYS A 159 -3.41 -27.54 23.47
C LYS A 159 -2.59 -26.82 24.52
N ASP A 160 -2.45 -27.45 25.68
CA ASP A 160 -1.71 -26.87 26.80
C ASP A 160 -0.19 -26.82 26.60
N GLY A 161 0.30 -27.29 25.45
CA GLY A 161 1.70 -27.18 25.12
C GLY A 161 2.45 -28.45 25.49
N SER A 162 1.81 -29.31 26.28
CA SER A 162 2.40 -30.56 26.70
C SER A 162 2.50 -31.56 25.54
N LEU A 163 3.23 -32.65 25.77
CA LEU A 163 3.39 -33.69 24.77
C LEU A 163 2.72 -34.98 25.19
N SER A 164 2.16 -35.69 24.22
CA SER A 164 1.58 -37.00 24.44
C SER A 164 2.15 -38.03 23.47
N VAL A 165 2.32 -39.26 23.95
CA VAL A 165 2.67 -40.39 23.10
C VAL A 165 2.07 -41.69 23.65
N ALA A 166 1.73 -42.61 22.76
CA ALA A 166 1.18 -43.91 23.17
C ALA A 166 1.62 -45.05 22.25
N VAL A 167 1.52 -46.27 22.77
CA VAL A 167 1.77 -47.49 22.00
C VAL A 167 0.79 -48.62 22.29
N ASP A 168 0.51 -49.39 21.24
CA ASP A 168 -0.42 -50.53 21.31
C ASP A 168 0.32 -51.86 21.39
N LEU A 169 -0.39 -52.91 21.83
CA LEU A 169 0.21 -54.23 22.02
C LEU A 169 -0.80 -55.34 21.71
N SER A 170 -0.54 -56.11 20.66
CA SER A 170 -1.46 -57.18 20.24
C SER A 170 -1.15 -58.53 20.90
N LEU A 171 -2.15 -59.13 21.55
CA LEU A 171 -2.00 -60.42 22.22
C LEU A 171 -3.00 -61.46 21.72
N PRO A 172 -2.58 -62.34 20.80
CA PRO A 172 -3.51 -63.39 20.36
C PRO A 172 -3.80 -64.41 21.46
N LYS A 173 -4.94 -65.09 21.34
CA LYS A 173 -5.41 -66.04 22.34
C LYS A 173 -4.41 -67.20 22.46
N PRO A 174 -4.12 -67.67 23.69
CA PRO A 174 -4.60 -67.19 24.98
C PRO A 174 -3.88 -65.91 25.38
N TRP A 175 -4.58 -65.02 26.07
CA TRP A 175 -4.02 -63.74 26.49
C TRP A 175 -3.02 -63.92 27.61
N HIS A 176 -1.76 -63.58 27.32
CA HIS A 176 -0.68 -63.73 28.29
C HIS A 176 -0.69 -62.64 29.36
N LEU A 177 -1.76 -62.62 30.15
CA LEU A 177 -1.93 -61.62 31.21
C LEU A 177 -1.39 -62.16 32.52
N PRO A 178 -1.14 -61.26 33.49
CA PRO A 178 -1.15 -59.79 33.37
C PRO A 178 0.03 -59.25 32.56
N VAL A 179 -0.15 -58.05 31.99
CA VAL A 179 0.89 -57.39 31.20
C VAL A 179 1.02 -55.95 31.64
N THR A 180 2.23 -55.41 31.55
CA THR A 180 2.56 -54.14 32.19
C THR A 180 3.28 -53.20 31.23
N CYS A 181 2.83 -51.94 31.22
CA CYS A 181 3.46 -50.89 30.43
C CYS A 181 4.16 -49.93 31.36
N VAL A 182 5.22 -49.29 30.88
CA VAL A 182 6.04 -48.39 31.69
C VAL A 182 6.08 -47.02 31.06
N GLY A 183 5.43 -46.07 31.70
CA GLY A 183 5.50 -44.68 31.28
C GLY A 183 6.45 -43.93 32.18
N LYS A 184 7.22 -43.02 31.60
CA LYS A 184 8.15 -42.22 32.38
C LYS A 184 8.41 -40.86 31.74
N ASN A 185 8.70 -39.89 32.59
CA ASN A 185 9.03 -38.54 32.17
C ASN A 185 10.36 -38.13 32.79
N ASP A 186 11.45 -38.49 32.12
CA ASP A 186 12.78 -38.32 32.69
C ASP A 186 12.80 -39.14 33.99
N LYS A 187 13.13 -38.53 35.12
CA LYS A 187 13.22 -39.24 36.39
C LYS A 187 11.88 -39.84 36.82
N GLU A 188 10.80 -39.09 36.63
CA GLU A 188 9.46 -39.55 36.99
C GLU A 188 9.13 -40.85 36.27
N GLU A 189 8.49 -41.78 36.97
CA GLU A 189 8.13 -43.08 36.40
C GLU A 189 6.82 -43.64 36.95
N ALA A 190 6.08 -44.34 36.10
CA ALA A 190 4.82 -44.99 36.52
C ALA A 190 4.45 -46.14 35.59
N HIS A 191 3.65 -47.08 36.09
CA HIS A 191 3.27 -48.27 35.34
C HIS A 191 1.76 -48.40 35.22
N GLY A 192 1.34 -49.24 34.29
CA GLY A 192 -0.06 -49.60 34.10
C GLY A 192 -0.14 -51.09 33.88
N VAL A 193 -0.92 -51.77 34.71
CA VAL A 193 -1.10 -53.22 34.60
C VAL A 193 -2.49 -53.56 34.11
N TYR A 194 -2.58 -54.38 33.09
CA TYR A 194 -3.86 -54.95 32.71
C TYR A 194 -4.00 -56.37 33.28
N VAL A 195 -4.99 -56.56 34.14
CA VAL A 195 -5.18 -57.84 34.83
C VAL A 195 -6.05 -58.82 34.05
N SER A 196 -7.32 -58.47 33.84
CA SER A 196 -8.27 -59.37 33.16
C SER A 196 -9.28 -58.66 32.26
N GLY A 197 -9.81 -59.41 31.29
CA GLY A 197 -10.80 -58.93 30.33
C GLY A 197 -12.19 -58.96 30.94
N TYR A 198 -13.23 -58.76 30.13
CA TYR A 198 -14.60 -58.77 30.64
C TYR A 198 -15.09 -60.21 30.96
N LEU A 199 -14.91 -61.16 30.06
CA LEU A 199 -15.23 -62.57 30.33
C LEU A 199 -14.08 -63.48 29.90
N VAL B 1 -4.26 4.43 50.49
CA VAL B 1 -3.62 4.81 49.23
C VAL B 1 -4.58 5.02 48.05
N THR B 2 -4.01 5.40 46.91
CA THR B 2 -4.76 5.69 45.69
C THR B 2 -3.92 5.40 44.46
N ALA B 3 -4.55 4.93 43.38
CA ALA B 3 -3.85 4.74 42.12
C ALA B 3 -4.76 4.61 40.89
N PHE B 4 -4.26 4.95 39.72
CA PHE B 4 -5.05 4.96 38.49
C PHE B 4 -5.27 3.59 37.86
N LEU B 5 -6.15 3.58 36.86
CA LEU B 5 -6.51 2.38 36.12
C LEU B 5 -5.32 1.78 35.36
N GLY B 6 -5.16 0.47 35.46
CA GLY B 6 -4.10 -0.23 34.75
C GLY B 6 -2.76 -0.30 35.47
N GLU B 7 -2.60 0.47 36.54
CA GLU B 7 -1.30 0.62 37.18
C GLU B 7 -0.95 -0.58 38.07
N ARG B 8 0.34 -0.76 38.32
CA ARG B 8 0.84 -1.77 39.25
C ARG B 8 0.97 -1.13 40.61
N VAL B 9 -0.02 -1.38 41.46
CA VAL B 9 -0.08 -0.75 42.77
C VAL B 9 0.18 -1.69 43.94
N THR B 10 0.85 -1.19 44.96
CA THR B 10 1.25 -2.01 46.10
C THR B 10 0.62 -1.53 47.40
N LEU B 11 0.12 -2.48 48.19
CA LEU B 11 -0.35 -2.21 49.55
C LEU B 11 0.60 -2.88 50.53
N THR B 12 0.70 -2.34 51.75
CA THR B 12 1.65 -2.88 52.72
C THR B 12 1.14 -3.11 54.14
N SER B 13 1.81 -4.05 54.80
CA SER B 13 1.60 -4.37 56.21
C SER B 13 2.94 -4.85 56.75
N TYR B 14 3.07 -4.91 58.07
CA TYR B 14 4.36 -5.21 58.69
C TYR B 14 4.19 -5.75 60.11
N TRP B 15 5.17 -6.53 60.55
CA TRP B 15 5.23 -7.00 61.93
C TRP B 15 6.11 -6.03 62.70
N ARG B 16 5.63 -5.57 63.86
CA ARG B 16 6.35 -4.54 64.62
C ARG B 16 7.76 -5.04 64.94
N ARG B 17 7.88 -6.28 65.39
CA ARG B 17 9.20 -6.85 65.70
C ARG B 17 10.06 -7.19 64.49
N VAL B 18 11.18 -6.48 64.43
CA VAL B 18 12.13 -6.56 63.33
C VAL B 18 12.89 -7.89 63.31
N SER B 19 12.78 -8.71 64.36
CA SER B 19 13.39 -10.04 64.28
C SER B 19 12.75 -10.95 63.26
N LEU B 20 11.44 -10.81 63.07
CA LEU B 20 10.65 -11.80 62.34
C LEU B 20 10.08 -11.29 61.03
N GLY B 21 10.24 -12.13 60.01
CA GLY B 21 9.63 -11.91 58.71
C GLY B 21 8.90 -13.13 58.18
N PRO B 22 9.62 -14.21 57.85
CA PRO B 22 8.99 -15.41 57.30
C PRO B 22 8.00 -16.08 58.25
N GLU B 23 8.33 -16.05 59.54
CA GLU B 23 7.61 -16.81 60.56
C GLU B 23 6.13 -16.45 60.65
N ILE B 24 5.77 -15.24 60.23
CA ILE B 24 4.40 -14.77 60.37
C ILE B 24 3.50 -15.45 59.35
N GLU B 25 2.32 -15.87 59.78
CA GLU B 25 1.33 -16.44 58.86
C GLU B 25 0.50 -15.30 58.30
N VAL B 26 0.95 -14.74 57.19
CA VAL B 26 0.28 -13.62 56.54
C VAL B 26 -0.79 -14.11 55.57
N SER B 27 -1.91 -13.41 55.56
CA SER B 27 -3.05 -13.79 54.73
C SER B 27 -3.94 -12.58 54.43
N TRP B 28 -3.95 -12.15 53.18
CA TRP B 28 -4.70 -10.96 52.77
C TRP B 28 -6.14 -11.31 52.38
N PHE B 29 -7.06 -10.39 52.63
CA PHE B 29 -8.46 -10.56 52.25
C PHE B 29 -9.00 -9.30 51.57
N LYS B 30 -9.88 -9.48 50.58
CA LYS B 30 -10.62 -8.36 50.03
C LYS B 30 -11.95 -8.26 50.75
N LEU B 31 -12.26 -7.09 51.28
CA LEU B 31 -13.55 -6.90 51.94
C LEU B 31 -14.63 -6.63 50.91
N GLY B 32 -15.44 -7.65 50.64
CA GLY B 32 -16.63 -7.48 49.85
C GLY B 32 -17.66 -6.76 50.68
N PRO B 33 -18.63 -6.09 50.04
CA PRO B 33 -19.58 -5.29 50.83
C PRO B 33 -20.33 -6.14 51.86
N GLY B 34 -20.82 -5.50 52.92
CA GLY B 34 -21.54 -6.20 53.95
C GLY B 34 -20.65 -7.03 54.85
N GLU B 35 -19.51 -6.46 55.23
CA GLU B 35 -18.60 -7.10 56.19
C GLU B 35 -18.08 -8.45 55.70
N GLU B 36 -18.01 -8.62 54.38
CA GLU B 36 -17.60 -9.90 53.82
C GLU B 36 -16.09 -10.02 53.88
N GLN B 37 -15.59 -11.25 53.73
CA GLN B 37 -14.15 -11.51 53.78
C GLN B 37 -13.77 -12.55 52.73
N VAL B 38 -13.14 -12.10 51.66
CA VAL B 38 -12.73 -13.00 50.58
C VAL B 38 -11.22 -13.21 50.58
N LEU B 39 -10.79 -14.45 50.66
CA LEU B 39 -9.36 -14.74 50.72
C LEU B 39 -8.70 -14.53 49.38
N ILE B 40 -7.66 -13.69 49.36
CA ILE B 40 -6.93 -13.41 48.13
C ILE B 40 -5.70 -14.32 48.06
N GLY B 41 -4.96 -14.42 49.16
CA GLY B 41 -3.77 -15.26 49.19
C GLY B 41 -3.16 -15.41 50.57
N ARG B 42 -2.25 -16.39 50.70
CA ARG B 42 -1.60 -16.69 51.97
C ARG B 42 -0.09 -16.84 51.78
N MET B 43 0.68 -16.52 52.83
CA MET B 43 2.13 -16.63 52.79
C MET B 43 2.65 -17.00 54.17
N HIS B 44 3.53 -17.98 54.22
CA HIS B 44 4.12 -18.44 55.48
C HIS B 44 5.41 -19.19 55.18
N HIS B 45 6.47 -18.87 55.94
CA HIS B 45 7.79 -19.45 55.73
C HIS B 45 8.23 -19.31 54.28
N ASP B 46 7.99 -18.13 53.72
CA ASP B 46 8.35 -17.81 52.34
C ASP B 46 7.83 -18.83 51.33
N VAL B 47 6.56 -19.15 51.42
CA VAL B 47 5.86 -19.84 50.34
C VAL B 47 4.52 -19.16 50.15
N ILE B 48 4.36 -18.52 48.99
CA ILE B 48 3.17 -17.76 48.69
C ILE B 48 2.23 -18.59 47.84
N PHE B 49 0.94 -18.35 48.05
CA PHE B 49 -0.09 -18.96 47.22
C PHE B 49 -1.29 -18.04 47.09
N ILE B 50 -1.59 -17.65 45.86
CA ILE B 50 -2.73 -16.80 45.58
C ILE B 50 -3.89 -17.68 45.12
N GLU B 51 -5.10 -17.37 45.57
CA GLU B 51 -6.27 -18.13 45.19
C GLU B 51 -6.53 -18.00 43.69
N TRP B 52 -7.06 -19.05 43.09
CA TRP B 52 -7.25 -19.11 41.65
C TRP B 52 -8.13 -18.00 41.04
N PRO B 53 -9.17 -17.55 41.75
CA PRO B 53 -9.95 -16.42 41.20
C PRO B 53 -9.16 -15.11 41.14
N PHE B 54 -8.24 -14.90 42.07
CA PHE B 54 -7.40 -13.70 42.08
C PHE B 54 -6.03 -13.92 41.43
N ARG B 55 -5.78 -15.13 40.93
CA ARG B 55 -4.46 -15.48 40.42
C ARG B 55 -4.09 -14.61 39.23
N GLY B 56 -2.96 -13.94 39.32
CA GLY B 56 -2.46 -13.16 38.20
C GLY B 56 -2.96 -11.73 38.16
N PHE B 57 -3.87 -11.38 39.07
CA PHE B 57 -4.25 -9.99 39.28
C PHE B 57 -3.58 -9.46 40.53
N PHE B 58 -3.45 -10.32 41.54
CA PHE B 58 -2.71 -10.02 42.75
C PHE B 58 -1.49 -10.92 42.90
N ASP B 59 -0.58 -10.51 43.77
CA ASP B 59 0.56 -11.32 44.16
C ASP B 59 1.08 -10.80 45.49
N ILE B 60 1.73 -11.68 46.24
CA ILE B 60 2.29 -11.31 47.52
C ILE B 60 3.77 -11.67 47.55
N HIS B 61 4.55 -10.85 48.23
CA HIS B 61 5.94 -11.17 48.51
C HIS B 61 6.36 -10.53 49.82
N ARG B 62 7.59 -10.82 50.25
CA ARG B 62 8.07 -10.34 51.54
C ARG B 62 9.50 -9.86 51.46
N SER B 63 9.81 -8.88 52.31
CA SER B 63 11.18 -8.48 52.59
C SER B 63 11.26 -8.04 54.04
N ALA B 64 12.17 -8.65 54.79
CA ALA B 64 12.35 -8.31 56.20
C ALA B 64 11.02 -8.42 56.96
N ASN B 65 10.70 -7.46 57.83
CA ASN B 65 9.45 -7.49 58.59
C ASN B 65 8.28 -6.86 57.85
N THR B 66 8.39 -6.72 56.52
CA THR B 66 7.35 -6.07 55.71
C THR B 66 6.69 -7.05 54.74
N PHE B 67 5.38 -6.85 54.56
CA PHE B 67 4.56 -7.71 53.71
C PHE B 67 3.85 -6.89 52.64
N PHE B 68 3.96 -7.30 51.39
CA PHE B 68 3.41 -6.54 50.27
C PHE B 68 2.29 -7.30 49.58
N LEU B 69 1.24 -6.58 49.21
CA LEU B 69 0.20 -7.11 48.32
C LEU B 69 0.24 -6.30 47.03
N VAL B 70 0.84 -6.88 46.00
CA VAL B 70 0.93 -6.23 44.69
C VAL B 70 -0.29 -6.50 43.85
N VAL B 71 -0.93 -5.44 43.37
CA VAL B 71 -1.94 -5.58 42.33
C VAL B 71 -1.25 -5.37 41.01
N THR B 72 -1.10 -6.44 40.24
CA THR B 72 -0.32 -6.39 39.01
C THR B 72 -0.90 -5.45 37.96
N ALA B 73 -2.22 -5.31 37.98
CA ALA B 73 -2.91 -4.36 37.12
C ALA B 73 -4.24 -3.97 37.75
N ALA B 74 -4.40 -2.67 38.01
CA ALA B 74 -5.56 -2.19 38.73
C ALA B 74 -6.76 -2.05 37.81
N ASN B 75 -7.92 -2.47 38.31
CA ASN B 75 -9.19 -2.24 37.63
C ASN B 75 -10.23 -1.79 38.64
N ILE B 76 -11.41 -1.44 38.17
CA ILE B 76 -12.39 -0.75 39.00
C ILE B 76 -12.92 -1.67 40.10
N SER B 77 -12.94 -2.97 39.82
CA SER B 77 -13.33 -3.96 40.81
C SER B 77 -12.47 -3.86 42.06
N HIS B 78 -11.22 -3.43 41.89
CA HIS B 78 -10.26 -3.38 42.98
C HIS B 78 -10.43 -2.20 43.94
N ASP B 79 -11.27 -1.22 43.60
CA ASP B 79 -11.56 -0.13 44.55
C ASP B 79 -12.29 -0.77 45.71
N GLY B 80 -11.79 -0.55 46.92
CA GLY B 80 -12.39 -1.14 48.10
C GLY B 80 -11.35 -1.36 49.18
N ASN B 81 -11.83 -1.75 50.37
CA ASN B 81 -10.95 -1.98 51.49
C ASN B 81 -10.30 -3.37 51.45
N TYR B 82 -9.10 -3.46 52.01
CA TYR B 82 -8.36 -4.72 52.10
C TYR B 82 -7.90 -4.97 53.51
N LEU B 83 -7.88 -6.25 53.88
CA LEU B 83 -7.57 -6.66 55.24
C LEU B 83 -6.39 -7.62 55.20
N CYS B 84 -5.44 -7.42 56.11
CA CYS B 84 -4.28 -8.29 56.24
C CYS B 84 -4.34 -8.91 57.62
N ARG B 85 -4.39 -10.25 57.66
CA ARG B 85 -4.37 -10.94 58.93
C ARG B 85 -2.96 -11.52 59.12
N MET B 86 -2.25 -11.09 60.15
CA MET B 86 -0.93 -11.63 60.45
C MET B 86 -0.91 -12.32 61.81
N LYS B 87 -0.71 -13.64 61.79
CA LYS B 87 -0.72 -14.43 63.02
C LYS B 87 0.67 -14.99 63.37
N LEU B 88 0.89 -15.14 64.67
CA LEU B 88 2.10 -15.76 65.21
C LEU B 88 1.73 -16.70 66.34
N GLY B 89 1.30 -17.91 66.00
CA GLY B 89 0.84 -18.79 67.05
C GLY B 89 -0.35 -18.17 67.75
N GLU B 90 -0.19 -17.99 69.05
CA GLU B 90 -1.23 -17.51 69.94
C GLU B 90 -1.76 -16.10 69.62
N THR B 91 -0.83 -15.21 69.28
CA THR B 91 -1.13 -13.80 69.00
C THR B 91 -1.42 -13.52 67.51
N GLU B 92 -2.41 -12.67 67.23
CA GLU B 92 -2.78 -12.32 65.84
C GLU B 92 -3.21 -10.86 65.68
N VAL B 93 -2.68 -10.20 64.66
CA VAL B 93 -2.99 -8.79 64.38
C VAL B 93 -3.65 -8.60 63.02
N THR B 94 -4.63 -7.69 62.98
CA THR B 94 -5.44 -7.44 61.81
C THR B 94 -5.28 -6.00 61.32
N LYS B 95 -4.51 -5.81 60.26
CA LYS B 95 -4.28 -4.47 59.71
C LYS B 95 -5.04 -4.22 58.41
N GLN B 96 -5.86 -3.17 58.42
CA GLN B 96 -6.64 -2.77 57.26
C GLN B 96 -5.86 -1.83 56.35
N GLU B 97 -6.33 -1.69 55.12
CA GLU B 97 -5.70 -0.81 54.13
C GLU B 97 -6.69 -0.53 53.00
N HIS B 98 -7.04 0.74 52.79
CA HIS B 98 -7.96 1.12 51.71
C HIS B 98 -7.25 1.45 50.40
N LEU B 99 -7.95 1.24 49.29
CA LEU B 99 -7.46 1.60 47.97
C LEU B 99 -8.55 2.25 47.11
N SER B 100 -8.31 3.47 46.66
CA SER B 100 -9.17 4.12 45.69
C SER B 100 -8.60 3.99 44.27
N VAL B 101 -9.39 3.44 43.36
CA VAL B 101 -9.02 3.39 41.95
C VAL B 101 -9.67 4.55 41.16
N VAL B 102 -8.92 5.09 40.19
CA VAL B 102 -9.33 6.28 39.44
C VAL B 102 -9.19 6.09 37.93
N LYS B 103 -10.19 6.53 37.17
CA LYS B 103 -10.09 6.55 35.72
C LYS B 103 -9.95 8.00 35.23
N PRO B 104 -8.90 8.30 34.45
CA PRO B 104 -8.76 9.69 34.00
C PRO B 104 -9.88 10.07 33.04
N LEU B 105 -10.64 11.10 33.38
CA LEU B 105 -11.86 11.42 32.63
C LEU B 105 -11.61 11.57 31.15
N THR B 106 -12.62 11.23 30.36
CA THR B 106 -12.53 11.25 28.91
C THR B 106 -13.65 12.12 28.35
N LEU B 107 -13.34 13.38 28.10
CA LEU B 107 -14.31 14.34 27.59
C LEU B 107 -14.45 14.31 26.07
N SER B 108 -15.68 14.11 25.57
CA SER B 108 -15.95 14.08 24.13
C SER B 108 -17.00 15.13 23.73
N VAL B 109 -16.81 15.73 22.56
CA VAL B 109 -17.82 16.61 21.97
C VAL B 109 -18.03 16.38 20.47
N HIS B 110 -19.28 16.33 20.02
CA HIS B 110 -19.58 16.47 18.59
C HIS B 110 -20.94 17.13 18.34
N SER B 111 -21.04 17.87 17.24
CA SER B 111 -22.29 18.52 16.90
C SER B 111 -23.20 17.63 16.06
N GLU B 112 -24.44 18.08 15.93
CA GLU B 112 -25.38 17.56 14.96
C GLU B 112 -26.37 18.68 14.72
N ARG B 113 -26.89 18.76 13.50
CA ARG B 113 -28.05 19.60 13.23
C ARG B 113 -29.30 18.74 13.14
N SER B 114 -30.42 19.28 13.61
CA SER B 114 -31.68 18.57 13.57
C SER B 114 -32.09 18.31 12.13
N GLN B 115 -32.73 17.18 11.90
CA GLN B 115 -33.18 16.81 10.56
C GLN B 115 -34.64 17.19 10.33
N PHE B 116 -35.34 17.60 11.38
CA PHE B 116 -36.74 17.96 11.27
C PHE B 116 -37.12 18.92 12.41
N PRO B 117 -38.00 19.90 12.14
CA PRO B 117 -38.61 20.24 10.84
C PRO B 117 -37.68 21.06 9.95
N ASP B 118 -36.53 21.47 10.49
CA ASP B 118 -35.58 22.29 9.75
C ASP B 118 -34.17 21.92 10.20
N PHE B 119 -33.18 22.59 9.62
CA PHE B 119 -31.79 22.33 9.93
C PHE B 119 -31.21 23.55 10.65
N SER B 120 -32.03 24.14 11.50
CA SER B 120 -31.65 25.28 12.31
C SER B 120 -31.23 24.85 13.71
N VAL B 121 -31.93 23.90 14.29
CA VAL B 121 -31.67 23.51 15.67
C VAL B 121 -30.38 22.71 15.80
N LEU B 122 -29.27 23.40 16.08
CA LEU B 122 -27.99 22.72 16.27
C LEU B 122 -27.87 22.16 17.68
N THR B 123 -27.74 20.85 17.76
CA THR B 123 -27.62 20.15 19.03
C THR B 123 -26.18 19.68 19.19
N VAL B 124 -25.55 20.05 20.31
CA VAL B 124 -24.22 19.55 20.64
C VAL B 124 -24.29 18.64 21.86
N THR B 125 -23.37 17.68 21.90
CA THR B 125 -23.34 16.68 22.96
C THR B 125 -21.98 16.67 23.62
N CYS B 126 -21.93 17.00 24.92
CA CYS B 126 -20.71 16.86 25.69
C CYS B 126 -20.81 15.60 26.55
N THR B 127 -19.81 14.73 26.43
CA THR B 127 -19.82 13.44 27.11
C THR B 127 -18.55 13.24 27.93
N VAL B 128 -18.67 12.58 29.08
CA VAL B 128 -17.52 12.27 29.93
C VAL B 128 -17.57 10.89 30.57
N ASN B 129 -16.48 10.15 30.39
CA ASN B 129 -16.32 8.82 30.94
C ASN B 129 -15.16 8.81 31.96
N ALA B 130 -15.51 8.79 33.24
CA ALA B 130 -14.51 8.80 34.31
C ALA B 130 -14.91 7.89 35.47
N PHE B 131 -14.09 7.91 36.52
CA PHE B 131 -14.36 7.19 37.75
C PHE B 131 -13.61 7.87 38.90
N PRO B 132 -14.24 8.03 40.07
CA PRO B 132 -15.54 7.50 40.50
C PRO B 132 -16.73 8.46 40.40
N HIS B 133 -16.50 9.76 40.24
CA HIS B 133 -17.59 10.73 40.21
C HIS B 133 -17.52 11.64 38.99
N PRO B 134 -17.93 11.15 37.81
CA PRO B 134 -17.98 12.04 36.65
C PRO B 134 -19.19 12.96 36.66
N HIS B 135 -19.03 14.14 36.06
CA HIS B 135 -20.09 15.15 36.05
C HIS B 135 -19.86 16.15 34.94
N VAL B 136 -20.84 16.29 34.04
CA VAL B 136 -20.74 17.18 32.89
C VAL B 136 -21.79 18.27 33.00
N GLN B 137 -21.46 19.47 32.52
CA GLN B 137 -22.38 20.60 32.67
C GLN B 137 -22.11 21.62 31.56
N TRP B 138 -23.17 22.15 30.96
CA TRP B 138 -23.06 23.17 29.90
C TRP B 138 -23.13 24.58 30.48
N LEU B 139 -22.18 25.44 30.11
CA LEU B 139 -22.21 26.82 30.61
C LEU B 139 -23.15 27.77 29.83
N MET B 140 -24.12 28.30 30.58
CA MET B 140 -25.15 29.25 30.14
C MET B 140 -25.48 30.51 30.95
N PRO B 141 -25.22 31.70 30.37
CA PRO B 141 -25.45 32.95 31.10
C PRO B 141 -26.82 33.55 30.81
N GLY B 153 -28.78 13.39 29.43
CA GLY B 153 -28.55 13.34 30.87
C GLY B 153 -28.74 11.95 31.44
N GLY B 154 -28.31 10.94 30.69
CA GLY B 154 -28.44 9.55 31.12
C GLY B 154 -27.15 8.99 31.71
N VAL B 155 -27.25 8.45 32.93
CA VAL B 155 -26.10 7.82 33.58
C VAL B 155 -25.97 6.36 33.17
N MET B 156 -24.86 6.06 32.51
CA MET B 156 -24.57 4.71 32.03
C MET B 156 -23.39 4.11 32.77
N LYS B 157 -23.36 2.79 32.85
CA LYS B 157 -22.21 2.08 33.40
C LYS B 157 -21.56 1.26 32.29
N GLU B 158 -20.26 1.41 32.13
CA GLU B 158 -19.53 0.76 31.05
C GLU B 158 -19.09 -0.67 31.40
N LYS B 159 -18.55 -1.36 30.40
CA LYS B 159 -18.08 -2.73 30.58
C LYS B 159 -16.91 -2.78 31.55
N ASP B 160 -15.99 -1.82 31.40
CA ASP B 160 -14.80 -1.77 32.26
C ASP B 160 -15.11 -1.33 33.69
N GLY B 161 -16.38 -1.08 33.99
CA GLY B 161 -16.79 -0.78 35.35
C GLY B 161 -16.87 0.72 35.59
N SER B 162 -16.31 1.50 34.67
CA SER B 162 -16.32 2.95 34.76
C SER B 162 -17.71 3.50 34.54
N LEU B 163 -17.88 4.78 34.84
CA LEU B 163 -19.17 5.45 34.64
C LEU B 163 -19.09 6.49 33.53
N SER B 164 -20.17 6.62 32.76
CA SER B 164 -20.27 7.64 31.73
C SER B 164 -21.57 8.44 31.89
N VAL B 165 -21.52 9.74 31.61
CA VAL B 165 -22.73 10.54 31.53
C VAL B 165 -22.53 11.67 30.51
N ALA B 166 -23.60 12.08 29.82
CA ALA B 166 -23.52 13.17 28.85
C ALA B 166 -24.80 13.99 28.86
N VAL B 167 -24.71 15.22 28.34
CA VAL B 167 -25.88 16.07 28.16
C VAL B 167 -25.88 16.85 26.83
N ASP B 168 -27.07 17.07 26.30
CA ASP B 168 -27.27 17.77 25.04
C ASP B 168 -27.67 19.22 25.26
N LEU B 169 -27.50 20.04 24.22
CA LEU B 169 -27.81 21.47 24.30
C LEU B 169 -28.31 21.96 22.95
N SER B 170 -29.57 22.36 22.89
CA SER B 170 -30.18 22.82 21.64
C SER B 170 -30.04 24.32 21.44
N LEU B 171 -29.49 24.72 20.29
CA LEU B 171 -29.28 26.13 19.97
C LEU B 171 -29.96 26.50 18.65
N PRO B 172 -31.17 27.09 18.71
CA PRO B 172 -31.82 27.51 17.46
C PRO B 172 -31.10 28.69 16.80
N LYS B 173 -31.30 28.84 15.49
CA LYS B 173 -30.61 29.87 14.71
C LYS B 173 -31.03 31.26 15.23
N PRO B 174 -30.08 32.20 15.33
CA PRO B 174 -28.65 32.06 15.04
C PRO B 174 -27.94 31.32 16.16
N TRP B 175 -26.93 30.53 15.81
CA TRP B 175 -26.21 29.74 16.79
C TRP B 175 -25.32 30.65 17.63
N HIS B 176 -25.62 30.75 18.92
CA HIS B 176 -24.88 31.62 19.83
C HIS B 176 -23.53 31.02 20.21
N LEU B 177 -22.65 30.86 19.22
CA LEU B 177 -21.33 30.28 19.42
C LEU B 177 -20.31 31.38 19.69
N PRO B 178 -19.15 31.03 20.24
CA PRO B 178 -18.76 29.70 20.76
C PRO B 178 -19.47 29.34 22.06
N VAL B 179 -19.58 28.04 22.32
CA VAL B 179 -20.21 27.56 23.54
C VAL B 179 -19.33 26.49 24.16
N THR B 180 -19.36 26.41 25.49
CA THR B 180 -18.38 25.63 26.23
C THR B 180 -19.01 24.75 27.31
N CYS B 181 -18.58 23.48 27.36
CA CYS B 181 -19.02 22.52 28.38
C CYS B 181 -17.90 22.21 29.37
N VAL B 182 -18.29 21.84 30.59
CA VAL B 182 -17.34 21.57 31.67
C VAL B 182 -17.54 20.16 32.22
N GLY B 183 -16.57 19.30 31.95
CA GLY B 183 -16.54 17.97 32.50
C GLY B 183 -15.55 17.89 33.65
N LYS B 184 -15.89 17.16 34.70
CA LYS B 184 -14.99 17.01 35.83
C LYS B 184 -15.18 15.69 36.56
N ASN B 185 -14.10 15.21 37.15
CA ASN B 185 -14.07 13.99 37.93
C ASN B 185 -13.49 14.27 39.30
N ASP B 186 -14.33 14.72 40.23
CA ASP B 186 -13.89 15.20 41.53
C ASP B 186 -12.92 16.37 41.25
N LYS B 187 -11.69 16.33 41.75
CA LYS B 187 -10.75 17.42 41.57
C LYS B 187 -10.40 17.64 40.09
N GLU B 188 -10.23 16.55 39.35
CA GLU B 188 -9.89 16.62 37.93
C GLU B 188 -10.95 17.40 37.16
N GLU B 189 -10.51 18.24 36.23
CA GLU B 189 -11.44 19.06 35.45
C GLU B 189 -10.93 19.28 34.02
N ALA B 190 -11.85 19.34 33.07
CA ALA B 190 -11.51 19.63 31.67
C ALA B 190 -12.73 20.18 30.92
N HIS B 191 -12.46 20.92 29.85
CA HIS B 191 -13.52 21.58 29.08
C HIS B 191 -13.52 21.21 27.61
N GLY B 192 -14.64 21.51 26.94
CA GLY B 192 -14.78 21.34 25.51
C GLY B 192 -15.47 22.54 24.89
N VAL B 193 -14.81 23.17 23.92
CA VAL B 193 -15.36 24.34 23.23
C VAL B 193 -15.75 23.99 21.79
N TYR B 194 -16.98 24.32 21.40
CA TYR B 194 -17.38 24.24 20.00
C TYR B 194 -17.30 25.62 19.34
N VAL B 195 -16.46 25.77 18.32
CA VAL B 195 -16.25 27.08 17.70
C VAL B 195 -17.23 27.37 16.55
N SER B 196 -17.13 26.60 15.47
CA SER B 196 -17.97 26.83 14.28
C SER B 196 -18.44 25.56 13.57
N GLY B 197 -19.55 25.68 12.83
CA GLY B 197 -20.09 24.57 12.06
C GLY B 197 -19.36 24.41 10.75
N TYR B 198 -19.88 23.57 9.85
CA TYR B 198 -19.23 23.39 8.55
C TYR B 198 -19.49 24.57 7.61
N LEU B 199 -20.75 25.00 7.52
CA LEU B 199 -21.18 26.19 6.77
C LEU B 199 -22.12 27.08 7.57
N SER B 200 -22.08 28.37 7.27
CA SER B 200 -22.94 29.37 7.91
C SER B 200 -22.55 29.58 9.37
N VAL C 1 -29.58 -53.57 -10.60
CA VAL C 1 -30.82 -53.12 -9.96
C VAL C 1 -30.91 -51.59 -9.92
N THR C 2 -32.01 -51.09 -9.37
CA THR C 2 -32.28 -49.66 -9.30
C THR C 2 -33.14 -49.39 -8.06
N ALA C 3 -32.95 -48.24 -7.42
CA ALA C 3 -33.81 -47.86 -6.29
C ALA C 3 -33.81 -46.36 -5.99
N PHE C 4 -34.90 -45.89 -5.38
CA PHE C 4 -35.06 -44.45 -5.13
C PHE C 4 -34.30 -43.95 -3.90
N LEU C 5 -34.26 -42.64 -3.79
CA LEU C 5 -33.59 -41.95 -2.69
C LEU C 5 -34.24 -42.26 -1.34
N GLY C 6 -33.42 -42.55 -0.35
CA GLY C 6 -33.85 -42.83 1.01
C GLY C 6 -34.23 -44.28 1.29
N GLU C 7 -34.38 -45.08 0.24
CA GLU C 7 -34.92 -46.43 0.37
C GLU C 7 -33.88 -47.44 0.88
N ARG C 8 -34.36 -48.54 1.45
CA ARG C 8 -33.49 -49.65 1.84
C ARG C 8 -33.41 -50.67 0.70
N VAL C 9 -32.35 -50.62 -0.10
CA VAL C 9 -32.18 -51.51 -1.26
C VAL C 9 -31.06 -52.53 -1.03
N THR C 10 -31.25 -53.74 -1.57
CA THR C 10 -30.33 -54.85 -1.35
C THR C 10 -29.68 -55.31 -2.65
N LEU C 11 -28.37 -55.56 -2.60
CA LEU C 11 -27.64 -56.16 -3.71
C LEU C 11 -27.20 -57.57 -3.31
N THR C 12 -27.04 -58.45 -4.30
CA THR C 12 -26.71 -59.85 -4.01
C THR C 12 -25.59 -60.48 -4.85
N SER C 13 -24.98 -61.49 -4.25
CA SER C 13 -23.97 -62.34 -4.89
C SER C 13 -24.11 -63.72 -4.26
N TYR C 14 -23.53 -64.74 -4.88
CA TYR C 14 -23.74 -66.11 -4.42
C TYR C 14 -22.63 -67.04 -4.87
N TRP C 15 -22.42 -68.10 -4.10
CA TRP C 15 -21.49 -69.17 -4.46
C TRP C 15 -22.25 -70.28 -5.17
N ARG C 16 -21.74 -70.72 -6.32
CA ARG C 16 -22.46 -71.71 -7.11
C ARG C 16 -22.75 -73.00 -6.34
N ARG C 17 -21.76 -73.53 -5.62
CA ARG C 17 -22.01 -74.76 -4.85
C ARG C 17 -22.84 -74.51 -3.62
N VAL C 18 -24.00 -75.16 -3.62
CA VAL C 18 -25.01 -75.02 -2.59
C VAL C 18 -24.53 -75.66 -1.28
N SER C 19 -23.42 -76.40 -1.31
CA SER C 19 -22.81 -76.93 -0.08
C SER C 19 -22.28 -75.84 0.85
N LEU C 20 -21.80 -74.73 0.29
CA LEU C 20 -21.00 -73.75 1.02
C LEU C 20 -21.67 -72.40 1.22
N GLY C 21 -21.61 -71.89 2.45
CA GLY C 21 -22.07 -70.54 2.77
C GLY C 21 -21.08 -69.72 3.60
N PRO C 22 -20.89 -70.10 4.88
CA PRO C 22 -20.00 -69.36 5.78
C PRO C 22 -18.53 -69.37 5.35
N GLU C 23 -18.11 -70.49 4.76
CA GLU C 23 -16.70 -70.75 4.48
C GLU C 23 -16.07 -69.73 3.55
N ILE C 24 -16.89 -69.08 2.73
CA ILE C 24 -16.38 -68.17 1.71
C ILE C 24 -15.93 -66.86 2.34
N GLU C 25 -14.77 -66.35 1.92
CA GLU C 25 -14.31 -65.04 2.38
C GLU C 25 -14.88 -63.97 1.47
N VAL C 26 -16.06 -63.47 1.84
CA VAL C 26 -16.76 -62.46 1.07
C VAL C 26 -16.30 -61.07 1.47
N SER C 27 -16.16 -60.19 0.46
CA SER C 27 -15.64 -58.85 0.69
C SER C 27 -16.12 -57.90 -0.41
N TRP C 28 -17.00 -56.97 -0.06
CA TRP C 28 -17.59 -56.05 -1.03
C TRP C 28 -16.74 -54.79 -1.20
N PHE C 29 -16.75 -54.23 -2.41
CA PHE C 29 -16.03 -52.99 -2.70
C PHE C 29 -16.94 -52.04 -3.48
N LYS C 30 -16.81 -50.74 -3.22
CA LYS C 30 -17.44 -49.72 -4.07
C LYS C 30 -16.42 -49.27 -5.11
N LEU C 31 -16.81 -49.31 -6.37
CA LEU C 31 -15.93 -48.83 -7.43
C LEU C 31 -16.02 -47.32 -7.52
N GLY C 32 -15.00 -46.66 -6.98
CA GLY C 32 -14.84 -45.23 -7.17
C GLY C 32 -14.38 -45.00 -8.59
N PRO C 33 -14.62 -43.79 -9.13
CA PRO C 33 -14.26 -43.57 -10.54
C PRO C 33 -12.78 -43.82 -10.81
N GLY C 34 -12.43 -44.13 -12.04
CA GLY C 34 -11.05 -44.37 -12.42
C GLY C 34 -10.53 -45.71 -11.94
N GLU C 35 -11.36 -46.74 -12.08
CA GLU C 35 -10.96 -48.12 -11.78
C GLU C 35 -10.55 -48.32 -10.32
N GLU C 36 -11.06 -47.48 -9.44
CA GLU C 36 -10.68 -47.51 -8.03
C GLU C 36 -11.41 -48.64 -7.29
N GLN C 37 -10.91 -48.99 -6.12
CA GLN C 37 -11.51 -50.06 -5.30
C GLN C 37 -11.48 -49.71 -3.82
N VAL C 38 -12.64 -49.35 -3.27
CA VAL C 38 -12.77 -48.98 -1.86
C VAL C 38 -13.48 -50.08 -1.07
N LEU C 39 -12.83 -50.56 -0.01
CA LEU C 39 -13.39 -51.65 0.78
C LEU C 39 -14.57 -51.17 1.64
N ILE C 40 -15.70 -51.85 1.49
CA ILE C 40 -16.91 -51.53 2.24
C ILE C 40 -17.02 -52.41 3.47
N GLY C 41 -16.84 -53.72 3.29
CA GLY C 41 -16.93 -54.65 4.40
C GLY C 41 -16.48 -56.06 4.05
N ARG C 42 -16.28 -56.87 5.07
CA ARG C 42 -15.83 -58.25 4.91
C ARG C 42 -16.66 -59.21 5.76
N MET C 43 -16.79 -60.44 5.31
CA MET C 43 -17.55 -61.46 6.04
C MET C 43 -16.91 -62.82 5.82
N HIS C 44 -16.71 -63.54 6.91
CA HIS C 44 -16.12 -64.87 6.86
C HIS C 44 -16.48 -65.64 8.12
N HIS C 45 -16.91 -66.89 7.94
CA HIS C 45 -17.35 -67.74 9.04
C HIS C 45 -18.41 -67.03 9.90
N ASP C 46 -19.32 -66.35 9.23
CA ASP C 46 -20.41 -65.62 9.89
C ASP C 46 -19.88 -64.66 10.94
N VAL C 47 -18.90 -63.85 10.57
CA VAL C 47 -18.55 -62.68 11.35
C VAL C 47 -18.36 -61.54 10.37
N ILE C 48 -19.25 -60.57 10.45
CA ILE C 48 -19.25 -59.45 9.52
C ILE C 48 -18.58 -58.24 10.15
N PHE C 49 -17.93 -57.44 9.32
CA PHE C 49 -17.35 -56.19 9.75
C PHE C 49 -17.37 -55.17 8.61
N ILE C 50 -18.07 -54.06 8.85
CA ILE C 50 -18.16 -52.99 7.86
C ILE C 50 -17.15 -51.93 8.25
N GLU C 51 -16.48 -51.36 7.25
CA GLU C 51 -15.49 -50.32 7.49
C GLU C 51 -16.17 -49.09 8.07
N TRP C 52 -15.44 -48.37 8.93
CA TRP C 52 -15.99 -47.23 9.65
C TRP C 52 -16.56 -46.09 8.81
N PRO C 53 -15.95 -45.80 7.65
CA PRO C 53 -16.54 -44.76 6.79
C PRO C 53 -17.91 -45.14 6.22
N PHE C 54 -18.11 -46.44 5.96
CA PHE C 54 -19.38 -46.93 5.46
C PHE C 54 -20.30 -47.48 6.56
N ARG C 55 -19.87 -47.41 7.81
CA ARG C 55 -20.61 -48.03 8.90
C ARG C 55 -21.96 -47.36 9.06
N GLY C 56 -23.02 -48.16 9.01
CA GLY C 56 -24.36 -47.65 9.25
C GLY C 56 -25.07 -47.13 8.01
N PHE C 57 -24.37 -47.09 6.88
CA PHE C 57 -24.99 -46.83 5.59
C PHE C 57 -25.13 -48.15 4.83
N PHE C 58 -24.13 -49.02 4.99
CA PHE C 58 -24.16 -50.38 4.45
C PHE C 58 -24.16 -51.41 5.56
N ASP C 59 -24.53 -52.64 5.21
CA ASP C 59 -24.41 -53.78 6.10
C ASP C 59 -24.42 -55.04 5.25
N ILE C 60 -23.81 -56.11 5.76
CA ILE C 60 -23.76 -57.39 5.05
C ILE C 60 -24.31 -58.48 5.95
N HIS C 61 -25.00 -59.45 5.34
CA HIS C 61 -25.41 -60.66 6.04
C HIS C 61 -25.46 -61.84 5.07
N ARG C 62 -25.74 -63.03 5.59
CA ARG C 62 -25.74 -64.24 4.77
C ARG C 62 -26.90 -65.17 5.08
N SER C 63 -27.34 -65.90 4.06
CA SER C 63 -28.23 -67.03 4.22
C SER C 63 -27.90 -68.07 3.15
N ALA C 64 -27.61 -69.30 3.57
CA ALA C 64 -27.29 -70.37 2.65
C ALA C 64 -26.12 -69.97 1.73
N ASN C 65 -26.19 -70.24 0.43
CA ASN C 65 -25.13 -69.89 -0.50
C ASN C 65 -25.23 -68.47 -1.08
N THR C 66 -26.00 -67.60 -0.41
CA THR C 66 -26.24 -66.24 -0.87
C THR C 66 -25.65 -65.17 0.05
N PHE C 67 -25.13 -64.11 -0.54
CA PHE C 67 -24.50 -63.01 0.19
C PHE C 67 -25.17 -61.69 -0.16
N PHE C 68 -25.57 -60.92 0.85
CA PHE C 68 -26.31 -59.69 0.64
C PHE C 68 -25.53 -58.45 1.08
N LEU C 69 -25.62 -57.38 0.29
CA LEU C 69 -25.15 -56.06 0.70
C LEU C 69 -26.33 -55.12 0.82
N VAL C 70 -26.76 -54.87 2.05
CA VAL C 70 -27.88 -53.98 2.31
C VAL C 70 -27.41 -52.53 2.45
N VAL C 71 -27.97 -51.60 1.67
CA VAL C 71 -27.75 -50.18 1.95
C VAL C 71 -28.94 -49.73 2.78
N THR C 72 -28.70 -49.42 4.05
CA THR C 72 -29.79 -49.14 4.96
C THR C 72 -30.58 -47.89 4.53
N ALA C 73 -29.91 -46.96 3.85
CA ALA C 73 -30.58 -45.81 3.26
C ALA C 73 -29.80 -45.26 2.06
N ALA C 74 -30.44 -45.24 0.90
CA ALA C 74 -29.77 -44.89 -0.34
C ALA C 74 -29.67 -43.38 -0.53
N ASN C 75 -28.51 -42.92 -0.98
CA ASN C 75 -28.31 -41.53 -1.37
C ASN C 75 -27.52 -41.47 -2.68
N ILE C 76 -27.34 -40.27 -3.20
CA ILE C 76 -26.84 -40.11 -4.57
C ILE C 76 -25.38 -40.56 -4.68
N SER C 77 -24.64 -40.46 -3.57
CA SER C 77 -23.27 -40.97 -3.53
C SER C 77 -23.22 -42.45 -3.90
N HIS C 78 -24.29 -43.19 -3.59
CA HIS C 78 -24.33 -44.63 -3.81
C HIS C 78 -24.59 -45.09 -5.25
N ASP C 79 -24.95 -44.18 -6.15
CA ASP C 79 -25.07 -44.55 -7.57
C ASP C 79 -23.68 -44.92 -8.07
N GLY C 80 -23.54 -46.11 -8.63
CA GLY C 80 -22.26 -46.58 -9.12
C GLY C 80 -22.17 -48.09 -9.06
N ASN C 81 -21.10 -48.63 -9.62
CA ASN C 81 -20.89 -50.08 -9.64
C ASN C 81 -20.30 -50.58 -8.33
N TYR C 82 -20.63 -51.82 -7.99
CA TYR C 82 -20.11 -52.49 -6.80
C TYR C 82 -19.52 -53.83 -7.16
N LEU C 83 -18.46 -54.21 -6.44
CA LEU C 83 -17.70 -55.42 -6.73
C LEU C 83 -17.67 -56.32 -5.51
N CYS C 84 -17.90 -57.61 -5.73
CA CYS C 84 -17.81 -58.60 -4.66
C CYS C 84 -16.73 -59.63 -4.97
N ARG C 85 -15.75 -59.75 -4.07
CA ARG C 85 -14.74 -60.79 -4.21
C ARG C 85 -15.07 -61.87 -3.19
N MET C 86 -15.32 -63.06 -3.73
CA MET C 86 -15.61 -64.23 -2.94
C MET C 86 -14.48 -65.23 -3.18
N LYS C 87 -13.70 -65.50 -2.13
CA LYS C 87 -12.55 -66.40 -2.22
C LYS C 87 -12.78 -67.67 -1.43
N LEU C 88 -12.17 -68.77 -1.88
CA LEU C 88 -12.24 -70.00 -1.11
C LEU C 88 -10.81 -70.56 -1.19
N GLY C 89 -9.91 -70.04 -0.36
CA GLY C 89 -8.51 -70.44 -0.47
C GLY C 89 -7.97 -70.05 -1.85
N GLU C 90 -7.47 -71.03 -2.59
CA GLU C 90 -6.84 -70.78 -3.89
C GLU C 90 -7.80 -70.17 -4.92
N THR C 91 -9.06 -70.62 -4.96
CA THR C 91 -10.02 -70.13 -5.97
C THR C 91 -10.76 -68.88 -5.49
N GLU C 92 -10.94 -67.93 -6.41
CA GLU C 92 -11.63 -66.67 -6.12
C GLU C 92 -12.47 -66.17 -7.30
N VAL C 93 -13.71 -65.77 -7.00
CA VAL C 93 -14.63 -65.26 -8.02
C VAL C 93 -15.01 -63.81 -7.75
N THR C 94 -15.11 -63.05 -8.83
CA THR C 94 -15.34 -61.61 -8.77
C THR C 94 -16.65 -61.25 -9.48
N LYS C 95 -17.70 -60.98 -8.70
CA LYS C 95 -19.02 -60.63 -9.23
C LYS C 95 -19.38 -59.15 -9.10
N GLN C 96 -19.67 -58.53 -10.23
CA GLN C 96 -20.07 -57.13 -10.26
C GLN C 96 -21.58 -56.98 -10.06
N GLU C 97 -22.00 -55.78 -9.72
CA GLU C 97 -23.41 -55.47 -9.51
C GLU C 97 -23.59 -53.95 -9.55
N HIS C 98 -24.38 -53.46 -10.51
CA HIS C 98 -24.64 -52.03 -10.62
C HIS C 98 -25.87 -51.58 -9.82
N LEU C 99 -25.87 -50.32 -9.39
CA LEU C 99 -27.01 -49.72 -8.70
C LEU C 99 -27.24 -48.31 -9.22
N SER C 100 -28.44 -48.06 -9.76
CA SER C 100 -28.85 -46.70 -10.12
C SER C 100 -29.74 -46.11 -9.02
N VAL C 101 -29.35 -44.95 -8.50
CA VAL C 101 -30.21 -44.21 -7.58
C VAL C 101 -30.98 -43.13 -8.32
N VAL C 102 -32.22 -42.92 -7.91
CA VAL C 102 -33.14 -42.02 -8.59
C VAL C 102 -33.83 -41.08 -7.60
N LYS C 103 -33.93 -39.81 -7.98
CA LYS C 103 -34.69 -38.83 -7.21
C LYS C 103 -35.98 -38.48 -7.96
N PRO C 104 -37.15 -38.62 -7.30
CA PRO C 104 -38.38 -38.31 -8.04
C PRO C 104 -38.47 -36.82 -8.35
N LEU C 105 -38.58 -36.48 -9.63
CA LEU C 105 -38.48 -35.09 -10.06
C LEU C 105 -39.44 -34.18 -9.33
N THR C 106 -39.00 -32.93 -9.16
CA THR C 106 -39.77 -31.94 -8.41
C THR C 106 -40.00 -30.70 -9.29
N LEU C 107 -41.15 -30.64 -9.96
CA LEU C 107 -41.49 -29.53 -10.85
C LEU C 107 -42.09 -28.33 -10.14
N SER C 108 -41.49 -27.16 -10.33
CA SER C 108 -41.98 -25.91 -9.71
C SER C 108 -42.30 -24.81 -10.75
N VAL C 109 -43.35 -24.03 -10.50
CA VAL C 109 -43.67 -22.84 -11.32
C VAL C 109 -44.07 -21.60 -10.54
N HIS C 110 -43.53 -20.43 -10.89
CA HIS C 110 -44.10 -19.14 -10.47
C HIS C 110 -43.90 -18.03 -11.50
N SER C 111 -44.84 -17.10 -11.57
CA SER C 111 -44.76 -15.98 -12.51
C SER C 111 -44.00 -14.80 -11.93
N GLU C 112 -43.69 -13.85 -12.80
CA GLU C 112 -43.22 -12.54 -12.40
C GLU C 112 -43.57 -11.60 -13.54
N ARG C 113 -43.88 -10.35 -13.24
CA ARG C 113 -43.94 -9.32 -14.27
C ARG C 113 -42.70 -8.44 -14.22
N SER C 114 -42.23 -8.02 -15.38
CA SER C 114 -41.08 -7.15 -15.46
C SER C 114 -41.37 -5.82 -14.78
N GLN C 115 -40.35 -5.24 -14.15
CA GLN C 115 -40.50 -3.96 -13.46
C GLN C 115 -40.05 -2.79 -14.34
N PHE C 116 -39.41 -3.07 -15.48
CA PHE C 116 -38.92 -2.01 -16.36
C PHE C 116 -38.81 -2.54 -17.79
N PRO C 117 -39.11 -1.69 -18.80
CA PRO C 117 -39.65 -0.32 -18.69
C PRO C 117 -41.15 -0.29 -18.41
N ASP C 118 -41.81 -1.45 -18.42
CA ASP C 118 -43.24 -1.53 -18.21
C ASP C 118 -43.57 -2.82 -17.48
N PHE C 119 -44.85 -3.05 -17.22
CA PHE C 119 -45.30 -4.24 -16.51
C PHE C 119 -46.11 -5.10 -17.46
N SER C 120 -45.66 -5.16 -18.70
CA SER C 120 -46.25 -5.96 -19.76
C SER C 120 -45.54 -7.30 -19.91
N VAL C 121 -44.21 -7.29 -19.82
CA VAL C 121 -43.44 -8.51 -20.08
C VAL C 121 -43.59 -9.50 -18.92
N LEU C 122 -44.56 -10.41 -19.02
CA LEU C 122 -44.76 -11.43 -17.99
C LEU C 122 -43.78 -12.58 -18.19
N THR C 123 -42.92 -12.81 -17.20
CA THR C 123 -41.92 -13.87 -17.25
C THR C 123 -42.33 -15.00 -16.29
N VAL C 124 -42.42 -16.22 -16.81
CA VAL C 124 -42.67 -17.40 -15.97
C VAL C 124 -41.46 -18.31 -15.92
N THR C 125 -41.30 -19.02 -14.81
CA THR C 125 -40.15 -19.87 -14.56
C THR C 125 -40.59 -21.29 -14.26
N CYS C 126 -40.22 -22.24 -15.11
CA CYS C 126 -40.45 -23.66 -14.83
C CYS C 126 -39.13 -24.29 -14.38
N THR C 127 -39.16 -24.94 -13.22
CA THR C 127 -37.98 -25.53 -12.60
C THR C 127 -38.20 -26.99 -12.29
N VAL C 128 -37.14 -27.81 -12.42
CA VAL C 128 -37.23 -29.22 -12.09
C VAL C 128 -35.97 -29.75 -11.40
N ASN C 129 -36.16 -30.40 -10.26
CA ASN C 129 -35.08 -30.99 -9.47
C ASN C 129 -35.22 -32.52 -9.41
N ALA C 130 -34.40 -33.22 -10.19
CA ALA C 130 -34.43 -34.68 -10.26
C ALA C 130 -33.03 -35.29 -10.35
N PHE C 131 -32.99 -36.62 -10.50
CA PHE C 131 -31.76 -37.36 -10.72
C PHE C 131 -32.07 -38.67 -11.44
N PRO C 132 -31.27 -39.06 -12.44
CA PRO C 132 -29.97 -38.49 -12.87
C PRO C 132 -30.00 -37.53 -14.06
N HIS C 133 -31.09 -37.50 -14.84
CA HIS C 133 -31.16 -36.67 -16.04
C HIS C 133 -32.41 -35.79 -16.07
N PRO C 134 -32.41 -34.69 -15.30
CA PRO C 134 -33.55 -33.77 -15.39
C PRO C 134 -33.48 -32.92 -16.65
N HIS C 135 -34.64 -32.52 -17.16
CA HIS C 135 -34.71 -31.75 -18.40
C HIS C 135 -36.04 -31.01 -18.49
N VAL C 136 -35.97 -29.69 -18.61
CA VAL C 136 -37.16 -28.84 -18.65
C VAL C 136 -37.27 -28.14 -20.00
N GLN C 137 -38.50 -27.92 -20.45
CA GLN C 137 -38.76 -27.34 -21.77
C GLN C 137 -40.11 -26.64 -21.82
N TRP C 138 -40.15 -25.45 -22.44
CA TRP C 138 -41.40 -24.70 -22.58
C TRP C 138 -42.03 -25.04 -23.91
N LEU C 139 -43.31 -25.40 -23.86
CA LEU C 139 -44.06 -25.73 -25.06
C LEU C 139 -44.70 -24.71 -25.99
N MET C 140 -44.23 -24.74 -27.23
CA MET C 140 -44.76 -23.96 -28.36
C MET C 140 -43.99 -22.68 -28.68
N GLY C 153 -31.88 -23.68 -18.87
CA GLY C 153 -31.11 -22.49 -18.52
C GLY C 153 -29.80 -22.83 -17.86
N GLY C 154 -29.72 -22.59 -16.56
CA GLY C 154 -28.53 -22.87 -15.77
C GLY C 154 -28.63 -24.18 -15.03
N VAL C 155 -27.63 -25.05 -15.22
CA VAL C 155 -27.57 -26.33 -14.54
C VAL C 155 -26.91 -26.19 -13.18
N MET C 156 -27.66 -26.45 -12.11
CA MET C 156 -27.15 -26.33 -10.74
C MET C 156 -27.06 -27.71 -10.08
N LYS C 157 -26.14 -27.85 -9.13
CA LYS C 157 -26.03 -29.06 -8.31
C LYS C 157 -26.36 -28.75 -6.84
N GLU C 158 -27.26 -29.55 -6.26
CA GLU C 158 -27.75 -29.34 -4.91
C GLU C 158 -26.87 -29.95 -3.83
N LYS C 159 -27.22 -29.66 -2.57
CA LYS C 159 -26.48 -30.17 -1.41
C LYS C 159 -26.62 -31.70 -1.36
N ASP C 160 -27.84 -32.18 -1.59
CA ASP C 160 -28.14 -33.61 -1.53
C ASP C 160 -27.57 -34.39 -2.72
N GLY C 161 -26.87 -33.72 -3.64
CA GLY C 161 -26.19 -34.38 -4.73
C GLY C 161 -27.03 -34.40 -6.00
N SER C 162 -28.32 -34.09 -5.87
CA SER C 162 -29.23 -34.06 -7.01
C SER C 162 -28.93 -32.89 -7.93
N LEU C 163 -29.55 -32.91 -9.11
CA LEU C 163 -29.37 -31.83 -10.10
C LEU C 163 -30.66 -31.06 -10.30
N SER C 164 -30.52 -29.76 -10.51
CA SER C 164 -31.65 -28.88 -10.83
C SER C 164 -31.37 -28.08 -12.10
N VAL C 165 -32.40 -27.84 -12.89
CA VAL C 165 -32.31 -26.93 -14.01
C VAL C 165 -33.67 -26.27 -14.23
N ALA C 166 -33.67 -25.03 -14.71
CA ALA C 166 -34.90 -24.30 -14.98
C ALA C 166 -34.74 -23.40 -16.20
N VAL C 167 -35.87 -23.01 -16.77
CA VAL C 167 -35.88 -22.05 -17.87
C VAL C 167 -37.03 -21.02 -17.78
N ASP C 168 -36.74 -19.81 -18.26
CA ASP C 168 -37.69 -18.70 -18.24
C ASP C 168 -38.34 -18.50 -19.62
N LEU C 169 -39.48 -17.81 -19.64
CA LEU C 169 -40.20 -17.59 -20.89
C LEU C 169 -40.92 -16.23 -20.86
N SER C 170 -40.50 -15.31 -21.73
CA SER C 170 -41.06 -13.95 -21.76
C SER C 170 -42.26 -13.83 -22.72
N LEU C 171 -43.37 -13.32 -22.19
CA LEU C 171 -44.61 -13.12 -22.95
C LEU C 171 -45.08 -11.66 -22.90
N PRO C 172 -44.78 -10.87 -23.93
CA PRO C 172 -45.27 -9.47 -23.99
C PRO C 172 -46.78 -9.39 -24.19
N LYS C 173 -47.40 -8.27 -23.80
CA LYS C 173 -48.85 -8.13 -23.86
C LYS C 173 -49.34 -8.24 -25.30
N PRO C 174 -50.47 -8.93 -25.52
CA PRO C 174 -51.32 -9.65 -24.57
C PRO C 174 -50.71 -10.98 -24.18
N TRP C 175 -50.90 -11.41 -22.93
CA TRP C 175 -50.30 -12.66 -22.50
C TRP C 175 -51.08 -13.78 -23.17
N HIS C 176 -50.39 -14.51 -24.05
CA HIS C 176 -51.02 -15.59 -24.81
C HIS C 176 -51.16 -16.84 -23.93
N LEU C 177 -51.99 -16.73 -22.90
CA LEU C 177 -52.22 -17.80 -21.94
C LEU C 177 -53.41 -18.65 -22.36
N PRO C 178 -53.54 -19.87 -21.81
CA PRO C 178 -52.59 -20.61 -20.95
C PRO C 178 -51.35 -21.13 -21.69
N VAL C 179 -50.27 -21.34 -20.94
CA VAL C 179 -49.01 -21.86 -21.48
C VAL C 179 -48.47 -22.97 -20.57
N THR C 180 -47.77 -23.94 -21.15
CA THR C 180 -47.44 -25.19 -20.46
C THR C 180 -45.96 -25.57 -20.60
N CYS C 181 -45.35 -25.95 -19.49
CA CYS C 181 -43.96 -26.42 -19.48
C CYS C 181 -43.92 -27.92 -19.22
N VAL C 182 -42.88 -28.59 -19.72
CA VAL C 182 -42.74 -30.04 -19.61
C VAL C 182 -41.43 -30.40 -18.94
N GLY C 183 -41.53 -30.91 -17.72
CA GLY C 183 -40.36 -31.41 -17.01
C GLY C 183 -40.32 -32.93 -17.06
N LYS C 184 -39.12 -33.49 -17.19
CA LYS C 184 -38.96 -34.93 -17.21
C LYS C 184 -37.61 -35.40 -16.69
N ASN C 185 -37.62 -36.60 -16.14
CA ASN C 185 -36.42 -37.26 -15.61
C ASN C 185 -36.29 -38.65 -16.23
N ASP C 186 -35.68 -38.72 -17.40
CA ASP C 186 -35.62 -39.95 -18.19
C ASP C 186 -37.09 -40.33 -18.48
N LYS C 187 -37.52 -41.54 -18.14
CA LYS C 187 -38.89 -41.97 -18.42
C LYS C 187 -39.94 -41.14 -17.67
N GLU C 188 -39.66 -40.80 -16.42
CA GLU C 188 -40.59 -40.02 -15.60
C GLU C 188 -40.90 -38.67 -16.27
N GLU C 189 -42.17 -38.26 -16.22
CA GLU C 189 -42.59 -37.01 -16.84
C GLU C 189 -43.72 -36.30 -16.07
N ALA C 190 -43.70 -34.96 -16.09
CA ALA C 190 -44.74 -34.15 -15.45
C ALA C 190 -44.80 -32.74 -16.05
N HIS C 191 -45.96 -32.09 -15.93
CA HIS C 191 -46.20 -30.78 -16.53
C HIS C 191 -46.61 -29.70 -15.54
N GLY C 192 -46.51 -28.44 -15.97
CA GLY C 192 -46.97 -27.29 -15.22
C GLY C 192 -47.71 -26.34 -16.14
N VAL C 193 -48.97 -26.03 -15.81
CA VAL C 193 -49.77 -25.11 -16.61
C VAL C 193 -49.98 -23.81 -15.85
N TYR C 194 -49.69 -22.68 -16.50
CA TYR C 194 -50.06 -21.37 -15.97
C TYR C 194 -51.35 -20.84 -16.63
N VAL C 195 -52.40 -20.64 -15.83
CA VAL C 195 -53.69 -20.21 -16.38
C VAL C 195 -53.86 -18.69 -16.50
N SER C 196 -53.84 -17.98 -15.37
CA SER C 196 -54.06 -16.53 -15.37
C SER C 196 -53.21 -15.79 -14.33
N GLY C 197 -52.98 -14.50 -14.58
CA GLY C 197 -52.21 -13.67 -13.66
C GLY C 197 -53.08 -13.22 -12.51
N TYR C 198 -52.59 -12.30 -11.70
CA TYR C 198 -53.38 -11.80 -10.58
C TYR C 198 -54.48 -10.82 -11.01
N VAL D 1 -27.55 -61.66 25.49
CA VAL D 1 -26.22 -61.57 24.88
C VAL D 1 -25.47 -60.36 25.44
N THR D 2 -24.24 -60.17 24.98
CA THR D 2 -23.38 -59.09 25.45
C THR D 2 -22.45 -58.67 24.32
N ALA D 3 -22.14 -57.38 24.24
CA ALA D 3 -21.15 -56.89 23.27
C ALA D 3 -20.58 -55.51 23.62
N PHE D 4 -19.36 -55.26 23.15
CA PHE D 4 -18.64 -54.02 23.47
C PHE D 4 -19.07 -52.81 22.64
N LEU D 5 -18.57 -51.65 23.06
CA LEU D 5 -18.84 -50.38 22.40
C LEU D 5 -18.31 -50.35 20.97
N GLY D 6 -19.14 -49.88 20.05
CA GLY D 6 -18.76 -49.75 18.64
C GLY D 6 -18.97 -50.97 17.77
N GLU D 7 -19.21 -52.12 18.40
CA GLU D 7 -19.22 -53.39 17.66
C GLU D 7 -20.51 -53.62 16.87
N ARG D 8 -20.44 -54.48 15.86
CA ARG D 8 -21.64 -54.89 15.13
C ARG D 8 -22.20 -56.16 15.76
N VAL D 9 -23.23 -55.98 16.59
CA VAL D 9 -23.86 -57.09 17.31
C VAL D 9 -25.27 -57.44 16.83
N THR D 10 -25.57 -58.73 16.85
CA THR D 10 -26.84 -59.26 16.33
C THR D 10 -27.69 -59.95 17.39
N LEU D 11 -28.99 -59.66 17.41
CA LEU D 11 -29.96 -60.38 18.25
C LEU D 11 -30.88 -61.21 17.37
N THR D 12 -31.42 -62.31 17.92
CA THR D 12 -32.25 -63.22 17.13
C THR D 12 -33.57 -63.68 17.76
N SER D 13 -34.49 -64.03 16.87
CA SER D 13 -35.77 -64.62 17.20
C SER D 13 -36.16 -65.56 16.07
N TYR D 14 -37.15 -66.44 16.31
CA TYR D 14 -37.47 -67.46 15.32
C TYR D 14 -38.89 -68.00 15.49
N TRP D 15 -39.45 -68.48 14.38
CA TRP D 15 -40.75 -69.15 14.37
C TRP D 15 -40.55 -70.67 14.49
N ARG D 16 -41.28 -71.30 15.40
CA ARG D 16 -41.08 -72.73 15.66
C ARG D 16 -41.25 -73.61 14.41
N ARG D 17 -42.30 -73.39 13.61
CA ARG D 17 -42.49 -74.19 12.40
C ARG D 17 -41.53 -73.84 11.27
N VAL D 18 -40.76 -74.86 10.90
CA VAL D 18 -39.71 -74.74 9.91
C VAL D 18 -40.29 -74.50 8.51
N SER D 19 -41.61 -74.66 8.34
CA SER D 19 -42.28 -74.31 7.09
C SER D 19 -42.26 -72.82 6.74
N LEU D 20 -42.28 -71.96 7.76
CA LEU D 20 -42.57 -70.53 7.58
C LEU D 20 -41.41 -69.58 7.87
N GLY D 21 -41.19 -68.63 6.96
CA GLY D 21 -40.23 -67.57 7.19
C GLY D 21 -40.75 -66.17 6.87
N PRO D 22 -40.97 -65.87 5.57
CA PRO D 22 -41.44 -64.54 5.14
C PRO D 22 -42.83 -64.19 5.66
N GLU D 23 -43.67 -65.21 5.76
CA GLU D 23 -45.10 -65.01 6.04
C GLU D 23 -45.36 -64.32 7.37
N ILE D 24 -44.42 -64.44 8.30
CA ILE D 24 -44.59 -63.94 9.64
C ILE D 24 -44.44 -62.42 9.63
N GLU D 25 -45.33 -61.71 10.35
CA GLU D 25 -45.21 -60.27 10.49
C GLU D 25 -44.32 -59.94 11.69
N VAL D 26 -43.02 -59.83 11.43
CA VAL D 26 -42.04 -59.55 12.47
C VAL D 26 -41.90 -58.05 12.71
N SER D 27 -41.76 -57.67 13.98
CA SER D 27 -41.68 -56.27 14.37
C SER D 27 -40.97 -56.12 15.71
N TRP D 28 -39.76 -55.56 15.67
CA TRP D 28 -38.93 -55.41 16.88
C TRP D 28 -39.23 -54.11 17.61
N PHE D 29 -39.11 -54.14 18.94
CA PHE D 29 -39.30 -52.95 19.78
C PHE D 29 -38.16 -52.83 20.79
N LYS D 30 -37.76 -51.60 21.10
CA LYS D 30 -36.85 -51.35 22.21
C LYS D 30 -37.67 -51.03 23.45
N LEU D 31 -37.42 -51.75 24.54
CA LEU D 31 -38.11 -51.47 25.79
C LEU D 31 -37.44 -50.29 26.48
N GLY D 32 -38.09 -49.13 26.39
CA GLY D 32 -37.70 -47.97 27.16
C GLY D 32 -38.09 -48.24 28.59
N PRO D 33 -37.43 -47.57 29.56
CA PRO D 33 -37.74 -47.91 30.95
C PRO D 33 -39.22 -47.72 31.29
N GLY D 34 -39.68 -48.44 32.30
CA GLY D 34 -41.05 -48.36 32.74
C GLY D 34 -42.00 -49.06 31.79
N GLU D 35 -41.61 -50.23 31.30
CA GLU D 35 -42.48 -51.07 30.48
C GLU D 35 -42.92 -50.38 29.18
N GLU D 36 -42.11 -49.46 28.68
CA GLU D 36 -42.45 -48.68 27.49
C GLU D 36 -42.16 -49.54 26.26
N GLN D 37 -42.70 -49.14 25.11
CA GLN D 37 -42.51 -49.89 23.86
C GLN D 37 -42.31 -48.97 22.65
N VAL D 38 -41.07 -48.90 22.17
CA VAL D 38 -40.72 -48.05 21.03
C VAL D 38 -40.46 -48.91 19.80
N LEU D 39 -41.15 -48.62 18.71
CA LEU D 39 -41.04 -49.40 17.49
C LEU D 39 -39.72 -49.13 16.79
N ILE D 40 -38.94 -50.17 16.53
CA ILE D 40 -37.65 -50.03 15.86
C ILE D 40 -37.78 -50.29 14.36
N GLY D 41 -38.45 -51.38 13.99
CA GLY D 41 -38.63 -51.73 12.60
C GLY D 41 -39.60 -52.89 12.39
N ARG D 42 -40.02 -53.06 11.14
CA ARG D 42 -40.98 -54.11 10.76
C ARG D 42 -40.52 -54.86 9.52
N MET D 43 -40.92 -56.13 9.41
CA MET D 43 -40.58 -56.98 8.28
C MET D 43 -41.72 -57.95 7.99
N HIS D 44 -42.10 -58.05 6.72
CA HIS D 44 -43.16 -58.97 6.33
C HIS D 44 -43.03 -59.24 4.84
N HIS D 45 -43.11 -60.52 4.47
CA HIS D 45 -42.95 -60.94 3.07
C HIS D 45 -41.67 -60.40 2.45
N ASP D 46 -40.58 -60.43 3.22
CA ASP D 46 -39.27 -59.96 2.79
C ASP D 46 -39.29 -58.52 2.24
N VAL D 47 -39.90 -57.62 3.00
CA VAL D 47 -39.70 -56.19 2.81
C VAL D 47 -39.51 -55.57 4.19
N ILE D 48 -38.31 -55.07 4.44
CA ILE D 48 -37.95 -54.54 5.74
C ILE D 48 -38.07 -53.01 5.73
N PHE D 49 -38.43 -52.45 6.88
CA PHE D 49 -38.47 -51.01 7.06
C PHE D 49 -38.14 -50.63 8.50
N ILE D 50 -37.07 -49.87 8.67
CA ILE D 50 -36.63 -49.41 9.98
C ILE D 50 -37.13 -47.98 10.17
N GLU D 51 -37.59 -47.67 11.39
CA GLU D 51 -38.08 -46.32 11.68
C GLU D 51 -36.94 -45.31 11.57
N TRP D 52 -37.27 -44.10 11.16
CA TRP D 52 -36.27 -43.05 10.91
C TRP D 52 -35.38 -42.68 12.10
N PRO D 53 -35.91 -42.71 13.33
CA PRO D 53 -35.02 -42.43 14.47
C PRO D 53 -33.96 -43.52 14.69
N PHE D 54 -34.29 -44.77 14.37
CA PHE D 54 -33.33 -45.87 14.49
C PHE D 54 -32.62 -46.21 13.18
N ARG D 55 -32.90 -45.46 12.12
CA ARG D 55 -32.40 -45.81 10.78
C ARG D 55 -30.88 -45.69 10.78
N GLY D 56 -30.20 -46.76 10.38
CA GLY D 56 -28.77 -46.74 10.22
C GLY D 56 -28.00 -47.09 11.48
N PHE D 57 -28.70 -47.27 12.59
CA PHE D 57 -28.10 -47.84 13.80
C PHE D 57 -28.52 -49.30 13.93
N PHE D 58 -29.77 -49.58 13.53
CA PHE D 58 -30.29 -50.93 13.47
C PHE D 58 -30.64 -51.33 12.03
N ASP D 59 -30.78 -52.64 11.83
CA ASP D 59 -31.29 -53.20 10.58
C ASP D 59 -31.80 -54.59 10.88
N ILE D 60 -32.75 -55.07 10.08
CA ILE D 60 -33.32 -56.39 10.24
C ILE D 60 -33.19 -57.17 8.93
N HIS D 61 -32.98 -58.47 9.03
CA HIS D 61 -33.04 -59.36 7.87
C HIS D 61 -33.51 -60.75 8.29
N ARG D 62 -33.68 -61.63 7.31
CA ARG D 62 -34.21 -62.97 7.57
C ARG D 62 -33.48 -64.06 6.80
N SER D 63 -33.44 -65.24 7.41
CA SER D 63 -33.05 -66.46 6.74
C SER D 63 -33.84 -67.62 7.34
N ALA D 64 -34.54 -68.37 6.49
CA ALA D 64 -35.32 -69.51 6.95
C ALA D 64 -36.31 -69.09 8.04
N ASN D 65 -36.44 -69.87 9.13
CA ASN D 65 -37.36 -69.51 10.21
C ASN D 65 -36.72 -68.60 11.25
N THR D 66 -35.62 -67.93 10.89
CA THR D 66 -34.91 -67.09 11.84
C THR D 66 -34.97 -65.62 11.45
N PHE D 67 -35.07 -64.77 12.46
CA PHE D 67 -35.18 -63.34 12.29
C PHE D 67 -34.07 -62.64 13.08
N PHE D 68 -33.34 -61.75 12.41
CA PHE D 68 -32.17 -61.10 13.03
C PHE D 68 -32.37 -59.60 13.20
N LEU D 69 -31.94 -59.07 14.34
CA LEU D 69 -31.82 -57.64 14.53
C LEU D 69 -30.36 -57.25 14.71
N VAL D 70 -29.77 -56.70 13.65
CA VAL D 70 -28.38 -56.25 13.66
C VAL D 70 -28.25 -54.83 14.17
N VAL D 71 -27.39 -54.63 15.17
CA VAL D 71 -26.99 -53.29 15.57
C VAL D 71 -25.70 -52.94 14.85
N THR D 72 -25.75 -52.04 13.89
CA THR D 72 -24.58 -51.77 13.05
C THR D 72 -23.40 -51.22 13.85
N ALA D 73 -23.70 -50.49 14.92
CA ALA D 73 -22.69 -50.02 15.84
C ALA D 73 -23.31 -49.77 17.21
N ALA D 74 -22.79 -50.47 18.22
CA ALA D 74 -23.36 -50.45 19.56
C ALA D 74 -22.90 -49.21 20.33
N ASN D 75 -23.83 -48.59 21.04
CA ASN D 75 -23.51 -47.51 21.97
C ASN D 75 -24.28 -47.71 23.27
N ILE D 76 -24.01 -46.87 24.27
CA ILE D 76 -24.49 -47.14 25.62
C ILE D 76 -26.01 -47.04 25.70
N SER D 77 -26.58 -46.22 24.82
CA SER D 77 -28.03 -46.11 24.70
C SER D 77 -28.69 -47.46 24.42
N HIS D 78 -27.97 -48.34 23.73
CA HIS D 78 -28.49 -49.63 23.31
C HIS D 78 -28.55 -50.70 24.41
N ASP D 79 -27.92 -50.45 25.56
CA ASP D 79 -28.05 -51.39 26.68
C ASP D 79 -29.50 -51.38 27.14
N GLY D 80 -30.12 -52.56 27.18
CA GLY D 80 -31.51 -52.68 27.58
C GLY D 80 -32.18 -53.88 26.93
N ASN D 81 -33.41 -54.17 27.33
CA ASN D 81 -34.14 -55.30 26.78
C ASN D 81 -34.79 -54.93 25.46
N TYR D 82 -34.95 -55.94 24.61
CA TYR D 82 -35.59 -55.79 23.31
C TYR D 82 -36.68 -56.84 23.16
N LEU D 83 -37.74 -56.44 22.47
CA LEU D 83 -38.92 -57.28 22.33
C LEU D 83 -39.21 -57.50 20.86
N CYS D 84 -39.49 -58.75 20.51
CA CYS D 84 -39.86 -59.10 19.13
C CYS D 84 -41.26 -59.66 19.09
N ARG D 85 -42.10 -59.00 18.30
CA ARG D 85 -43.45 -59.47 18.05
C ARG D 85 -43.53 -60.08 16.66
N MET D 86 -43.84 -61.37 16.63
CA MET D 86 -44.01 -62.13 15.41
C MET D 86 -45.45 -62.64 15.33
N LYS D 87 -46.20 -62.13 14.35
CA LYS D 87 -47.61 -62.49 14.18
C LYS D 87 -47.88 -63.30 12.91
N LEU D 88 -48.92 -64.13 12.99
CA LEU D 88 -49.44 -64.92 11.87
C LEU D 88 -50.95 -64.80 11.91
N GLY D 89 -51.45 -63.69 11.39
CA GLY D 89 -52.87 -63.43 11.47
C GLY D 89 -53.25 -63.35 12.94
N GLU D 90 -54.18 -64.22 13.31
CA GLU D 90 -54.77 -64.28 14.64
C GLU D 90 -53.77 -64.59 15.75
N THR D 91 -52.84 -65.51 15.47
CA THR D 91 -51.87 -65.96 16.47
C THR D 91 -50.61 -65.08 16.47
N GLU D 92 -50.12 -64.78 17.67
CA GLU D 92 -48.93 -63.94 17.85
C GLU D 92 -48.03 -64.34 19.03
N VAL D 93 -46.72 -64.40 18.80
CA VAL D 93 -45.76 -64.76 19.85
C VAL D 93 -44.80 -63.59 20.09
N THR D 94 -44.49 -63.37 21.37
CA THR D 94 -43.68 -62.24 21.81
C THR D 94 -42.41 -62.74 22.49
N LYS D 95 -41.29 -62.66 21.78
CA LYS D 95 -40.00 -63.11 22.31
C LYS D 95 -39.07 -61.97 22.71
N GLN D 96 -38.66 -61.98 23.98
CA GLN D 96 -37.75 -60.98 24.52
C GLN D 96 -36.29 -61.37 24.29
N GLU D 97 -35.40 -60.39 24.42
CA GLU D 97 -33.96 -60.60 24.25
C GLU D 97 -33.20 -59.43 24.88
N HIS D 98 -32.37 -59.72 25.88
CA HIS D 98 -31.59 -58.67 26.54
C HIS D 98 -30.22 -58.44 25.87
N LEU D 99 -29.72 -57.21 26.00
CA LEU D 99 -28.40 -56.86 25.50
C LEU D 99 -27.65 -55.97 26.50
N SER D 100 -26.48 -56.44 26.95
CA SER D 100 -25.60 -55.61 27.75
C SER D 100 -24.48 -55.01 26.89
N VAL D 101 -24.35 -53.69 26.91
CA VAL D 101 -23.23 -53.02 26.25
C VAL D 101 -22.14 -52.73 27.28
N VAL D 102 -20.89 -52.85 26.86
CA VAL D 102 -19.75 -52.74 27.75
C VAL D 102 -18.68 -51.80 27.18
N LYS D 103 -18.13 -50.94 28.02
CA LYS D 103 -17.00 -50.08 27.63
C LYS D 103 -15.70 -50.55 28.30
N PRO D 104 -14.64 -50.80 27.52
CA PRO D 104 -13.41 -51.28 28.16
C PRO D 104 -12.79 -50.20 29.04
N LEU D 105 -12.63 -50.48 30.33
CA LEU D 105 -12.23 -49.47 31.30
C LEU D 105 -10.96 -48.73 30.91
N THR D 106 -10.89 -47.47 31.31
CA THR D 106 -9.77 -46.60 30.95
C THR D 106 -9.14 -46.04 32.22
N LEU D 107 -8.10 -46.70 32.71
CA LEU D 107 -7.42 -46.28 33.94
C LEU D 107 -6.36 -45.21 33.70
N SER D 108 -6.48 -44.09 34.41
CA SER D 108 -5.52 -42.99 34.29
C SER D 108 -4.88 -42.64 35.64
N VAL D 109 -3.59 -42.28 35.63
CA VAL D 109 -2.91 -41.75 36.82
C VAL D 109 -2.01 -40.55 36.52
N HIS D 110 -2.09 -39.51 37.35
CA HIS D 110 -1.03 -38.48 37.38
C HIS D 110 -0.82 -37.92 38.77
N SER D 111 0.41 -37.50 39.07
CA SER D 111 0.72 -36.94 40.38
C SER D 111 0.50 -35.44 40.38
N GLU D 112 0.54 -34.88 41.59
CA GLU D 112 0.63 -33.45 41.77
C GLU D 112 1.26 -33.28 43.14
N ARG D 113 2.06 -32.23 43.31
CA ARG D 113 2.48 -31.81 44.64
C ARG D 113 1.68 -30.60 45.08
N SER D 114 1.39 -30.55 46.38
CA SER D 114 0.64 -29.44 46.95
C SER D 114 1.44 -28.15 46.78
N GLN D 115 0.74 -27.05 46.57
CA GLN D 115 1.39 -25.76 46.38
C GLN D 115 1.44 -24.96 47.69
N PHE D 116 0.73 -25.43 48.72
CA PHE D 116 0.69 -24.72 50.00
C PHE D 116 0.34 -25.71 51.11
N PRO D 117 0.92 -25.53 52.32
CA PRO D 117 1.95 -24.57 52.70
C PRO D 117 3.35 -24.99 52.26
N ASP D 118 3.50 -26.20 51.74
CA ASP D 118 4.79 -26.71 51.31
C ASP D 118 4.61 -27.60 50.10
N PHE D 119 5.71 -28.15 49.60
CA PHE D 119 5.67 -29.02 48.43
C PHE D 119 6.04 -30.42 48.87
N SER D 120 5.56 -30.79 50.05
CA SER D 120 5.77 -32.11 50.61
C SER D 120 4.57 -33.03 50.35
N VAL D 121 3.37 -32.48 50.47
CA VAL D 121 2.17 -33.31 50.36
C VAL D 121 1.93 -33.73 48.90
N LEU D 122 2.45 -34.89 48.50
CA LEU D 122 2.26 -35.40 47.15
C LEU D 122 0.91 -36.10 46.98
N THR D 123 0.08 -35.56 46.10
CA THR D 123 -1.24 -36.11 45.82
C THR D 123 -1.27 -36.78 44.45
N VAL D 124 -1.67 -38.04 44.40
CA VAL D 124 -1.88 -38.75 43.15
C VAL D 124 -3.35 -39.07 42.93
N THR D 125 -3.76 -39.13 41.67
CA THR D 125 -5.14 -39.34 41.28
C THR D 125 -5.26 -40.55 40.38
N CYS D 126 -5.98 -41.57 40.81
CA CYS D 126 -6.28 -42.71 39.95
C CYS D 126 -7.71 -42.55 39.45
N THR D 127 -7.88 -42.61 38.13
CA THR D 127 -9.17 -42.37 37.48
C THR D 127 -9.51 -43.54 36.58
N VAL D 128 -10.81 -43.87 36.51
CA VAL D 128 -11.27 -44.94 35.63
C VAL D 128 -12.60 -44.62 34.96
N ASN D 129 -12.61 -44.77 33.63
CA ASN D 129 -13.80 -44.55 32.81
C ASN D 129 -14.25 -45.85 32.15
N ALA D 130 -15.32 -46.45 32.67
CA ALA D 130 -15.83 -47.71 32.15
C ALA D 130 -17.36 -47.74 32.14
N PHE D 131 -17.89 -48.90 31.75
CA PHE D 131 -19.32 -49.17 31.79
C PHE D 131 -19.53 -50.67 31.87
N PRO D 132 -20.47 -51.14 32.72
CA PRO D 132 -21.48 -50.39 33.49
C PRO D 132 -21.13 -50.12 34.94
N HIS D 133 -20.13 -50.81 35.50
CA HIS D 133 -19.78 -50.65 36.92
C HIS D 133 -18.30 -50.38 37.12
N PRO D 134 -17.86 -49.13 36.87
CA PRO D 134 -16.47 -48.81 37.19
C PRO D 134 -16.27 -48.60 38.68
N HIS D 135 -15.07 -48.90 39.17
CA HIS D 135 -14.77 -48.80 40.58
C HIS D 135 -13.26 -48.72 40.80
N VAL D 136 -12.83 -47.65 41.47
CA VAL D 136 -11.41 -47.40 41.69
C VAL D 136 -11.11 -47.44 43.17
N GLN D 137 -9.91 -47.92 43.53
CA GLN D 137 -9.55 -48.07 44.93
C GLN D 137 -8.02 -48.03 45.09
N TRP D 138 -7.56 -47.32 46.12
CA TRP D 138 -6.13 -47.20 46.40
C TRP D 138 -5.69 -48.24 47.43
N LEU D 139 -4.63 -48.97 47.12
CA LEU D 139 -4.06 -49.97 48.03
C LEU D 139 -3.15 -49.30 49.05
N MET D 140 -3.50 -49.47 50.32
CA MET D 140 -2.75 -48.88 51.42
C MET D 140 -1.32 -49.43 51.51
N GLY D 154 -16.01 -38.89 43.40
CA GLY D 154 -17.17 -38.32 42.73
C GLY D 154 -17.53 -39.09 41.47
N VAL D 155 -18.79 -39.53 41.40
CA VAL D 155 -19.29 -40.24 40.23
C VAL D 155 -19.81 -39.27 39.16
N MET D 156 -19.15 -39.27 38.00
CA MET D 156 -19.52 -38.39 36.89
C MET D 156 -20.07 -39.21 35.74
N LYS D 157 -20.93 -38.59 34.93
CA LYS D 157 -21.44 -39.22 33.71
C LYS D 157 -20.93 -38.47 32.47
N GLU D 158 -20.35 -39.20 31.54
CA GLU D 158 -19.74 -38.62 30.35
C GLU D 158 -20.75 -38.37 29.21
N LYS D 159 -20.28 -37.72 28.17
CA LYS D 159 -21.10 -37.42 27.00
C LYS D 159 -21.52 -38.70 26.29
N ASP D 160 -20.58 -39.62 26.13
CA ASP D 160 -20.82 -40.88 25.44
C ASP D 160 -21.70 -41.86 26.24
N GLY D 161 -22.15 -41.46 27.43
CA GLY D 161 -23.07 -42.25 28.20
C GLY D 161 -22.36 -43.10 29.24
N SER D 162 -21.05 -43.23 29.09
CA SER D 162 -20.23 -44.00 30.02
C SER D 162 -20.12 -43.32 31.39
N LEU D 163 -19.59 -44.06 32.35
CA LEU D 163 -19.41 -43.55 33.71
C LEU D 163 -17.92 -43.40 34.04
N SER D 164 -17.58 -42.37 34.81
CA SER D 164 -16.23 -42.16 35.29
C SER D 164 -16.21 -41.97 36.81
N VAL D 165 -15.17 -42.48 37.47
CA VAL D 165 -14.94 -42.19 38.88
C VAL D 165 -13.44 -42.20 39.18
N ALA D 166 -13.01 -41.38 40.14
CA ALA D 166 -11.61 -41.32 40.54
C ALA D 166 -11.46 -41.05 42.04
N VAL D 167 -10.28 -41.37 42.57
CA VAL D 167 -9.95 -41.03 43.96
C VAL D 167 -8.52 -40.53 44.12
N ASP D 168 -8.33 -39.60 45.05
CA ASP D 168 -7.04 -38.99 45.32
C ASP D 168 -6.39 -39.62 46.56
N LEU D 169 -5.08 -39.46 46.69
CA LEU D 169 -4.35 -40.04 47.81
C LEU D 169 -3.17 -39.16 48.23
N SER D 170 -3.24 -38.60 49.44
CA SER D 170 -2.21 -37.70 49.94
C SER D 170 -1.12 -38.45 50.71
N LEU D 171 0.14 -38.25 50.30
CA LEU D 171 1.29 -38.90 50.93
C LEU D 171 2.28 -37.86 51.41
N PRO D 172 2.25 -37.52 52.71
CA PRO D 172 3.30 -36.56 53.08
C PRO D 172 4.71 -37.15 53.05
N LYS D 173 5.70 -36.27 52.85
CA LYS D 173 7.10 -36.67 52.75
C LYS D 173 7.55 -37.29 54.09
N PRO D 174 8.34 -38.39 54.05
CA PRO D 174 8.79 -39.00 52.79
C PRO D 174 7.70 -39.81 52.10
N TRP D 175 7.74 -39.76 50.78
CA TRP D 175 6.75 -40.43 49.96
C TRP D 175 6.99 -41.92 50.00
N HIS D 176 6.03 -42.66 50.56
CA HIS D 176 6.15 -44.11 50.69
C HIS D 176 5.85 -44.80 49.36
N LEU D 177 6.71 -44.54 48.36
CA LEU D 177 6.54 -45.10 47.03
C LEU D 177 7.33 -46.41 46.94
N PRO D 178 7.02 -47.24 45.94
CA PRO D 178 5.90 -47.12 44.98
C PRO D 178 4.53 -47.39 45.61
N VAL D 179 3.50 -46.85 45.00
CA VAL D 179 2.13 -47.02 45.46
C VAL D 179 1.24 -47.38 44.28
N THR D 180 0.22 -48.18 44.53
CA THR D 180 -0.55 -48.82 43.47
C THR D 180 -2.06 -48.69 43.67
N CYS D 181 -2.77 -48.32 42.60
CA CYS D 181 -4.23 -48.24 42.59
C CYS D 181 -4.84 -49.36 41.75
N VAL D 182 -6.07 -49.75 42.09
CA VAL D 182 -6.74 -50.86 41.41
C VAL D 182 -8.07 -50.39 40.84
N GLY D 183 -8.14 -50.33 39.51
CA GLY D 183 -9.37 -50.03 38.81
C GLY D 183 -9.97 -51.29 38.24
N LYS D 184 -11.29 -51.39 38.28
CA LYS D 184 -11.98 -52.56 37.73
C LYS D 184 -13.38 -52.23 37.24
N ASN D 185 -13.81 -53.00 36.24
CA ASN D 185 -15.13 -52.89 35.63
C ASN D 185 -15.81 -54.25 35.64
N ASP D 186 -16.46 -54.56 36.76
CA ASP D 186 -17.03 -55.89 36.99
C ASP D 186 -15.82 -56.85 36.92
N LYS D 187 -15.87 -57.87 36.08
CA LYS D 187 -14.80 -58.86 35.99
C LYS D 187 -13.48 -58.23 35.54
N GLU D 188 -13.56 -57.30 34.58
CA GLU D 188 -12.37 -56.63 34.05
C GLU D 188 -11.63 -55.92 35.18
N GLU D 189 -10.30 -56.00 35.14
CA GLU D 189 -9.46 -55.40 36.17
C GLU D 189 -8.12 -54.86 35.62
N ALA D 190 -7.65 -53.77 36.21
CA ALA D 190 -6.36 -53.19 35.84
C ALA D 190 -5.79 -52.32 36.97
N HIS D 191 -4.47 -52.13 36.97
CA HIS D 191 -3.77 -51.40 38.03
C HIS D 191 -2.97 -50.23 37.47
N GLY D 192 -2.61 -49.32 38.37
CA GLY D 192 -1.74 -48.21 38.07
C GLY D 192 -0.71 -48.05 39.18
N VAL D 193 0.56 -48.08 38.83
CA VAL D 193 1.65 -47.93 39.80
C VAL D 193 2.33 -46.59 39.63
N TYR D 194 2.47 -45.83 40.71
CA TYR D 194 3.31 -44.66 40.67
C TYR D 194 4.67 -44.99 41.27
N VAL D 195 5.73 -44.87 40.46
CA VAL D 195 7.08 -45.24 40.89
C VAL D 195 7.84 -44.09 41.56
N SER D 196 8.13 -43.04 40.81
CA SER D 196 8.91 -41.90 41.34
C SER D 196 8.46 -40.54 40.80
N GLY D 197 8.77 -39.50 41.57
CA GLY D 197 8.46 -38.11 41.22
C GLY D 197 9.52 -37.57 40.27
N TYR D 198 9.52 -36.26 40.01
CA TYR D 198 10.55 -35.71 39.13
C TYR D 198 11.90 -35.63 39.85
N LEU D 199 11.90 -35.08 41.06
CA LEU D 199 13.09 -35.06 41.92
C LEU D 199 12.70 -35.49 43.33
N SER D 200 13.66 -36.09 44.03
CA SER D 200 13.47 -36.54 45.40
C SER D 200 12.53 -37.74 45.46
N VAL E 1 -54.49 0.76 -3.68
CA VAL E 1 -53.64 0.21 -4.72
C VAL E 1 -53.25 -1.22 -4.40
N THR E 2 -52.46 -1.83 -5.29
CA THR E 2 -52.02 -3.21 -5.16
C THR E 2 -50.65 -3.30 -5.84
N ALA E 3 -49.76 -4.13 -5.31
CA ALA E 3 -48.46 -4.36 -5.96
C ALA E 3 -47.77 -5.64 -5.51
N PHE E 4 -46.92 -6.20 -6.38
CA PHE E 4 -46.27 -7.47 -6.09
C PHE E 4 -45.05 -7.34 -5.18
N LEU E 5 -44.55 -8.49 -4.74
CA LEU E 5 -43.39 -8.59 -3.86
C LEU E 5 -42.12 -8.03 -4.54
N GLY E 6 -41.38 -7.21 -3.81
CA GLY E 6 -40.13 -6.65 -4.28
C GLY E 6 -40.23 -5.36 -5.08
N GLU E 7 -41.44 -5.01 -5.50
CA GLU E 7 -41.64 -3.90 -6.43
C GLU E 7 -41.57 -2.54 -5.75
N ARG E 8 -41.29 -1.50 -6.54
CA ARG E 8 -41.31 -0.13 -6.06
C ARG E 8 -42.71 0.44 -6.29
N VAL E 9 -43.49 0.47 -5.22
CA VAL E 9 -44.90 0.92 -5.28
C VAL E 9 -45.11 2.26 -4.60
N THR E 10 -46.01 3.06 -5.19
CA THR E 10 -46.27 4.42 -4.73
C THR E 10 -47.71 4.60 -4.27
N LEU E 11 -47.89 5.28 -3.15
CA LEU E 11 -49.21 5.69 -2.68
C LEU E 11 -49.30 7.21 -2.76
N THR E 12 -50.50 7.74 -2.93
CA THR E 12 -50.66 9.19 -3.11
C THR E 12 -51.76 9.84 -2.29
N SER E 13 -51.55 11.14 -2.04
CA SER E 13 -52.52 11.99 -1.38
C SER E 13 -52.32 13.38 -1.97
N TYR E 14 -53.28 14.28 -1.78
CA TYR E 14 -53.22 15.58 -2.43
C TYR E 14 -54.07 16.61 -1.70
N TRP E 15 -53.68 17.87 -1.85
CA TRP E 15 -54.46 18.99 -1.35
C TRP E 15 -55.35 19.50 -2.49
N ARG E 16 -56.64 19.69 -2.21
CA ARG E 16 -57.60 20.08 -3.26
C ARG E 16 -57.19 21.37 -3.95
N ARG E 17 -56.78 22.35 -3.16
CA ARG E 17 -56.35 23.63 -3.71
C ARG E 17 -55.00 23.60 -4.39
N VAL E 18 -55.06 23.90 -5.68
CA VAL E 18 -53.92 23.87 -6.59
C VAL E 18 -52.91 25.00 -6.31
N SER E 19 -53.30 25.98 -5.48
CA SER E 19 -52.37 27.02 -5.05
C SER E 19 -51.24 26.49 -4.17
N LEU E 20 -51.53 25.45 -3.39
CA LEU E 20 -50.66 25.02 -2.29
C LEU E 20 -49.98 23.66 -2.48
N GLY E 21 -48.68 23.62 -2.21
CA GLY E 21 -47.93 22.37 -2.17
C GLY E 21 -47.04 22.20 -0.95
N PRO E 22 -45.96 23.00 -0.84
CA PRO E 22 -45.01 22.90 0.27
C PRO E 22 -45.61 23.23 1.63
N GLU E 23 -46.54 24.18 1.64
CA GLU E 23 -47.07 24.76 2.87
C GLU E 23 -47.75 23.73 3.78
N ILE E 24 -48.24 22.65 3.18
CA ILE E 24 -49.01 21.67 3.93
C ILE E 24 -48.08 20.83 4.81
N GLU E 25 -48.48 20.59 6.06
CA GLU E 25 -47.70 19.72 6.94
C GLU E 25 -48.13 18.26 6.78
N VAL E 26 -47.48 17.57 5.85
CA VAL E 26 -47.79 16.17 5.55
C VAL E 26 -47.05 15.20 6.46
N SER E 27 -47.76 14.13 6.85
CA SER E 27 -47.23 13.16 7.79
C SER E 27 -47.94 11.81 7.62
N TRP E 28 -47.24 10.82 7.10
CA TRP E 28 -47.83 9.51 6.82
C TRP E 28 -47.73 8.58 8.04
N PHE E 29 -48.72 7.71 8.20
CA PHE E 29 -48.72 6.72 9.28
C PHE E 29 -49.07 5.35 8.72
N LYS E 30 -48.48 4.30 9.27
CA LYS E 30 -48.91 2.93 8.98
C LYS E 30 -49.91 2.52 10.05
N LEU E 31 -51.08 2.07 9.64
CA LEU E 31 -52.07 1.60 10.60
C LEU E 31 -51.72 0.18 11.01
N GLY E 32 -51.14 0.05 12.21
CA GLY E 32 -50.94 -1.25 12.81
C GLY E 32 -52.27 -1.79 13.30
N PRO E 33 -52.38 -3.12 13.45
CA PRO E 33 -53.69 -3.67 13.84
C PRO E 33 -54.18 -3.09 15.16
N GLY E 34 -55.49 -3.10 15.38
CA GLY E 34 -56.07 -2.60 16.60
C GLY E 34 -56.05 -1.08 16.67
N GLU E 35 -56.38 -0.45 15.55
CA GLU E 35 -56.53 1.01 15.48
C GLU E 35 -55.24 1.76 15.83
N GLU E 36 -54.10 1.12 15.62
CA GLU E 36 -52.83 1.71 16.00
C GLU E 36 -52.36 2.72 14.97
N GLN E 37 -51.41 3.57 15.34
CA GLN E 37 -50.90 4.61 14.44
C GLN E 37 -49.39 4.80 14.61
N VAL E 38 -48.62 4.29 13.65
CA VAL E 38 -47.16 4.39 13.70
C VAL E 38 -46.65 5.40 12.68
N LEU E 39 -45.89 6.39 13.14
CA LEU E 39 -45.39 7.44 12.27
C LEU E 39 -44.28 6.94 11.35
N ILE E 40 -44.46 7.11 10.05
CA ILE E 40 -43.48 6.70 9.05
C ILE E 40 -42.57 7.84 8.68
N GLY E 41 -43.14 9.01 8.40
CA GLY E 41 -42.34 10.17 8.03
C GLY E 41 -43.15 11.45 7.97
N ARG E 42 -42.44 12.58 7.92
CA ARG E 42 -43.06 13.90 7.88
C ARG E 42 -42.43 14.79 6.80
N MET E 43 -43.22 15.71 6.27
CA MET E 43 -42.75 16.63 5.24
C MET E 43 -43.43 17.99 5.37
N HIS E 44 -42.64 19.05 5.33
CA HIS E 44 -43.18 20.40 5.43
C HIS E 44 -42.17 21.40 4.87
N HIS E 45 -42.64 22.32 4.03
CA HIS E 45 -41.76 23.29 3.36
C HIS E 45 -40.59 22.63 2.64
N ASP E 46 -40.89 21.52 1.96
CA ASP E 46 -39.90 20.75 1.21
C ASP E 46 -38.68 20.38 2.04
N VAL E 47 -38.94 19.81 3.21
CA VAL E 47 -37.92 19.08 3.96
C VAL E 47 -38.53 17.80 4.50
N ILE E 48 -38.07 16.67 3.97
CA ILE E 48 -38.61 15.37 4.33
C ILE E 48 -37.75 14.70 5.38
N PHE E 49 -38.39 13.91 6.24
CA PHE E 49 -37.69 13.10 7.22
C PHE E 49 -38.47 11.83 7.50
N ILE E 50 -37.85 10.70 7.21
CA ILE E 50 -38.46 9.40 7.45
C ILE E 50 -37.91 8.86 8.76
N GLU E 51 -38.76 8.26 9.57
CA GLU E 51 -38.32 7.69 10.85
C GLU E 51 -37.34 6.56 10.63
N TRP E 52 -36.39 6.42 11.57
CA TRP E 52 -35.31 5.45 11.46
C TRP E 52 -35.73 3.99 11.29
N PRO E 53 -36.84 3.58 11.95
CA PRO E 53 -37.28 2.20 11.73
C PRO E 53 -37.77 1.94 10.30
N PHE E 54 -38.36 2.94 9.66
CA PHE E 54 -38.83 2.81 8.27
C PHE E 54 -37.84 3.37 7.24
N ARG E 55 -36.68 3.86 7.69
CA ARG E 55 -35.73 4.55 6.80
C ARG E 55 -35.21 3.59 5.73
N GLY E 56 -35.35 3.98 4.47
CA GLY E 56 -34.81 3.20 3.37
C GLY E 56 -35.74 2.13 2.84
N PHE E 57 -36.88 1.94 3.50
CA PHE E 57 -37.95 1.10 2.95
C PHE E 57 -39.03 2.00 2.38
N PHE E 58 -39.26 3.13 3.04
CA PHE E 58 -40.16 4.17 2.56
C PHE E 58 -39.40 5.45 2.26
N ASP E 59 -40.05 6.33 1.50
CA ASP E 59 -39.54 7.68 1.26
C ASP E 59 -40.72 8.54 0.82
N ILE E 60 -40.62 9.85 1.05
CA ILE E 60 -41.68 10.77 0.66
C ILE E 60 -41.09 11.88 -0.21
N HIS E 61 -41.88 12.33 -1.17
CA HIS E 61 -41.53 13.52 -1.95
C HIS E 61 -42.80 14.23 -2.42
N ARG E 62 -42.64 15.38 -3.07
CA ARG E 62 -43.76 16.21 -3.50
C ARG E 62 -43.57 16.78 -4.90
N SER E 63 -44.70 16.96 -5.58
CA SER E 63 -44.76 17.74 -6.80
C SER E 63 -46.12 18.44 -6.85
N ALA E 64 -46.09 19.76 -6.99
CA ALA E 64 -47.33 20.54 -7.07
C ALA E 64 -48.23 20.26 -5.83
N ASN E 65 -49.53 20.09 -6.00
CA ASN E 65 -50.43 19.81 -4.88
C ASN E 65 -50.53 18.33 -4.52
N THR E 66 -49.56 17.52 -4.95
CA THR E 66 -49.56 16.08 -4.71
C THR E 66 -48.43 15.61 -3.80
N PHE E 67 -48.76 14.62 -2.97
CA PHE E 67 -47.83 14.07 -2.00
C PHE E 67 -47.69 12.56 -2.19
N PHE E 68 -46.46 12.08 -2.29
CA PHE E 68 -46.19 10.66 -2.59
C PHE E 68 -45.53 9.94 -1.44
N LEU E 69 -45.96 8.71 -1.20
CA LEU E 69 -45.26 7.80 -0.31
C LEU E 69 -44.74 6.64 -1.14
N VAL E 70 -43.44 6.66 -1.43
CA VAL E 70 -42.81 5.60 -2.20
C VAL E 70 -42.36 4.47 -1.28
N VAL E 71 -42.79 3.25 -1.58
CA VAL E 71 -42.21 2.08 -0.93
C VAL E 71 -41.12 1.60 -1.87
N THR E 72 -39.86 1.78 -1.48
CA THR E 72 -38.75 1.51 -2.38
C THR E 72 -38.67 0.02 -2.75
N ALA E 73 -39.12 -0.84 -1.84
CA ALA E 73 -39.24 -2.27 -2.11
C ALA E 73 -40.29 -2.91 -1.20
N ALA E 74 -41.32 -3.50 -1.81
CA ALA E 74 -42.47 -4.02 -1.08
C ALA E 74 -42.21 -5.41 -0.49
N ASN E 75 -42.65 -5.61 0.75
CA ASN E 75 -42.65 -6.93 1.38
C ASN E 75 -43.96 -7.14 2.12
N ILE E 76 -44.16 -8.33 2.66
CA ILE E 76 -45.48 -8.75 3.16
C ILE E 76 -45.89 -7.94 4.39
N SER E 77 -44.91 -7.46 5.15
CA SER E 77 -45.17 -6.58 6.29
C SER E 77 -45.95 -5.34 5.86
N HIS E 78 -45.74 -4.91 4.61
CA HIS E 78 -46.36 -3.68 4.10
C HIS E 78 -47.83 -3.79 3.69
N ASP E 79 -48.40 -4.99 3.64
CA ASP E 79 -49.84 -5.12 3.37
C ASP E 79 -50.61 -4.53 4.56
N GLY E 80 -51.50 -3.59 4.28
CA GLY E 80 -52.28 -2.93 5.33
C GLY E 80 -52.65 -1.51 4.93
N ASN E 81 -53.49 -0.86 5.74
CA ASN E 81 -53.90 0.51 5.42
C ASN E 81 -52.85 1.51 5.88
N TYR E 82 -52.83 2.63 5.16
CA TYR E 82 -51.93 3.74 5.45
C TYR E 82 -52.74 5.01 5.55
N LEU E 83 -52.32 5.89 6.43
CA LEU E 83 -53.05 7.11 6.73
C LEU E 83 -52.14 8.30 6.49
N CYS E 84 -52.69 9.32 5.82
CA CYS E 84 -51.97 10.55 5.58
C CYS E 84 -52.66 11.71 6.24
N ARG E 85 -51.93 12.38 7.13
CA ARG E 85 -52.42 13.58 7.77
C ARG E 85 -51.75 14.80 7.17
N MET E 86 -52.58 15.64 6.56
CA MET E 86 -52.14 16.90 5.95
C MET E 86 -52.80 18.07 6.65
N LYS E 87 -51.99 18.88 7.35
CA LYS E 87 -52.51 20.02 8.09
C LYS E 87 -52.08 21.35 7.50
N LEU E 88 -52.94 22.35 7.68
CA LEU E 88 -52.65 23.73 7.30
C LEU E 88 -53.13 24.62 8.41
N GLY E 89 -52.30 24.74 9.45
CA GLY E 89 -52.72 25.48 10.62
C GLY E 89 -53.94 24.83 11.24
N GLU E 90 -55.01 25.62 11.33
CA GLU E 90 -56.25 25.23 11.98
C GLU E 90 -56.95 24.03 11.35
N THR E 91 -56.95 24.01 10.01
CA THR E 91 -57.63 22.96 9.23
C THR E 91 -56.69 21.77 8.97
N GLU E 92 -57.24 20.55 9.07
CA GLU E 92 -56.46 19.33 8.86
C GLU E 92 -57.32 18.26 8.18
N VAL E 93 -56.77 17.62 7.15
CA VAL E 93 -57.48 16.58 6.42
C VAL E 93 -56.77 15.23 6.54
N THR E 94 -57.55 14.17 6.69
CA THR E 94 -57.03 12.82 6.93
C THR E 94 -57.46 11.89 5.80
N LYS E 95 -56.52 11.58 4.89
CA LYS E 95 -56.81 10.71 3.75
C LYS E 95 -56.20 9.32 3.89
N GLN E 96 -57.05 8.31 3.82
CA GLN E 96 -56.62 6.91 3.90
C GLN E 96 -56.20 6.36 2.54
N GLU E 97 -55.46 5.24 2.56
CA GLU E 97 -55.01 4.60 1.33
C GLU E 97 -54.59 3.16 1.66
N HIS E 98 -55.26 2.19 1.05
CA HIS E 98 -54.92 0.77 1.27
C HIS E 98 -53.88 0.26 0.27
N LEU E 99 -53.10 -0.74 0.69
CA LEU E 99 -52.14 -1.41 -0.18
C LEU E 99 -52.20 -2.92 0.03
N SER E 100 -52.49 -3.65 -1.03
CA SER E 100 -52.38 -5.11 -1.01
C SER E 100 -51.06 -5.54 -1.63
N VAL E 101 -50.28 -6.31 -0.88
CA VAL E 101 -49.07 -6.93 -1.44
C VAL E 101 -49.38 -8.35 -1.84
N VAL E 102 -48.77 -8.78 -2.95
CA VAL E 102 -49.07 -10.07 -3.55
C VAL E 102 -47.79 -10.84 -3.87
N LYS E 103 -47.79 -12.13 -3.57
CA LYS E 103 -46.69 -13.02 -3.94
C LYS E 103 -47.14 -13.95 -5.07
N PRO E 104 -46.42 -13.98 -6.20
CA PRO E 104 -46.88 -14.86 -7.29
C PRO E 104 -46.74 -16.33 -6.90
N LEU E 105 -47.84 -17.07 -6.92
CA LEU E 105 -47.87 -18.43 -6.38
C LEU E 105 -46.78 -19.30 -6.99
N THR E 106 -46.31 -20.25 -6.18
CA THR E 106 -45.23 -21.14 -6.58
C THR E 106 -45.70 -22.59 -6.42
N LEU E 107 -46.19 -23.18 -7.51
CA LEU E 107 -46.70 -24.56 -7.50
C LEU E 107 -45.59 -25.59 -7.67
N SER E 108 -45.48 -26.53 -6.74
CA SER E 108 -44.49 -27.60 -6.80
C SER E 108 -45.12 -29.01 -6.79
N VAL E 109 -44.53 -29.95 -7.54
CA VAL E 109 -44.93 -31.37 -7.48
C VAL E 109 -43.79 -32.38 -7.45
N HIS E 110 -43.84 -33.40 -6.58
CA HIS E 110 -42.99 -34.58 -6.74
C HIS E 110 -43.64 -35.88 -6.23
N SER E 111 -43.34 -37.01 -6.85
CA SER E 111 -43.92 -38.29 -6.39
C SER E 111 -43.05 -38.95 -5.33
N GLU E 112 -43.62 -39.98 -4.70
CA GLU E 112 -42.89 -40.94 -3.88
C GLU E 112 -43.73 -42.19 -3.89
N ARG E 113 -43.06 -43.34 -3.83
CA ARG E 113 -43.73 -44.59 -3.55
C ARG E 113 -43.52 -45.02 -2.10
N SER E 114 -44.54 -45.64 -1.51
CA SER E 114 -44.47 -46.11 -0.14
C SER E 114 -43.39 -47.18 -0.01
N GLN E 115 -42.71 -47.21 1.13
CA GLN E 115 -41.66 -48.19 1.38
C GLN E 115 -42.19 -49.40 2.17
N PHE E 116 -43.41 -49.32 2.68
CA PHE E 116 -43.98 -50.42 3.46
C PHE E 116 -45.52 -50.35 3.38
N PRO E 117 -46.19 -51.53 3.35
CA PRO E 117 -45.63 -52.88 3.25
C PRO E 117 -45.22 -53.26 1.83
N ASP E 118 -45.50 -52.40 0.85
CA ASP E 118 -45.18 -52.68 -0.53
C ASP E 118 -44.84 -51.36 -1.22
N PHE E 119 -44.53 -51.44 -2.51
CA PHE E 119 -44.17 -50.27 -3.29
C PHE E 119 -45.25 -50.02 -4.32
N SER E 120 -46.49 -50.24 -3.90
CA SER E 120 -47.67 -50.02 -4.73
C SER E 120 -48.29 -48.65 -4.46
N VAL E 121 -48.36 -48.25 -3.19
CA VAL E 121 -49.05 -47.02 -2.84
C VAL E 121 -48.22 -45.79 -3.26
N LEU E 122 -48.47 -45.27 -4.46
CA LEU E 122 -47.78 -44.07 -4.93
C LEU E 122 -48.43 -42.81 -4.37
N THR E 123 -47.66 -42.05 -3.61
CA THR E 123 -48.13 -40.82 -2.99
C THR E 123 -47.50 -39.63 -3.71
N VAL E 124 -48.34 -38.71 -4.18
CA VAL E 124 -47.87 -37.46 -4.79
C VAL E 124 -48.24 -36.25 -3.94
N THR E 125 -47.42 -35.21 -3.99
CA THR E 125 -47.59 -34.01 -3.19
C THR E 125 -47.65 -32.77 -4.06
N CYS E 126 -48.79 -32.07 -4.05
CA CYS E 126 -48.89 -30.77 -4.73
C CYS E 126 -48.81 -29.66 -3.68
N THR E 127 -47.89 -28.73 -3.90
CA THR E 127 -47.61 -27.65 -2.94
C THR E 127 -47.70 -26.27 -3.59
N VAL E 128 -48.18 -25.28 -2.83
CA VAL E 128 -48.24 -23.90 -3.31
C VAL E 128 -47.90 -22.87 -2.23
N ASN E 129 -46.95 -21.99 -2.57
CA ASN E 129 -46.51 -20.92 -1.68
C ASN E 129 -46.86 -19.57 -2.33
N ALA E 130 -47.92 -18.93 -1.83
CA ALA E 130 -48.37 -17.65 -2.36
C ALA E 130 -48.82 -16.69 -1.26
N PHE E 131 -49.33 -15.54 -1.67
CA PHE E 131 -49.90 -14.56 -0.75
C PHE E 131 -50.92 -13.70 -1.50
N PRO E 132 -52.08 -13.40 -0.86
CA PRO E 132 -52.49 -13.66 0.52
C PRO E 132 -53.34 -14.91 0.75
N HIS E 133 -53.94 -15.49 -0.28
CA HIS E 133 -54.83 -16.63 -0.12
C HIS E 133 -54.45 -17.80 -1.02
N PRO E 134 -53.41 -18.56 -0.65
CA PRO E 134 -53.10 -19.76 -1.44
C PRO E 134 -54.05 -20.92 -1.13
N HIS E 135 -54.28 -21.78 -2.10
CA HIS E 135 -55.22 -22.88 -1.95
C HIS E 135 -54.96 -23.98 -2.97
N VAL E 136 -54.71 -25.20 -2.47
CA VAL E 136 -54.39 -26.34 -3.33
C VAL E 136 -55.47 -27.41 -3.21
N GLN E 137 -55.72 -28.11 -4.31
CA GLN E 137 -56.78 -29.10 -4.38
C GLN E 137 -56.48 -30.14 -5.45
N TRP E 138 -56.72 -31.41 -5.11
CA TRP E 138 -56.50 -32.51 -6.03
C TRP E 138 -57.82 -32.85 -6.76
N LEU E 139 -57.75 -32.93 -8.09
CA LEU E 139 -58.90 -33.29 -8.93
C LEU E 139 -59.09 -34.79 -8.99
N MET E 140 -60.27 -35.24 -8.56
CA MET E 140 -60.60 -36.65 -8.56
C MET E 140 -60.60 -37.25 -9.96
N GLY E 153 -53.44 -29.66 3.44
CA GLY E 153 -52.81 -30.41 4.52
C GLY E 153 -52.51 -29.46 5.65
N GLY E 154 -51.24 -29.13 5.82
CA GLY E 154 -50.80 -28.23 6.87
C GLY E 154 -50.56 -26.82 6.35
N VAL E 155 -51.19 -25.84 6.98
CA VAL E 155 -50.98 -24.43 6.61
C VAL E 155 -49.77 -23.95 7.38
N MET E 156 -48.70 -23.62 6.67
CA MET E 156 -47.46 -23.17 7.27
C MET E 156 -47.22 -21.70 6.92
N LYS E 157 -46.47 -20.98 7.77
CA LYS E 157 -46.08 -19.60 7.48
C LYS E 157 -44.56 -19.51 7.31
N GLU E 158 -44.13 -18.90 6.20
CA GLU E 158 -42.72 -18.83 5.86
C GLU E 158 -41.97 -17.66 6.51
N LYS E 159 -40.65 -17.64 6.32
CA LYS E 159 -39.81 -16.59 6.86
C LYS E 159 -40.13 -15.25 6.22
N ASP E 160 -40.31 -15.25 4.91
CA ASP E 160 -40.60 -14.03 4.16
C ASP E 160 -42.02 -13.51 4.40
N GLY E 161 -42.79 -14.19 5.25
CA GLY E 161 -44.11 -13.72 5.65
C GLY E 161 -45.21 -14.34 4.81
N SER E 162 -44.84 -14.99 3.71
CA SER E 162 -45.80 -15.63 2.83
C SER E 162 -46.39 -16.89 3.46
N LEU E 163 -47.44 -17.42 2.83
CA LEU E 163 -48.09 -18.63 3.30
C LEU E 163 -47.89 -19.79 2.33
N SER E 164 -47.74 -20.98 2.87
CA SER E 164 -47.64 -22.20 2.07
C SER E 164 -48.64 -23.26 2.53
N VAL E 165 -49.17 -24.02 1.59
CA VAL E 165 -49.97 -25.20 1.91
C VAL E 165 -49.82 -26.25 0.82
N ALA E 166 -49.92 -27.52 1.20
CA ALA E 166 -49.81 -28.64 0.26
C ALA E 166 -50.74 -29.77 0.67
N VAL E 167 -51.03 -30.65 -0.29
CA VAL E 167 -51.80 -31.86 0.00
C VAL E 167 -51.27 -33.09 -0.73
N ASP E 168 -51.37 -34.23 -0.05
CA ASP E 168 -50.91 -35.51 -0.61
C ASP E 168 -52.09 -36.32 -1.14
N LEU E 169 -51.81 -37.28 -2.00
CA LEU E 169 -52.85 -38.10 -2.61
C LEU E 169 -52.34 -39.52 -2.86
N SER E 170 -52.91 -40.49 -2.16
CA SER E 170 -52.48 -41.88 -2.27
C SER E 170 -53.24 -42.63 -3.36
N LEU E 171 -52.48 -43.23 -4.28
CA LEU E 171 -53.04 -43.99 -5.40
C LEU E 171 -52.52 -45.42 -5.42
N PRO E 172 -53.30 -46.38 -4.88
CA PRO E 172 -52.86 -47.78 -4.95
C PRO E 172 -52.86 -48.35 -6.37
N LYS E 173 -52.05 -49.39 -6.61
CA LYS E 173 -51.90 -49.98 -7.93
C LYS E 173 -53.25 -50.56 -8.40
N PRO E 174 -53.60 -50.37 -9.68
CA PRO E 174 -52.84 -49.65 -10.70
C PRO E 174 -52.97 -48.15 -10.54
N TRP E 175 -51.90 -47.42 -10.85
CA TRP E 175 -51.91 -45.97 -10.69
C TRP E 175 -52.79 -45.35 -11.76
N HIS E 176 -53.89 -44.72 -11.34
CA HIS E 176 -54.83 -44.11 -12.27
C HIS E 176 -54.32 -42.77 -12.81
N LEU E 177 -53.23 -42.84 -13.56
CA LEU E 177 -52.58 -41.67 -14.12
C LEU E 177 -53.12 -41.40 -15.52
N PRO E 178 -52.92 -40.17 -16.05
CA PRO E 178 -52.38 -39.00 -15.35
C PRO E 178 -53.37 -38.44 -14.34
N VAL E 179 -52.86 -37.74 -13.32
CA VAL E 179 -53.73 -37.14 -12.31
C VAL E 179 -53.22 -35.70 -12.12
N THR E 180 -54.14 -34.79 -11.82
CA THR E 180 -53.87 -33.35 -11.88
C THR E 180 -54.32 -32.58 -10.64
N CYS E 181 -53.45 -31.69 -10.14
CA CYS E 181 -53.77 -30.82 -9.00
C CYS E 181 -53.95 -29.38 -9.45
N VAL E 182 -54.75 -28.63 -8.70
CA VAL E 182 -55.09 -27.24 -9.05
C VAL E 182 -54.71 -26.29 -7.91
N GLY E 183 -53.68 -25.49 -8.15
CA GLY E 183 -53.27 -24.45 -7.22
C GLY E 183 -53.74 -23.08 -7.67
N LYS E 184 -54.15 -22.25 -6.71
CA LYS E 184 -54.58 -20.89 -7.03
C LYS E 184 -54.35 -19.92 -5.88
N ASN E 185 -54.15 -18.65 -6.24
CA ASN E 185 -53.95 -17.57 -5.30
C ASN E 185 -54.94 -16.46 -5.64
N ASP E 186 -56.16 -16.57 -5.12
CA ASP E 186 -57.26 -15.69 -5.48
C ASP E 186 -57.47 -15.84 -6.99
N LYS E 187 -57.43 -14.75 -7.77
CA LYS E 187 -57.67 -14.83 -9.21
C LYS E 187 -56.61 -15.66 -9.92
N GLU E 188 -55.34 -15.52 -9.51
CA GLU E 188 -54.25 -16.27 -10.12
C GLU E 188 -54.51 -17.79 -10.01
N GLU E 189 -54.20 -18.53 -11.08
CA GLU E 189 -54.42 -19.98 -11.11
C GLU E 189 -53.38 -20.73 -11.93
N ALA E 190 -53.04 -21.94 -11.49
CA ALA E 190 -52.10 -22.80 -12.22
C ALA E 190 -52.30 -24.28 -11.83
N HIS E 191 -51.88 -25.19 -12.72
CA HIS E 191 -52.07 -26.63 -12.52
C HIS E 191 -50.77 -27.42 -12.54
N GLY E 192 -50.83 -28.64 -12.03
CA GLY E 192 -49.71 -29.57 -12.09
C GLY E 192 -50.20 -30.95 -12.45
N VAL E 193 -49.67 -31.51 -13.54
CA VAL E 193 -50.04 -32.85 -13.99
C VAL E 193 -48.88 -33.82 -13.78
N TYR E 194 -49.17 -34.94 -13.14
CA TYR E 194 -48.21 -36.05 -13.08
C TYR E 194 -48.53 -37.09 -14.14
N VAL E 195 -47.59 -37.31 -15.07
CA VAL E 195 -47.81 -38.22 -16.18
C VAL E 195 -47.45 -39.68 -15.89
N SER E 196 -46.16 -39.96 -15.64
CA SER E 196 -45.71 -41.33 -15.40
C SER E 196 -44.58 -41.46 -14.37
N GLY E 197 -44.47 -42.65 -13.78
CA GLY E 197 -43.45 -42.96 -12.80
C GLY E 197 -42.13 -43.30 -13.49
N TYR E 198 -41.15 -43.81 -12.75
CA TYR E 198 -39.87 -44.18 -13.35
C TYR E 198 -40.00 -45.50 -14.14
N LEU E 199 -40.63 -46.50 -13.51
CA LEU E 199 -40.96 -47.78 -14.15
C LEU E 199 -42.42 -48.12 -13.84
N VAL F 1 -23.37 20.03 -4.53
CA VAL F 1 -24.04 20.17 -3.25
C VAL F 1 -23.22 19.53 -2.14
N THR F 2 -23.72 19.59 -0.91
CA THR F 2 -23.02 19.06 0.27
C THR F 2 -24.02 18.60 1.30
N ALA F 3 -23.67 17.55 2.03
CA ALA F 3 -24.52 17.11 3.13
C ALA F 3 -23.90 16.21 4.20
N PHE F 4 -24.48 16.27 5.39
CA PHE F 4 -23.95 15.54 6.53
C PHE F 4 -24.34 14.06 6.56
N LEU F 5 -23.69 13.35 7.47
CA LEU F 5 -23.90 11.92 7.69
C LEU F 5 -25.32 11.58 8.13
N GLY F 6 -25.92 10.57 7.50
CA GLY F 6 -27.25 10.09 7.88
C GLY F 6 -28.44 10.80 7.25
N GLU F 7 -28.20 11.95 6.64
CA GLU F 7 -29.29 12.82 6.18
C GLU F 7 -29.95 12.40 4.87
N ARG F 8 -31.19 12.84 4.65
CA ARG F 8 -31.86 12.61 3.36
C ARG F 8 -31.66 13.79 2.41
N VAL F 9 -30.70 13.62 1.50
CA VAL F 9 -30.31 14.65 0.54
C VAL F 9 -30.63 14.35 -0.92
N THR F 10 -30.96 15.40 -1.66
CA THR F 10 -31.40 15.25 -3.05
C THR F 10 -30.47 15.97 -4.04
N LEU F 11 -30.16 15.29 -5.15
CA LEU F 11 -29.42 15.88 -6.28
C LEU F 11 -30.37 16.05 -7.46
N THR F 12 -30.07 17.03 -8.32
CA THR F 12 -30.96 17.35 -9.45
C THR F 12 -30.33 17.55 -10.82
N SER F 13 -31.17 17.31 -11.84
CA SER F 13 -30.85 17.55 -13.24
C SER F 13 -32.18 17.92 -13.90
N TYR F 14 -32.12 18.48 -15.10
CA TYR F 14 -33.33 19.00 -15.74
C TYR F 14 -33.20 19.08 -17.24
N TRP F 15 -34.34 18.99 -17.92
CA TRP F 15 -34.38 19.22 -19.35
C TRP F 15 -34.75 20.68 -19.56
N ARG F 16 -33.96 21.33 -20.40
CA ARG F 16 -34.08 22.75 -20.70
C ARG F 16 -35.46 23.14 -21.25
N ARG F 17 -35.98 22.36 -22.18
CA ARG F 17 -37.29 22.64 -22.78
C ARG F 17 -38.45 22.32 -21.80
N VAL F 18 -39.26 23.30 -21.42
CA VAL F 18 -40.34 23.08 -20.43
C VAL F 18 -41.50 22.21 -20.95
N SER F 19 -41.55 21.92 -22.25
CA SER F 19 -42.54 20.99 -22.78
C SER F 19 -42.42 19.56 -22.27
N LEU F 20 -41.20 19.12 -22.00
CA LEU F 20 -40.91 17.71 -21.80
C LEU F 20 -40.50 17.32 -20.38
N GLY F 21 -41.12 16.26 -19.87
CA GLY F 21 -40.72 15.67 -18.60
C GLY F 21 -40.55 14.16 -18.63
N PRO F 22 -41.67 13.42 -18.78
CA PRO F 22 -41.64 11.95 -18.79
C PRO F 22 -40.87 11.37 -19.97
N GLU F 23 -40.96 12.06 -21.11
CA GLU F 23 -40.46 11.55 -22.38
C GLU F 23 -38.96 11.27 -22.36
N ILE F 24 -38.25 11.97 -21.49
CA ILE F 24 -36.79 11.89 -21.45
C ILE F 24 -36.38 10.56 -20.82
N GLU F 25 -35.40 9.90 -21.41
CA GLU F 25 -34.84 8.67 -20.84
C GLU F 25 -33.73 9.01 -19.85
N VAL F 26 -34.09 9.21 -18.60
CA VAL F 26 -33.13 9.57 -17.56
C VAL F 26 -32.49 8.35 -16.92
N SER F 27 -31.20 8.46 -16.64
CA SER F 27 -30.43 7.35 -16.10
C SER F 27 -29.20 7.88 -15.35
N TRP F 28 -29.21 7.74 -14.03
CA TRP F 28 -28.14 8.24 -13.17
C TRP F 28 -27.02 7.20 -13.01
N PHE F 29 -25.79 7.68 -12.87
CA PHE F 29 -24.62 6.82 -12.64
C PHE F 29 -23.76 7.37 -11.50
N LYS F 30 -23.16 6.49 -10.70
CA LYS F 30 -22.15 6.91 -9.74
C LYS F 30 -20.77 6.74 -10.39
N LEU F 31 -19.97 7.80 -10.37
CA LEU F 31 -18.63 7.71 -10.90
C LEU F 31 -17.69 7.08 -9.89
N GLY F 32 -17.37 5.81 -10.12
CA GLY F 32 -16.35 5.13 -9.36
C GLY F 32 -15.02 5.68 -9.84
N PRO F 33 -13.96 5.60 -9.00
CA PRO F 33 -12.68 6.19 -9.40
C PRO F 33 -12.17 5.59 -10.71
N GLY F 34 -11.32 6.33 -11.42
CA GLY F 34 -10.75 5.85 -12.67
C GLY F 34 -11.75 5.86 -13.82
N GLU F 35 -12.53 6.94 -13.92
CA GLU F 35 -13.44 7.15 -15.03
C GLU F 35 -14.51 6.05 -15.15
N GLU F 36 -14.83 5.41 -14.04
CA GLU F 36 -15.76 4.30 -14.07
C GLU F 36 -17.19 4.83 -14.10
N GLN F 37 -18.14 3.97 -14.49
CA GLN F 37 -19.55 4.35 -14.58
C GLN F 37 -20.45 3.22 -14.08
N VAL F 38 -21.01 3.39 -12.89
CA VAL F 38 -21.88 2.38 -12.29
C VAL F 38 -23.34 2.85 -12.33
N LEU F 39 -24.20 2.02 -12.91
CA LEU F 39 -25.61 2.39 -13.06
C LEU F 39 -26.35 2.32 -11.74
N ILE F 40 -26.99 3.43 -11.36
CA ILE F 40 -27.76 3.50 -10.12
C ILE F 40 -29.25 3.24 -10.37
N GLY F 41 -29.80 3.89 -11.39
CA GLY F 41 -31.21 3.71 -11.72
C GLY F 41 -31.61 4.38 -13.03
N ARG F 42 -32.80 4.01 -13.52
CA ARG F 42 -33.32 4.53 -14.78
C ARG F 42 -34.78 4.96 -14.65
N MET F 43 -35.19 5.94 -15.46
CA MET F 43 -36.57 6.44 -15.45
C MET F 43 -36.98 6.87 -16.84
N HIS F 44 -38.16 6.43 -17.26
CA HIS F 44 -38.68 6.78 -18.58
C HIS F 44 -40.20 6.57 -18.59
N HIS F 45 -40.93 7.57 -19.11
CA HIS F 45 -42.39 7.55 -19.12
C HIS F 45 -42.96 7.28 -17.74
N ASP F 46 -42.36 7.91 -16.73
CA ASP F 46 -42.78 7.77 -15.34
C ASP F 46 -42.87 6.32 -14.90
N VAL F 47 -41.80 5.56 -15.15
CA VAL F 47 -41.62 4.28 -14.49
C VAL F 47 -40.16 4.20 -14.05
N ILE F 48 -39.94 4.21 -12.75
CA ILE F 48 -38.59 4.23 -12.19
C ILE F 48 -38.14 2.84 -11.77
N PHE F 49 -36.84 2.60 -11.89
CA PHE F 49 -36.24 1.36 -11.42
C PHE F 49 -34.81 1.60 -10.97
N ILE F 50 -34.55 1.31 -9.69
CA ILE F 50 -33.22 1.45 -9.11
C ILE F 50 -32.57 0.08 -9.09
N GLU F 51 -31.28 0.02 -9.39
CA GLU F 51 -30.56 -1.24 -9.39
C GLU F 51 -30.51 -1.82 -7.97
N TRP F 52 -30.52 -3.15 -7.88
CA TRP F 52 -30.59 -3.84 -6.59
C TRP F 52 -29.45 -3.55 -5.59
N PRO F 53 -28.22 -3.32 -6.08
CA PRO F 53 -27.17 -2.95 -5.13
C PRO F 53 -27.40 -1.58 -4.49
N PHE F 54 -28.01 -0.67 -5.22
CA PHE F 54 -28.33 0.67 -4.70
C PHE F 54 -29.77 0.79 -4.17
N ARG F 55 -30.53 -0.30 -4.21
CA ARG F 55 -31.96 -0.26 -3.87
C ARG F 55 -32.11 0.12 -2.41
N GLY F 56 -32.89 1.17 -2.14
CA GLY F 56 -33.19 1.56 -0.78
C GLY F 56 -32.19 2.51 -0.15
N PHE F 57 -31.10 2.80 -0.85
CA PHE F 57 -30.20 3.88 -0.46
C PHE F 57 -30.44 5.09 -1.36
N PHE F 58 -30.73 4.83 -2.63
CA PHE F 58 -31.13 5.85 -3.58
C PHE F 58 -32.56 5.63 -4.08
N ASP F 59 -33.13 6.68 -4.67
CA ASP F 59 -34.40 6.60 -5.35
C ASP F 59 -34.46 7.80 -6.30
N ILE F 60 -35.23 7.68 -7.38
CA ILE F 60 -35.37 8.76 -8.34
C ILE F 60 -36.86 9.05 -8.51
N HIS F 61 -37.19 10.33 -8.73
CA HIS F 61 -38.55 10.71 -9.10
C HIS F 61 -38.53 11.96 -9.98
N ARG F 62 -39.69 12.37 -10.46
CA ARG F 62 -39.79 13.50 -11.39
C ARG F 62 -40.94 14.44 -11.08
N SER F 63 -40.72 15.71 -11.40
CA SER F 63 -41.78 16.70 -11.46
C SER F 63 -41.44 17.68 -12.57
N ALA F 64 -42.37 17.85 -13.52
CA ALA F 64 -42.18 18.77 -14.63
C ALA F 64 -40.88 18.44 -15.40
N ASN F 65 -40.08 19.44 -15.77
CA ASN F 65 -38.84 19.20 -16.50
C ASN F 65 -37.64 18.92 -15.60
N THR F 66 -37.89 18.55 -14.35
CA THR F 66 -36.84 18.31 -13.36
C THR F 66 -36.76 16.86 -12.93
N PHE F 67 -35.54 16.40 -12.72
CA PHE F 67 -35.27 15.02 -12.34
C PHE F 67 -34.45 15.00 -11.05
N PHE F 68 -34.90 14.23 -10.06
CA PHE F 68 -34.27 14.20 -8.74
C PHE F 68 -33.65 12.86 -8.42
N LEU F 69 -32.46 12.89 -7.81
CA LEU F 69 -31.89 11.68 -7.22
C LEU F 69 -31.80 11.88 -5.71
N VAL F 70 -32.74 11.29 -4.99
CA VAL F 70 -32.77 11.37 -3.53
C VAL F 70 -31.93 10.24 -2.92
N VAL F 71 -30.97 10.59 -2.06
CA VAL F 71 -30.28 9.60 -1.24
C VAL F 71 -31.00 9.52 0.11
N THR F 72 -31.67 8.39 0.33
CA THR F 72 -32.53 8.24 1.50
C THR F 72 -31.73 8.33 2.81
N ALA F 73 -30.46 7.93 2.77
CA ALA F 73 -29.57 8.11 3.91
C ALA F 73 -28.11 8.15 3.47
N ALA F 74 -27.44 9.27 3.76
CA ALA F 74 -26.09 9.51 3.28
C ALA F 74 -25.05 8.81 4.15
N ASN F 75 -24.05 8.21 3.52
CA ASN F 75 -22.89 7.66 4.21
C ASN F 75 -21.63 8.03 3.43
N ILE F 76 -20.46 7.70 3.97
CA ILE F 76 -19.23 8.25 3.43
C ILE F 76 -18.93 7.71 2.03
N SER F 77 -19.40 6.51 1.76
CA SER F 77 -19.28 5.94 0.42
C SER F 77 -19.88 6.82 -0.66
N HIS F 78 -20.90 7.57 -0.30
CA HIS F 78 -21.64 8.38 -1.28
C HIS F 78 -20.91 9.66 -1.67
N ASP F 79 -19.83 10.01 -0.96
CA ASP F 79 -19.02 11.15 -1.38
C ASP F 79 -18.39 10.79 -2.73
N GLY F 80 -18.59 11.64 -3.72
CA GLY F 80 -18.08 11.41 -5.06
C GLY F 80 -18.96 12.06 -6.09
N ASN F 81 -18.51 12.06 -7.34
CA ASN F 81 -19.26 12.67 -8.42
C ASN F 81 -20.36 11.74 -8.95
N TYR F 82 -21.43 12.34 -9.44
CA TYR F 82 -22.55 11.59 -10.03
C TYR F 82 -22.87 12.15 -11.41
N LEU F 83 -23.27 11.25 -12.31
CA LEU F 83 -23.51 11.61 -13.70
C LEU F 83 -24.92 11.23 -14.10
N CYS F 84 -25.60 12.14 -14.78
CA CYS F 84 -26.94 11.89 -15.29
C CYS F 84 -26.98 11.98 -16.81
N ARG F 85 -27.40 10.90 -17.48
CA ARG F 85 -27.59 10.92 -18.92
C ARG F 85 -29.07 10.99 -19.20
N MET F 86 -29.45 12.06 -19.89
CA MET F 86 -30.83 12.29 -20.28
C MET F 86 -30.91 12.26 -21.81
N LYS F 87 -31.57 11.25 -22.37
CA LYS F 87 -31.67 11.11 -23.82
C LYS F 87 -33.08 11.32 -24.36
N LEU F 88 -33.16 11.83 -25.59
CA LEU F 88 -34.44 11.96 -26.28
C LEU F 88 -34.20 11.53 -27.74
N GLY F 89 -34.21 10.22 -27.97
CA GLY F 89 -33.87 9.65 -29.27
C GLY F 89 -32.44 10.04 -29.62
N GLU F 90 -32.24 10.70 -30.75
CA GLU F 90 -30.87 11.05 -31.19
C GLU F 90 -30.14 12.01 -30.25
N THR F 91 -30.80 12.99 -29.67
CA THR F 91 -30.08 13.95 -28.84
C THR F 91 -29.99 13.44 -27.39
N GLU F 92 -28.81 13.63 -26.79
CA GLU F 92 -28.54 13.20 -25.42
C GLU F 92 -27.64 14.20 -24.68
N VAL F 93 -28.03 14.53 -23.45
CA VAL F 93 -27.27 15.47 -22.62
C VAL F 93 -26.78 14.78 -21.34
N THR F 94 -25.56 15.12 -20.94
CA THR F 94 -24.88 14.50 -19.81
C THR F 94 -24.58 15.57 -18.75
N LYS F 95 -25.35 15.58 -17.66
CA LYS F 95 -25.17 16.55 -16.58
C LYS F 95 -24.49 15.95 -15.35
N GLN F 96 -23.35 16.51 -14.95
CA GLN F 96 -22.64 16.04 -13.76
C GLN F 96 -23.17 16.74 -12.52
N GLU F 97 -22.86 16.18 -11.35
CA GLU F 97 -23.28 16.76 -10.08
C GLU F 97 -22.43 16.14 -8.97
N HIS F 98 -21.67 16.97 -8.25
CA HIS F 98 -20.84 16.48 -7.14
C HIS F 98 -21.57 16.50 -5.81
N LEU F 99 -21.17 15.60 -4.91
CA LEU F 99 -21.70 15.55 -3.56
C LEU F 99 -20.58 15.31 -2.56
N SER F 100 -20.43 16.24 -1.62
CA SER F 100 -19.53 16.04 -0.50
C SER F 100 -20.35 15.59 0.69
N VAL F 101 -19.99 14.45 1.26
CA VAL F 101 -20.61 14.00 2.50
C VAL F 101 -19.69 14.42 3.64
N VAL F 102 -20.28 14.82 4.77
CA VAL F 102 -19.51 15.38 5.88
C VAL F 102 -19.89 14.72 7.21
N LYS F 103 -18.88 14.42 8.04
CA LYS F 103 -19.11 13.92 9.39
C LYS F 103 -18.75 15.00 10.42
N PRO F 104 -19.69 15.34 11.33
CA PRO F 104 -19.34 16.39 12.31
C PRO F 104 -18.26 15.94 13.26
N LEU F 105 -17.15 16.67 13.29
CA LEU F 105 -15.96 16.22 14.03
C LEU F 105 -16.28 15.91 15.49
N THR F 106 -15.54 14.94 16.04
CA THR F 106 -15.76 14.47 17.41
C THR F 106 -14.45 14.57 18.19
N LEU F 107 -14.28 15.67 18.92
CA LEU F 107 -13.06 15.91 19.69
C LEU F 107 -13.09 15.24 21.07
N SER F 108 -12.09 14.42 21.36
CA SER F 108 -11.98 13.74 22.65
C SER F 108 -10.65 14.06 23.36
N VAL F 109 -10.70 14.19 24.68
CA VAL F 109 -9.48 14.33 25.50
C VAL F 109 -9.51 13.47 26.77
N HIS F 110 -8.38 12.81 27.06
CA HIS F 110 -8.13 12.25 28.38
C HIS F 110 -6.66 12.27 28.78
N SER F 111 -6.40 12.40 30.07
CA SER F 111 -5.04 12.44 30.57
C SER F 111 -4.54 11.04 30.84
N GLU F 112 -3.24 10.96 31.07
CA GLU F 112 -2.62 9.77 31.61
C GLU F 112 -1.36 10.26 32.30
N ARG F 113 -0.96 9.61 33.38
CA ARG F 113 0.37 9.81 33.92
C ARG F 113 1.24 8.62 33.54
N SER F 114 2.51 8.90 33.28
CA SER F 114 3.45 7.85 32.91
C SER F 114 3.60 6.89 34.08
N GLN F 115 3.79 5.62 33.76
CA GLN F 115 3.95 4.59 34.78
C GLN F 115 5.41 4.29 35.05
N PHE F 116 6.30 4.81 34.21
CA PHE F 116 7.73 4.57 34.37
C PHE F 116 8.52 5.70 33.70
N PRO F 117 9.67 6.08 34.28
CA PRO F 117 10.24 5.64 35.55
C PRO F 117 9.60 6.31 36.77
N ASP F 118 8.72 7.29 36.53
CA ASP F 118 8.08 8.02 37.62
C ASP F 118 6.68 8.39 37.16
N PHE F 119 5.94 9.08 38.03
CA PHE F 119 4.58 9.48 37.73
C PHE F 119 4.52 11.00 37.63
N SER F 120 5.57 11.56 37.03
CA SER F 120 5.68 12.99 36.80
C SER F 120 5.23 13.35 35.38
N VAL F 121 5.59 12.54 34.40
CA VAL F 121 5.30 12.86 33.01
C VAL F 121 3.82 12.69 32.70
N LEU F 122 3.06 13.78 32.82
CA LEU F 122 1.64 13.75 32.51
C LEU F 122 1.46 13.86 31.00
N THR F 123 0.87 12.83 30.41
CA THR F 123 0.63 12.76 28.97
C THR F 123 -0.87 12.94 28.72
N VAL F 124 -1.21 13.91 27.87
CA VAL F 124 -2.60 14.09 27.44
C VAL F 124 -2.76 13.75 25.98
N THR F 125 -3.95 13.27 25.63
CA THR F 125 -4.24 12.83 24.27
C THR F 125 -5.45 13.58 23.75
N CYS F 126 -5.26 14.37 22.69
CA CYS F 126 -6.37 15.02 22.00
C CYS F 126 -6.67 14.25 20.72
N THR F 127 -7.93 13.85 20.55
CA THR F 127 -8.35 13.02 19.42
C THR F 127 -9.49 13.66 18.67
N VAL F 128 -9.51 13.46 17.35
CA VAL F 128 -10.59 13.96 16.50
C VAL F 128 -11.00 12.98 15.39
N ASN F 129 -12.30 12.71 15.34
CA ASN F 129 -12.89 11.84 14.34
C ASN F 129 -13.84 12.64 13.45
N ALA F 130 -13.41 12.96 12.24
CA ALA F 130 -14.22 13.74 11.31
C ALA F 130 -14.08 13.25 9.89
N PHE F 131 -14.73 13.96 8.97
CA PHE F 131 -14.62 13.70 7.55
C PHE F 131 -14.96 14.99 6.80
N PRO F 132 -14.19 15.33 5.75
CA PRO F 132 -13.14 14.55 5.08
C PRO F 132 -11.71 14.88 5.51
N HIS F 133 -11.48 16.02 6.17
CA HIS F 133 -10.13 16.43 6.55
C HIS F 133 -10.00 16.78 8.02
N PRO F 134 -9.93 15.76 8.89
CA PRO F 134 -9.68 16.09 10.30
C PRO F 134 -8.22 16.44 10.54
N HIS F 135 -7.97 17.30 11.53
CA HIS F 135 -6.63 17.78 11.81
C HIS F 135 -6.56 18.29 13.24
N VAL F 136 -5.65 17.72 14.02
CA VAL F 136 -5.51 18.06 15.43
C VAL F 136 -4.14 18.67 15.71
N GLN F 137 -4.10 19.60 16.66
CA GLN F 137 -2.87 20.32 16.96
C GLN F 137 -2.89 20.84 18.40
N TRP F 138 -1.76 20.69 19.09
CA TRP F 138 -1.59 21.15 20.46
C TRP F 138 -1.01 22.56 20.46
N LEU F 139 -1.64 23.48 21.18
CA LEU F 139 -1.13 24.85 21.28
C LEU F 139 -0.01 25.02 22.31
N MET F 140 1.16 25.42 21.80
CA MET F 140 2.47 25.72 22.44
C MET F 140 3.35 24.51 22.19
N ALA F 151 3.75 13.55 20.62
CA ALA F 151 4.12 14.41 19.49
C ALA F 151 4.03 13.70 18.14
N ASN F 152 3.52 12.46 18.14
CA ASN F 152 3.40 11.64 16.94
C ASN F 152 1.92 11.48 16.56
N GLY F 153 1.62 11.51 15.26
CA GLY F 153 0.23 11.57 14.80
C GLY F 153 -0.11 10.49 13.79
N GLY F 154 -0.88 9.51 14.21
CA GLY F 154 -1.30 8.41 13.36
C GLY F 154 -2.70 8.51 12.78
N VAL F 155 -2.80 8.41 11.45
CA VAL F 155 -4.08 8.44 10.75
C VAL F 155 -4.73 7.07 10.67
N MET F 156 -5.89 6.93 11.29
CA MET F 156 -6.62 5.67 11.30
C MET F 156 -7.89 5.86 10.48
N LYS F 157 -8.36 4.77 9.89
CA LYS F 157 -9.63 4.77 9.18
C LYS F 157 -10.66 3.87 9.89
N GLU F 158 -11.84 4.41 10.17
CA GLU F 158 -12.90 3.72 10.94
C GLU F 158 -13.82 2.82 10.12
N LYS F 159 -14.69 2.08 10.80
CA LYS F 159 -15.65 1.19 10.14
C LYS F 159 -16.62 1.97 9.29
N ASP F 160 -17.12 3.07 9.85
CA ASP F 160 -18.09 3.91 9.17
C ASP F 160 -17.51 4.71 8.00
N GLY F 161 -16.21 4.54 7.75
CA GLY F 161 -15.58 5.15 6.60
C GLY F 161 -14.92 6.47 6.97
N SER F 162 -15.24 6.99 8.15
CA SER F 162 -14.67 8.23 8.61
C SER F 162 -13.19 8.08 8.95
N LEU F 163 -12.53 9.22 9.15
CA LEU F 163 -11.11 9.26 9.50
C LEU F 163 -10.91 9.77 10.92
N SER F 164 -9.92 9.21 11.60
CA SER F 164 -9.55 9.68 12.93
C SER F 164 -8.06 9.98 13.00
N VAL F 165 -7.71 11.01 13.77
CA VAL F 165 -6.31 11.30 14.09
C VAL F 165 -6.20 11.93 15.47
N ALA F 166 -5.10 11.66 16.17
CA ALA F 166 -4.85 12.22 17.48
C ALA F 166 -3.37 12.49 17.69
N VAL F 167 -3.03 13.35 18.64
CA VAL F 167 -1.63 13.57 19.02
C VAL F 167 -1.48 13.69 20.53
N ASP F 168 -0.35 13.22 21.04
CA ASP F 168 -0.08 13.25 22.47
C ASP F 168 0.87 14.39 22.84
N LEU F 169 0.89 14.77 24.12
CA LEU F 169 1.72 15.88 24.58
C LEU F 169 2.19 15.62 26.02
N SER F 170 3.50 15.49 26.17
CA SER F 170 4.15 15.18 27.45
C SER F 170 4.51 16.44 28.24
N LEU F 171 4.06 16.47 29.49
CA LEU F 171 4.28 17.58 30.41
C LEU F 171 4.98 17.15 31.70
N PRO F 172 6.31 17.32 31.77
CA PRO F 172 6.98 16.97 33.04
C PRO F 172 6.65 17.92 34.19
N LYS F 173 6.81 17.43 35.42
CA LYS F 173 6.47 18.19 36.61
C LYS F 173 7.37 19.43 36.70
N PRO F 174 6.82 20.58 37.09
CA PRO F 174 5.42 20.83 37.43
C PRO F 174 4.58 20.92 36.16
N TRP F 175 3.34 20.46 36.21
CA TRP F 175 2.49 20.47 35.04
C TRP F 175 2.07 21.90 34.74
N HIS F 176 2.53 22.43 33.61
CA HIS F 176 2.23 23.80 33.22
C HIS F 176 0.82 23.92 32.63
N LEU F 177 -0.18 23.67 33.48
CA LEU F 177 -1.58 23.70 33.10
C LEU F 177 -2.18 25.08 33.36
N PRO F 178 -3.34 25.38 32.75
CA PRO F 178 -4.06 24.63 31.71
C PRO F 178 -3.41 24.66 30.33
N VAL F 179 -3.69 23.65 29.52
CA VAL F 179 -3.17 23.53 28.15
C VAL F 179 -4.31 23.13 27.21
N THR F 180 -4.23 23.59 25.96
CA THR F 180 -5.36 23.53 25.03
C THR F 180 -4.98 22.97 23.66
N CYS F 181 -5.81 22.05 23.16
CA CYS F 181 -5.64 21.46 21.83
C CYS F 181 -6.71 21.99 20.87
N VAL F 182 -6.37 22.01 19.58
CA VAL F 182 -7.26 22.56 18.54
C VAL F 182 -7.54 21.51 17.48
N GLY F 183 -8.78 21.03 17.47
CA GLY F 183 -9.24 20.12 16.43
C GLY F 183 -10.09 20.86 15.41
N LYS F 184 -9.93 20.50 14.14
CA LYS F 184 -10.73 21.12 13.09
C LYS F 184 -10.94 20.20 11.89
N ASN F 185 -12.07 20.41 11.22
CA ASN F 185 -12.44 19.68 10.02
C ASN F 185 -12.77 20.66 8.90
N ASP F 186 -11.74 21.11 8.19
CA ASP F 186 -11.90 22.18 7.21
C ASP F 186 -12.42 23.41 7.97
N LYS F 187 -13.55 23.99 7.55
CA LYS F 187 -14.09 25.19 8.20
C LYS F 187 -14.47 24.96 9.65
N GLU F 188 -15.07 23.79 9.93
CA GLU F 188 -15.48 23.43 11.29
C GLU F 188 -14.28 23.43 12.23
N GLU F 189 -14.48 23.94 13.45
CA GLU F 189 -13.39 24.03 14.44
C GLU F 189 -13.90 23.84 15.87
N ALA F 190 -13.07 23.22 16.72
CA ALA F 190 -13.40 23.02 18.14
C ALA F 190 -12.13 22.82 18.98
N HIS F 191 -12.23 23.11 20.28
CA HIS F 191 -11.07 23.02 21.18
C HIS F 191 -11.30 22.10 22.38
N GLY F 192 -10.20 21.72 23.03
CA GLY F 192 -10.23 20.95 24.26
C GLY F 192 -9.22 21.47 25.26
N VAL F 193 -9.70 21.84 26.45
CA VAL F 193 -8.82 22.33 27.52
C VAL F 193 -8.72 21.32 28.65
N TYR F 194 -7.49 20.99 29.04
CA TYR F 194 -7.25 20.23 30.25
C TYR F 194 -6.91 21.16 31.41
N VAL F 195 -7.76 21.15 32.45
CA VAL F 195 -7.61 22.06 33.58
C VAL F 195 -6.72 21.54 34.70
N SER F 196 -7.12 20.46 35.36
CA SER F 196 -6.36 19.92 36.49
C SER F 196 -6.38 18.40 36.57
N GLY F 197 -5.35 17.84 37.23
CA GLY F 197 -5.22 16.40 37.42
C GLY F 197 -6.06 15.93 38.60
N TYR F 198 -5.86 14.68 39.01
CA TYR F 198 -6.60 14.16 40.16
C TYR F 198 -6.09 14.68 41.49
N LEU F 199 -4.77 14.68 41.70
CA LEU F 199 -4.22 15.26 42.91
C LEU F 199 -3.03 16.19 42.66
N VAL G 7 55.02 -25.08 48.34
CA VAL G 7 56.24 -24.32 48.59
C VAL G 7 56.06 -23.42 49.81
N SER G 8 54.89 -23.47 50.43
CA SER G 8 54.65 -22.62 51.60
C SER G 8 55.15 -23.17 52.94
N GLU G 9 55.76 -22.29 53.73
CA GLU G 9 56.33 -22.59 55.06
C GLU G 9 55.95 -21.56 56.16
N TYR G 10 55.59 -22.03 57.36
CA TYR G 10 55.09 -21.24 58.53
C TYR G 10 53.61 -20.89 58.54
N CYS G 11 52.80 -21.56 57.74
CA CYS G 11 51.41 -21.16 57.64
C CYS G 11 50.62 -21.53 58.91
N SER G 12 51.11 -22.52 59.64
CA SER G 12 50.42 -23.06 60.83
C SER G 12 49.78 -22.06 61.78
N HIS G 13 50.52 -21.00 62.04
CA HIS G 13 50.13 -19.98 62.99
C HIS G 13 49.97 -18.61 62.35
N MET G 14 49.53 -18.64 61.11
CA MET G 14 49.31 -17.45 60.33
C MET G 14 48.05 -16.82 60.89
N ILE G 15 47.04 -17.66 61.09
CA ILE G 15 45.78 -17.22 61.69
C ILE G 15 45.90 -17.14 63.20
N GLY G 16 46.16 -15.94 63.69
CA GLY G 16 46.25 -15.69 65.12
C GLY G 16 44.88 -15.83 65.76
N SER G 17 44.86 -16.00 67.08
CA SER G 17 43.60 -16.04 67.81
C SER G 17 42.92 -14.68 67.78
N GLY G 18 43.71 -13.62 67.78
CA GLY G 18 43.19 -12.26 67.72
C GLY G 18 42.42 -11.89 66.45
N HIS G 19 42.63 -12.64 65.38
CA HIS G 19 41.86 -12.43 64.15
C HIS G 19 40.44 -12.92 64.36
N LEU G 20 40.30 -14.14 64.84
CA LEU G 20 38.98 -14.71 65.08
C LEU G 20 38.24 -13.99 66.20
N GLN G 21 38.97 -13.41 67.15
CA GLN G 21 38.35 -12.61 68.20
C GLN G 21 37.48 -11.50 67.62
N SER G 22 38.04 -10.77 66.66
CA SER G 22 37.32 -9.67 66.02
C SER G 22 36.13 -10.18 65.20
N LEU G 23 36.27 -11.34 64.58
CA LEU G 23 35.18 -11.88 63.78
C LEU G 23 33.93 -12.13 64.62
N GLN G 24 34.09 -12.72 65.80
CA GLN G 24 32.95 -12.96 66.67
C GLN G 24 32.40 -11.63 67.20
N ARG G 25 33.29 -10.67 67.41
CA ARG G 25 32.92 -9.31 67.79
C ARG G 25 32.10 -8.67 66.67
N LEU G 26 32.49 -8.96 65.43
CA LEU G 26 31.73 -8.51 64.28
C LEU G 26 30.29 -9.01 64.36
N ILE G 27 30.13 -10.31 64.63
CA ILE G 27 28.81 -10.93 64.68
C ILE G 27 27.99 -10.51 65.90
N ASP G 28 28.64 -10.41 67.05
CA ASP G 28 27.97 -9.98 68.27
C ASP G 28 27.41 -8.57 68.12
N SER G 29 28.18 -7.71 67.45
CA SER G 29 27.81 -6.32 67.29
C SER G 29 26.67 -6.07 66.31
N GLN G 30 26.44 -7.01 65.41
CA GLN G 30 25.40 -6.81 64.40
C GLN G 30 24.03 -6.90 65.03
N MET G 31 23.11 -6.10 64.51
CA MET G 31 21.76 -6.04 65.04
C MET G 31 20.91 -7.17 64.47
N GLU G 32 20.02 -7.71 65.30
CA GLU G 32 19.11 -8.77 64.91
C GLU G 32 18.02 -8.23 63.98
N THR G 33 17.91 -8.84 62.80
CA THR G 33 17.03 -8.35 61.75
C THR G 33 16.48 -9.48 60.89
N SER G 34 15.30 -9.26 60.31
CA SER G 34 14.67 -10.27 59.47
C SER G 34 15.18 -10.12 58.03
N CYS G 35 16.10 -9.17 57.81
CA CYS G 35 16.60 -8.86 56.49
C CYS G 35 17.37 -10.02 55.85
N GLN G 36 17.38 -10.04 54.53
CA GLN G 36 18.17 -11.01 53.76
C GLN G 36 18.89 -10.35 52.60
N ILE G 37 19.97 -10.99 52.16
CA ILE G 37 20.81 -10.47 51.08
C ILE G 37 21.40 -11.62 50.30
N THR G 38 21.75 -11.34 49.03
CA THR G 38 22.29 -12.37 48.15
C THR G 38 23.79 -12.25 47.97
N PHE G 39 24.47 -13.38 47.83
CA PHE G 39 25.92 -13.41 47.68
C PHE G 39 26.46 -14.74 47.16
N GLU G 40 27.61 -14.69 46.51
CA GLU G 40 28.27 -15.89 46.02
C GLU G 40 28.99 -16.58 47.17
N PHE G 41 29.00 -17.91 47.15
CA PHE G 41 29.78 -18.67 48.12
C PHE G 41 29.90 -20.11 47.60
N VAL G 42 30.77 -20.91 48.22
CA VAL G 42 30.97 -22.27 47.77
C VAL G 42 29.81 -23.18 48.16
N ASP G 43 29.32 -23.94 47.18
CA ASP G 43 28.24 -24.89 47.41
C ASP G 43 28.77 -26.09 48.18
N GLN G 44 28.54 -26.08 49.48
CA GLN G 44 29.06 -27.10 50.39
C GLN G 44 28.68 -28.53 49.97
N GLU G 45 27.62 -28.67 49.18
CA GLU G 45 27.20 -29.98 48.69
C GLU G 45 27.85 -30.39 47.37
N GLN G 46 28.09 -29.44 46.47
CA GLN G 46 28.82 -29.76 45.24
C GLN G 46 30.25 -30.16 45.52
N LEU G 47 30.87 -29.50 46.49
CA LEU G 47 32.22 -29.80 46.90
C LEU G 47 32.21 -30.24 48.36
N LYS G 48 32.20 -31.55 48.55
CA LYS G 48 32.01 -32.15 49.86
C LYS G 48 33.32 -32.16 50.65
N ASP G 49 34.40 -32.55 49.97
CA ASP G 49 35.73 -32.61 50.59
C ASP G 49 36.08 -31.32 51.34
N PRO G 50 36.35 -31.42 52.65
CA PRO G 50 36.60 -30.20 53.42
C PRO G 50 37.97 -29.59 53.15
N VAL G 51 38.88 -30.38 52.58
CA VAL G 51 40.20 -29.88 52.24
C VAL G 51 40.08 -28.95 51.05
N CYS G 52 39.46 -29.43 49.98
CA CYS G 52 39.27 -28.65 48.77
C CYS G 52 38.17 -27.60 48.89
N TYR G 53 37.24 -27.80 49.82
CA TYR G 53 36.18 -26.81 50.05
C TYR G 53 36.81 -25.53 50.57
N LEU G 54 37.61 -25.66 51.62
CA LEU G 54 38.26 -24.51 52.21
C LEU G 54 39.20 -23.85 51.18
N LYS G 55 39.82 -24.68 50.34
CA LYS G 55 40.73 -24.18 49.32
C LYS G 55 40.02 -23.26 48.33
N LYS G 56 38.96 -23.77 47.71
CA LYS G 56 38.19 -23.01 46.74
C LYS G 56 37.53 -21.84 47.43
N ALA G 57 36.82 -22.11 48.52
CA ALA G 57 36.10 -21.10 49.28
C ALA G 57 37.02 -19.93 49.60
N PHE G 58 38.27 -20.22 49.92
CA PHE G 58 39.21 -19.20 50.34
C PHE G 58 39.54 -18.17 49.26
N LEU G 59 39.72 -18.65 48.03
CA LEU G 59 40.08 -17.76 46.93
C LEU G 59 38.99 -16.72 46.68
N LEU G 60 37.74 -17.14 46.79
CA LEU G 60 36.62 -16.27 46.52
C LEU G 60 36.43 -15.19 47.62
N VAL G 61 36.85 -15.47 48.85
CA VAL G 61 36.62 -14.56 49.99
C VAL G 61 37.04 -13.11 49.77
N GLN G 62 38.09 -12.94 48.96
CA GLN G 62 38.73 -11.64 48.73
C GLN G 62 37.71 -10.69 48.09
N ASP G 63 36.96 -11.21 47.13
CA ASP G 63 35.93 -10.48 46.43
C ASP G 63 34.69 -10.28 47.31
N ILE G 64 34.40 -11.26 48.18
CA ILE G 64 33.22 -11.20 49.04
C ILE G 64 33.30 -10.05 50.01
N MET G 65 34.33 -10.09 50.86
CA MET G 65 34.51 -9.09 51.91
C MET G 65 34.33 -7.67 51.40
N GLU G 66 34.88 -7.39 50.22
CA GLU G 66 34.74 -6.05 49.64
C GLU G 66 33.30 -5.77 49.23
N ASP G 67 32.70 -6.71 48.51
CA ASP G 67 31.32 -6.53 48.04
C ASP G 67 30.29 -6.68 49.16
N THR G 68 30.66 -7.36 50.24
CA THR G 68 29.73 -7.68 51.32
C THR G 68 29.94 -6.90 52.60
N MET G 69 31.04 -7.22 53.29
CA MET G 69 31.31 -6.67 54.61
C MET G 69 31.91 -5.29 54.49
N ARG G 70 31.02 -4.30 54.42
CA ARG G 70 31.43 -2.92 54.29
C ARG G 70 31.03 -2.17 55.55
N PHE G 71 31.95 -1.41 56.12
CA PHE G 71 31.63 -0.57 57.26
C PHE G 71 32.20 0.83 57.06
N ARG G 72 31.73 1.77 57.88
CA ARG G 72 32.15 3.17 57.79
C ARG G 72 33.66 3.25 58.07
N ASP G 73 34.37 4.08 57.31
CA ASP G 73 35.83 4.08 57.34
C ASP G 73 36.45 4.32 58.72
N ASN G 74 37.41 3.46 59.08
CA ASN G 74 38.13 3.56 60.35
C ASN G 74 37.19 3.51 61.55
N THR G 75 36.36 2.46 61.55
CA THR G 75 35.51 2.12 62.68
C THR G 75 36.03 0.79 63.19
N PRO G 76 35.62 0.36 64.39
CA PRO G 76 36.25 -0.83 64.97
C PRO G 76 36.16 -2.04 64.06
N ASN G 77 35.06 -2.13 63.33
CA ASN G 77 34.76 -3.30 62.51
C ASN G 77 35.52 -3.23 61.19
N ALA G 78 35.51 -2.06 60.56
CA ALA G 78 36.20 -1.87 59.28
C ALA G 78 37.67 -2.20 59.45
N ILE G 79 38.21 -1.86 60.62
CA ILE G 79 39.59 -2.21 60.95
C ILE G 79 39.76 -3.72 60.84
N ALA G 80 38.90 -4.47 61.53
CA ALA G 80 38.95 -5.92 61.49
C ALA G 80 38.89 -6.44 60.05
N ILE G 81 38.03 -5.84 59.24
CA ILE G 81 37.86 -6.27 57.86
C ILE G 81 39.14 -6.10 57.07
N VAL G 82 39.82 -4.98 57.27
CA VAL G 82 41.06 -4.75 56.55
C VAL G 82 42.11 -5.76 57.04
N GLN G 83 42.15 -6.02 58.35
CA GLN G 83 43.06 -7.03 58.89
C GLN G 83 42.81 -8.40 58.27
N LEU G 84 41.54 -8.71 58.00
CA LEU G 84 41.20 -10.02 57.45
C LEU G 84 41.59 -10.11 55.98
N GLN G 85 41.53 -9.00 55.27
CA GLN G 85 42.02 -8.95 53.89
C GLN G 85 43.53 -9.02 53.89
N GLU G 86 44.11 -8.30 54.83
CA GLU G 86 45.54 -8.32 55.11
C GLU G 86 46.01 -9.76 55.31
N LEU G 87 45.34 -10.44 56.24
CA LEU G 87 45.63 -11.83 56.56
C LEU G 87 45.43 -12.71 55.33
N SER G 88 44.33 -12.46 54.63
CA SER G 88 43.97 -13.21 53.45
C SER G 88 45.08 -13.15 52.41
N LEU G 89 45.60 -11.94 52.16
CA LEU G 89 46.64 -11.80 51.16
C LEU G 89 47.88 -12.62 51.46
N ARG G 90 48.36 -12.61 52.71
CA ARG G 90 49.51 -13.44 53.05
C ARG G 90 49.24 -14.91 52.80
N LEU G 91 48.00 -15.32 53.03
CA LEU G 91 47.64 -16.73 52.90
C LEU G 91 47.58 -17.22 51.46
N LYS G 92 47.42 -16.33 50.47
CA LYS G 92 47.34 -16.80 49.08
C LYS G 92 48.57 -17.62 48.72
N SER G 93 49.69 -17.33 49.39
CA SER G 93 50.92 -18.07 49.18
C SER G 93 50.86 -19.50 49.73
N CYS G 94 50.10 -19.71 50.79
CA CYS G 94 49.91 -21.05 51.30
C CYS G 94 49.01 -21.94 50.44
N PHE G 95 48.33 -21.36 49.45
CA PHE G 95 47.50 -22.16 48.55
C PHE G 95 48.08 -22.30 47.13
N THR G 96 48.25 -23.54 46.68
CA THR G 96 48.65 -23.87 45.31
C THR G 96 47.53 -23.61 44.31
N LYS G 97 47.77 -22.73 43.34
CA LYS G 97 46.77 -22.40 42.33
C LYS G 97 46.46 -23.63 41.47
N ASP G 98 45.23 -23.74 40.98
CA ASP G 98 44.84 -24.86 40.11
C ASP G 98 44.43 -24.37 38.71
N TYR G 99 43.90 -25.27 37.88
CA TYR G 99 43.50 -24.94 36.51
C TYR G 99 42.52 -23.77 36.44
N GLU G 100 42.78 -22.85 35.52
CA GLU G 100 41.99 -21.63 35.38
C GLU G 100 40.56 -21.83 34.86
N GLU G 101 40.32 -22.90 34.10
CA GLU G 101 38.98 -23.24 33.64
C GLU G 101 37.98 -23.49 34.77
N HIS G 102 38.49 -23.92 35.92
CA HIS G 102 37.66 -24.16 37.10
C HIS G 102 37.17 -22.89 37.78
N ASP G 103 37.62 -21.72 37.32
CA ASP G 103 37.25 -20.47 37.96
C ASP G 103 35.73 -20.21 37.87
N LYS G 104 35.16 -19.81 39.00
CA LYS G 104 33.72 -19.52 39.11
C LYS G 104 32.80 -20.75 39.03
N ALA G 105 33.37 -21.95 39.18
CA ALA G 105 32.62 -23.18 39.37
C ALA G 105 32.62 -23.60 40.85
N CYS G 106 31.78 -24.57 41.21
CA CYS G 106 31.62 -25.00 42.59
C CYS G 106 31.07 -23.89 43.50
N VAL G 107 30.31 -22.99 42.90
CA VAL G 107 29.83 -21.80 43.58
C VAL G 107 28.33 -21.65 43.36
N ARG G 108 27.62 -21.13 44.36
CA ARG G 108 26.16 -20.98 44.29
C ARG G 108 25.67 -19.67 44.91
N THR G 109 24.38 -19.42 44.72
CA THR G 109 23.70 -18.27 45.31
C THR G 109 23.25 -18.62 46.73
N PHE G 110 23.17 -17.61 47.59
CA PHE G 110 22.60 -17.79 48.92
C PHE G 110 21.81 -16.54 49.26
N TYR G 111 20.53 -16.69 49.57
CA TYR G 111 19.70 -15.57 50.03
C TYR G 111 19.45 -15.67 51.53
N GLU G 112 20.35 -15.07 52.32
CA GLU G 112 20.35 -15.23 53.77
C GLU G 112 20.63 -13.93 54.53
N THR G 113 20.49 -13.97 55.85
CA THR G 113 20.80 -12.82 56.71
C THR G 113 22.30 -12.52 56.67
N PRO G 114 22.69 -11.28 57.02
CA PRO G 114 24.13 -11.03 57.14
C PRO G 114 24.70 -11.89 58.27
N LEU G 115 23.93 -11.99 59.35
CA LEU G 115 24.28 -12.77 60.53
C LEU G 115 24.68 -14.19 60.11
N GLN G 116 23.95 -14.73 59.16
CA GLN G 116 24.23 -16.07 58.61
C GLN G 116 25.50 -16.07 57.78
N LEU G 117 25.63 -15.05 56.94
CA LEU G 117 26.79 -14.93 56.06
C LEU G 117 28.07 -14.82 56.86
N LEU G 118 28.07 -14.00 57.90
CA LEU G 118 29.24 -13.86 58.76
C LEU G 118 29.54 -15.19 59.43
N GLU G 119 28.50 -15.91 59.83
CA GLU G 119 28.66 -17.21 60.46
C GLU G 119 29.36 -18.16 59.49
N LYS G 120 29.06 -18.05 58.20
CA LYS G 120 29.72 -18.84 57.17
C LYS G 120 31.19 -18.45 56.98
N VAL G 121 31.49 -17.16 57.06
CA VAL G 121 32.86 -16.71 56.88
C VAL G 121 33.72 -17.01 58.11
N LYS G 122 33.19 -16.77 59.30
CA LYS G 122 33.91 -17.12 60.53
C LYS G 122 34.24 -18.61 60.53
N ASN G 123 33.30 -19.42 60.06
CA ASN G 123 33.52 -20.85 59.97
C ASN G 123 34.63 -21.24 58.99
N VAL G 124 34.76 -20.52 57.88
CA VAL G 124 35.85 -20.77 56.94
C VAL G 124 37.21 -20.52 57.59
N PHE G 125 37.34 -19.38 58.24
CA PHE G 125 38.61 -19.01 58.87
C PHE G 125 38.92 -19.94 60.02
N ASN G 126 37.92 -20.25 60.83
CA ASN G 126 38.12 -21.05 62.02
C ASN G 126 38.45 -22.49 61.64
N GLU G 127 37.75 -23.02 60.64
CA GLU G 127 38.03 -24.36 60.17
C GLU G 127 39.42 -24.46 59.52
N THR G 128 39.83 -23.40 58.83
CA THR G 128 41.17 -23.36 58.23
C THR G 128 42.26 -23.37 59.30
N LYS G 129 42.04 -22.67 60.40
CA LYS G 129 43.00 -22.65 61.50
C LYS G 129 43.21 -24.04 62.07
N ASN G 130 42.13 -24.81 62.19
CA ASN G 130 42.21 -26.15 62.74
C ASN G 130 42.99 -27.05 61.80
N LEU G 131 42.75 -26.94 60.49
CA LEU G 131 43.52 -27.74 59.54
C LEU G 131 44.96 -27.26 59.36
N LEU G 132 45.23 -25.98 59.59
CA LEU G 132 46.61 -25.52 59.51
C LEU G 132 47.42 -25.99 60.70
N ASP G 133 46.81 -25.90 61.88
CA ASP G 133 47.47 -26.32 63.10
C ASP G 133 47.91 -27.78 63.03
N LYS G 134 47.01 -28.65 62.57
CA LYS G 134 47.33 -30.07 62.44
C LYS G 134 48.40 -30.42 61.41
N ASP G 135 48.21 -29.94 60.18
CA ASP G 135 49.17 -30.14 59.09
C ASP G 135 49.27 -28.88 58.24
N TRP G 136 50.41 -28.21 58.31
CA TRP G 136 50.64 -26.95 57.56
C TRP G 136 50.68 -27.02 56.05
N ASN G 137 51.23 -28.10 55.53
CA ASN G 137 51.44 -28.25 54.09
C ASN G 137 50.17 -28.80 53.39
N ILE G 138 49.10 -28.99 54.16
CA ILE G 138 47.91 -29.69 53.67
C ILE G 138 47.25 -29.08 52.44
N PHE G 139 47.29 -27.74 52.34
CA PHE G 139 46.60 -27.05 51.27
C PHE G 139 47.30 -27.09 49.91
N SER G 140 48.30 -27.96 49.76
CA SER G 140 48.96 -28.14 48.49
C SER G 140 48.24 -29.16 47.61
N LYS G 141 47.25 -29.87 48.15
CA LYS G 141 46.59 -30.93 47.40
C LYS G 141 45.98 -30.42 46.10
N ASN G 142 46.12 -31.21 45.05
CA ASN G 142 45.62 -30.81 43.74
C ASN G 142 44.13 -31.13 43.66
N CYS G 143 43.33 -30.07 43.63
CA CYS G 143 41.87 -30.20 43.62
C CYS G 143 41.27 -30.10 42.22
N ASN G 144 42.10 -30.09 41.18
CA ASN G 144 41.59 -30.07 39.81
C ASN G 144 40.61 -31.19 39.53
N ASN G 145 40.85 -32.31 40.20
CA ASN G 145 39.97 -33.45 40.14
C ASN G 145 38.61 -33.13 40.76
N SER G 146 38.66 -32.57 41.95
CA SER G 146 37.46 -32.26 42.72
C SER G 146 36.66 -31.10 42.14
N PHE G 147 37.33 -30.14 41.50
CA PHE G 147 36.62 -29.00 40.92
C PHE G 147 35.86 -29.32 39.65
N ALA G 148 36.30 -30.33 38.91
CA ALA G 148 35.57 -30.79 37.74
C ALA G 148 34.19 -31.33 38.12
N GLU G 149 34.12 -31.93 39.29
CA GLU G 149 32.92 -32.57 39.78
C GLU G 149 31.69 -31.66 40.04
N CYS G 150 31.87 -30.34 40.19
CA CYS G 150 30.71 -29.48 40.50
C CYS G 150 29.81 -28.96 39.35
N SER G 151 30.15 -27.84 38.72
CA SER G 151 29.41 -27.35 37.55
C SER G 151 30.29 -26.49 36.64
N TYR H 10 18.48 19.13 88.00
CA TYR H 10 18.05 17.76 88.18
C TYR H 10 18.31 16.97 86.90
N CYS H 11 17.45 17.18 85.91
CA CYS H 11 17.47 16.43 84.67
C CYS H 11 18.68 16.84 83.81
N SER H 12 19.17 18.06 84.01
CA SER H 12 20.26 18.66 83.23
C SER H 12 21.40 17.74 82.85
N HIS H 13 21.82 16.91 83.79
CA HIS H 13 22.96 16.04 83.55
C HIS H 13 22.52 14.59 83.63
N MET H 14 21.27 14.34 83.22
CA MET H 14 20.72 12.99 83.23
C MET H 14 21.33 12.21 82.08
N ILE H 15 21.32 12.83 80.90
CA ILE H 15 21.92 12.23 79.71
C ILE H 15 23.42 12.42 79.70
N GLY H 16 24.15 11.41 80.17
CA GLY H 16 25.60 11.47 80.17
C GLY H 16 26.17 11.41 78.76
N SER H 17 27.41 11.84 78.61
CA SER H 17 28.12 11.74 77.34
C SER H 17 28.37 10.29 76.97
N GLY H 18 28.61 9.46 77.98
CA GLY H 18 28.85 8.04 77.77
C GLY H 18 27.69 7.28 77.17
N HIS H 19 26.48 7.83 77.28
CA HIS H 19 25.32 7.22 76.64
C HIS H 19 25.39 7.41 75.14
N LEU H 20 25.58 8.64 74.67
CA LEU H 20 25.66 8.89 73.24
C LEU H 20 26.90 8.24 72.60
N GLN H 21 27.97 8.08 73.37
CA GLN H 21 29.17 7.39 72.90
C GLN H 21 28.78 6.01 72.37
N SER H 22 27.99 5.29 73.16
CA SER H 22 27.54 3.97 72.77
C SER H 22 26.59 4.02 71.56
N LEU H 23 25.75 5.04 71.46
CA LEU H 23 24.85 5.07 70.31
C LEU H 23 25.60 5.14 68.97
N GLN H 24 26.61 6.01 68.86
CA GLN H 24 27.38 6.12 67.61
C GLN H 24 28.25 4.89 67.35
N ARG H 25 28.75 4.27 68.41
CA ARG H 25 29.50 3.03 68.31
C ARG H 25 28.55 1.94 67.77
N LEU H 26 27.28 1.96 68.21
CA LEU H 26 26.29 1.04 67.65
C LEU H 26 26.13 1.17 66.15
N ILE H 27 25.99 2.41 65.69
CA ILE H 27 25.77 2.67 64.28
C ILE H 27 27.05 2.36 63.49
N ASP H 28 28.21 2.73 64.04
CA ASP H 28 29.48 2.44 63.41
C ASP H 28 29.69 0.94 63.25
N SER H 29 29.26 0.18 64.25
CA SER H 29 29.47 -1.26 64.26
C SER H 29 28.58 -2.00 63.25
N GLN H 30 27.45 -1.40 62.84
CA GLN H 30 26.54 -2.06 61.93
C GLN H 30 27.11 -2.15 60.52
N MET H 31 26.76 -3.22 59.82
CA MET H 31 27.26 -3.45 58.47
C MET H 31 26.43 -2.68 57.46
N GLU H 32 27.09 -2.19 56.43
CA GLU H 32 26.44 -1.45 55.35
C GLU H 32 25.63 -2.39 54.47
N THR H 33 24.34 -2.09 54.33
CA THR H 33 23.40 -2.98 53.65
C THR H 33 22.28 -2.21 52.94
N SER H 34 21.75 -2.82 51.88
CA SER H 34 20.67 -2.20 51.10
C SER H 34 19.32 -2.57 51.72
N CYS H 35 19.34 -3.30 52.84
CA CYS H 35 18.12 -3.78 53.46
C CYS H 35 17.25 -2.66 53.97
N GLN H 36 15.95 -2.93 54.06
CA GLN H 36 15.00 -1.97 54.61
C GLN H 36 14.03 -2.68 55.55
N ILE H 37 13.46 -1.92 56.48
CA ILE H 37 12.55 -2.46 57.49
C ILE H 37 11.49 -1.43 57.88
N THR H 38 10.35 -1.90 58.38
CA THR H 38 9.23 -1.02 58.74
C THR H 38 9.16 -0.81 60.26
N PHE H 39 8.76 0.39 60.67
CA PHE H 39 8.67 0.72 62.09
C PHE H 39 7.86 1.98 62.34
N GLU H 40 7.27 2.05 63.54
CA GLU H 40 6.51 3.22 63.96
C GLU H 40 7.50 4.29 64.42
N PHE H 41 7.18 5.56 64.14
CA PHE H 41 7.96 6.68 64.65
C PHE H 41 7.17 7.96 64.48
N VAL H 42 7.63 9.05 65.08
CA VAL H 42 6.90 10.31 65.01
C VAL H 42 7.00 10.96 63.65
N ASP H 43 5.84 11.37 63.12
CA ASP H 43 5.78 12.04 61.84
C ASP H 43 6.30 13.45 62.02
N GLN H 44 7.56 13.64 61.67
CA GLN H 44 8.29 14.88 61.86
C GLN H 44 7.56 16.09 61.22
N GLU H 45 6.71 15.82 60.22
CA GLU H 45 5.92 16.87 59.56
C GLU H 45 4.56 17.12 60.20
N GLN H 46 3.94 16.08 60.74
CA GLN H 46 2.68 16.24 61.46
C GLN H 46 2.88 17.04 62.75
N LEU H 47 4.02 16.80 63.41
CA LEU H 47 4.38 17.52 64.62
C LEU H 47 5.69 18.27 64.37
N LYS H 48 5.57 19.55 64.04
CA LYS H 48 6.71 20.34 63.59
C LYS H 48 7.54 20.83 64.78
N ASP H 49 6.84 21.33 65.81
CA ASP H 49 7.46 21.85 67.02
C ASP H 49 8.50 20.88 67.62
N PRO H 50 9.76 21.30 67.75
CA PRO H 50 10.79 20.37 68.23
C PRO H 50 10.71 20.09 69.73
N VAL H 51 10.01 20.93 70.47
CA VAL H 51 9.83 20.72 71.91
C VAL H 51 8.86 19.56 72.10
N CYS H 52 7.71 19.67 71.43
CA CYS H 52 6.67 18.65 71.52
C CYS H 52 6.99 17.40 70.70
N TYR H 53 7.85 17.52 69.70
CA TYR H 53 8.27 16.36 68.90
C TYR H 53 9.04 15.43 69.80
N LEU H 54 10.07 15.94 70.46
CA LEU H 54 10.88 15.13 71.34
C LEU H 54 10.03 14.58 72.49
N LYS H 55 9.06 15.36 72.94
CA LYS H 55 8.19 14.94 74.02
C LYS H 55 7.40 13.69 73.63
N LYS H 56 6.66 13.78 72.53
CA LYS H 56 5.86 12.66 72.05
C LYS H 56 6.76 11.52 71.63
N ALA H 57 7.74 11.81 70.79
CA ALA H 57 8.66 10.80 70.28
C ALA H 57 9.25 9.99 71.42
N PHE H 58 9.56 10.67 72.53
CA PHE H 58 10.23 10.00 73.65
C PHE H 58 9.42 8.91 74.34
N LEU H 59 8.14 9.12 74.56
CA LEU H 59 7.34 8.11 75.25
C LEU H 59 7.28 6.80 74.48
N LEU H 60 7.16 6.91 73.16
CA LEU H 60 7.03 5.74 72.32
C LEU H 60 8.33 4.92 72.21
N VAL H 61 9.48 5.58 72.36
CA VAL H 61 10.78 4.92 72.16
C VAL H 61 11.00 3.61 72.90
N GLN H 62 10.43 3.53 74.10
CA GLN H 62 10.65 2.38 74.95
C GLN H 62 10.18 1.15 74.17
N ASP H 63 8.96 1.23 73.62
CA ASP H 63 8.39 0.11 72.88
C ASP H 63 9.18 -0.19 71.60
N ILE H 64 9.73 0.85 70.99
CA ILE H 64 10.49 0.70 69.74
C ILE H 64 11.73 -0.14 69.99
N MET H 65 12.59 0.34 70.88
CA MET H 65 13.86 -0.32 71.19
C MET H 65 13.71 -1.82 71.41
N GLU H 66 12.66 -2.22 72.12
CA GLU H 66 12.42 -3.63 72.36
C GLU H 66 12.05 -4.36 71.07
N ASP H 67 11.12 -3.79 70.31
CA ASP H 67 10.67 -4.41 69.06
C ASP H 67 11.72 -4.29 67.94
N THR H 68 12.61 -3.30 68.07
CA THR H 68 13.56 -3.00 67.00
C THR H 68 15.00 -3.38 67.28
N MET H 69 15.62 -2.65 68.19
CA MET H 69 17.04 -2.81 68.45
C MET H 69 17.28 -3.98 69.38
N ARG H 70 17.41 -5.15 68.77
CA ARG H 70 17.63 -6.38 69.50
C ARG H 70 19.01 -6.89 69.13
N PHE H 71 19.80 -7.25 70.13
CA PHE H 71 21.11 -7.84 69.90
C PHE H 71 21.26 -9.08 70.75
N ARG H 72 22.28 -9.86 70.43
CA ARG H 72 22.50 -11.12 71.13
C ARG H 72 22.76 -10.77 72.59
N ASP H 73 22.17 -11.54 73.50
CA ASP H 73 22.17 -11.19 74.92
C ASP H 73 23.55 -11.02 75.53
N ASN H 74 23.74 -9.91 76.23
CA ASN H 74 24.97 -9.59 76.92
C ASN H 74 26.16 -9.52 75.97
N THR H 75 25.98 -8.72 74.93
CA THR H 75 27.01 -8.35 73.96
C THR H 75 27.21 -6.86 74.14
N PRO H 76 28.31 -6.28 73.60
CA PRO H 76 28.60 -4.88 73.91
C PRO H 76 27.43 -3.95 73.60
N ASN H 77 26.69 -4.27 72.54
CA ASN H 77 25.63 -3.41 72.04
C ASN H 77 24.35 -3.61 72.86
N ALA H 78 24.01 -4.87 73.15
CA ALA H 78 22.81 -5.17 73.93
C ALA H 78 22.91 -4.48 75.28
N ILE H 79 24.12 -4.42 75.83
CA ILE H 79 24.35 -3.71 77.07
C ILE H 79 23.91 -2.26 76.88
N ALA H 80 24.41 -1.62 75.83
CA ALA H 80 24.06 -0.24 75.51
C ALA H 80 22.54 -0.04 75.41
N ILE H 81 21.86 -0.98 74.78
CA ILE H 81 20.41 -0.86 74.59
C ILE H 81 19.71 -0.81 75.93
N VAL H 82 20.15 -1.65 76.85
CA VAL H 82 19.59 -1.66 78.20
C VAL H 82 19.94 -0.38 78.93
N GLN H 83 21.17 0.07 78.73
CA GLN H 83 21.60 1.32 79.33
C GLN H 83 20.65 2.43 78.88
N LEU H 84 20.22 2.36 77.63
CA LEU H 84 19.33 3.37 77.05
C LEU H 84 17.89 3.25 77.56
N GLN H 85 17.45 2.02 77.82
CA GLN H 85 16.14 1.79 78.41
C GLN H 85 16.18 2.23 79.87
N GLU H 86 17.27 1.89 80.56
CA GLU H 86 17.48 2.37 81.92
C GLU H 86 17.36 3.89 81.97
N LEU H 87 18.12 4.54 81.09
CA LEU H 87 18.13 5.99 80.98
C LEU H 87 16.73 6.52 80.64
N SER H 88 16.08 5.85 79.68
CA SER H 88 14.76 6.26 79.23
C SER H 88 13.75 6.28 80.37
N LEU H 89 13.75 5.22 81.17
CA LEU H 89 12.81 5.10 82.28
C LEU H 89 12.93 6.22 83.31
N ARG H 90 14.16 6.54 83.68
CA ARG H 90 14.39 7.61 84.65
C ARG H 90 13.81 8.92 84.14
N LEU H 91 13.90 9.09 82.82
CA LEU H 91 13.46 10.32 82.16
C LEU H 91 11.93 10.49 82.08
N LYS H 92 11.15 9.42 82.19
CA LYS H 92 9.70 9.56 82.08
C LYS H 92 9.19 10.54 83.13
N SER H 93 9.93 10.67 84.23
CA SER H 93 9.59 11.62 85.28
C SER H 93 9.81 13.08 84.88
N CYS H 94 10.81 13.35 84.05
CA CYS H 94 11.01 14.70 83.54
C CYS H 94 9.97 15.13 82.50
N PHE H 95 9.14 14.20 82.03
CA PHE H 95 8.06 14.53 81.08
C PHE H 95 6.66 14.47 81.69
N THR H 96 5.94 15.59 81.57
CA THR H 96 4.53 15.65 81.95
C THR H 96 3.58 14.90 81.02
N LYS H 97 2.87 13.91 81.53
CA LYS H 97 1.93 13.15 80.69
C LYS H 97 0.84 14.10 80.25
N ASP H 98 0.28 13.88 79.07
CA ASP H 98 -0.82 14.70 78.56
C ASP H 98 -2.05 13.81 78.41
N TYR H 99 -3.12 14.33 77.79
CA TYR H 99 -4.34 13.53 77.67
C TYR H 99 -4.06 12.18 77.00
N GLU H 100 -4.63 11.13 77.58
CA GLU H 100 -4.39 9.77 77.14
C GLU H 100 -5.03 9.44 75.79
N GLU H 101 -6.08 10.19 75.43
CA GLU H 101 -6.72 10.07 74.12
C GLU H 101 -5.74 10.36 72.97
N HIS H 102 -4.71 11.15 73.25
CA HIS H 102 -3.69 11.47 72.26
C HIS H 102 -2.76 10.29 71.95
N ASP H 103 -2.90 9.19 72.67
CA ASP H 103 -2.02 8.04 72.48
C ASP H 103 -2.14 7.43 71.08
N LYS H 104 -0.98 7.16 70.47
CA LYS H 104 -0.89 6.58 69.13
C LYS H 104 -1.28 7.52 67.98
N ALA H 105 -1.36 8.82 68.26
CA ALA H 105 -1.49 9.84 67.23
C ALA H 105 -0.14 10.52 67.00
N CYS H 106 -0.05 11.32 65.92
CA CYS H 106 1.21 11.96 65.53
C CYS H 106 2.32 10.98 65.16
N VAL H 107 1.93 9.81 64.68
CA VAL H 107 2.87 8.72 64.39
C VAL H 107 2.63 8.16 62.99
N ARG H 108 3.71 7.72 62.33
CA ARG H 108 3.62 7.21 60.96
C ARG H 108 4.51 5.99 60.72
N THR H 109 4.35 5.39 59.55
CA THR H 109 5.16 4.27 59.10
C THR H 109 6.45 4.79 58.46
N PHE H 110 7.51 4.00 58.52
CA PHE H 110 8.76 4.32 57.83
C PHE H 110 9.37 3.03 57.30
N TYR H 111 9.60 2.94 55.99
CA TYR H 111 10.31 1.80 55.40
C TYR H 111 11.74 2.18 55.01
N GLU H 112 12.67 2.00 55.95
CA GLU H 112 14.05 2.48 55.82
C GLU H 112 15.09 1.47 56.33
N THR H 113 16.37 1.77 56.10
CA THR H 113 17.48 0.96 56.59
C THR H 113 17.55 1.01 58.11
N PRO H 114 18.19 0.01 58.73
CA PRO H 114 18.41 0.14 60.18
C PRO H 114 19.30 1.36 60.45
N LEU H 115 20.32 1.55 59.62
CA LEU H 115 21.25 2.67 59.75
C LEU H 115 20.50 4.00 59.88
N GLN H 116 19.44 4.11 59.10
CA GLN H 116 18.58 5.29 59.08
C GLN H 116 17.79 5.37 60.37
N LEU H 117 17.24 4.24 60.79
CA LEU H 117 16.44 4.18 62.00
C LEU H 117 17.25 4.58 63.22
N LEU H 118 18.46 4.04 63.35
CA LEU H 118 19.34 4.38 64.46
C LEU H 118 19.74 5.86 64.42
N GLU H 119 19.98 6.35 63.20
CA GLU H 119 20.33 7.76 62.98
C GLU H 119 19.19 8.63 63.49
N LYS H 120 17.95 8.16 63.30
CA LYS H 120 16.77 8.86 63.82
C LYS H 120 16.70 8.85 65.36
N VAL H 121 17.07 7.74 66.00
CA VAL H 121 17.03 7.64 67.46
C VAL H 121 18.19 8.40 68.11
N LYS H 122 19.39 8.26 67.56
CA LYS H 122 20.53 9.02 68.05
C LYS H 122 20.19 10.50 67.99
N ASN H 123 19.50 10.90 66.93
CA ASN H 123 19.06 12.27 66.82
C ASN H 123 18.07 12.69 67.90
N VAL H 124 17.19 11.78 68.31
CA VAL H 124 16.27 12.06 69.43
C VAL H 124 17.00 12.29 70.75
N PHE H 125 17.90 11.40 71.10
CA PHE H 125 18.64 11.50 72.36
C PHE H 125 19.55 12.72 72.39
N ASN H 126 20.28 12.92 71.31
CA ASN H 126 21.28 13.98 71.25
C ASN H 126 20.64 15.35 71.21
N GLU H 127 19.55 15.49 70.47
CA GLU H 127 18.82 16.76 70.44
C GLU H 127 18.21 17.01 71.82
N THR H 128 17.80 15.95 72.52
CA THR H 128 17.27 16.09 73.87
C THR H 128 18.32 16.60 74.86
N LYS H 129 19.56 16.14 74.74
CA LYS H 129 20.64 16.60 75.61
C LYS H 129 20.89 18.10 75.46
N ASN H 130 20.85 18.60 74.23
CA ASN H 130 21.10 20.02 73.99
C ASN H 130 20.01 20.92 74.56
N LEU H 131 18.77 20.52 74.38
CA LEU H 131 17.64 21.28 74.93
C LEU H 131 17.49 21.15 76.44
N LEU H 132 17.92 20.03 76.98
CA LEU H 132 17.93 19.83 78.42
C LEU H 132 19.05 20.59 79.16
N ASP H 133 20.27 20.62 78.63
CA ASP H 133 21.36 21.36 79.26
C ASP H 133 20.96 22.85 79.37
N LYS H 134 20.40 23.38 78.29
CA LYS H 134 19.96 24.77 78.22
C LYS H 134 18.79 25.10 79.19
N ASP H 135 17.72 24.30 79.17
CA ASP H 135 16.55 24.48 80.09
C ASP H 135 16.12 23.09 80.54
N TRP H 136 16.35 22.74 81.80
CA TRP H 136 16.00 21.41 82.26
C TRP H 136 14.54 21.03 82.34
N ASN H 137 13.71 21.97 82.79
CA ASN H 137 12.29 21.76 83.03
C ASN H 137 11.46 22.02 81.76
N ILE H 138 12.13 22.31 80.64
CA ILE H 138 11.45 22.76 79.44
C ILE H 138 10.40 21.76 78.98
N PHE H 139 10.63 20.48 79.24
CA PHE H 139 9.70 19.50 78.72
C PHE H 139 8.38 19.40 79.50
N SER H 140 8.08 20.35 80.41
CA SER H 140 6.78 20.30 81.08
C SER H 140 5.63 21.04 80.38
N LYS H 141 5.96 21.88 79.41
CA LYS H 141 4.95 22.72 78.75
C LYS H 141 3.95 21.75 78.08
N ASN H 142 2.66 22.11 78.11
CA ASN H 142 1.57 21.27 77.61
C ASN H 142 1.32 21.25 76.10
N CYS H 143 1.58 20.07 75.53
CA CYS H 143 1.50 19.82 74.09
C CYS H 143 0.16 19.22 73.63
N ASN H 144 -0.82 19.16 74.53
CA ASN H 144 -2.16 18.68 74.20
C ASN H 144 -2.76 19.45 73.03
N ASN H 145 -2.38 20.72 72.93
CA ASN H 145 -2.79 21.57 71.82
C ASN H 145 -2.16 21.05 70.53
N SER H 146 -0.87 20.79 70.60
CA SER H 146 -0.09 20.35 69.43
C SER H 146 -0.41 18.93 68.98
N PHE H 147 -0.80 18.05 69.91
CA PHE H 147 -1.12 16.68 69.56
C PHE H 147 -2.46 16.52 68.83
N ALA H 148 -3.38 17.46 69.07
CA ALA H 148 -4.64 17.48 68.35
C ALA H 148 -4.42 17.71 66.86
N GLU H 149 -3.40 18.49 66.53
CA GLU H 149 -3.13 18.87 65.15
C GLU H 149 -2.73 17.71 64.22
N CYS H 150 -2.31 16.57 64.77
CA CYS H 150 -1.90 15.46 63.92
C CYS H 150 -3.11 14.62 63.52
N SER H 151 -2.86 13.42 62.98
CA SER H 151 -3.93 12.49 62.67
C SER H 151 -4.53 11.85 63.92
N CYS I 11 -36.35 -90.52 -30.44
CA CYS I 11 -36.37 -89.74 -29.21
C CYS I 11 -37.71 -89.86 -28.46
N SER I 12 -38.79 -90.16 -29.20
CA SER I 12 -40.14 -90.22 -28.65
C SER I 12 -40.25 -90.90 -27.28
N HIS I 13 -39.53 -92.01 -27.12
CA HIS I 13 -39.60 -92.79 -25.89
C HIS I 13 -38.24 -92.82 -25.18
N MET I 14 -37.50 -91.72 -25.31
CA MET I 14 -36.19 -91.56 -24.68
C MET I 14 -36.35 -91.37 -23.18
N ILE I 15 -37.25 -90.46 -22.81
CA ILE I 15 -37.55 -90.20 -21.41
C ILE I 15 -38.50 -91.26 -20.87
N GLY I 16 -37.93 -92.27 -20.23
CA GLY I 16 -38.71 -93.33 -19.62
C GLY I 16 -39.52 -92.83 -18.45
N SER I 17 -40.53 -93.60 -18.07
CA SER I 17 -41.34 -93.28 -16.90
C SER I 17 -40.51 -93.41 -15.63
N GLY I 18 -39.59 -94.37 -15.62
CA GLY I 18 -38.72 -94.59 -14.48
C GLY I 18 -37.80 -93.43 -14.12
N HIS I 19 -37.55 -92.53 -15.06
CA HIS I 19 -36.77 -91.33 -14.76
C HIS I 19 -37.58 -90.36 -13.90
N LEU I 20 -38.78 -90.04 -14.34
CA LEU I 20 -39.63 -89.12 -13.59
C LEU I 20 -40.06 -89.73 -12.25
N GLN I 21 -40.12 -91.07 -12.17
CA GLN I 21 -40.42 -91.74 -10.90
C GLN I 21 -39.48 -91.25 -9.81
N SER I 22 -38.18 -91.25 -10.12
CA SER I 22 -37.17 -90.79 -9.17
C SER I 22 -37.22 -89.29 -8.88
N LEU I 23 -37.57 -88.48 -9.89
CA LEU I 23 -37.64 -87.04 -9.70
C LEU I 23 -38.64 -86.63 -8.64
N GLN I 24 -39.84 -87.22 -8.71
CA GLN I 24 -40.88 -86.94 -7.73
C GLN I 24 -40.50 -87.54 -6.37
N ARG I 25 -39.79 -88.66 -6.41
CA ARG I 25 -39.25 -89.28 -5.19
C ARG I 25 -38.23 -88.34 -4.54
N LEU I 26 -37.40 -87.67 -5.34
CA LEU I 26 -36.46 -86.67 -4.81
C LEU I 26 -37.20 -85.58 -4.04
N ILE I 27 -38.26 -85.05 -4.63
CA ILE I 27 -39.02 -83.96 -4.03
C ILE I 27 -39.79 -84.43 -2.80
N ASP I 28 -40.39 -85.62 -2.88
CA ASP I 28 -41.11 -86.17 -1.75
C ASP I 28 -40.18 -86.40 -0.56
N SER I 29 -38.97 -86.84 -0.84
CA SER I 29 -38.02 -87.15 0.22
C SER I 29 -37.43 -85.92 0.94
N GLN I 30 -37.47 -84.76 0.28
CA GLN I 30 -36.91 -83.54 0.84
C GLN I 30 -37.77 -83.00 1.98
N MET I 31 -37.12 -82.38 2.96
CA MET I 31 -37.81 -81.85 4.13
C MET I 31 -38.42 -80.48 3.84
N GLU I 32 -39.59 -80.21 4.41
CA GLU I 32 -40.24 -78.92 4.22
C GLU I 32 -39.49 -77.85 5.02
N THR I 33 -39.05 -76.80 4.33
CA THR I 33 -38.21 -75.79 4.94
C THR I 33 -38.44 -74.42 4.33
N SER I 34 -38.19 -73.39 5.12
CA SER I 34 -38.36 -72.01 4.70
C SER I 34 -37.07 -71.51 4.02
N CYS I 35 -36.07 -72.39 3.90
CA CYS I 35 -34.77 -72.03 3.36
C CYS I 35 -34.82 -71.59 1.91
N GLN I 36 -33.85 -70.77 1.52
CA GLN I 36 -33.73 -70.34 0.13
C GLN I 36 -32.27 -70.38 -0.36
N ILE I 37 -32.11 -70.50 -1.68
CA ILE I 37 -30.79 -70.61 -2.31
C ILE I 37 -30.78 -70.00 -3.70
N THR I 38 -29.61 -69.59 -4.18
CA THR I 38 -29.48 -68.94 -5.49
C THR I 38 -28.96 -69.90 -6.54
N PHE I 39 -29.45 -69.73 -7.78
CA PHE I 39 -29.05 -70.61 -8.88
C PHE I 39 -29.43 -70.02 -10.23
N GLU I 40 -28.68 -70.41 -11.25
CA GLU I 40 -28.94 -69.98 -12.62
C GLU I 40 -30.09 -70.83 -13.19
N PHE I 41 -30.93 -70.22 -14.01
CA PHE I 41 -31.97 -70.95 -14.72
C PHE I 41 -32.51 -70.06 -15.84
N VAL I 42 -33.27 -70.64 -16.75
CA VAL I 42 -33.79 -69.87 -17.87
C VAL I 42 -34.91 -68.93 -17.47
N ASP I 43 -34.79 -67.68 -17.89
CA ASP I 43 -35.81 -66.68 -17.60
C ASP I 43 -37.03 -66.92 -18.47
N GLN I 44 -38.02 -67.58 -17.86
CA GLN I 44 -39.25 -67.98 -18.52
C GLN I 44 -39.98 -66.81 -19.22
N GLU I 45 -39.72 -65.59 -18.77
CA GLU I 45 -40.33 -64.40 -19.38
C GLU I 45 -39.51 -63.82 -20.54
N GLN I 46 -38.18 -63.90 -20.46
CA GLN I 46 -37.33 -63.45 -21.58
C GLN I 46 -37.53 -64.35 -22.80
N LEU I 47 -37.69 -65.64 -22.56
CA LEU I 47 -37.93 -66.62 -23.61
C LEU I 47 -39.29 -67.29 -23.35
N LYS I 48 -40.31 -66.79 -24.03
CA LYS I 48 -41.69 -67.19 -23.77
C LYS I 48 -42.03 -68.51 -24.44
N ASP I 49 -41.61 -68.64 -25.70
CA ASP I 49 -41.86 -69.84 -26.49
C ASP I 49 -41.47 -71.12 -25.75
N PRO I 50 -42.43 -72.04 -25.53
CA PRO I 50 -42.11 -73.24 -24.74
C PRO I 50 -41.26 -74.26 -25.50
N VAL I 51 -41.21 -74.13 -26.83
CA VAL I 51 -40.38 -75.01 -27.64
C VAL I 51 -38.92 -74.63 -27.43
N CYS I 52 -38.61 -73.35 -27.62
CA CYS I 52 -37.25 -72.85 -27.46
C CYS I 52 -36.82 -72.70 -26.00
N TYR I 53 -37.77 -72.59 -25.08
CA TYR I 53 -37.47 -72.52 -23.66
C TYR I 53 -36.87 -73.83 -23.21
N LEU I 54 -37.57 -74.92 -23.51
CA LEU I 54 -37.11 -76.24 -23.14
C LEU I 54 -35.77 -76.51 -23.84
N LYS I 55 -35.61 -76.00 -25.05
CA LYS I 55 -34.37 -76.19 -25.81
C LYS I 55 -33.16 -75.58 -25.09
N LYS I 56 -33.25 -74.28 -24.82
CA LYS I 56 -32.17 -73.55 -24.15
C LYS I 56 -31.96 -74.05 -22.73
N ALA I 57 -33.05 -74.11 -21.98
CA ALA I 57 -33.03 -74.53 -20.58
C ALA I 57 -32.31 -75.86 -20.45
N PHE I 58 -32.53 -76.73 -21.42
CA PHE I 58 -31.98 -78.08 -21.38
C PHE I 58 -30.46 -78.06 -21.42
N LEU I 59 -29.89 -77.17 -22.24
CA LEU I 59 -28.43 -77.11 -22.38
C LEU I 59 -27.67 -76.79 -21.12
N LEU I 60 -28.22 -75.85 -20.37
CA LEU I 60 -27.62 -75.38 -19.15
C LEU I 60 -27.73 -76.36 -17.96
N VAL I 61 -28.76 -77.20 -17.97
CA VAL I 61 -29.07 -78.10 -16.85
C VAL I 61 -27.87 -78.92 -16.36
N GLN I 62 -27.00 -79.31 -17.28
CA GLN I 62 -25.86 -80.17 -16.96
C GLN I 62 -25.04 -79.50 -15.87
N ASP I 63 -24.69 -78.24 -16.10
CA ASP I 63 -23.87 -77.47 -15.16
C ASP I 63 -24.60 -77.25 -13.84
N ILE I 64 -25.93 -77.10 -13.91
CA ILE I 64 -26.73 -76.84 -12.71
C ILE I 64 -26.70 -78.01 -11.77
N MET I 65 -27.16 -79.17 -12.26
CA MET I 65 -27.26 -80.38 -11.46
C MET I 65 -25.99 -80.64 -10.67
N GLU I 66 -24.83 -80.42 -11.28
CA GLU I 66 -23.57 -80.61 -10.57
C GLU I 66 -23.37 -79.56 -9.47
N ASP I 67 -23.60 -78.29 -9.82
CA ASP I 67 -23.44 -77.20 -8.86
C ASP I 67 -24.55 -77.14 -7.81
N THR I 68 -25.70 -77.72 -8.12
CA THR I 68 -26.87 -77.61 -7.28
C THR I 68 -27.26 -78.88 -6.54
N MET I 69 -27.74 -79.87 -7.29
CA MET I 69 -28.29 -81.08 -6.72
C MET I 69 -27.16 -82.02 -6.37
N ARG I 70 -26.64 -81.84 -5.16
CA ARG I 70 -25.53 -82.64 -4.67
C ARG I 70 -26.06 -83.46 -3.49
N PHE I 71 -25.78 -84.76 -3.50
CA PHE I 71 -26.13 -85.65 -2.41
C PHE I 71 -24.95 -86.51 -2.02
N ARG I 72 -25.07 -87.15 -0.85
CA ARG I 72 -24.00 -87.99 -0.32
C ARG I 72 -23.73 -89.13 -1.30
N ASP I 73 -22.45 -89.44 -1.49
CA ASP I 73 -22.05 -90.37 -2.54
C ASP I 73 -22.72 -91.73 -2.38
N ASN I 74 -23.28 -92.23 -3.46
CA ASN I 74 -23.94 -93.53 -3.48
C ASN I 74 -25.10 -93.65 -2.50
N THR I 75 -26.02 -92.68 -2.59
CA THR I 75 -27.28 -92.68 -1.86
C THR I 75 -28.39 -92.77 -2.90
N PRO I 76 -29.63 -93.09 -2.48
CA PRO I 76 -30.69 -93.36 -3.49
C PRO I 76 -30.85 -92.20 -4.47
N ASN I 77 -30.66 -90.99 -3.96
CA ASN I 77 -30.92 -89.77 -4.71
C ASN I 77 -29.75 -89.44 -5.62
N ALA I 78 -28.53 -89.56 -5.12
CA ALA I 78 -27.35 -89.26 -5.92
C ALA I 78 -27.34 -90.14 -7.16
N ILE I 79 -27.79 -91.38 -6.98
CA ILE I 79 -27.94 -92.32 -8.09
C ILE I 79 -28.86 -91.71 -9.14
N ALA I 80 -30.04 -91.27 -8.70
CA ALA I 80 -31.02 -90.64 -9.59
C ALA I 80 -30.39 -89.47 -10.35
N ILE I 81 -29.60 -88.67 -9.66
CA ILE I 81 -28.98 -87.49 -10.27
C ILE I 81 -28.04 -87.89 -11.40
N VAL I 82 -27.27 -88.95 -11.18
CA VAL I 82 -26.36 -89.41 -12.23
C VAL I 82 -27.20 -89.95 -13.39
N GLN I 83 -28.29 -90.66 -13.10
CA GLN I 83 -29.19 -91.15 -14.16
C GLN I 83 -29.76 -89.99 -14.98
N LEU I 84 -30.04 -88.88 -14.32
CA LEU I 84 -30.63 -87.72 -14.99
C LEU I 84 -29.56 -87.06 -15.85
N GLN I 85 -28.31 -87.10 -15.40
CA GLN I 85 -27.23 -86.62 -16.23
C GLN I 85 -26.99 -87.58 -17.39
N GLU I 86 -27.03 -88.89 -17.11
CA GLU I 86 -26.96 -89.88 -18.18
C GLU I 86 -28.00 -89.59 -19.24
N LEU I 87 -29.25 -89.46 -18.79
CA LEU I 87 -30.36 -89.17 -19.67
C LEU I 87 -30.13 -87.85 -20.41
N SER I 88 -29.67 -86.83 -19.69
CA SER I 88 -29.44 -85.50 -20.27
C SER I 88 -28.46 -85.56 -21.42
N LEU I 89 -27.34 -86.24 -21.22
CA LEU I 89 -26.30 -86.36 -22.23
C LEU I 89 -26.84 -87.02 -23.52
N ARG I 90 -27.60 -88.09 -23.35
CA ARG I 90 -28.22 -88.83 -24.47
C ARG I 90 -29.11 -87.95 -25.32
N LEU I 91 -29.76 -87.00 -24.66
CA LEU I 91 -30.68 -86.09 -25.28
C LEU I 91 -30.01 -84.98 -26.12
N LYS I 92 -28.73 -84.71 -25.88
CA LYS I 92 -28.01 -83.66 -26.62
C LYS I 92 -28.03 -83.84 -28.12
N SER I 93 -28.14 -85.08 -28.56
CA SER I 93 -28.24 -85.36 -29.99
C SER I 93 -29.58 -84.94 -30.61
N CYS I 94 -30.66 -85.01 -29.84
CA CYS I 94 -31.98 -84.53 -30.30
C CYS I 94 -32.14 -83.00 -30.37
N PHE I 95 -31.17 -82.28 -29.80
CA PHE I 95 -31.09 -80.81 -29.79
C PHE I 95 -30.02 -80.19 -30.68
N THR I 96 -30.39 -79.24 -31.54
CA THR I 96 -29.36 -78.53 -32.29
C THR I 96 -28.53 -77.69 -31.33
N LYS I 97 -27.24 -78.04 -31.30
CA LYS I 97 -26.19 -77.47 -30.48
C LYS I 97 -24.84 -77.57 -31.15
N ASP I 98 -23.98 -76.59 -30.86
CA ASP I 98 -22.59 -76.49 -31.33
C ASP I 98 -22.43 -75.23 -32.18
N ASP I 103 -23.87 -68.71 -25.14
CA ASP I 103 -23.67 -69.06 -23.74
C ASP I 103 -23.98 -67.92 -22.79
N LYS I 104 -24.71 -68.24 -21.73
CA LYS I 104 -25.09 -67.29 -20.69
C LYS I 104 -26.12 -66.22 -21.06
N ALA I 105 -26.82 -66.36 -22.19
CA ALA I 105 -27.97 -65.50 -22.44
C ALA I 105 -29.29 -66.22 -22.17
N CYS I 106 -30.36 -65.44 -22.10
CA CYS I 106 -31.70 -65.96 -21.78
C CYS I 106 -31.75 -66.63 -20.39
N VAL I 107 -30.88 -66.21 -19.48
CA VAL I 107 -30.75 -66.88 -18.18
C VAL I 107 -30.78 -65.84 -17.06
N ARG I 108 -31.33 -66.20 -15.92
CA ARG I 108 -31.45 -65.28 -14.78
C ARG I 108 -31.17 -65.93 -13.43
N THR I 109 -31.11 -65.09 -12.40
CA THR I 109 -30.93 -65.54 -11.03
C THR I 109 -32.30 -65.92 -10.44
N PHE I 110 -32.30 -66.85 -9.49
CA PHE I 110 -33.52 -67.19 -8.76
C PHE I 110 -33.14 -67.47 -7.31
N TYR I 111 -33.75 -66.74 -6.37
CA TYR I 111 -33.56 -67.01 -4.94
C TYR I 111 -34.78 -67.71 -4.34
N GLU I 112 -34.77 -69.04 -4.39
CA GLU I 112 -35.94 -69.85 -4.03
C GLU I 112 -35.60 -71.08 -3.19
N THR I 113 -36.62 -71.79 -2.71
CA THR I 113 -36.43 -73.03 -1.95
C THR I 113 -35.85 -74.12 -2.86
N PRO I 114 -35.22 -75.13 -2.27
CA PRO I 114 -34.81 -76.26 -3.11
C PRO I 114 -36.05 -76.94 -3.69
N LEU I 115 -37.08 -77.08 -2.85
CA LEU I 115 -38.35 -77.70 -3.23
C LEU I 115 -38.88 -77.07 -4.51
N GLN I 116 -38.73 -75.75 -4.62
CA GLN I 116 -39.16 -75.01 -5.81
C GLN I 116 -38.29 -75.30 -7.01
N LEU I 117 -36.98 -75.31 -6.79
CA LEU I 117 -36.03 -75.57 -7.85
C LEU I 117 -36.26 -76.96 -8.44
N LEU I 118 -36.44 -77.95 -7.59
CA LEU I 118 -36.70 -79.31 -8.08
C LEU I 118 -38.00 -79.33 -8.87
N GLU I 119 -38.99 -78.58 -8.41
CA GLU I 119 -40.27 -78.47 -9.10
C GLU I 119 -40.04 -77.88 -10.49
N LYS I 120 -39.12 -76.93 -10.62
CA LYS I 120 -38.77 -76.35 -11.93
C LYS I 120 -38.08 -77.34 -12.86
N VAL I 121 -37.19 -78.17 -12.30
CA VAL I 121 -36.47 -79.13 -13.12
C VAL I 121 -37.35 -80.32 -13.49
N LYS I 122 -38.14 -80.83 -12.54
CA LYS I 122 -39.10 -81.89 -12.86
C LYS I 122 -40.02 -81.43 -13.97
N ASN I 123 -40.44 -80.17 -13.91
CA ASN I 123 -41.29 -79.61 -14.96
C ASN I 123 -40.60 -79.54 -16.32
N VAL I 124 -39.29 -79.28 -16.35
CA VAL I 124 -38.55 -79.29 -17.61
C VAL I 124 -38.56 -80.67 -18.24
N PHE I 125 -38.25 -81.70 -17.44
CA PHE I 125 -38.20 -83.06 -17.97
C PHE I 125 -39.58 -83.56 -18.38
N ASN I 126 -40.56 -83.31 -17.53
CA ASN I 126 -41.91 -83.82 -17.75
C ASN I 126 -42.59 -83.12 -18.93
N GLU I 127 -42.41 -81.81 -19.05
CA GLU I 127 -42.95 -81.06 -20.18
C GLU I 127 -42.29 -81.49 -21.49
N THR I 128 -41.00 -81.81 -21.42
CA THR I 128 -40.27 -82.31 -22.59
C THR I 128 -40.84 -83.66 -23.06
N LYS I 129 -41.20 -84.52 -22.10
CA LYS I 129 -41.79 -85.81 -22.44
C LYS I 129 -43.10 -85.64 -23.21
N ASN I 130 -43.91 -84.67 -22.80
CA ASN I 130 -45.19 -84.42 -23.44
C ASN I 130 -45.01 -83.90 -24.86
N LEU I 131 -44.06 -82.99 -25.05
CA LEU I 131 -43.78 -82.48 -26.40
C LEU I 131 -43.05 -83.51 -27.26
N LEU I 132 -42.30 -84.42 -26.65
CA LEU I 132 -41.66 -85.47 -27.45
C LEU I 132 -42.67 -86.51 -27.91
N ASP I 133 -43.57 -86.89 -27.01
CA ASP I 133 -44.60 -87.87 -27.31
C ASP I 133 -45.45 -87.44 -28.51
N LYS I 134 -45.89 -86.19 -28.50
CA LYS I 134 -46.71 -85.67 -29.59
C LYS I 134 -45.98 -85.55 -30.94
N ASP I 135 -44.83 -84.89 -30.94
CA ASP I 135 -44.00 -84.76 -32.13
C ASP I 135 -42.51 -84.88 -31.77
N TRP I 136 -41.87 -85.96 -32.19
CA TRP I 136 -40.45 -86.18 -31.88
C TRP I 136 -39.47 -85.21 -32.53
N ASN I 137 -39.75 -84.78 -33.75
CA ASN I 137 -38.81 -83.95 -34.48
C ASN I 137 -38.92 -82.45 -34.13
N ILE I 138 -39.78 -82.11 -33.18
CA ILE I 138 -40.11 -80.72 -32.88
C ILE I 138 -38.89 -79.88 -32.46
N PHE I 139 -37.93 -80.50 -31.76
CA PHE I 139 -36.78 -79.77 -31.22
C PHE I 139 -35.70 -79.40 -32.23
N SER I 140 -36.00 -79.53 -33.52
CA SER I 140 -35.08 -79.12 -34.56
C SER I 140 -35.23 -77.64 -34.90
N LYS I 141 -36.28 -76.99 -34.37
CA LYS I 141 -36.55 -75.61 -34.75
C LYS I 141 -35.39 -74.70 -34.41
N ASN I 142 -35.10 -73.80 -35.33
CA ASN I 142 -33.97 -72.89 -35.17
C ASN I 142 -34.37 -71.74 -34.25
N CYS I 143 -33.80 -71.71 -33.05
CA CYS I 143 -34.16 -70.71 -32.04
C CYS I 143 -33.19 -69.53 -32.00
N ASN I 144 -32.26 -69.44 -32.95
CA ASN I 144 -31.35 -68.31 -33.02
C ASN I 144 -32.10 -66.97 -33.07
N ASN I 145 -33.28 -66.96 -33.69
CA ASN I 145 -34.11 -65.77 -33.70
C ASN I 145 -34.58 -65.45 -32.30
N SER I 146 -35.08 -66.47 -31.61
CA SER I 146 -35.66 -66.30 -30.27
C SER I 146 -34.61 -65.98 -29.20
N PHE I 147 -33.39 -66.47 -29.37
CA PHE I 147 -32.34 -66.21 -28.40
C PHE I 147 -31.83 -64.75 -28.47
N ALA I 148 -31.93 -64.11 -29.64
CA ALA I 148 -31.56 -62.69 -29.74
C ALA I 148 -32.44 -61.76 -28.87
N GLU I 149 -33.72 -62.08 -28.75
CA GLU I 149 -34.70 -61.27 -28.01
C GLU I 149 -34.44 -61.17 -26.49
N CYS I 150 -33.60 -62.02 -25.92
CA CYS I 150 -33.38 -61.99 -24.48
C CYS I 150 -32.38 -60.90 -24.04
N SER I 151 -31.06 -61.14 -24.08
CA SER I 151 -30.01 -60.14 -23.77
C SER I 151 -29.53 -60.32 -22.33
N TYR J 10 -39.07 -105.60 28.84
CA TYR J 10 -40.08 -104.96 28.01
C TYR J 10 -39.33 -104.05 27.05
N CYS J 11 -38.80 -102.94 27.55
CA CYS J 11 -38.22 -101.91 26.71
C CYS J 11 -36.94 -102.31 25.97
N SER J 12 -36.18 -103.28 26.47
CA SER J 12 -34.90 -103.69 25.86
C SER J 12 -34.91 -103.73 24.33
N HIS J 13 -36.00 -104.25 23.76
CA HIS J 13 -36.11 -104.42 22.31
C HIS J 13 -37.24 -103.56 21.75
N MET J 14 -37.45 -102.39 22.35
CA MET J 14 -38.48 -101.46 21.92
C MET J 14 -38.07 -100.77 20.62
N ILE J 15 -36.83 -100.28 20.60
CA ILE J 15 -36.28 -99.63 19.42
C ILE J 15 -35.78 -100.68 18.43
N GLY J 16 -36.63 -101.00 17.46
CA GLY J 16 -36.26 -101.95 16.41
C GLY J 16 -35.19 -101.39 15.50
N SER J 17 -34.54 -102.29 14.76
CA SER J 17 -33.55 -101.88 13.78
C SER J 17 -34.21 -101.14 12.61
N GLY J 18 -35.43 -101.56 12.26
CA GLY J 18 -36.20 -100.93 11.19
C GLY J 18 -36.55 -99.47 11.40
N HIS J 19 -36.53 -99.01 12.65
CA HIS J 19 -36.75 -97.60 12.95
C HIS J 19 -35.54 -96.79 12.51
N LEU J 20 -34.36 -97.23 12.94
CA LEU J 20 -33.13 -96.54 12.59
C LEU J 20 -32.82 -96.65 11.09
N GLN J 21 -33.30 -97.71 10.45
CA GLN J 21 -33.16 -97.85 9.00
C GLN J 21 -33.70 -96.62 8.26
N SER J 22 -34.91 -96.23 8.63
CA SER J 22 -35.56 -95.07 8.04
C SER J 22 -34.88 -93.74 8.39
N LEU J 23 -34.35 -93.63 9.60
CA LEU J 23 -33.68 -92.39 10.03
C LEU J 23 -32.48 -92.04 9.16
N GLN J 24 -31.64 -93.02 8.87
CA GLN J 24 -30.47 -92.81 8.03
C GLN J 24 -30.91 -92.57 6.57
N ARG J 25 -32.01 -93.23 6.20
CA ARG J 25 -32.62 -93.03 4.89
C ARG J 25 -33.12 -91.60 4.75
N LEU J 26 -33.67 -91.07 5.84
CA LEU J 26 -34.10 -89.67 5.88
C LEU J 26 -32.92 -88.75 5.60
N ILE J 27 -31.79 -89.00 6.26
CA ILE J 27 -30.60 -88.15 6.12
C ILE J 27 -29.94 -88.31 4.74
N ASP J 28 -29.87 -89.54 4.26
CA ASP J 28 -29.30 -89.82 2.95
C ASP J 28 -30.10 -89.14 1.84
N SER J 29 -31.41 -89.12 1.99
CA SER J 29 -32.30 -88.57 0.98
C SER J 29 -32.27 -87.04 0.91
N GLN J 30 -31.85 -86.39 1.99
CA GLN J 30 -31.82 -84.93 2.03
C GLN J 30 -30.72 -84.36 1.16
N MET J 31 -30.97 -83.21 0.56
CA MET J 31 -30.01 -82.57 -0.34
C MET J 31 -28.97 -81.80 0.47
N GLU J 32 -27.73 -81.80 -0.02
CA GLU J 32 -26.66 -81.06 0.64
C GLU J 32 -26.83 -79.55 0.43
N THR J 33 -26.89 -78.81 1.53
CA THR J 33 -27.20 -77.38 1.46
C THR J 33 -26.51 -76.58 2.57
N SER J 34 -26.26 -75.31 2.28
CA SER J 34 -25.62 -74.40 3.23
C SER J 34 -26.67 -73.75 4.12
N CYS J 35 -27.94 -74.12 3.95
CA CYS J 35 -29.03 -73.52 4.67
C CYS J 35 -28.94 -73.77 6.16
N GLN J 36 -29.54 -72.89 6.94
CA GLN J 36 -29.62 -73.07 8.39
C GLN J 36 -31.00 -72.73 8.91
N ILE J 37 -31.33 -73.31 10.07
CA ILE J 37 -32.64 -73.15 10.68
C ILE J 37 -32.51 -73.19 12.20
N THR J 38 -33.46 -72.58 12.91
CA THR J 38 -33.41 -72.50 14.36
C THR J 38 -34.37 -73.51 15.02
N PHE J 39 -33.95 -74.05 16.17
CA PHE J 39 -34.76 -75.04 16.87
C PHE J 39 -34.31 -75.25 18.31
N GLU J 40 -35.25 -75.66 19.16
CA GLU J 40 -34.96 -75.99 20.55
C GLU J 40 -34.32 -77.37 20.63
N PHE J 41 -33.38 -77.56 21.53
CA PHE J 41 -32.81 -78.88 21.79
C PHE J 41 -32.06 -78.85 23.12
N VAL J 42 -31.67 -80.01 23.64
CA VAL J 42 -30.98 -80.06 24.92
C VAL J 42 -29.55 -79.56 24.82
N ASP J 43 -29.19 -78.67 25.73
CA ASP J 43 -27.84 -78.12 25.78
C ASP J 43 -26.89 -79.17 26.35
N GLN J 44 -26.18 -79.83 25.43
CA GLN J 44 -25.29 -80.94 25.76
C GLN J 44 -24.24 -80.60 26.83
N GLU J 45 -23.95 -79.31 26.99
CA GLU J 45 -23.01 -78.86 28.01
C GLU J 45 -23.63 -78.53 29.37
N GLN J 46 -24.86 -78.01 29.38
CA GLN J 46 -25.56 -77.78 30.66
C GLN J 46 -25.87 -79.10 31.35
N LEU J 47 -26.23 -80.11 30.57
CA LEU J 47 -26.52 -81.43 31.09
C LEU J 47 -25.55 -82.42 30.47
N LYS J 48 -24.49 -82.71 31.21
CA LYS J 48 -23.37 -83.48 30.72
C LYS J 48 -23.67 -84.98 30.77
N ASP J 49 -24.24 -85.42 31.89
CA ASP J 49 -24.58 -86.81 32.11
C ASP J 49 -25.39 -87.40 30.94
N PRO J 50 -24.87 -88.47 30.29
CA PRO J 50 -25.56 -88.99 29.11
C PRO J 50 -26.83 -89.78 29.45
N VAL J 51 -26.96 -90.19 30.71
CA VAL J 51 -28.15 -90.91 31.15
C VAL J 51 -29.31 -89.92 31.24
N CYS J 52 -29.08 -88.83 31.96
CA CYS J 52 -30.10 -87.79 32.14
C CYS J 52 -30.27 -86.90 30.90
N TYR J 53 -29.25 -86.84 30.05
CA TYR J 53 -29.36 -86.07 28.81
C TYR J 53 -30.41 -86.71 27.92
N LEU J 54 -30.27 -88.01 27.67
CA LEU J 54 -31.20 -88.72 26.82
C LEU J 54 -32.60 -88.68 27.45
N LYS J 55 -32.66 -88.71 28.78
CA LYS J 55 -33.94 -88.66 29.49
C LYS J 55 -34.70 -87.35 29.21
N LYS J 56 -34.04 -86.23 29.48
CA LYS J 56 -34.65 -84.91 29.26
C LYS J 56 -34.89 -84.68 27.79
N ALA J 57 -33.85 -84.87 26.99
CA ALA J 57 -33.93 -84.66 25.55
C ALA J 57 -35.13 -85.39 24.96
N PHE J 58 -35.39 -86.59 25.46
CA PHE J 58 -36.45 -87.42 24.88
C PHE J 58 -37.88 -86.87 25.01
N LEU J 59 -38.24 -86.31 26.17
CA LEU J 59 -39.60 -85.79 26.36
C LEU J 59 -39.94 -84.65 25.41
N LEU J 60 -38.98 -83.77 25.17
CA LEU J 60 -39.18 -82.60 24.31
C LEU J 60 -39.29 -82.97 22.82
N VAL J 61 -38.69 -84.09 22.41
CA VAL J 61 -38.61 -84.48 21.00
C VAL J 61 -39.99 -84.44 20.31
N GLN J 62 -41.07 -84.73 21.05
CA GLN J 62 -42.41 -84.77 20.44
C GLN J 62 -42.77 -83.49 19.74
N ASP J 63 -42.60 -82.42 20.48
CA ASP J 63 -42.93 -81.10 20.00
C ASP J 63 -42.01 -80.72 18.85
N ILE J 64 -40.76 -81.18 18.90
CA ILE J 64 -39.79 -80.84 17.86
C ILE J 64 -40.22 -81.42 16.53
N MET J 65 -40.33 -82.75 16.47
CA MET J 65 -40.67 -83.47 15.23
C MET J 65 -41.86 -82.84 14.51
N GLU J 66 -42.88 -82.45 15.25
CA GLU J 66 -44.05 -81.82 14.65
C GLU J 66 -43.71 -80.44 14.08
N ASP J 67 -43.03 -79.62 14.87
CA ASP J 67 -42.66 -78.27 14.46
C ASP J 67 -41.52 -78.26 13.42
N THR J 68 -40.73 -79.31 13.40
CA THR J 68 -39.53 -79.35 12.57
C THR J 68 -39.62 -80.26 11.36
N MET J 69 -39.61 -81.57 11.62
CA MET J 69 -39.54 -82.56 10.56
C MET J 69 -40.91 -82.77 9.94
N ARG J 70 -41.22 -81.94 8.96
CA ARG J 70 -42.50 -81.98 8.27
C ARG J 70 -42.24 -82.38 6.83
N PHE J 71 -43.00 -83.36 6.34
CA PHE J 71 -42.92 -83.76 4.94
C PHE J 71 -44.32 -83.85 4.34
N ARG J 72 -44.36 -83.93 3.01
CA ARG J 72 -45.61 -83.97 2.27
C ARG J 72 -46.39 -85.22 2.67
N ASP J 73 -47.69 -85.11 2.84
CA ASP J 73 -48.50 -86.19 3.44
C ASP J 73 -48.39 -87.52 2.68
N ASN J 74 -48.14 -88.58 3.43
CA ASN J 74 -48.04 -89.94 2.89
C ASN J 74 -46.96 -90.08 1.81
N THR J 75 -45.76 -89.64 2.20
CA THR J 75 -44.54 -89.81 1.41
C THR J 75 -43.65 -90.74 2.23
N PRO J 76 -42.59 -91.30 1.63
CA PRO J 76 -41.82 -92.32 2.35
C PRO J 76 -41.30 -91.82 3.70
N ASN J 77 -40.97 -90.53 3.74
CA ASN J 77 -40.34 -89.93 4.90
C ASN J 77 -41.36 -89.59 5.98
N ALA J 78 -42.48 -89.01 5.56
CA ALA J 78 -43.54 -88.63 6.50
C ALA J 78 -44.01 -89.86 7.26
N ILE J 79 -44.05 -90.99 6.56
CA ILE J 79 -44.40 -92.27 7.19
C ILE J 79 -43.43 -92.52 8.34
N ALA J 80 -42.13 -92.46 8.05
CA ALA J 80 -41.09 -92.66 9.05
C ALA J 80 -41.29 -91.74 10.26
N ILE J 81 -41.64 -90.49 10.00
CA ILE J 81 -41.81 -89.50 11.07
C ILE J 81 -42.93 -89.89 12.02
N VAL J 82 -44.04 -90.36 11.47
CA VAL J 82 -45.17 -90.79 12.27
C VAL J 82 -44.78 -92.05 13.04
N GLN J 83 -44.04 -92.93 12.37
CA GLN J 83 -43.53 -94.15 12.99
C GLN J 83 -42.66 -93.83 14.20
N LEU J 84 -41.89 -92.75 14.09
CA LEU J 84 -40.99 -92.33 15.16
C LEU J 84 -41.77 -91.70 16.31
N GLN J 85 -42.87 -91.02 15.98
CA GLN J 85 -43.75 -90.47 17.00
C GLN J 85 -44.49 -91.63 17.69
N GLU J 86 -44.94 -92.60 16.89
CA GLU J 86 -45.53 -93.83 17.45
C GLU J 86 -44.57 -94.48 18.44
N LEU J 87 -43.34 -94.69 17.99
CA LEU J 87 -42.30 -95.30 18.82
C LEU J 87 -42.05 -94.51 20.06
N SER J 88 -41.95 -93.20 19.86
CA SER J 88 -41.68 -92.30 20.94
C SER J 88 -42.71 -92.34 22.06
N LEU J 89 -43.99 -92.31 21.69
CA LEU J 89 -45.07 -92.31 22.69
C LEU J 89 -45.02 -93.56 23.55
N ARG J 90 -44.81 -94.74 22.93
CA ARG J 90 -44.72 -95.98 23.70
C ARG J 90 -43.58 -95.87 24.71
N LEU J 91 -42.51 -95.18 24.36
CA LEU J 91 -41.34 -95.06 25.22
C LEU J 91 -41.55 -94.14 26.44
N LYS J 92 -42.53 -93.23 26.40
CA LYS J 92 -42.75 -92.32 27.53
C LYS J 92 -42.99 -93.08 28.84
N SER J 93 -43.51 -94.30 28.70
CA SER J 93 -43.72 -95.19 29.84
C SER J 93 -42.43 -95.72 30.44
N CYS J 94 -41.42 -95.91 29.60
CA CYS J 94 -40.11 -96.33 30.08
C CYS J 94 -39.32 -95.24 30.83
N PHE J 95 -39.80 -94.00 30.78
CA PHE J 95 -39.19 -92.89 31.51
C PHE J 95 -39.98 -92.40 32.71
N THR J 96 -39.35 -92.38 33.89
CA THR J 96 -39.94 -91.78 35.07
C THR J 96 -40.01 -90.26 35.01
N LYS J 97 -41.21 -89.69 35.06
CA LYS J 97 -41.35 -88.23 35.01
C LYS J 97 -40.71 -87.66 36.27
N ASP J 98 -40.16 -86.46 36.16
CA ASP J 98 -39.54 -85.78 37.31
C ASP J 98 -40.36 -84.52 37.59
N TYR J 99 -39.88 -83.66 38.49
CA TYR J 99 -40.65 -82.46 38.82
C TYR J 99 -40.97 -81.64 37.58
N GLU J 100 -42.23 -81.22 37.48
CA GLU J 100 -42.73 -80.49 36.32
C GLU J 100 -42.16 -79.08 36.21
N GLU J 101 -41.73 -78.51 37.34
CA GLU J 101 -41.07 -77.21 37.37
C GLU J 101 -39.81 -77.19 36.51
N HIS J 102 -39.20 -78.37 36.32
CA HIS J 102 -38.01 -78.48 35.49
C HIS J 102 -38.32 -78.33 34.00
N ASP J 103 -39.60 -78.23 33.62
CA ASP J 103 -39.98 -78.15 32.22
C ASP J 103 -39.43 -76.90 31.53
N LYS J 104 -38.87 -77.10 30.35
CA LYS J 104 -38.27 -76.05 29.53
C LYS J 104 -36.95 -75.48 30.06
N ALA J 105 -36.34 -76.19 31.01
CA ALA J 105 -34.97 -75.91 31.44
C ALA J 105 -34.03 -76.94 30.81
N CYS J 106 -32.72 -76.68 30.90
CA CYS J 106 -31.71 -77.53 30.25
C CYS J 106 -31.82 -77.55 28.72
N VAL J 107 -32.33 -76.47 28.15
CA VAL J 107 -32.62 -76.41 26.71
C VAL J 107 -32.04 -75.13 26.12
N ARG J 108 -31.59 -75.19 24.86
CA ARG J 108 -30.98 -74.05 24.20
C ARG J 108 -31.37 -73.92 22.72
N THR J 109 -30.98 -72.79 22.12
CA THR J 109 -31.19 -72.54 20.71
C THR J 109 -30.06 -73.18 19.89
N PHE J 110 -30.35 -73.55 18.65
CA PHE J 110 -29.32 -74.03 17.73
C PHE J 110 -29.66 -73.50 16.34
N TYR J 111 -28.73 -72.76 15.72
CA TYR J 111 -28.91 -72.30 14.34
C TYR J 111 -28.02 -73.12 13.39
N GLU J 112 -28.56 -74.22 12.88
CA GLU J 112 -27.78 -75.21 12.11
C GLU J 112 -28.53 -75.73 10.87
N THR J 113 -27.83 -76.51 10.05
CA THR J 113 -28.45 -77.15 8.87
C THR J 113 -29.47 -78.19 9.33
N PRO J 114 -30.41 -78.54 8.44
CA PRO J 114 -31.31 -79.65 8.80
C PRO J 114 -30.51 -80.94 8.95
N LEU J 115 -29.56 -81.13 8.04
CA LEU J 115 -28.67 -82.29 8.01
C LEU J 115 -28.03 -82.52 9.38
N GLN J 116 -27.63 -81.43 10.03
CA GLN J 116 -27.03 -81.47 11.37
C GLN J 116 -28.08 -81.85 12.41
N LEU J 117 -29.25 -81.23 12.29
CA LEU J 117 -30.33 -81.49 13.23
C LEU J 117 -30.75 -82.95 13.19
N LEU J 118 -30.91 -83.49 11.99
CA LEU J 118 -31.27 -84.89 11.84
C LEU J 118 -30.19 -85.77 12.45
N GLU J 119 -28.93 -85.37 12.26
CA GLU J 119 -27.79 -86.10 12.83
C GLU J 119 -27.88 -86.10 14.36
N LYS J 120 -28.36 -85.01 14.95
CA LYS J 120 -28.57 -84.93 16.40
C LYS J 120 -29.70 -85.84 16.86
N VAL J 121 -30.78 -85.93 16.09
CA VAL J 121 -31.91 -86.77 16.47
C VAL J 121 -31.63 -88.25 16.27
N LYS J 122 -31.00 -88.61 15.15
CA LYS J 122 -30.60 -90.00 14.94
C LYS J 122 -29.69 -90.46 16.08
N ASN J 123 -28.79 -89.58 16.52
CA ASN J 123 -27.91 -89.89 17.64
C ASN J 123 -28.64 -90.10 18.97
N VAL J 124 -29.71 -89.35 19.21
CA VAL J 124 -30.51 -89.55 20.41
C VAL J 124 -31.13 -90.95 20.41
N PHE J 125 -31.74 -91.34 19.29
CA PHE J 125 -32.39 -92.65 19.18
C PHE J 125 -31.36 -93.76 19.26
N ASN J 126 -30.25 -93.59 18.54
CA ASN J 126 -29.23 -94.64 18.44
C ASN J 126 -28.49 -94.85 19.76
N GLU J 127 -28.18 -93.74 20.44
CA GLU J 127 -27.54 -93.83 21.76
C GLU J 127 -28.47 -94.45 22.79
N THR J 128 -29.78 -94.17 22.67
CA THR J 128 -30.77 -94.78 23.55
C THR J 128 -30.86 -96.29 23.39
N LYS J 129 -30.76 -96.76 22.15
CA LYS J 129 -30.79 -98.19 21.88
C LYS J 129 -29.62 -98.88 22.56
N ASN J 130 -28.46 -98.23 22.52
CA ASN J 130 -27.26 -98.80 23.13
C ASN J 130 -27.32 -98.89 24.66
N LEU J 131 -27.81 -97.85 25.32
CA LEU J 131 -27.95 -97.88 26.77
C LEU J 131 -29.12 -98.75 27.24
N LEU J 132 -30.13 -98.86 26.41
CA LEU J 132 -31.27 -99.73 26.68
C LEU J 132 -30.92 -101.22 26.49
N ASP J 133 -30.17 -101.58 25.44
CA ASP J 133 -29.79 -102.98 25.25
C ASP J 133 -29.00 -103.49 26.46
N LYS J 134 -28.05 -102.69 26.93
CA LYS J 134 -27.21 -103.03 28.08
C LYS J 134 -27.97 -103.13 29.41
N ASP J 135 -28.74 -102.10 29.75
CA ASP J 135 -29.56 -102.09 30.96
C ASP J 135 -30.92 -101.46 30.68
N TRP J 136 -31.96 -102.29 30.73
CA TRP J 136 -33.32 -101.84 30.43
C TRP J 136 -33.90 -100.85 31.44
N ASN J 137 -33.57 -101.06 32.71
CA ASN J 137 -34.14 -100.27 33.79
C ASN J 137 -33.37 -98.96 34.06
N ILE J 138 -32.35 -98.68 33.25
CA ILE J 138 -31.44 -97.58 33.53
C ILE J 138 -32.13 -96.21 33.59
N PHE J 139 -33.18 -96.03 32.80
CA PHE J 139 -33.85 -94.73 32.70
C PHE J 139 -34.80 -94.38 33.86
N SER J 140 -34.72 -95.12 34.95
CA SER J 140 -35.49 -94.82 36.15
C SER J 140 -34.79 -93.80 37.07
N LYS J 141 -33.52 -93.49 36.80
CA LYS J 141 -32.74 -92.63 37.68
C LYS J 141 -33.34 -91.26 37.88
N ASN J 142 -33.27 -90.76 39.11
CA ASN J 142 -33.86 -89.47 39.44
C ASN J 142 -32.93 -88.35 39.00
N CYS J 143 -33.35 -87.62 37.97
CA CYS J 143 -32.53 -86.55 37.41
C CYS J 143 -32.92 -85.17 37.94
N ASN J 144 -33.82 -85.13 38.93
CA ASN J 144 -34.21 -83.86 39.54
C ASN J 144 -33.00 -83.09 40.06
N ASN J 145 -31.98 -83.80 40.52
CA ASN J 145 -30.73 -83.19 40.94
C ASN J 145 -30.03 -82.56 39.75
N SER J 146 -29.92 -83.32 38.67
CA SER J 146 -29.18 -82.89 37.47
C SER J 146 -29.89 -81.78 36.69
N PHE J 147 -31.23 -81.75 36.75
CA PHE J 147 -31.98 -80.72 36.04
C PHE J 147 -31.88 -79.37 36.74
N ALA J 148 -31.60 -79.40 38.04
CA ALA J 148 -31.36 -78.18 38.80
C ALA J 148 -30.11 -77.48 38.26
N GLU J 149 -29.14 -78.27 37.79
CA GLU J 149 -27.86 -77.72 37.33
C GLU J 149 -27.93 -76.82 36.10
N CYS J 150 -29.01 -76.88 35.33
CA CYS J 150 -29.14 -76.06 34.13
C CYS J 150 -29.72 -74.68 34.48
N SER J 151 -30.13 -73.93 33.45
CA SER J 151 -30.80 -72.66 33.65
C SER J 151 -32.23 -72.85 34.16
N SER K 8 -27.54 59.77 -32.36
CA SER K 8 -27.67 58.83 -33.46
C SER K 8 -28.60 57.66 -33.09
N GLU K 9 -28.53 57.21 -31.85
CA GLU K 9 -29.33 56.11 -31.29
C GLU K 9 -30.76 56.48 -30.92
N TYR K 10 -31.70 55.62 -31.29
CA TYR K 10 -33.13 55.85 -31.10
C TYR K 10 -33.68 54.85 -30.08
N CYS K 11 -32.82 54.25 -29.26
CA CYS K 11 -33.23 53.17 -28.36
C CYS K 11 -34.16 53.63 -27.23
N SER K 12 -34.11 54.91 -26.84
CA SER K 12 -34.92 55.44 -25.74
C SER K 12 -36.34 54.92 -25.71
N HIS K 13 -36.95 54.88 -26.89
CA HIS K 13 -38.34 54.49 -27.05
C HIS K 13 -38.49 53.21 -27.87
N MET K 14 -37.50 52.32 -27.74
CA MET K 14 -37.51 51.04 -28.46
C MET K 14 -38.54 50.12 -27.81
N ILE K 15 -38.50 50.05 -26.49
CA ILE K 15 -39.45 49.25 -25.73
C ILE K 15 -40.76 50.01 -25.59
N GLY K 16 -41.71 49.71 -26.48
CA GLY K 16 -43.02 50.32 -26.43
C GLY K 16 -43.82 49.87 -25.22
N SER K 17 -44.86 50.63 -24.88
CA SER K 17 -45.75 50.25 -23.80
C SER K 17 -46.55 49.00 -24.17
N GLY K 18 -46.89 48.87 -25.45
CA GLY K 18 -47.63 47.73 -25.95
C GLY K 18 -46.92 46.38 -25.80
N HIS K 19 -45.60 46.40 -25.65
CA HIS K 19 -44.86 45.16 -25.40
C HIS K 19 -45.13 44.67 -23.99
N LEU K 20 -44.96 45.55 -23.01
CA LEU K 20 -45.18 45.19 -21.62
C LEU K 20 -46.65 44.89 -21.32
N GLN K 21 -47.55 45.50 -22.09
CA GLN K 21 -48.99 45.23 -21.96
C GLN K 21 -49.25 43.73 -22.09
N SER K 22 -48.68 43.13 -23.12
CA SER K 22 -48.83 41.69 -23.35
C SER K 22 -48.14 40.82 -22.28
N LEU K 23 -46.99 41.26 -21.75
CA LEU K 23 -46.28 40.47 -20.74
C LEU K 23 -47.12 40.26 -19.49
N GLN K 24 -47.73 41.33 -19.00
CA GLN K 24 -48.59 41.25 -17.83
C GLN K 24 -49.83 40.48 -18.18
N ARG K 25 -50.26 40.61 -19.43
CA ARG K 25 -51.38 39.84 -19.91
C ARG K 25 -51.08 38.34 -19.86
N LEU K 26 -49.84 38.00 -20.23
CA LEU K 26 -49.35 36.62 -20.16
C LEU K 26 -49.43 36.07 -18.74
N ILE K 27 -48.97 36.86 -17.78
CA ILE K 27 -48.93 36.44 -16.40
C ILE K 27 -50.35 36.36 -15.80
N ASP K 28 -51.19 37.33 -16.12
CA ASP K 28 -52.59 37.32 -15.66
C ASP K 28 -53.35 36.09 -16.17
N SER K 29 -53.07 35.73 -17.41
CA SER K 29 -53.78 34.62 -18.06
C SER K 29 -53.38 33.25 -17.53
N GLN K 30 -52.19 33.15 -16.92
CA GLN K 30 -51.73 31.85 -16.43
C GLN K 30 -52.51 31.43 -15.19
N MET K 31 -52.71 30.12 -15.05
CA MET K 31 -53.47 29.58 -13.94
C MET K 31 -52.59 29.47 -12.71
N GLU K 32 -53.19 29.70 -11.55
CA GLU K 32 -52.48 29.61 -10.27
C GLU K 32 -52.18 28.15 -9.91
N THR K 33 -50.91 27.85 -9.69
CA THR K 33 -50.47 26.47 -9.48
C THR K 33 -49.26 26.34 -8.56
N SER K 34 -49.17 25.18 -7.90
CA SER K 34 -48.07 24.89 -6.98
C SER K 34 -46.88 24.29 -7.75
N CYS K 35 -47.02 24.17 -9.07
CA CYS K 35 -46.01 23.53 -9.90
C CYS K 35 -44.69 24.27 -9.93
N GLN K 36 -43.61 23.53 -10.20
CA GLN K 36 -42.28 24.12 -10.37
C GLN K 36 -41.53 23.54 -11.57
N ILE K 37 -40.59 24.32 -12.06
CA ILE K 37 -39.81 23.97 -13.24
C ILE K 37 -38.40 24.56 -13.14
N THR K 38 -37.44 23.94 -13.84
CA THR K 38 -36.04 24.37 -13.79
C THR K 38 -35.66 25.15 -15.04
N PHE K 39 -34.79 26.14 -14.87
CA PHE K 39 -34.37 26.98 -15.98
C PHE K 39 -33.12 27.79 -15.68
N GLU K 40 -32.38 28.13 -16.73
CA GLU K 40 -31.18 28.97 -16.60
C GLU K 40 -31.61 30.42 -16.46
N PHE K 41 -30.88 31.19 -15.65
CA PHE K 41 -31.10 32.62 -15.55
C PHE K 41 -29.90 33.23 -14.87
N VAL K 42 -29.78 34.55 -14.90
CA VAL K 42 -28.63 35.22 -14.31
C VAL K 42 -28.71 35.21 -12.79
N ASP K 43 -27.62 34.81 -12.16
CA ASP K 43 -27.53 34.78 -10.71
C ASP K 43 -27.39 36.21 -10.19
N GLN K 44 -28.52 36.74 -9.74
CA GLN K 44 -28.62 38.13 -9.28
C GLN K 44 -27.59 38.48 -8.19
N GLU K 45 -27.08 37.48 -7.48
CA GLU K 45 -26.08 37.69 -6.45
C GLU K 45 -24.63 37.62 -6.96
N GLN K 46 -24.36 36.77 -7.95
CA GLN K 46 -23.03 36.74 -8.57
C GLN K 46 -22.74 38.04 -9.30
N LEU K 47 -23.76 38.59 -9.96
CA LEU K 47 -23.65 39.85 -10.67
C LEU K 47 -24.64 40.84 -10.05
N LYS K 48 -24.12 41.67 -9.16
CA LYS K 48 -24.95 42.55 -8.34
C LYS K 48 -25.36 43.80 -9.11
N ASP K 49 -24.40 44.40 -9.81
CA ASP K 49 -24.60 45.61 -10.59
C ASP K 49 -25.81 45.51 -11.53
N PRO K 50 -26.80 46.40 -11.38
CA PRO K 50 -28.01 46.27 -12.20
C PRO K 50 -27.81 46.70 -13.65
N VAL K 51 -26.73 47.42 -13.93
CA VAL K 51 -26.43 47.84 -15.31
C VAL K 51 -25.93 46.61 -16.07
N CYS K 52 -24.94 45.92 -15.51
CA CYS K 52 -24.36 44.74 -16.14
C CYS K 52 -25.25 43.49 -15.99
N TYR K 53 -26.13 43.47 -15.00
CA TYR K 53 -27.05 42.36 -14.82
C TYR K 53 -28.00 42.33 -15.99
N LEU K 54 -28.65 43.45 -16.26
CA LEU K 54 -29.58 43.53 -17.37
C LEU K 54 -28.85 43.26 -18.69
N LYS K 55 -27.59 43.68 -18.77
CA LYS K 55 -26.78 43.47 -19.97
C LYS K 55 -26.58 41.98 -20.25
N LYS K 56 -26.03 41.26 -19.28
CA LYS K 56 -25.77 39.83 -19.41
C LYS K 56 -27.08 39.05 -19.54
N ALA K 57 -27.99 39.30 -18.61
CA ALA K 57 -29.27 38.62 -18.58
C ALA K 57 -29.95 38.71 -19.94
N PHE K 58 -29.81 39.84 -20.60
CA PHE K 58 -30.49 40.09 -21.87
C PHE K 58 -30.02 39.15 -22.98
N LEU K 59 -28.72 38.91 -23.05
CA LEU K 59 -28.18 38.05 -24.12
C LEU K 59 -28.72 36.63 -24.07
N LEU K 60 -28.84 36.09 -22.87
CA LEU K 60 -29.31 34.72 -22.67
C LEU K 60 -30.81 34.51 -22.93
N VAL K 61 -31.61 35.57 -22.74
CA VAL K 61 -33.08 35.48 -22.82
C VAL K 61 -33.59 34.81 -24.10
N GLN K 62 -32.89 34.96 -25.22
CA GLN K 62 -33.38 34.44 -26.51
C GLN K 62 -33.54 32.94 -26.46
N ASP K 63 -32.52 32.30 -25.92
CA ASP K 63 -32.52 30.86 -25.78
C ASP K 63 -33.58 30.40 -24.78
N ILE K 64 -33.82 31.22 -23.74
CA ILE K 64 -34.78 30.86 -22.72
C ILE K 64 -36.18 30.79 -23.31
N MET K 65 -36.62 31.91 -23.85
CA MET K 65 -37.96 32.04 -24.41
C MET K 65 -38.31 30.87 -25.32
N GLU K 66 -37.38 30.44 -26.14
CA GLU K 66 -37.63 29.29 -27.01
C GLU K 66 -37.78 27.99 -26.21
N ASP K 67 -36.83 27.75 -25.29
CA ASP K 67 -36.87 26.53 -24.48
C ASP K 67 -37.95 26.60 -23.40
N THR K 68 -38.36 27.80 -23.01
CA THR K 68 -39.27 27.94 -21.89
C THR K 68 -40.68 28.32 -22.29
N MET K 69 -40.84 29.56 -22.74
CA MET K 69 -42.15 30.11 -23.02
C MET K 69 -42.65 29.65 -24.37
N ARG K 70 -43.30 28.48 -24.35
CA ARG K 70 -43.83 27.89 -25.56
C ARG K 70 -45.35 27.86 -25.43
N PHE K 71 -46.05 28.32 -26.46
CA PHE K 71 -47.51 28.27 -26.50
C PHE K 71 -47.98 27.70 -27.84
N ARG K 72 -49.25 27.33 -27.92
CA ARG K 72 -49.80 26.76 -29.14
C ARG K 72 -49.71 27.79 -30.26
N ASP K 73 -49.34 27.32 -31.45
CA ASP K 73 -49.03 28.21 -32.56
C ASP K 73 -50.20 29.12 -32.89
N ASN K 74 -49.89 30.41 -33.02
CA ASN K 74 -50.87 31.42 -33.37
C ASN K 74 -52.02 31.52 -32.38
N THR K 75 -51.64 31.67 -31.11
CA THR K 75 -52.55 31.96 -29.99
C THR K 75 -52.16 33.33 -29.46
N PRO K 76 -53.02 33.96 -28.63
CA PRO K 76 -52.73 35.35 -28.24
C PRO K 76 -51.35 35.51 -27.61
N ASN K 77 -50.93 34.48 -26.88
CA ASN K 77 -49.70 34.52 -26.10
C ASN K 77 -48.48 34.24 -26.97
N ALA K 78 -48.58 33.23 -27.83
CA ALA K 78 -47.47 32.88 -28.72
C ALA K 78 -47.09 34.06 -29.59
N ILE K 79 -48.10 34.83 -30.00
CA ILE K 79 -47.87 36.04 -30.78
C ILE K 79 -46.97 36.97 -29.96
N ALA K 80 -47.37 37.23 -28.73
CA ALA K 80 -46.60 38.08 -27.82
C ALA K 80 -45.16 37.60 -27.70
N ILE K 81 -44.97 36.28 -27.60
CA ILE K 81 -43.64 35.72 -27.43
C ILE K 81 -42.79 36.05 -28.65
N VAL K 82 -43.37 35.93 -29.84
CA VAL K 82 -42.62 36.25 -31.06
C VAL K 82 -42.31 37.74 -31.13
N GLN K 83 -43.27 38.58 -30.77
CA GLN K 83 -43.04 40.02 -30.74
C GLN K 83 -41.87 40.34 -29.79
N LEU K 84 -41.75 39.61 -28.69
CA LEU K 84 -40.69 39.86 -27.72
C LEU K 84 -39.34 39.38 -28.26
N GLN K 85 -39.35 38.31 -29.05
CA GLN K 85 -38.12 37.86 -29.70
C GLN K 85 -37.76 38.89 -30.79
N GLU K 86 -38.77 39.35 -31.53
CA GLU K 86 -38.58 40.43 -32.49
C GLU K 86 -37.93 41.65 -31.83
N LEU K 87 -38.54 42.10 -30.73
CA LEU K 87 -38.04 43.24 -29.97
C LEU K 87 -36.62 43.01 -29.48
N SER K 88 -36.40 41.81 -28.96
CA SER K 88 -35.11 41.44 -28.43
C SER K 88 -34.01 41.55 -29.49
N LEU K 89 -34.27 41.03 -30.69
CA LEU K 89 -33.27 41.04 -31.75
C LEU K 89 -32.82 42.46 -32.10
N ARG K 90 -33.76 43.38 -32.24
CA ARG K 90 -33.42 44.78 -32.52
C ARG K 90 -32.54 45.36 -31.42
N LEU K 91 -32.77 44.92 -30.19
CA LEU K 91 -32.05 45.46 -29.04
C LEU K 91 -30.59 45.01 -29.00
N LYS K 92 -30.24 43.91 -29.69
CA LYS K 92 -28.86 43.42 -29.69
C LYS K 92 -27.86 44.47 -30.16
N SER K 93 -28.32 45.39 -31.00
CA SER K 93 -27.50 46.48 -31.47
C SER K 93 -27.22 47.54 -30.40
N CYS K 94 -28.17 47.74 -29.48
CA CYS K 94 -27.95 48.66 -28.37
C CYS K 94 -27.00 48.13 -27.29
N PHE K 95 -26.63 46.85 -27.36
CA PHE K 95 -25.67 46.29 -26.40
C PHE K 95 -24.31 46.02 -27.03
N THR K 96 -23.26 46.62 -26.45
CA THR K 96 -21.88 46.34 -26.84
C THR K 96 -21.42 44.95 -26.39
N LYS K 97 -21.05 44.10 -27.34
CA LYS K 97 -20.59 42.75 -27.01
C LYS K 97 -19.29 42.81 -26.22
N ASP K 98 -19.10 41.83 -25.33
CA ASP K 98 -17.87 41.73 -24.53
C ASP K 98 -17.14 40.44 -24.91
N TYR K 99 -16.09 40.10 -24.16
CA TYR K 99 -15.27 38.91 -24.43
C TYR K 99 -16.07 37.60 -24.50
N GLU K 100 -15.76 36.79 -25.52
CA GLU K 100 -16.49 35.54 -25.77
C GLU K 100 -16.25 34.44 -24.74
N GLU K 101 -15.11 34.48 -24.06
CA GLU K 101 -14.82 33.56 -22.96
C GLU K 101 -15.83 33.62 -21.81
N HIS K 102 -16.44 34.79 -21.62
CA HIS K 102 -17.46 34.98 -20.59
C HIS K 102 -18.81 34.32 -20.86
N ASP K 103 -18.99 33.72 -22.03
CA ASP K 103 -20.28 33.12 -22.37
C ASP K 103 -20.64 31.98 -21.41
N LYS K 104 -21.88 31.99 -20.94
CA LYS K 104 -22.40 30.98 -20.02
C LYS K 104 -21.84 31.02 -18.61
N ALA K 105 -21.20 32.14 -18.25
CA ALA K 105 -20.84 32.42 -16.87
C ALA K 105 -21.85 33.42 -16.29
N CYS K 106 -21.81 33.61 -14.98
CA CYS K 106 -22.78 34.46 -14.27
C CYS K 106 -24.22 33.97 -14.35
N VAL K 107 -24.41 32.66 -14.50
CA VAL K 107 -25.74 32.08 -14.72
C VAL K 107 -25.95 30.92 -13.74
N ARG K 108 -27.19 30.73 -13.30
CA ARG K 108 -27.51 29.68 -12.32
C ARG K 108 -28.84 28.96 -12.61
N THR K 109 -29.08 27.90 -11.84
CA THR K 109 -30.32 27.14 -11.90
C THR K 109 -31.38 27.80 -11.03
N PHE K 110 -32.65 27.63 -11.39
CA PHE K 110 -33.76 28.11 -10.56
C PHE K 110 -34.88 27.08 -10.66
N TYR K 111 -35.33 26.53 -9.53
CA TYR K 111 -36.50 25.64 -9.49
C TYR K 111 -37.72 26.35 -8.91
N GLU K 112 -38.48 26.98 -9.80
CA GLU K 112 -39.57 27.87 -9.39
C GLU K 112 -40.84 27.70 -10.25
N THR K 113 -41.92 28.37 -9.86
CA THR K 113 -43.16 28.36 -10.63
C THR K 113 -42.96 29.08 -11.95
N PRO K 114 -43.82 28.78 -12.95
CA PRO K 114 -43.76 29.58 -14.18
C PRO K 114 -44.08 31.04 -13.86
N LEU K 115 -45.08 31.21 -13.01
CA LEU K 115 -45.58 32.50 -12.55
C LEU K 115 -44.40 33.36 -12.05
N GLN K 116 -43.48 32.72 -11.34
CA GLN K 116 -42.27 33.39 -10.84
C GLN K 116 -41.30 33.76 -11.95
N LEU K 117 -41.08 32.81 -12.86
CA LEU K 117 -40.18 32.99 -13.98
C LEU K 117 -40.66 34.15 -14.85
N LEU K 118 -41.95 34.17 -15.14
CA LEU K 118 -42.51 35.25 -15.94
C LEU K 118 -42.32 36.58 -15.22
N GLU K 119 -42.48 36.57 -13.91
CA GLU K 119 -42.26 37.75 -13.09
C GLU K 119 -40.81 38.22 -13.22
N LYS K 120 -39.87 37.28 -13.30
CA LYS K 120 -38.45 37.62 -13.50
C LYS K 120 -38.15 38.22 -14.87
N VAL K 121 -38.81 37.70 -15.91
CA VAL K 121 -38.58 38.21 -17.27
C VAL K 121 -39.26 39.56 -17.48
N LYS K 122 -40.50 39.69 -17.02
CA LYS K 122 -41.19 40.98 -17.09
C LYS K 122 -40.35 42.03 -16.39
N ASN K 123 -39.76 41.67 -15.26
CA ASN K 123 -38.88 42.57 -14.52
C ASN K 123 -37.63 42.97 -15.29
N VAL K 124 -37.07 42.03 -16.08
CA VAL K 124 -35.92 42.36 -16.92
C VAL K 124 -36.29 43.41 -17.96
N PHE K 125 -37.40 43.20 -18.67
CA PHE K 125 -37.83 44.13 -19.71
C PHE K 125 -38.23 45.49 -19.14
N ASN K 126 -38.99 45.46 -18.06
CA ASN K 126 -39.54 46.67 -17.48
C ASN K 126 -38.43 47.52 -16.84
N GLU K 127 -37.48 46.87 -16.17
CA GLU K 127 -36.34 47.59 -15.61
C GLU K 127 -35.46 48.17 -16.70
N THR K 128 -35.34 47.48 -17.83
CA THR K 128 -34.58 47.99 -18.97
C THR K 128 -35.21 49.27 -19.54
N LYS K 129 -36.55 49.29 -19.60
CA LYS K 129 -37.27 50.48 -20.10
C LYS K 129 -36.98 51.70 -19.23
N ASN K 130 -36.93 51.48 -17.93
CA ASN K 130 -36.69 52.56 -16.99
C ASN K 130 -35.27 53.12 -17.13
N LEU K 131 -34.30 52.23 -17.28
CA LEU K 131 -32.91 52.66 -17.48
C LEU K 131 -32.66 53.21 -18.89
N LEU K 132 -33.44 52.79 -19.89
CA LEU K 132 -33.29 53.38 -21.22
C LEU K 132 -33.84 54.78 -21.27
N ASP K 133 -35.00 54.97 -20.65
CA ASP K 133 -35.64 56.29 -20.62
C ASP K 133 -34.73 57.34 -20.00
N LYS K 134 -34.11 57.01 -18.87
CA LYS K 134 -33.21 57.94 -18.20
C LYS K 134 -31.94 58.25 -18.98
N ASP K 135 -31.20 57.22 -19.40
CA ASP K 135 -30.00 57.39 -20.20
C ASP K 135 -29.90 56.30 -21.26
N TRP K 136 -30.05 56.65 -22.53
CA TRP K 136 -30.00 55.68 -23.62
C TRP K 136 -28.66 55.01 -23.87
N ASN K 137 -27.58 55.75 -23.68
CA ASN K 137 -26.26 55.24 -24.02
C ASN K 137 -25.67 54.37 -22.87
N ILE K 138 -26.46 54.17 -21.81
CA ILE K 138 -25.98 53.54 -20.59
C ILE K 138 -25.43 52.12 -20.80
N PHE K 139 -26.01 51.37 -21.73
CA PHE K 139 -25.65 49.97 -21.95
C PHE K 139 -24.34 49.74 -22.73
N SER K 140 -23.54 50.78 -22.91
CA SER K 140 -22.24 50.66 -23.56
C SER K 140 -21.12 50.28 -22.58
N LYS K 141 -21.42 50.31 -21.28
CA LYS K 141 -20.39 50.08 -20.25
C LYS K 141 -19.71 48.73 -20.37
N ASN K 142 -18.40 48.73 -20.13
CA ASN K 142 -17.61 47.51 -20.26
C ASN K 142 -17.77 46.64 -19.03
N CYS K 143 -18.44 45.51 -19.19
CA CYS K 143 -18.72 44.62 -18.08
C CYS K 143 -17.73 43.46 -18.02
N ASN K 144 -16.68 43.49 -18.84
CA ASN K 144 -15.67 42.44 -18.78
C ASN K 144 -15.08 42.28 -17.37
N ASN K 145 -14.97 43.38 -16.63
CA ASN K 145 -14.52 43.32 -15.25
C ASN K 145 -15.54 42.59 -14.39
N SER K 146 -16.81 42.97 -14.52
CA SER K 146 -17.88 42.43 -13.69
C SER K 146 -18.18 40.95 -14.00
N PHE K 147 -17.99 40.54 -15.25
CA PHE K 147 -18.24 39.16 -15.62
C PHE K 147 -17.16 38.21 -15.09
N ALA K 148 -15.95 38.72 -14.86
CA ALA K 148 -14.91 37.90 -14.25
C ALA K 148 -15.24 37.42 -12.82
N GLU K 149 -15.93 38.25 -12.04
CA GLU K 149 -16.25 37.91 -10.65
C GLU K 149 -17.19 36.70 -10.47
N CYS K 150 -17.90 36.30 -11.51
CA CYS K 150 -18.84 35.19 -11.37
C CYS K 150 -18.14 33.85 -11.54
N CYS L 11 -83.91 24.77 -21.75
CA CYS L 11 -82.48 24.53 -21.59
C CYS L 11 -81.72 24.47 -22.92
N SER L 12 -82.42 24.12 -23.99
CA SER L 12 -81.83 23.93 -25.33
C SER L 12 -80.77 24.97 -25.72
N HIS L 13 -81.03 26.22 -25.39
CA HIS L 13 -80.13 27.30 -25.79
C HIS L 13 -79.52 27.97 -24.55
N MET L 14 -79.30 27.18 -23.51
CA MET L 14 -78.72 27.68 -22.26
C MET L 14 -77.22 27.94 -22.40
N ILE L 15 -76.51 26.96 -22.96
CA ILE L 15 -75.08 27.08 -23.20
C ILE L 15 -74.83 27.88 -24.47
N GLY L 16 -74.57 29.18 -24.31
CA GLY L 16 -74.27 30.04 -25.43
C GLY L 16 -72.93 29.71 -26.06
N SER L 17 -72.74 30.18 -27.29
CA SER L 17 -71.47 30.01 -27.98
C SER L 17 -70.37 30.82 -27.29
N GLY L 18 -70.73 31.98 -26.75
CA GLY L 18 -69.79 32.84 -26.05
C GLY L 18 -69.16 32.24 -24.81
N HIS L 19 -69.79 31.21 -24.24
CA HIS L 19 -69.20 30.51 -23.10
C HIS L 19 -68.01 29.67 -23.56
N LEU L 20 -68.22 28.85 -24.60
CA LEU L 20 -67.16 28.01 -25.12
C LEU L 20 -66.04 28.84 -25.76
N GLN L 21 -66.37 30.04 -26.25
CA GLN L 21 -65.35 30.95 -26.80
C GLN L 21 -64.22 31.18 -25.80
N SER L 22 -64.62 31.52 -24.57
CA SER L 22 -63.67 31.76 -23.49
C SER L 22 -62.91 30.50 -23.04
N LEU L 23 -63.58 29.35 -23.07
CA LEU L 23 -62.97 28.09 -22.64
C LEU L 23 -61.74 27.73 -23.49
N GLN L 24 -61.87 27.84 -24.81
CA GLN L 24 -60.76 27.55 -25.70
C GLN L 24 -59.68 28.63 -25.58
N ARG L 25 -60.12 29.86 -25.31
CA ARG L 25 -59.22 30.98 -25.06
C ARG L 25 -58.40 30.73 -23.80
N LEU L 26 -59.04 30.14 -22.78
CA LEU L 26 -58.33 29.74 -21.57
C LEU L 26 -57.20 28.77 -21.88
N ILE L 27 -57.52 27.75 -22.68
CA ILE L 27 -56.57 26.70 -22.99
C ILE L 27 -55.46 27.24 -23.92
N ASP L 28 -55.84 28.07 -24.90
CA ASP L 28 -54.86 28.68 -25.81
C ASP L 28 -53.87 29.56 -25.05
N SER L 29 -54.38 30.28 -24.06
CA SER L 29 -53.56 31.23 -23.30
C SER L 29 -52.57 30.57 -22.33
N GLN L 30 -52.82 29.32 -21.95
CA GLN L 30 -51.98 28.61 -20.99
C GLN L 30 -50.64 28.21 -21.62
N MET L 31 -49.58 28.21 -20.81
CA MET L 31 -48.25 27.89 -21.31
C MET L 31 -48.03 26.38 -21.40
N GLU L 32 -47.29 25.96 -22.42
CA GLU L 32 -46.97 24.55 -22.59
C GLU L 32 -45.95 24.11 -21.57
N THR L 33 -46.30 23.09 -20.79
CA THR L 33 -45.48 22.66 -19.68
C THR L 33 -45.62 21.16 -19.41
N SER L 34 -44.57 20.60 -18.84
CA SER L 34 -44.52 19.16 -18.54
C SER L 34 -45.12 18.94 -17.15
N CYS L 35 -45.59 20.01 -16.51
CA CYS L 35 -46.09 19.96 -15.15
C CYS L 35 -47.32 19.11 -14.99
N GLN L 36 -47.52 18.60 -13.78
CA GLN L 36 -48.71 17.84 -13.44
C GLN L 36 -49.30 18.24 -12.08
N ILE L 37 -50.59 17.99 -11.94
CA ILE L 37 -51.34 18.34 -10.74
C ILE L 37 -52.46 17.33 -10.51
N THR L 38 -52.89 17.22 -9.26
CA THR L 38 -53.92 16.24 -8.88
C THR L 38 -55.29 16.87 -8.68
N PHE L 39 -56.34 16.13 -9.03
CA PHE L 39 -57.71 16.63 -8.91
C PHE L 39 -58.78 15.55 -9.01
N GLU L 40 -59.93 15.82 -8.40
CA GLU L 40 -61.07 14.90 -8.47
C GLU L 40 -61.76 15.12 -9.81
N PHE L 41 -62.28 14.03 -10.38
CA PHE L 41 -63.08 14.13 -11.58
C PHE L 41 -63.82 12.80 -11.74
N VAL L 42 -64.79 12.74 -12.62
CA VAL L 42 -65.57 11.52 -12.80
C VAL L 42 -64.77 10.46 -13.53
N ASP L 43 -64.77 9.25 -12.97
CA ASP L 43 -64.07 8.13 -13.59
C ASP L 43 -64.87 7.67 -14.81
N GLN L 44 -64.41 8.14 -15.96
CA GLN L 44 -65.05 7.94 -17.25
C GLN L 44 -65.29 6.44 -17.56
N GLU L 45 -64.51 5.56 -16.91
CA GLU L 45 -64.66 4.10 -17.06
C GLU L 45 -65.62 3.46 -16.06
N GLN L 46 -65.67 3.98 -14.85
CA GLN L 46 -66.62 3.51 -13.83
C GLN L 46 -68.05 3.81 -14.28
N LEU L 47 -68.23 4.98 -14.88
CA LEU L 47 -69.50 5.42 -15.41
C LEU L 47 -69.35 5.64 -16.91
N LYS L 48 -69.75 4.63 -17.69
CA LYS L 48 -69.49 4.62 -19.13
C LYS L 48 -70.52 5.46 -19.89
N ASP L 49 -71.79 5.30 -19.52
CA ASP L 49 -72.91 6.00 -20.14
C ASP L 49 -72.68 7.52 -20.22
N PRO L 50 -72.69 8.10 -21.44
CA PRO L 50 -72.38 9.53 -21.55
C PRO L 50 -73.51 10.45 -21.07
N VAL L 51 -74.72 9.91 -20.94
CA VAL L 51 -75.85 10.69 -20.44
C VAL L 51 -75.67 10.90 -18.94
N CYS L 52 -75.45 9.79 -18.22
CA CYS L 52 -75.25 9.84 -16.77
C CYS L 52 -73.86 10.33 -16.37
N TYR L 53 -72.89 10.23 -17.26
CA TYR L 53 -71.55 10.73 -16.98
C TYR L 53 -71.61 12.25 -16.86
N LEU L 54 -72.19 12.89 -17.87
CA LEU L 54 -72.30 14.35 -17.86
C LEU L 54 -73.18 14.77 -16.68
N LYS L 55 -74.17 13.96 -16.33
CA LYS L 55 -75.05 14.28 -15.21
C LYS L 55 -74.29 14.36 -13.89
N LYS L 56 -73.60 13.27 -13.55
CA LYS L 56 -72.83 13.21 -12.31
C LYS L 56 -71.67 14.19 -12.32
N ALA L 57 -70.87 14.14 -13.38
CA ALA L 57 -69.71 15.01 -13.51
C ALA L 57 -70.08 16.46 -13.28
N PHE L 58 -71.24 16.86 -13.77
CA PHE L 58 -71.66 18.26 -13.70
C PHE L 58 -71.88 18.82 -12.29
N LEU L 59 -72.51 18.05 -11.42
CA LEU L 59 -72.80 18.53 -10.06
C LEU L 59 -71.51 18.82 -9.28
N LEU L 60 -70.50 17.97 -9.47
CA LEU L 60 -69.22 18.11 -8.76
C LEU L 60 -68.40 19.31 -9.25
N VAL L 61 -68.58 19.71 -10.52
CA VAL L 61 -67.77 20.75 -11.15
C VAL L 61 -67.65 22.03 -10.29
N GLN L 62 -68.69 22.38 -9.54
CA GLN L 62 -68.68 23.64 -8.76
C GLN L 62 -67.50 23.70 -7.84
N ASP L 63 -67.36 22.64 -7.06
CA ASP L 63 -66.30 22.56 -6.08
C ASP L 63 -64.94 22.53 -6.78
N ILE L 64 -64.87 21.91 -7.95
CA ILE L 64 -63.61 21.80 -8.67
C ILE L 64 -63.08 23.15 -9.09
N MET L 65 -63.87 23.85 -9.92
CA MET L 65 -63.47 25.14 -10.47
C MET L 65 -62.91 26.08 -9.40
N GLU L 66 -63.54 26.11 -8.23
CA GLU L 66 -63.05 26.96 -7.16
C GLU L 66 -61.70 26.46 -6.63
N ASP L 67 -61.61 25.16 -6.36
CA ASP L 67 -60.38 24.57 -5.83
C ASP L 67 -59.27 24.46 -6.88
N THR L 68 -59.64 24.43 -8.16
CA THR L 68 -58.70 24.19 -9.23
C THR L 68 -58.38 25.42 -10.07
N MET L 69 -59.36 25.85 -10.87
CA MET L 69 -59.15 26.92 -11.83
C MET L 69 -59.23 28.26 -11.15
N ARG L 70 -58.08 28.69 -10.64
CA ARG L 70 -57.99 29.96 -9.93
C ARG L 70 -57.08 30.87 -10.73
N PHE L 71 -57.54 32.11 -10.95
CA PHE L 71 -56.73 33.11 -11.62
C PHE L 71 -56.78 34.38 -10.79
N ARG L 72 -55.89 35.31 -11.09
CA ARG L 72 -55.83 36.55 -10.35
C ARG L 72 -57.15 37.29 -10.53
N ASP L 73 -57.66 37.86 -9.44
CA ASP L 73 -59.01 38.40 -9.43
C ASP L 73 -59.25 39.44 -10.51
N ASN L 74 -60.34 39.27 -11.24
CA ASN L 74 -60.75 40.21 -12.27
C ASN L 74 -59.71 40.39 -13.39
N THR L 75 -59.30 39.23 -13.94
CA THR L 75 -58.46 39.09 -15.14
C THR L 75 -59.33 38.40 -16.21
N PRO L 76 -58.92 38.41 -17.49
CA PRO L 76 -59.79 37.93 -18.57
C PRO L 76 -60.27 36.50 -18.32
N ASN L 77 -59.42 35.70 -17.70
CA ASN L 77 -59.68 34.29 -17.51
C ASN L 77 -60.58 34.08 -16.29
N ALA L 78 -60.27 34.78 -15.20
CA ALA L 78 -61.05 34.69 -13.97
C ALA L 78 -62.49 35.04 -14.26
N ILE L 79 -62.67 36.01 -15.16
CA ILE L 79 -64.00 36.38 -15.60
C ILE L 79 -64.71 35.17 -16.18
N ALA L 80 -64.05 34.51 -17.13
CA ALA L 80 -64.59 33.31 -17.75
C ALA L 80 -64.97 32.26 -16.72
N ILE L 81 -64.14 32.08 -15.70
CA ILE L 81 -64.39 31.05 -14.69
C ILE L 81 -65.69 31.36 -13.96
N VAL L 82 -65.90 32.62 -13.63
CA VAL L 82 -67.13 33.03 -12.97
C VAL L 82 -68.32 32.87 -13.89
N GLN L 83 -68.12 33.22 -15.15
CA GLN L 83 -69.15 33.07 -16.16
C GLN L 83 -69.59 31.62 -16.22
N LEU L 84 -68.64 30.70 -16.06
CA LEU L 84 -68.92 29.28 -16.13
C LEU L 84 -69.61 28.78 -14.86
N GLN L 85 -69.28 29.39 -13.72
CA GLN L 85 -69.98 29.06 -12.47
C GLN L 85 -71.40 29.62 -12.53
N GLU L 86 -71.54 30.85 -13.03
CA GLU L 86 -72.86 31.43 -13.28
C GLU L 86 -73.71 30.51 -14.15
N LEU L 87 -73.15 30.11 -15.28
CA LEU L 87 -73.82 29.22 -16.23
C LEU L 87 -74.17 27.91 -15.57
N SER L 88 -73.22 27.40 -14.83
CA SER L 88 -73.40 26.13 -14.17
C SER L 88 -74.57 26.10 -13.19
N LEU L 89 -74.66 27.11 -12.34
CA LEU L 89 -75.72 27.15 -11.33
C LEU L 89 -77.11 27.16 -11.99
N ARG L 90 -77.28 27.95 -13.05
CA ARG L 90 -78.57 27.98 -13.75
C ARG L 90 -78.89 26.57 -14.25
N LEU L 91 -77.87 25.82 -14.63
CA LEU L 91 -78.06 24.47 -15.17
C LEU L 91 -78.48 23.42 -14.14
N LYS L 92 -78.22 23.66 -12.85
CA LYS L 92 -78.57 22.67 -11.81
C LYS L 92 -80.07 22.34 -11.83
N SER L 93 -80.87 23.30 -12.30
CA SER L 93 -82.31 23.10 -12.45
C SER L 93 -82.69 22.15 -13.59
N CYS L 94 -81.89 22.13 -14.66
CA CYS L 94 -82.12 21.19 -15.76
C CYS L 94 -81.75 19.75 -15.40
N PHE L 95 -81.10 19.55 -14.25
CA PHE L 95 -80.77 18.21 -13.78
C PHE L 95 -81.64 17.83 -12.59
N GLU L 101 -76.94 9.48 -1.01
CA GLU L 101 -76.00 8.42 -0.70
C GLU L 101 -75.01 8.20 -1.84
N HIS L 102 -75.42 8.50 -3.07
CA HIS L 102 -74.53 8.39 -4.23
C HIS L 102 -73.47 9.47 -4.26
N ASP L 103 -73.53 10.44 -3.35
CA ASP L 103 -72.59 11.55 -3.34
C ASP L 103 -71.15 11.09 -3.11
N LYS L 104 -70.24 11.62 -3.93
CA LYS L 104 -68.81 11.30 -3.87
C LYS L 104 -68.43 9.89 -4.33
N ALA L 105 -69.35 9.21 -5.00
CA ALA L 105 -69.04 7.97 -5.71
C ALA L 105 -68.92 8.28 -7.20
N CYS L 106 -68.42 7.31 -7.96
CA CYS L 106 -68.15 7.50 -9.39
C CYS L 106 -67.09 8.55 -9.68
N VAL L 107 -66.17 8.76 -8.75
CA VAL L 107 -65.19 9.84 -8.85
C VAL L 107 -63.79 9.27 -8.58
N ARG L 108 -62.77 9.80 -9.25
CA ARG L 108 -61.40 9.31 -9.09
C ARG L 108 -60.36 10.43 -9.09
N THR L 109 -59.12 10.04 -8.78
CA THR L 109 -57.97 10.94 -8.81
C THR L 109 -57.43 11.01 -10.24
N PHE L 110 -56.81 12.13 -10.60
CA PHE L 110 -56.12 12.26 -11.89
C PHE L 110 -54.87 13.10 -11.67
N TYR L 111 -53.70 12.54 -12.02
CA TYR L 111 -52.45 13.30 -11.98
C TYR L 111 -52.00 13.69 -13.38
N GLU L 112 -52.45 14.86 -13.84
CA GLU L 112 -52.26 15.29 -15.23
C GLU L 112 -51.88 16.77 -15.36
N THR L 113 -51.55 17.19 -16.59
CA THR L 113 -51.24 18.59 -16.88
C THR L 113 -52.49 19.46 -16.70
N PRO L 114 -52.31 20.77 -16.48
CA PRO L 114 -53.51 21.63 -16.48
C PRO L 114 -54.17 21.60 -17.85
N LEU L 115 -53.32 21.65 -18.88
CA LEU L 115 -53.74 21.61 -20.28
C LEU L 115 -54.70 20.46 -20.54
N GLN L 116 -54.40 19.31 -19.94
CA GLN L 116 -55.25 18.12 -20.05
C GLN L 116 -56.56 18.28 -19.30
N LEU L 117 -56.47 18.81 -18.09
CA LEU L 117 -57.64 19.01 -17.24
C LEU L 117 -58.62 19.99 -17.91
N LEU L 118 -58.11 21.09 -18.45
CA LEU L 118 -58.97 22.06 -19.13
C LEU L 118 -59.64 21.41 -20.33
N GLU L 119 -58.89 20.55 -21.02
CA GLU L 119 -59.40 19.80 -22.16
C GLU L 119 -60.57 18.90 -21.70
N LYS L 120 -60.46 18.34 -20.48
CA LYS L 120 -61.55 17.52 -19.93
C LYS L 120 -62.80 18.33 -19.59
N VAL L 121 -62.62 19.54 -19.07
CA VAL L 121 -63.75 20.39 -18.70
C VAL L 121 -64.41 21.02 -19.94
N LYS L 122 -63.60 21.51 -20.88
CA LYS L 122 -64.15 22.02 -22.12
C LYS L 122 -65.00 20.95 -22.80
N ASN L 123 -64.51 19.71 -22.76
CA ASN L 123 -65.25 18.58 -23.32
C ASN L 123 -66.57 18.29 -22.60
N VAL L 124 -66.64 18.48 -21.29
CA VAL L 124 -67.89 18.32 -20.56
C VAL L 124 -68.94 19.34 -21.02
N PHE L 125 -68.55 20.61 -21.10
CA PHE L 125 -69.47 21.66 -21.50
C PHE L 125 -69.91 21.51 -22.96
N ASN L 126 -68.94 21.23 -23.82
CA ASN L 126 -69.20 21.16 -25.25
C ASN L 126 -70.03 19.93 -25.61
N GLU L 127 -69.75 18.79 -24.98
CA GLU L 127 -70.55 17.58 -25.20
C GLU L 127 -71.97 17.77 -24.67
N THR L 128 -72.11 18.52 -23.58
CA THR L 128 -73.44 18.81 -23.04
C THR L 128 -74.26 19.65 -24.02
N LYS L 129 -73.60 20.61 -24.69
CA LYS L 129 -74.30 21.44 -25.67
C LYS L 129 -74.85 20.61 -26.82
N ASN L 130 -74.10 19.62 -27.29
CA ASN L 130 -74.55 18.79 -28.40
C ASN L 130 -75.73 17.89 -28.01
N LEU L 131 -75.68 17.29 -26.82
CA LEU L 131 -76.79 16.44 -26.37
C LEU L 131 -78.02 17.23 -25.95
N LEU L 132 -77.79 18.47 -25.51
CA LEU L 132 -78.88 19.36 -25.18
C LEU L 132 -79.53 19.92 -26.46
N ASP L 133 -78.76 20.28 -27.48
CA ASP L 133 -79.36 20.77 -28.73
C ASP L 133 -80.32 19.72 -29.33
N LYS L 134 -79.87 18.47 -29.37
CA LYS L 134 -80.66 17.35 -29.91
C LYS L 134 -81.91 17.02 -29.09
N ASP L 135 -81.75 16.85 -27.78
CA ASP L 135 -82.88 16.60 -26.90
C ASP L 135 -82.70 17.33 -25.58
N TRP L 136 -83.53 18.35 -25.36
CA TRP L 136 -83.44 19.16 -24.14
C TRP L 136 -83.83 18.41 -22.88
N ASN L 137 -84.79 17.51 -22.99
CA ASN L 137 -85.32 16.81 -21.82
C ASN L 137 -84.47 15.58 -21.44
N ILE L 138 -83.36 15.36 -22.15
CA ILE L 138 -82.59 14.13 -22.00
C ILE L 138 -82.02 13.91 -20.59
N PHE L 139 -81.68 14.99 -19.91
CA PHE L 139 -81.04 14.91 -18.60
C PHE L 139 -81.97 14.59 -17.41
N SER L 140 -83.19 14.15 -17.70
CA SER L 140 -84.13 13.74 -16.67
C SER L 140 -83.98 12.27 -16.27
N LYS L 141 -83.19 11.52 -17.02
CA LYS L 141 -83.04 10.08 -16.82
C LYS L 141 -82.54 9.70 -15.44
N ASN L 142 -83.11 8.63 -14.88
CA ASN L 142 -82.76 8.19 -13.54
C ASN L 142 -81.46 7.41 -13.57
N CYS L 143 -80.41 8.00 -13.01
CA CYS L 143 -79.10 7.39 -13.03
C CYS L 143 -78.79 6.66 -11.72
N ASN L 144 -79.78 6.54 -10.83
CA ASN L 144 -79.58 5.82 -9.58
C ASN L 144 -79.10 4.38 -9.82
N ASN L 145 -79.54 3.77 -10.91
CA ASN L 145 -79.05 2.44 -11.29
C ASN L 145 -77.57 2.52 -11.65
N SER L 146 -77.23 3.49 -12.49
CA SER L 146 -75.87 3.64 -13.00
C SER L 146 -74.85 4.09 -11.95
N PHE L 147 -75.28 4.86 -10.95
CA PHE L 147 -74.39 5.33 -9.89
C PHE L 147 -74.03 4.20 -8.93
N ALA L 148 -74.90 3.20 -8.84
CA ALA L 148 -74.63 2.00 -8.07
C ALA L 148 -73.42 1.26 -8.65
N GLU L 149 -73.25 1.34 -9.96
CA GLU L 149 -72.19 0.64 -10.68
C GLU L 149 -70.75 1.02 -10.32
N CYS L 150 -70.55 2.19 -9.71
CA CYS L 150 -69.21 2.64 -9.36
C CYS L 150 -68.75 2.09 -8.01
N VAL M 1 50.20 -8.90 0.31
CA VAL M 1 48.89 -9.25 0.85
C VAL M 1 47.79 -9.25 -0.21
N THR M 2 46.57 -9.59 0.22
CA THR M 2 45.42 -9.68 -0.69
C THR M 2 44.12 -9.38 0.06
N ALA M 3 43.16 -8.74 -0.62
CA ALA M 3 41.84 -8.52 -0.03
C ALA M 3 40.72 -8.17 -1.04
N PHE M 4 39.48 -8.47 -0.68
CA PHE M 4 38.34 -8.26 -1.59
C PHE M 4 37.83 -6.82 -1.65
N LEU M 5 36.95 -6.58 -2.61
CA LEU M 5 36.32 -5.30 -2.85
C LEU M 5 35.47 -4.83 -1.67
N GLY M 6 35.62 -3.56 -1.28
CA GLY M 6 34.83 -2.98 -0.21
C GLY M 6 35.38 -3.18 1.20
N GLU M 7 36.36 -4.07 1.35
CA GLU M 7 36.82 -4.48 2.67
C GLU M 7 37.74 -3.45 3.32
N ARG M 8 37.83 -3.50 4.65
CA ARG M 8 38.77 -2.67 5.41
C ARG M 8 40.06 -3.46 5.58
N VAL M 9 41.03 -3.12 4.75
CA VAL M 9 42.31 -3.83 4.71
C VAL M 9 43.51 -3.02 5.24
N THR M 10 44.43 -3.73 5.89
CA THR M 10 45.57 -3.08 6.53
C THR M 10 46.91 -3.54 5.94
N LEU M 11 47.81 -2.59 5.70
CA LEU M 11 49.18 -2.89 5.31
C LEU M 11 50.10 -2.47 6.46
N THR M 12 51.26 -3.12 6.59
CA THR M 12 52.14 -2.84 7.72
C THR M 12 53.63 -2.66 7.42
N SER M 13 54.27 -1.91 8.30
CA SER M 13 55.71 -1.69 8.30
C SER M 13 56.15 -1.49 9.75
N TYR M 14 57.45 -1.59 10.02
CA TYR M 14 57.94 -1.57 11.40
C TYR M 14 59.40 -1.16 11.47
N TRP M 15 59.78 -0.59 12.61
CA TRP M 15 61.17 -0.27 12.90
C TRP M 15 61.77 -1.45 13.66
N ARG M 16 62.93 -1.93 13.23
CA ARG M 16 63.53 -3.12 13.82
C ARG M 16 63.73 -2.91 15.32
N ARG M 17 64.23 -1.72 15.70
CA ARG M 17 64.47 -1.45 17.11
C ARG M 17 63.21 -1.24 17.91
N VAL M 18 63.01 -2.13 18.88
CA VAL M 18 61.82 -2.12 19.69
C VAL M 18 61.77 -0.94 20.69
N SER M 19 62.86 -0.20 20.91
CA SER M 19 62.70 0.98 21.76
C SER M 19 61.82 2.11 21.18
N LEU M 20 61.91 2.33 19.87
CA LEU M 20 61.33 3.53 19.24
C LEU M 20 60.20 3.22 18.24
N GLY M 21 59.13 4.00 18.35
CA GLY M 21 58.01 3.97 17.41
C GLY M 21 57.63 5.34 16.87
N PRO M 22 57.11 6.25 17.72
CA PRO M 22 56.67 7.57 17.25
C PRO M 22 57.79 8.43 16.65
N GLU M 23 59.00 8.29 17.19
CA GLU M 23 60.12 9.16 16.85
C GLU M 23 60.42 9.06 15.35
N ILE M 24 60.02 7.95 14.74
CA ILE M 24 60.32 7.68 13.34
C ILE M 24 59.44 8.56 12.47
N GLU M 25 60.01 9.15 11.42
CA GLU M 25 59.25 9.93 10.46
C GLU M 25 58.69 9.02 9.37
N VAL M 26 57.50 8.50 9.60
CA VAL M 26 56.85 7.58 8.67
C VAL M 26 56.06 8.33 7.61
N SER M 27 56.12 7.83 6.38
CA SER M 27 55.47 8.48 5.25
C SER M 27 55.20 7.46 4.13
N TRP M 28 53.92 7.16 3.92
CA TRP M 28 53.53 6.15 2.94
C TRP M 28 53.34 6.75 1.54
N PHE M 29 53.63 5.97 0.51
CA PHE M 29 53.44 6.39 -0.88
C PHE M 29 52.74 5.30 -1.68
N LYS M 30 51.88 5.70 -2.63
CA LYS M 30 51.35 4.75 -3.61
C LYS M 30 52.22 4.81 -4.86
N LEU M 31 52.70 3.66 -5.30
CA LEU M 31 53.50 3.62 -6.52
C LEU M 31 52.60 3.62 -7.75
N GLY M 32 52.51 4.79 -8.39
CA GLY M 32 51.86 4.89 -9.69
C GLY M 32 52.79 4.26 -10.70
N PRO M 33 52.25 3.79 -11.84
CA PRO M 33 53.11 3.09 -12.80
C PRO M 33 54.29 3.96 -13.26
N GLY M 34 55.37 3.32 -13.71
CA GLY M 34 56.53 4.03 -14.20
C GLY M 34 57.35 4.64 -13.08
N GLU M 35 57.55 3.88 -12.01
CA GLU M 35 58.42 4.29 -10.91
C GLU M 35 57.95 5.58 -10.24
N GLU M 36 56.65 5.85 -10.31
CA GLU M 36 56.11 7.09 -9.78
C GLU M 36 55.96 6.96 -8.27
N GLN M 37 55.82 8.08 -7.58
CA GLN M 37 55.67 8.09 -6.13
C GLN M 37 54.67 9.15 -5.67
N VAL M 38 53.49 8.71 -5.24
CA VAL M 38 52.43 9.63 -4.81
C VAL M 38 52.29 9.59 -3.29
N LEU M 39 52.41 10.74 -2.63
CA LEU M 39 52.34 10.79 -1.18
C LEU M 39 50.90 10.60 -0.70
N ILE M 40 50.71 9.61 0.17
CA ILE M 40 49.40 9.33 0.73
C ILE M 40 49.22 10.03 2.07
N GLY M 41 50.22 9.91 2.94
CA GLY M 41 50.17 10.53 4.25
C GLY M 41 51.48 10.45 5.02
N ARG M 42 51.56 11.25 6.10
CA ARG M 42 52.76 11.31 6.92
C ARG M 42 52.41 11.23 8.41
N MET M 43 53.34 10.69 9.20
CA MET M 43 53.14 10.56 10.64
C MET M 43 54.48 10.69 11.36
N HIS M 44 54.50 11.51 12.41
CA HIS M 44 55.71 11.72 13.20
C HIS M 44 55.34 12.27 14.57
N HIS M 45 55.92 11.70 15.61
CA HIS M 45 55.60 12.07 16.98
C HIS M 45 54.10 12.02 17.26
N ASP M 46 53.47 10.96 16.75
CA ASP M 46 52.03 10.74 16.91
C ASP M 46 51.17 11.92 16.50
N VAL M 47 51.42 12.44 15.30
CA VAL M 47 50.49 13.32 14.64
C VAL M 47 50.39 12.91 13.18
N ILE M 48 49.23 12.40 12.79
CA ILE M 48 49.02 11.88 11.46
C ILE M 48 48.34 12.91 10.57
N PHE M 49 48.69 12.86 9.29
CA PHE M 49 48.03 13.70 8.30
C PHE M 49 48.00 12.99 6.94
N ILE M 50 46.78 12.76 6.45
CA ILE M 50 46.59 12.13 5.15
C ILE M 50 46.33 13.22 4.12
N GLU M 51 46.90 13.07 2.93
CA GLU M 51 46.71 14.06 1.87
C GLU M 51 45.24 14.08 1.44
N TRP M 52 44.78 15.26 1.03
CA TRP M 52 43.37 15.47 0.69
C TRP M 52 42.80 14.57 -0.43
N PRO M 53 43.62 14.25 -1.44
CA PRO M 53 43.09 13.32 -2.45
C PRO M 53 42.84 11.91 -1.91
N PHE M 54 43.65 11.47 -0.95
CA PHE M 54 43.46 10.17 -0.33
C PHE M 54 42.68 10.21 0.99
N ARG M 55 42.21 11.40 1.38
CA ARG M 55 41.59 11.57 2.70
C ARG M 55 40.30 10.77 2.76
N GLY M 56 40.20 9.91 3.77
CA GLY M 56 38.98 9.16 3.99
C GLY M 56 38.90 7.85 3.26
N PHE M 57 39.88 7.57 2.41
CA PHE M 57 40.03 6.24 1.82
C PHE M 57 41.16 5.50 2.53
N PHE M 58 42.19 6.25 2.91
CA PHE M 58 43.29 5.72 3.71
C PHE M 58 43.35 6.41 5.07
N ASP M 59 44.07 5.79 5.99
CA ASP M 59 44.39 6.38 7.27
C ASP M 59 45.59 5.66 7.85
N ILE M 60 46.32 6.36 8.71
CA ILE M 60 47.50 5.79 9.36
C ILE M 60 47.38 5.89 10.87
N HIS M 61 47.91 4.88 11.54
CA HIS M 61 48.06 4.94 12.99
C HIS M 61 49.27 4.12 13.41
N ARG M 62 49.58 4.15 14.70
CA ARG M 62 50.77 3.48 15.23
C ARG M 62 50.49 2.75 16.53
N SER M 63 51.23 1.67 16.75
CA SER M 63 51.31 1.03 18.05
C SER M 63 52.71 0.44 18.20
N ALA M 64 53.40 0.82 19.27
CA ALA M 64 54.74 0.32 19.53
C ALA M 64 55.68 0.56 18.32
N ASN M 65 56.48 -0.41 17.94
CA ASN M 65 57.38 -0.26 16.80
C ASN M 65 56.75 -0.60 15.45
N THR M 66 55.42 -0.62 15.39
CA THR M 66 54.67 -0.97 14.18
C THR M 66 53.87 0.19 13.61
N PHE M 67 53.84 0.26 12.28
CA PHE M 67 53.16 1.32 11.54
C PHE M 67 52.13 0.73 10.59
N PHE M 68 50.90 1.23 10.64
CA PHE M 68 49.81 0.66 9.84
C PHE M 68 49.30 1.65 8.80
N LEU M 69 49.01 1.15 7.60
CA LEU M 69 48.27 1.91 6.61
C LEU M 69 46.94 1.21 6.35
N VAL M 70 45.87 1.76 6.93
CA VAL M 70 44.53 1.22 6.76
C VAL M 70 43.85 1.78 5.52
N VAL M 71 43.36 0.90 4.64
CA VAL M 71 42.45 1.34 3.59
C VAL M 71 41.04 1.11 4.11
N THR M 72 40.34 2.20 4.39
CA THR M 72 39.05 2.11 5.04
C THR M 72 38.04 1.37 4.16
N ALA M 73 38.23 1.46 2.85
CA ALA M 73 37.43 0.70 1.90
C ALA M 73 38.19 0.49 0.60
N ALA M 74 38.41 -0.78 0.25
CA ALA M 74 39.23 -1.14 -0.89
C ALA M 74 38.44 -1.04 -2.18
N ASN M 75 39.07 -0.48 -3.21
CA ASN M 75 38.53 -0.45 -4.56
C ASN M 75 39.61 -0.80 -5.59
N ILE M 76 39.23 -0.91 -6.86
CA ILE M 76 40.12 -1.49 -7.86
C ILE M 76 41.32 -0.58 -8.10
N SER M 77 41.12 0.72 -7.88
CA SER M 77 42.22 1.68 -7.98
C SER M 77 43.37 1.33 -7.03
N HIS M 78 43.05 0.71 -5.90
CA HIS M 78 44.05 0.40 -4.88
C HIS M 78 44.93 -0.81 -5.15
N ASP M 79 44.61 -1.61 -6.17
CA ASP M 79 45.51 -2.70 -6.53
C ASP M 79 46.80 -2.06 -7.02
N GLY M 80 47.92 -2.45 -6.43
CA GLY M 80 49.21 -1.89 -6.79
C GLY M 80 50.16 -1.94 -5.62
N ASN M 81 51.42 -1.59 -5.87
CA ASN M 81 52.44 -1.59 -4.83
C ASN M 81 52.42 -0.33 -3.98
N TYR M 82 52.83 -0.47 -2.72
CA TYR M 82 52.91 0.66 -1.79
C TYR M 82 54.28 0.70 -1.14
N LEU M 83 54.75 1.92 -0.89
CA LEU M 83 56.09 2.13 -0.35
C LEU M 83 56.00 2.93 0.93
N CYS M 84 56.75 2.49 1.94
CA CYS M 84 56.82 3.19 3.21
C CYS M 84 58.23 3.66 3.48
N ARG M 85 58.37 4.97 3.66
CA ARG M 85 59.64 5.57 4.04
C ARG M 85 59.61 5.96 5.50
N MET M 86 60.50 5.33 6.25
CA MET M 86 60.70 5.57 7.67
C MET M 86 62.09 6.11 7.93
N LYS M 87 62.16 7.37 8.37
CA LYS M 87 63.45 8.03 8.61
C LYS M 87 63.68 8.30 10.09
N LEU M 88 64.95 8.31 10.47
CA LEU M 88 65.39 8.65 11.82
C LEU M 88 66.60 9.54 11.74
N GLY M 89 66.36 10.82 11.49
CA GLY M 89 67.46 11.72 11.29
C GLY M 89 68.25 11.27 10.09
N GLU M 90 69.54 11.01 10.29
CA GLU M 90 70.39 10.68 9.16
C GLU M 90 70.03 9.36 8.45
N THR M 91 69.65 8.34 9.22
CA THR M 91 69.35 7.00 8.67
C THR M 91 67.88 6.85 8.23
N GLU M 92 67.66 6.19 7.09
CA GLU M 92 66.32 5.98 6.54
C GLU M 92 66.12 4.62 5.86
N VAL M 93 65.00 3.95 6.16
CA VAL M 93 64.70 2.64 5.58
C VAL M 93 63.42 2.67 4.74
N THR M 94 63.46 1.94 3.62
CA THR M 94 62.37 1.93 2.65
C THR M 94 61.80 0.51 2.48
N LYS M 95 60.63 0.27 3.08
CA LYS M 95 59.96 -1.04 3.02
C LYS M 95 58.76 -1.02 2.08
N GLN M 96 58.79 -1.92 1.09
CA GLN M 96 57.71 -2.07 0.13
C GLN M 96 56.62 -3.02 0.64
N GLU M 97 55.44 -2.95 0.01
CA GLU M 97 54.32 -3.81 0.39
C GLU M 97 53.30 -3.82 -0.75
N HIS M 98 53.04 -4.98 -1.33
CA HIS M 98 52.06 -5.12 -2.41
C HIS M 98 50.65 -5.43 -1.91
N LEU M 99 49.64 -5.01 -2.67
CA LEU M 99 48.25 -5.32 -2.38
C LEU M 99 47.49 -5.71 -3.64
N SER M 100 46.92 -6.91 -3.65
CA SER M 100 46.01 -7.32 -4.71
C SER M 100 44.56 -7.15 -4.27
N VAL M 101 43.78 -6.39 -5.04
CA VAL M 101 42.35 -6.29 -4.81
C VAL M 101 41.60 -7.25 -5.73
N VAL M 102 40.53 -7.85 -5.22
CA VAL M 102 39.81 -8.90 -5.94
C VAL M 102 38.30 -8.64 -5.93
N LYS M 103 37.64 -8.85 -7.07
CA LYS M 103 36.17 -8.79 -7.14
C LYS M 103 35.61 -10.19 -7.30
N PRO M 104 34.67 -10.60 -6.42
CA PRO M 104 34.14 -11.96 -6.54
C PRO M 104 33.30 -12.09 -7.81
N LEU M 105 33.68 -13.02 -8.68
CA LEU M 105 33.09 -13.11 -10.00
C LEU M 105 31.58 -13.19 -9.96
N THR M 106 30.96 -12.64 -11.00
CA THR M 106 29.51 -12.57 -11.09
C THR M 106 29.06 -13.23 -12.39
N LEU M 107 28.71 -14.51 -12.30
CA LEU M 107 28.28 -15.29 -13.46
C LEU M 107 26.81 -15.12 -13.81
N SER M 108 26.52 -14.71 -15.05
CA SER M 108 25.14 -14.54 -15.49
C SER M 108 24.82 -15.40 -16.74
N VAL M 109 23.60 -15.94 -16.82
CA VAL M 109 23.12 -16.61 -18.04
C VAL M 109 21.68 -16.25 -18.41
N HIS M 110 21.41 -15.98 -19.69
CA HIS M 110 20.02 -15.97 -20.20
C HIS M 110 19.88 -16.42 -21.65
N SER M 111 18.76 -17.04 -22.00
CA SER M 111 18.57 -17.48 -23.38
C SER M 111 17.91 -16.39 -24.22
N GLU M 112 17.92 -16.62 -25.52
CA GLU M 112 17.12 -15.90 -26.49
C GLU M 112 17.00 -16.87 -27.64
N ARG M 113 15.87 -16.79 -28.34
CA ARG M 113 15.72 -17.45 -29.63
C ARG M 113 15.86 -16.43 -30.75
N SER M 114 16.46 -16.86 -31.86
CA SER M 114 16.66 -16.00 -33.00
C SER M 114 15.31 -15.58 -33.55
N GLN M 115 15.24 -14.35 -34.05
CA GLN M 115 14.01 -13.81 -34.59
C GLN M 115 13.94 -13.97 -36.11
N PHE M 116 15.04 -14.37 -36.74
CA PHE M 116 15.08 -14.54 -38.18
C PHE M 116 16.20 -15.50 -38.58
N PRO M 117 15.98 -16.33 -39.62
CA PRO M 117 14.75 -16.51 -40.41
C PRO M 117 13.72 -17.40 -39.72
N ASP M 118 14.08 -17.99 -38.59
CA ASP M 118 13.19 -18.88 -37.86
C ASP M 118 13.46 -18.73 -36.37
N PHE M 119 12.72 -19.50 -35.57
CA PHE M 119 12.84 -19.46 -34.13
C PHE M 119 13.41 -20.78 -33.64
N SER M 120 14.35 -21.32 -34.42
CA SER M 120 15.03 -22.56 -34.09
C SER M 120 16.37 -22.31 -33.40
N VAL M 121 17.11 -21.30 -33.87
CA VAL M 121 18.46 -21.06 -33.35
C VAL M 121 18.45 -20.48 -31.94
N LEU M 122 18.53 -21.34 -30.94
CA LEU M 122 18.57 -20.89 -29.55
C LEU M 122 19.98 -20.44 -29.17
N THR M 123 20.09 -19.16 -28.83
CA THR M 123 21.37 -18.57 -28.44
C THR M 123 21.36 -18.31 -26.94
N VAL M 124 22.36 -18.82 -26.23
CA VAL M 124 22.52 -18.51 -24.81
C VAL M 124 23.78 -17.70 -24.59
N THR M 125 23.76 -16.86 -23.57
CA THR M 125 24.86 -15.95 -23.27
C THR M 125 25.33 -16.17 -21.85
N CYS M 126 26.58 -16.60 -21.68
CA CYS M 126 27.19 -16.69 -20.36
C CYS M 126 28.12 -15.50 -20.15
N THR M 127 27.90 -14.78 -19.05
CA THR M 127 28.65 -13.55 -18.76
C THR M 127 29.30 -13.59 -17.39
N VAL M 128 30.47 -13.00 -17.28
CA VAL M 128 31.18 -12.90 -16.00
C VAL M 128 31.89 -11.58 -15.77
N ASN M 129 31.60 -10.99 -14.62
CA ASN M 129 32.17 -9.73 -14.18
C ASN M 129 33.02 -9.98 -12.93
N ALA M 130 34.34 -10.00 -13.10
CA ALA M 130 35.25 -10.24 -11.98
C ALA M 130 36.50 -9.37 -12.09
N PHE M 131 37.42 -9.59 -11.16
CA PHE M 131 38.72 -8.92 -11.16
C PHE M 131 39.70 -9.79 -10.39
N PRO M 132 40.94 -9.94 -10.90
CA PRO M 132 41.57 -9.26 -12.04
C PRO M 132 41.56 -10.02 -13.37
N HIS M 133 41.31 -11.32 -13.36
CA HIS M 133 41.38 -12.12 -14.59
C HIS M 133 40.12 -12.95 -14.80
N PRO M 134 39.02 -12.31 -15.26
CA PRO M 134 37.83 -13.11 -15.57
C PRO M 134 37.96 -13.85 -16.90
N HIS M 135 37.28 -15.00 -16.99
CA HIS M 135 37.36 -15.84 -18.18
C HIS M 135 36.19 -16.81 -18.25
N VAL M 136 35.44 -16.73 -19.34
CA VAL M 136 34.25 -17.56 -19.55
C VAL M 136 34.46 -18.47 -20.73
N GLN M 137 33.89 -19.67 -20.65
CA GLN M 137 34.11 -20.64 -21.69
C GLN M 137 32.93 -21.61 -21.72
N TRP M 138 32.46 -21.93 -22.91
CA TRP M 138 31.35 -22.85 -23.07
C TRP M 138 31.80 -24.30 -23.28
N LEU M 139 31.23 -25.19 -22.48
CA LEU M 139 31.49 -26.62 -22.59
C LEU M 139 30.55 -26.97 -23.73
N MET M 140 31.12 -27.53 -24.79
CA MET M 140 30.42 -27.90 -26.03
C MET M 140 30.64 -29.33 -26.56
N PRO M 141 29.55 -30.14 -26.64
CA PRO M 141 29.60 -31.56 -26.99
C PRO M 141 29.42 -31.85 -28.47
N ALA M 150 30.52 -20.31 -30.80
CA ALA M 150 31.22 -19.44 -29.86
C ALA M 150 32.37 -18.71 -30.58
N ALA M 151 33.59 -18.69 -30.02
CA ALA M 151 34.68 -17.92 -30.61
C ALA M 151 34.41 -16.41 -30.61
N ASN M 152 33.33 -16.00 -29.93
CA ASN M 152 32.83 -14.61 -29.87
C ASN M 152 32.93 -13.82 -28.55
N GLY M 153 34.13 -13.44 -28.09
CA GLY M 153 34.29 -12.87 -26.76
C GLY M 153 34.99 -11.53 -26.66
N GLY M 154 34.20 -10.50 -26.35
CA GLY M 154 34.61 -9.11 -26.19
C GLY M 154 34.84 -8.66 -24.75
N VAL M 155 36.02 -8.10 -24.49
CA VAL M 155 36.42 -7.58 -23.19
C VAL M 155 35.99 -6.14 -22.90
N MET M 156 35.16 -5.96 -21.88
CA MET M 156 34.64 -4.65 -21.48
C MET M 156 35.21 -4.25 -20.12
N LYS M 157 35.32 -2.95 -19.90
CA LYS M 157 35.72 -2.43 -18.59
C LYS M 157 34.57 -1.63 -17.97
N GLU M 158 34.23 -1.96 -16.74
CA GLU M 158 33.10 -1.36 -16.06
C GLU M 158 33.43 -0.04 -15.36
N LYS M 159 32.39 0.60 -14.85
CA LYS M 159 32.51 1.87 -14.13
C LYS M 159 33.33 1.68 -12.86
N ASP M 160 33.04 0.61 -12.13
CA ASP M 160 33.72 0.32 -10.87
C ASP M 160 35.17 -0.16 -11.04
N GLY M 161 35.65 -0.23 -12.28
CA GLY M 161 37.03 -0.56 -12.55
C GLY M 161 37.23 -2.04 -12.84
N SER M 162 36.20 -2.84 -12.53
CA SER M 162 36.23 -4.26 -12.76
C SER M 162 36.18 -4.58 -14.25
N LEU M 163 36.42 -5.83 -14.60
CA LEU M 163 36.38 -6.29 -15.99
C LEU M 163 35.22 -7.25 -16.19
N SER M 164 34.63 -7.16 -17.37
CA SER M 164 33.57 -8.07 -17.77
C SER M 164 33.90 -8.73 -19.10
N VAL M 165 33.49 -9.99 -19.21
CA VAL M 165 33.54 -10.73 -20.46
C VAL M 165 32.41 -11.76 -20.58
N ALA M 166 31.96 -11.98 -21.82
CA ALA M 166 30.90 -12.94 -22.11
C ALA M 166 31.08 -13.65 -23.46
N VAL M 167 30.42 -14.79 -23.62
CA VAL M 167 30.38 -15.50 -24.91
C VAL M 167 28.99 -16.08 -25.23
N ASP M 168 28.64 -16.10 -26.51
CA ASP M 168 27.36 -16.62 -26.98
C ASP M 168 27.53 -18.02 -27.54
N LEU M 169 26.45 -18.79 -27.64
CA LEU M 169 26.53 -20.16 -28.15
C LEU M 169 25.22 -20.51 -28.88
N SER M 170 25.30 -20.72 -30.18
CA SER M 170 24.13 -21.02 -31.01
C SER M 170 23.83 -22.52 -31.10
N LEU M 171 22.59 -22.88 -30.77
CA LEU M 171 22.14 -24.27 -30.79
C LEU M 171 20.91 -24.47 -31.69
N PRO M 172 21.11 -24.93 -32.94
CA PRO M 172 19.94 -25.18 -33.80
C PRO M 172 19.09 -26.38 -33.34
N LYS M 173 17.83 -26.39 -33.74
CA LYS M 173 16.88 -27.42 -33.31
C LYS M 173 17.34 -28.80 -33.82
N PRO M 174 17.22 -29.85 -33.00
CA PRO M 174 16.74 -29.85 -31.62
C PRO M 174 17.80 -29.30 -30.66
N TRP M 175 17.36 -28.60 -29.63
CA TRP M 175 18.28 -28.01 -28.67
C TRP M 175 18.89 -29.12 -27.82
N HIS M 176 20.20 -29.31 -27.95
CA HIS M 176 20.91 -30.36 -27.22
C HIS M 176 21.14 -29.97 -25.76
N LEU M 177 20.04 -29.83 -25.01
CA LEU M 177 20.10 -29.43 -23.62
C LEU M 177 20.16 -30.67 -22.73
N PRO M 178 20.59 -30.50 -21.47
CA PRO M 178 21.16 -29.28 -20.87
C PRO M 178 22.57 -28.96 -21.37
N VAL M 179 22.92 -27.68 -21.27
CA VAL M 179 24.24 -27.19 -21.67
C VAL M 179 24.83 -26.26 -20.60
N THR M 180 26.16 -26.29 -20.48
CA THR M 180 26.86 -25.67 -19.33
C THR M 180 28.06 -24.78 -19.68
N CYS M 181 28.13 -23.60 -19.07
CA CYS M 181 29.25 -22.67 -19.22
C CYS M 181 30.12 -22.58 -17.95
N VAL M 182 31.41 -22.26 -18.11
CA VAL M 182 32.35 -22.21 -17.00
C VAL M 182 33.00 -20.84 -16.89
N GLY M 183 32.65 -20.10 -15.85
CA GLY M 183 33.28 -18.83 -15.56
C GLY M 183 34.27 -19.01 -14.43
N LYS M 184 35.40 -18.32 -14.52
CA LYS M 184 36.41 -18.39 -13.48
C LYS M 184 37.23 -17.12 -13.39
N ASN M 185 37.71 -16.85 -12.17
CA ASN M 185 38.54 -15.69 -11.87
C ASN M 185 39.81 -16.14 -11.17
N ASP M 186 40.80 -16.53 -11.96
CA ASP M 186 42.02 -17.14 -11.44
C ASP M 186 41.56 -18.42 -10.71
N LYS M 187 41.90 -18.59 -9.43
CA LYS M 187 41.52 -19.79 -8.70
C LYS M 187 40.01 -19.96 -8.58
N GLU M 188 39.31 -18.85 -8.33
CA GLU M 188 37.85 -18.88 -8.19
C GLU M 188 37.19 -19.44 -9.45
N GLU M 189 36.16 -20.27 -9.26
CA GLU M 189 35.46 -20.90 -10.37
C GLU M 189 33.96 -21.08 -10.10
N ALA M 190 33.15 -20.97 -11.15
CA ALA M 190 31.71 -21.18 -11.04
C ALA M 190 31.09 -21.53 -12.39
N HIS M 191 29.93 -22.22 -12.38
CA HIS M 191 29.29 -22.68 -13.60
C HIS M 191 27.86 -22.16 -13.75
N GLY M 192 27.34 -22.25 -14.98
CA GLY M 192 25.96 -21.91 -15.29
C GLY M 192 25.35 -22.95 -16.21
N VAL M 193 24.24 -23.56 -15.78
CA VAL M 193 23.54 -24.56 -16.59
C VAL M 193 22.22 -24.04 -17.13
N TYR M 194 22.02 -24.18 -18.43
CA TYR M 194 20.70 -23.95 -19.01
C TYR M 194 19.97 -25.28 -19.20
N VAL M 195 18.84 -25.42 -18.51
CA VAL M 195 18.08 -26.67 -18.51
C VAL M 195 17.05 -26.78 -19.64
N SER M 196 16.03 -25.93 -19.62
CA SER M 196 14.94 -25.98 -20.63
C SER M 196 14.40 -24.60 -21.02
N GLY M 197 13.82 -24.52 -22.21
CA GLY M 197 13.22 -23.28 -22.70
C GLY M 197 11.83 -23.06 -22.12
N TYR M 198 11.09 -22.07 -22.63
CA TYR M 198 9.72 -21.83 -22.16
C TYR M 198 8.72 -22.86 -22.70
N LEU M 199 8.79 -23.11 -24.01
CA LEU M 199 7.99 -24.15 -24.68
C LEU M 199 8.90 -24.97 -25.59
N VAL N 1 37.05 16.29 24.28
CA VAL N 1 38.06 16.92 23.42
C VAL N 1 37.43 17.99 22.54
N THR N 2 38.26 18.64 21.73
CA THR N 2 37.82 19.71 20.85
C THR N 2 38.74 19.68 19.63
N ALA N 3 38.22 19.99 18.44
CA ALA N 3 39.06 20.09 17.25
C ALA N 3 38.41 20.88 16.11
N PHE N 4 39.23 21.45 15.25
CA PHE N 4 38.74 22.31 14.17
C PHE N 4 38.22 21.56 12.95
N LEU N 5 37.58 22.31 12.07
CA LEU N 5 37.00 21.78 10.83
C LEU N 5 38.06 21.21 9.89
N GLY N 6 37.79 20.03 9.35
CA GLY N 6 38.65 19.37 8.40
C GLY N 6 39.75 18.51 9.01
N GLU N 7 39.97 18.66 10.32
CA GLU N 7 41.11 18.03 10.97
C GLU N 7 40.90 16.54 11.24
N ARG N 8 41.99 15.81 11.39
CA ARG N 8 41.93 14.40 11.80
C ARG N 8 42.04 14.33 13.32
N VAL N 9 40.91 14.19 14.01
CA VAL N 9 40.87 14.16 15.48
C VAL N 9 40.50 12.77 15.99
N THR N 10 41.09 12.40 17.14
CA THR N 10 40.93 11.06 17.71
C THR N 10 40.25 11.10 19.08
N LEU N 11 39.32 10.17 19.29
CA LEU N 11 38.67 9.94 20.58
C LEU N 11 39.14 8.62 21.16
N THR N 12 39.16 8.48 22.49
CA THR N 12 39.67 7.26 23.13
C THR N 12 38.83 6.66 24.26
N SER N 13 39.01 5.35 24.43
CA SER N 13 38.42 4.58 25.50
C SER N 13 39.39 3.45 25.83
N TYR N 14 39.23 2.80 26.98
CA TYR N 14 40.21 1.80 27.42
C TYR N 14 39.60 0.81 28.43
N TRP N 15 40.18 -0.38 28.46
CA TRP N 15 39.84 -1.40 29.46
C TRP N 15 40.81 -1.28 30.64
N ARG N 16 40.27 -1.27 31.85
CA ARG N 16 41.06 -1.03 33.06
C ARG N 16 42.20 -2.05 33.17
N ARG N 17 41.86 -3.31 32.93
CA ARG N 17 42.84 -4.40 32.98
C ARG N 17 43.80 -4.42 31.78
N VAL N 18 45.06 -4.26 32.13
CA VAL N 18 46.16 -4.15 31.17
C VAL N 18 46.45 -5.50 30.48
N SER N 19 45.87 -6.58 31.00
CA SER N 19 45.95 -7.89 30.35
C SER N 19 45.26 -7.97 29.00
N LEU N 20 44.19 -7.21 28.87
CA LEU N 20 43.24 -7.38 27.77
C LEU N 20 43.19 -6.27 26.74
N GLY N 21 43.21 -6.65 25.47
CA GLY N 21 43.01 -5.71 24.38
C GLY N 21 42.01 -6.19 23.33
N PRO N 22 42.38 -7.23 22.55
CA PRO N 22 41.52 -7.75 21.49
C PRO N 22 40.22 -8.34 22.00
N GLU N 23 40.31 -8.96 23.17
CA GLU N 23 39.23 -9.76 23.73
C GLU N 23 37.96 -8.94 23.94
N ILE N 24 38.10 -7.64 24.11
CA ILE N 24 36.94 -6.81 24.42
C ILE N 24 36.12 -6.62 23.15
N GLU N 25 34.79 -6.76 23.25
CA GLU N 25 33.92 -6.49 22.12
C GLU N 25 33.55 -5.01 22.15
N VAL N 26 34.37 -4.20 21.48
CA VAL N 26 34.20 -2.75 21.44
C VAL N 26 33.27 -2.31 20.31
N SER N 27 32.45 -1.31 20.59
CA SER N 27 31.44 -0.83 19.66
C SER N 27 31.05 0.63 19.93
N TRP N 28 31.43 1.52 19.02
CA TRP N 28 31.18 2.96 19.20
C TRP N 28 29.82 3.38 18.64
N PHE N 29 29.21 4.37 19.28
CA PHE N 29 27.93 4.92 18.82
C PHE N 29 27.98 6.45 18.80
N LYS N 30 27.30 7.07 17.83
CA LYS N 30 27.09 8.52 17.86
C LYS N 30 25.73 8.79 18.50
N LEU N 31 25.72 9.65 19.51
CA LEU N 31 24.46 10.03 20.14
C LEU N 31 23.74 11.08 19.33
N GLY N 32 22.72 10.64 18.60
CA GLY N 32 21.81 11.56 17.94
C GLY N 32 20.93 12.17 19.01
N PRO N 33 20.36 13.36 18.75
CA PRO N 33 19.58 14.02 19.80
C PRO N 33 18.42 13.16 20.29
N GLY N 34 17.96 13.40 21.51
CA GLY N 34 16.85 12.66 22.07
C GLY N 34 17.23 11.25 22.49
N GLU N 35 18.40 11.12 23.12
CA GLU N 35 18.84 9.85 23.69
C GLU N 35 18.98 8.75 22.63
N GLU N 36 19.23 9.14 21.38
CA GLU N 36 19.28 8.19 20.30
C GLU N 36 20.65 7.51 20.29
N GLN N 37 20.76 6.38 19.61
CA GLN N 37 22.01 5.62 19.54
C GLN N 37 22.25 5.04 18.14
N VAL N 38 23.17 5.63 17.40
CA VAL N 38 23.48 5.19 16.05
C VAL N 38 24.82 4.47 16.00
N LEU N 39 24.84 3.24 15.49
CA LEU N 39 26.06 2.45 15.46
C LEU N 39 27.03 2.95 14.40
N ILE N 40 28.25 3.25 14.82
CA ILE N 40 29.28 3.74 13.91
C ILE N 40 30.16 2.58 13.45
N GLY N 41 30.59 1.76 14.39
CA GLY N 41 31.45 0.62 14.07
C GLY N 41 31.67 -0.33 15.23
N ARG N 42 32.21 -1.51 14.92
CA ARG N 42 32.47 -2.55 15.92
C ARG N 42 33.87 -3.13 15.74
N MET N 43 34.46 -3.61 16.83
CA MET N 43 35.79 -4.21 16.80
C MET N 43 35.88 -5.32 17.83
N HIS N 44 36.39 -6.47 17.41
CA HIS N 44 36.54 -7.62 18.29
C HIS N 44 37.58 -8.57 17.73
N HIS N 45 38.49 -9.03 18.58
CA HIS N 45 39.58 -9.90 18.16
C HIS N 45 40.32 -9.32 16.97
N ASP N 46 40.56 -8.01 17.01
CA ASP N 46 41.27 -7.29 15.96
C ASP N 46 40.66 -7.54 14.58
N VAL N 47 39.35 -7.35 14.48
CA VAL N 47 38.69 -7.21 13.20
C VAL N 47 37.71 -6.06 13.30
N ILE N 48 38.01 -4.99 12.58
CA ILE N 48 37.21 -3.78 12.64
C ILE N 48 36.25 -3.74 11.47
N PHE N 49 35.09 -3.14 11.72
CA PHE N 49 34.11 -2.92 10.67
C PHE N 49 33.32 -1.65 10.95
N ILE N 50 33.40 -0.70 10.03
CA ILE N 50 32.67 0.56 10.16
C ILE N 50 31.41 0.44 9.31
N GLU N 51 30.29 0.95 9.83
CA GLU N 51 29.03 0.91 9.09
C GLU N 51 29.13 1.77 7.84
N TRP N 52 28.42 1.35 6.79
CA TRP N 52 28.51 2.01 5.49
C TRP N 52 28.17 3.50 5.46
N PRO N 53 27.20 3.95 6.29
CA PRO N 53 26.94 5.39 6.31
C PRO N 53 28.10 6.21 6.91
N PHE N 54 28.84 5.64 7.85
CA PHE N 54 30.00 6.30 8.44
C PHE N 54 31.32 5.90 7.80
N ARG N 55 31.28 5.04 6.79
CA ARG N 55 32.50 4.48 6.21
C ARG N 55 33.33 5.58 5.59
N GLY N 56 34.58 5.70 6.01
CA GLY N 56 35.49 6.65 5.41
C GLY N 56 35.48 8.02 6.04
N PHE N 57 34.57 8.25 6.98
CA PHE N 57 34.61 9.44 7.81
C PHE N 57 35.16 9.08 9.19
N PHE N 58 34.81 7.89 9.66
CA PHE N 58 35.36 7.33 10.89
C PHE N 58 36.18 6.07 10.62
N ASP N 59 36.98 5.69 11.60
CA ASP N 59 37.69 4.41 11.58
C ASP N 59 38.08 4.09 13.02
N ILE N 60 38.24 2.81 13.32
CA ILE N 60 38.63 2.37 14.65
C ILE N 60 39.87 1.50 14.56
N HIS N 61 40.74 1.60 15.56
CA HIS N 61 41.85 0.67 15.68
C HIS N 61 42.20 0.48 17.16
N ARG N 62 43.16 -0.41 17.42
CA ARG N 62 43.52 -0.74 18.80
C ARG N 62 45.02 -0.83 19.00
N SER N 63 45.44 -0.50 20.21
CA SER N 63 46.79 -0.78 20.68
C SER N 63 46.70 -1.04 22.18
N ALA N 64 47.20 -2.20 22.60
CA ALA N 64 47.20 -2.58 24.01
C ALA N 64 45.77 -2.53 24.60
N ASN N 65 45.59 -1.99 25.81
CA ASN N 65 44.26 -1.90 26.42
C ASN N 65 43.50 -0.64 26.03
N THR N 66 43.90 0.01 24.94
CA THR N 66 43.30 1.26 24.48
C THR N 66 42.57 1.12 23.15
N PHE N 67 41.44 1.82 23.03
CA PHE N 67 40.61 1.77 21.84
C PHE N 67 40.41 3.18 21.30
N PHE N 68 40.66 3.36 20.00
CA PHE N 68 40.61 4.69 19.39
C PHE N 68 39.50 4.83 18.37
N LEU N 69 38.82 5.97 18.37
CA LEU N 69 37.93 6.31 17.27
C LEU N 69 38.45 7.54 16.55
N VAL N 70 39.09 7.33 15.40
CA VAL N 70 39.61 8.41 14.60
C VAL N 70 38.54 8.91 13.60
N VAL N 71 38.27 10.21 13.61
CA VAL N 71 37.48 10.83 12.54
C VAL N 71 38.45 11.37 11.52
N THR N 72 38.47 10.74 10.36
CA THR N 72 39.46 11.03 9.35
C THR N 72 39.40 12.49 8.85
N ALA N 73 38.21 13.09 8.87
CA ALA N 73 38.07 14.51 8.55
C ALA N 73 36.81 15.06 9.22
N ALA N 74 37.00 16.06 10.09
CA ALA N 74 35.91 16.59 10.91
C ALA N 74 35.01 17.60 10.19
N ASN N 75 33.71 17.48 10.39
CA ASN N 75 32.74 18.46 9.92
C ASN N 75 31.71 18.72 11.01
N ILE N 76 30.82 19.67 10.78
CA ILE N 76 29.95 20.19 11.82
C ILE N 76 28.95 19.14 12.30
N SER N 77 28.60 18.21 11.42
CA SER N 77 27.75 17.09 11.79
C SER N 77 28.35 16.32 12.96
N HIS N 78 29.67 16.30 13.05
CA HIS N 78 30.37 15.50 14.07
C HIS N 78 30.39 16.11 15.47
N ASP N 79 29.99 17.37 15.62
CA ASP N 79 29.87 17.95 16.94
C ASP N 79 28.77 17.19 17.66
N GLY N 80 29.07 16.66 18.82
CA GLY N 80 28.10 15.88 19.58
C GLY N 80 28.79 14.85 20.45
N ASN N 81 28.00 14.20 21.29
CA ASN N 81 28.53 13.19 22.19
C ASN N 81 28.68 11.84 21.51
N TYR N 82 29.65 11.07 21.97
CA TYR N 82 29.90 9.73 21.46
C TYR N 82 29.96 8.73 22.59
N LEU N 83 29.48 7.52 22.31
CA LEU N 83 29.36 6.48 23.32
C LEU N 83 30.12 5.24 22.89
N CYS N 84 30.89 4.68 23.81
CA CYS N 84 31.60 3.43 23.56
C CYS N 84 31.13 2.34 24.50
N ARG N 85 30.63 1.23 23.96
CA ARG N 85 30.26 0.08 24.78
C ARG N 85 31.35 -0.96 24.57
N MET N 86 32.02 -1.30 25.68
CA MET N 86 33.04 -2.33 25.67
C MET N 86 32.59 -3.48 26.57
N LYS N 87 32.34 -4.63 25.95
CA LYS N 87 31.84 -5.80 26.68
C LYS N 87 32.84 -6.95 26.76
N LEU N 88 32.74 -7.70 27.86
CA LEU N 88 33.51 -8.92 28.08
C LEU N 88 32.60 -9.98 28.68
N GLY N 89 31.83 -10.66 27.84
CA GLY N 89 30.85 -11.59 28.36
C GLY N 89 29.84 -10.89 29.24
N GLU N 90 29.77 -11.33 30.49
CA GLU N 90 28.78 -10.84 31.44
C GLU N 90 28.90 -9.35 31.77
N THR N 91 30.12 -8.87 31.92
CA THR N 91 30.38 -7.48 32.30
C THR N 91 30.48 -6.56 31.08
N GLU N 92 29.91 -5.37 31.17
CA GLU N 92 29.94 -4.39 30.08
C GLU N 92 30.05 -2.96 30.59
N VAL N 93 30.96 -2.18 30.00
CA VAL N 93 31.14 -0.80 30.40
C VAL N 93 30.83 0.18 29.28
N THR N 94 30.19 1.29 29.64
CA THR N 94 29.73 2.29 28.69
C THR N 94 30.46 3.56 29.08
N LYS N 95 31.51 3.92 28.34
CA LYS N 95 32.29 5.11 28.65
C LYS N 95 31.97 6.18 27.58
N GLN N 96 31.51 7.36 28.02
CA GLN N 96 31.17 8.48 27.12
C GLN N 96 32.36 9.35 26.74
N GLU N 97 32.20 10.14 25.68
CA GLU N 97 33.26 11.03 25.21
C GLU N 97 32.65 12.11 24.30
N HIS N 98 32.76 13.37 24.70
CA HIS N 98 32.24 14.50 23.92
C HIS N 98 33.26 15.06 22.93
N LEU N 99 32.77 15.64 21.85
CA LEU N 99 33.62 16.31 20.86
C LEU N 99 32.99 17.63 20.41
N SER N 100 33.71 18.73 20.60
CA SER N 100 33.31 20.01 20.04
C SER N 100 34.07 20.29 18.75
N VAL N 101 33.32 20.54 17.67
CA VAL N 101 33.93 20.96 16.41
C VAL N 101 33.86 22.48 16.29
N VAL N 102 34.90 23.07 15.70
CA VAL N 102 35.05 24.52 15.63
C VAL N 102 35.39 24.99 14.22
N LYS N 103 34.73 26.06 13.79
CA LYS N 103 35.07 26.71 12.53
C LYS N 103 35.73 28.07 12.82
N PRO N 104 36.93 28.30 12.27
CA PRO N 104 37.59 29.58 12.57
C PRO N 104 36.83 30.74 11.95
N LEU N 105 36.40 31.69 12.77
CA LEU N 105 35.48 32.74 12.31
C LEU N 105 36.00 33.47 11.10
N THR N 106 35.06 33.92 10.27
CA THR N 106 35.39 34.59 9.02
C THR N 106 34.71 35.96 9.00
N LEU N 107 35.45 37.00 9.41
CA LEU N 107 34.92 38.36 9.46
C LEU N 107 35.01 39.10 8.15
N SER N 108 33.87 39.61 7.65
CA SER N 108 33.85 40.36 6.40
C SER N 108 33.28 41.77 6.60
N VAL N 109 33.84 42.75 5.88
CA VAL N 109 33.27 44.11 5.84
C VAL N 109 33.25 44.70 4.43
N HIS N 110 32.13 45.33 4.07
CA HIS N 110 32.06 46.24 2.92
C HIS N 110 31.05 47.38 3.12
N SER N 111 31.34 48.53 2.52
CA SER N 111 30.50 49.73 2.60
C SER N 111 29.44 49.71 1.52
N GLU N 112 28.50 50.63 1.64
CA GLU N 112 27.59 50.92 0.56
C GLU N 112 27.18 52.35 0.82
N ARG N 113 26.93 53.14 -0.21
CA ARG N 113 26.25 54.41 0.01
C ARG N 113 24.80 54.26 -0.42
N SER N 114 23.90 54.90 0.30
CA SER N 114 22.49 54.86 -0.04
C SER N 114 22.26 55.49 -1.41
N GLN N 115 21.31 54.94 -2.16
CA GLN N 115 21.00 55.46 -3.49
C GLN N 115 19.83 56.44 -3.47
N PHE N 116 19.14 56.54 -2.33
CA PHE N 116 17.99 57.44 -2.22
C PHE N 116 17.78 57.81 -0.76
N PRO N 117 17.34 59.06 -0.49
CA PRO N 117 17.16 60.17 -1.43
C PRO N 117 18.47 60.87 -1.80
N ASP N 118 19.57 60.49 -1.15
CA ASP N 118 20.86 61.10 -1.40
C ASP N 118 21.94 60.05 -1.24
N PHE N 119 23.20 60.48 -1.43
CA PHE N 119 24.33 59.58 -1.32
C PHE N 119 25.17 59.99 -0.12
N SER N 120 24.46 60.39 0.93
CA SER N 120 25.08 60.78 2.20
C SER N 120 25.07 59.62 3.18
N VAL N 121 23.99 58.87 3.23
CA VAL N 121 23.84 57.80 4.22
C VAL N 121 24.77 56.62 3.87
N LEU N 122 25.97 56.62 4.44
CA LEU N 122 26.91 55.52 4.21
C LEU N 122 26.58 54.35 5.12
N THR N 123 26.25 53.21 4.51
CA THR N 123 25.90 52.00 5.25
C THR N 123 27.04 50.99 5.12
N VAL N 124 27.56 50.52 6.26
CA VAL N 124 28.55 49.44 6.29
C VAL N 124 27.99 48.18 6.90
N THR N 125 28.50 47.05 6.44
CA THR N 125 28.03 45.74 6.87
C THR N 125 29.19 44.92 7.41
N CYS N 126 29.14 44.57 8.69
CA CYS N 126 30.12 43.65 9.26
C CYS N 126 29.49 42.27 9.41
N THR N 127 30.14 41.26 8.84
CA THR N 127 29.61 39.89 8.82
C THR N 127 30.61 38.91 9.39
N VAL N 128 30.12 37.88 10.08
CA VAL N 128 31.00 36.84 10.62
C VAL N 128 30.37 35.44 10.51
N ASN N 129 31.13 34.53 9.92
CA ASN N 129 30.72 33.13 9.74
C ASN N 129 31.64 32.20 10.54
N ALA N 130 31.13 31.71 11.67
CA ALA N 130 31.89 30.82 12.56
C ALA N 130 31.04 29.70 13.14
N PHE N 131 31.65 28.91 14.01
CA PHE N 131 30.95 27.86 14.74
C PHE N 131 31.69 27.58 16.03
N PRO N 132 30.97 27.40 17.16
CA PRO N 132 29.52 27.26 17.33
C PRO N 132 28.77 28.53 17.75
N HIS N 133 29.45 29.56 18.24
CA HIS N 133 28.78 30.77 18.72
C HIS N 133 29.36 32.04 18.11
N PRO N 134 29.00 32.35 16.85
CA PRO N 134 29.45 33.62 16.28
C PRO N 134 28.64 34.79 16.81
N HIS N 135 29.26 35.96 16.88
CA HIS N 135 28.61 37.13 17.43
C HIS N 135 29.30 38.40 16.95
N VAL N 136 28.56 39.29 16.30
CA VAL N 136 29.11 40.52 15.74
C VAL N 136 28.48 41.71 16.41
N GLN N 137 29.27 42.77 16.56
CA GLN N 137 28.82 43.94 17.28
C GLN N 137 29.59 45.15 16.81
N TRP N 138 28.87 46.24 16.61
CA TRP N 138 29.45 47.51 16.19
C TRP N 138 29.77 48.32 17.44
N LEU N 139 31.01 48.83 17.47
CA LEU N 139 31.53 49.66 18.55
C LEU N 139 31.10 51.08 18.47
N MET N 140 30.39 51.58 19.48
CA MET N 140 29.93 52.97 19.53
C MET N 140 28.48 53.09 19.14
N PRO N 141 27.89 54.27 19.36
CA PRO N 141 28.34 55.55 19.97
C PRO N 141 27.96 55.76 21.43
N GLU N 142 28.97 56.15 22.21
CA GLU N 142 28.75 56.70 23.55
C GLU N 142 28.00 58.03 23.50
N GLY N 143 28.35 58.87 22.52
CA GLY N 143 27.75 60.18 22.37
C GLY N 143 27.17 60.39 20.99
N ASN N 152 19.93 44.87 14.29
CA ASN N 152 19.59 44.49 12.92
C ASN N 152 20.40 43.27 12.48
N GLY N 153 20.13 42.15 13.12
CA GLY N 153 20.94 40.95 12.97
C GLY N 153 20.19 39.68 12.62
N GLY N 154 20.34 39.20 11.38
CA GLY N 154 19.68 37.98 10.97
C GLY N 154 20.64 36.81 11.04
N VAL N 155 20.23 35.76 11.76
CA VAL N 155 21.01 34.54 11.90
C VAL N 155 20.74 33.55 10.77
N MET N 156 21.76 33.26 9.96
CA MET N 156 21.61 32.33 8.84
C MET N 156 22.41 31.06 9.14
N LYS N 157 21.98 29.95 8.55
CA LYS N 157 22.71 28.69 8.63
C LYS N 157 23.21 28.31 7.24
N GLU N 158 24.50 28.02 7.15
CA GLU N 158 25.15 27.74 5.87
C GLU N 158 25.00 26.28 5.45
N LYS N 159 25.44 26.01 4.23
CA LYS N 159 25.39 24.66 3.66
C LYS N 159 26.31 23.75 4.47
N ASP N 160 27.51 24.25 4.78
CA ASP N 160 28.50 23.47 5.52
C ASP N 160 28.13 23.26 7.00
N GLY N 161 26.99 23.79 7.43
CA GLY N 161 26.49 23.55 8.77
C GLY N 161 26.86 24.66 9.74
N SER N 162 27.80 25.50 9.33
CA SER N 162 28.25 26.62 10.14
C SER N 162 27.18 27.69 10.24
N LEU N 163 27.37 28.65 11.14
CA LEU N 163 26.42 29.76 11.29
C LEU N 163 27.06 31.07 10.89
N SER N 164 26.23 31.94 10.29
CA SER N 164 26.64 33.28 9.92
C SER N 164 25.65 34.29 10.49
N VAL N 165 26.18 35.44 10.90
CA VAL N 165 25.36 36.58 11.29
C VAL N 165 26.09 37.88 10.97
N ALA N 166 25.32 38.92 10.64
CA ALA N 166 25.90 40.24 10.33
C ALA N 166 24.99 41.35 10.84
N VAL N 167 25.56 42.54 10.98
CA VAL N 167 24.78 43.72 11.35
C VAL N 167 25.21 44.96 10.55
N ASP N 168 24.23 45.83 10.25
CA ASP N 168 24.47 47.05 9.49
C ASP N 168 24.57 48.28 10.39
N LEU N 169 25.17 49.35 9.85
CA LEU N 169 25.35 50.59 10.61
C LEU N 169 25.27 51.81 9.69
N SER N 170 24.25 52.63 9.87
CA SER N 170 24.04 53.80 9.01
C SER N 170 24.75 55.05 9.57
N LEU N 171 25.57 55.69 8.74
CA LEU N 171 26.30 56.89 9.16
C LEU N 171 26.04 58.07 8.21
N PRO N 172 25.11 58.98 8.59
CA PRO N 172 24.88 60.17 7.75
C PRO N 172 26.04 61.16 7.75
N LYS N 173 26.13 61.99 6.72
CA LYS N 173 27.25 62.93 6.59
C LYS N 173 27.26 63.93 7.75
N PRO N 174 28.45 64.24 8.28
CA PRO N 174 29.76 63.69 7.88
C PRO N 174 29.98 62.28 8.41
N TRP N 175 30.69 61.46 7.64
CA TRP N 175 30.91 60.08 8.05
C TRP N 175 31.91 60.19 9.17
N HIS N 176 31.45 59.80 10.35
CA HIS N 176 32.26 59.90 11.55
C HIS N 176 33.26 58.73 11.58
N LEU N 177 34.19 58.71 10.61
CA LEU N 177 35.20 57.66 10.46
C LEU N 177 36.50 57.96 11.17
N PRO N 178 37.33 56.91 11.40
CA PRO N 178 37.13 55.47 11.20
C PRO N 178 36.18 54.84 12.22
N VAL N 179 35.57 53.71 11.86
CA VAL N 179 34.65 52.98 12.72
C VAL N 179 34.99 51.49 12.70
N THR N 180 34.74 50.81 13.81
CA THR N 180 35.26 49.48 14.04
C THR N 180 34.19 48.51 14.52
N CYS N 181 34.16 47.32 13.91
CA CYS N 181 33.24 46.25 14.31
C CYS N 181 34.01 45.13 14.99
N VAL N 182 33.34 44.40 15.88
CA VAL N 182 34.00 43.34 16.65
C VAL N 182 33.26 42.02 16.44
N GLY N 183 33.91 41.11 15.74
CA GLY N 183 33.39 39.77 15.57
C GLY N 183 34.10 38.81 16.49
N LYS N 184 33.38 37.85 17.06
CA LYS N 184 33.99 36.87 17.93
C LYS N 184 33.24 35.55 17.94
N ASN N 185 34.00 34.48 18.18
CA ASN N 185 33.47 33.13 18.26
C ASN N 185 33.93 32.49 19.56
N ASP N 186 33.19 32.73 20.65
CA ASP N 186 33.59 32.32 21.98
C ASP N 186 34.94 33.02 22.27
N LYS N 187 35.99 32.29 22.64
CA LYS N 187 37.26 32.92 22.96
C LYS N 187 37.86 33.66 21.77
N GLU N 188 37.75 33.06 20.58
CA GLU N 188 38.29 33.69 19.37
C GLU N 188 37.67 35.06 19.15
N GLU N 189 38.49 36.02 18.74
CA GLU N 189 38.04 37.39 18.51
C GLU N 189 38.79 38.08 17.36
N ALA N 190 38.09 38.94 16.62
CA ALA N 190 38.69 39.70 15.53
C ALA N 190 37.88 40.97 15.22
N HIS N 191 38.54 41.97 14.62
CA HIS N 191 37.91 43.26 14.33
C HIS N 191 37.98 43.61 12.86
N GLY N 192 37.15 44.57 12.46
CA GLY N 192 37.16 45.12 11.12
C GLY N 192 37.04 46.63 11.21
N VAL N 193 38.01 47.34 10.63
CA VAL N 193 38.00 48.79 10.61
C VAL N 193 37.72 49.31 9.22
N TYR N 194 36.75 50.22 9.12
CA TYR N 194 36.56 50.93 7.88
C TYR N 194 37.25 52.30 7.98
N VAL N 195 38.23 52.53 7.12
CA VAL N 195 39.03 53.76 7.16
C VAL N 195 38.44 54.92 6.35
N SER N 196 38.35 54.77 5.03
CA SER N 196 37.85 55.84 4.17
C SER N 196 37.04 55.32 2.98
N GLY N 197 36.16 56.17 2.46
CA GLY N 197 35.34 55.82 1.31
C GLY N 197 36.13 55.99 0.03
N TYR N 198 35.46 55.92 -1.12
CA TYR N 198 36.15 56.10 -2.39
C TYR N 198 36.49 57.55 -2.67
N LEU N 199 35.52 58.46 -2.47
CA LEU N 199 35.83 59.88 -2.64
C LEU N 199 35.31 60.74 -1.49
N VAL O 1 -2.17 -16.97 -27.76
CA VAL O 1 -0.79 -17.05 -28.26
C VAL O 1 0.22 -16.60 -27.20
N THR O 2 1.49 -16.66 -27.58
CA THR O 2 2.61 -16.32 -26.70
C THR O 2 3.79 -15.79 -27.51
N ALA O 3 4.56 -14.84 -26.95
CA ALA O 3 5.78 -14.40 -27.62
C ALA O 3 6.77 -13.71 -26.69
N PHE O 4 8.05 -13.77 -27.06
CA PHE O 4 9.10 -13.24 -26.21
C PHE O 4 9.25 -11.73 -26.33
N LEU O 5 10.04 -11.19 -25.42
CA LEU O 5 10.33 -9.78 -25.37
C LEU O 5 11.05 -9.31 -26.63
N GLY O 6 10.59 -8.19 -27.18
CA GLY O 6 11.21 -7.58 -28.35
C GLY O 6 10.72 -8.10 -29.71
N GLU O 7 10.01 -9.22 -29.70
CA GLU O 7 9.66 -9.91 -30.94
C GLU O 7 8.49 -9.26 -31.68
N ARG O 8 8.41 -9.52 -32.99
CA ARG O 8 7.26 -9.07 -33.76
C ARG O 8 6.21 -10.18 -33.78
N VAL O 9 5.20 -10.06 -32.91
CA VAL O 9 4.16 -11.09 -32.77
C VAL O 9 2.80 -10.58 -33.28
N THR O 10 2.03 -11.51 -33.86
CA THR O 10 0.76 -11.19 -34.50
C THR O 10 -0.42 -11.91 -33.83
N LEU O 11 -1.52 -11.18 -33.62
CA LEU O 11 -2.78 -11.76 -33.16
C LEU O 11 -3.80 -11.70 -34.28
N THR O 12 -4.76 -12.64 -34.26
CA THR O 12 -5.74 -12.74 -35.34
C THR O 12 -7.19 -12.91 -34.95
N SER O 13 -8.05 -12.48 -35.88
CA SER O 13 -9.49 -12.65 -35.80
C SER O 13 -9.95 -12.81 -37.24
N TYR O 14 -11.17 -13.27 -37.43
CA TYR O 14 -11.65 -13.61 -38.76
C TYR O 14 -13.16 -13.61 -38.87
N TRP O 15 -13.65 -13.34 -40.06
CA TRP O 15 -15.06 -13.47 -40.33
C TRP O 15 -15.32 -14.85 -40.91
N ARG O 16 -16.30 -15.54 -40.34
CA ARG O 16 -16.63 -16.90 -40.72
C ARG O 16 -16.97 -16.99 -42.21
N ARG O 17 -17.77 -16.06 -42.73
CA ARG O 17 -18.07 -16.10 -44.17
C ARG O 17 -16.89 -15.64 -45.01
N VAL O 18 -16.42 -16.59 -45.80
CA VAL O 18 -15.25 -16.44 -46.64
C VAL O 18 -15.53 -15.50 -47.82
N SER O 19 -16.79 -15.15 -48.05
CA SER O 19 -17.13 -14.14 -49.07
C SER O 19 -16.60 -12.74 -48.75
N LEU O 20 -16.53 -12.42 -47.46
CA LEU O 20 -16.33 -11.04 -46.99
C LEU O 20 -14.98 -10.81 -46.31
N GLY O 21 -14.33 -9.71 -46.71
CA GLY O 21 -13.12 -9.25 -46.04
C GLY O 21 -13.09 -7.78 -45.69
N PRO O 22 -13.03 -6.89 -46.70
CA PRO O 22 -12.96 -5.44 -46.49
C PRO O 22 -14.19 -4.85 -45.79
N GLU O 23 -15.34 -5.41 -46.10
CA GLU O 23 -16.64 -4.85 -45.70
C GLU O 23 -16.83 -4.72 -44.19
N ILE O 24 -16.12 -5.56 -43.44
CA ILE O 24 -16.30 -5.62 -42.00
C ILE O 24 -15.67 -4.42 -41.31
N GLU O 25 -16.38 -3.84 -40.34
CA GLU O 25 -15.85 -2.73 -39.55
C GLU O 25 -15.09 -3.33 -38.37
N VAL O 26 -13.81 -3.58 -38.59
CA VAL O 26 -12.95 -4.17 -37.57
C VAL O 26 -12.34 -3.09 -36.66
N SER O 27 -12.27 -3.41 -35.37
CA SER O 27 -11.78 -2.45 -34.38
C SER O 27 -11.24 -3.18 -33.14
N TRP O 28 -9.93 -3.12 -32.95
CA TRP O 28 -9.27 -3.83 -31.84
C TRP O 28 -9.21 -2.97 -30.58
N PHE O 29 -9.28 -3.63 -29.42
CA PHE O 29 -9.16 -2.95 -28.12
C PHE O 29 -8.19 -3.72 -27.22
N LYS O 30 -7.44 -2.99 -26.39
CA LYS O 30 -6.66 -3.62 -25.32
C LYS O 30 -7.48 -3.59 -24.04
N LEU O 31 -7.65 -4.74 -23.41
CA LEU O 31 -8.37 -4.80 -22.16
C LEU O 31 -7.46 -4.38 -21.01
N GLY O 32 -7.66 -3.15 -20.54
CA GLY O 32 -7.02 -2.69 -19.33
C GLY O 32 -7.70 -3.36 -18.16
N PRO O 33 -7.01 -3.47 -17.01
CA PRO O 33 -7.64 -4.21 -15.91
C PRO O 33 -8.98 -3.62 -15.49
N GLY O 34 -9.83 -4.44 -14.90
CA GLY O 34 -11.14 -3.99 -14.44
C GLY O 34 -12.12 -3.81 -15.58
N GLU O 35 -12.11 -4.75 -16.52
CA GLU O 35 -13.09 -4.76 -17.62
C GLU O 35 -13.02 -3.50 -18.48
N GLU O 36 -11.85 -2.88 -18.53
CA GLU O 36 -11.69 -1.62 -19.26
C GLU O 36 -11.54 -1.92 -20.75
N GLN O 37 -11.73 -0.89 -21.58
CA GLN O 37 -11.64 -1.05 -23.04
C GLN O 37 -10.95 0.15 -23.70
N VAL O 38 -9.70 -0.05 -24.13
CA VAL O 38 -8.92 1.01 -24.77
C VAL O 38 -8.80 0.75 -26.27
N LEU O 39 -9.21 1.72 -27.08
CA LEU O 39 -9.19 1.56 -28.54
C LEU O 39 -7.77 1.62 -29.08
N ILE O 40 -7.37 0.58 -29.81
CA ILE O 40 -6.03 0.52 -30.41
C ILE O 40 -6.05 1.01 -31.84
N GLY O 41 -7.01 0.52 -32.64
CA GLY O 41 -7.11 0.93 -34.02
C GLY O 41 -8.38 0.44 -34.69
N ARG O 42 -8.67 1.00 -35.86
CA ARG O 42 -9.86 0.66 -36.63
C ARG O 42 -9.53 0.43 -38.10
N MET O 43 -10.31 -0.43 -38.75
CA MET O 43 -10.12 -0.74 -40.16
C MET O 43 -11.45 -1.02 -40.83
N HIS O 44 -11.66 -0.41 -42.00
CA HIS O 44 -12.89 -0.60 -42.75
C HIS O 44 -12.66 -0.22 -44.20
N HIS O 45 -13.12 -1.08 -45.11
CA HIS O 45 -12.91 -0.90 -46.55
C HIS O 45 -11.43 -0.66 -46.86
N ASP O 46 -10.58 -1.43 -46.21
CA ASP O 46 -9.13 -1.34 -46.39
C ASP O 46 -8.60 0.08 -46.22
N VAL O 47 -8.98 0.72 -45.13
CA VAL O 47 -8.27 1.91 -44.69
C VAL O 47 -8.09 1.77 -43.19
N ILE O 48 -6.83 1.62 -42.78
CA ILE O 48 -6.49 1.39 -41.39
C ILE O 48 -6.06 2.68 -40.69
N PHE O 49 -6.35 2.78 -39.41
CA PHE O 49 -5.90 3.89 -38.58
C PHE O 49 -5.67 3.45 -37.14
N ILE O 50 -4.42 3.61 -36.69
CA ILE O 50 -4.05 3.26 -35.32
C ILE O 50 -4.04 4.53 -34.49
N GLU O 51 -4.53 4.43 -33.25
CA GLU O 51 -4.57 5.58 -32.36
C GLU O 51 -3.15 6.03 -32.01
N TRP O 52 -2.98 7.33 -31.82
CA TRP O 52 -1.66 7.93 -31.58
C TRP O 52 -0.87 7.40 -30.38
N PRO O 53 -1.53 7.04 -29.27
CA PRO O 53 -0.78 6.44 -28.17
C PRO O 53 -0.19 5.06 -28.50
N PHE O 54 -0.88 4.29 -29.34
CA PHE O 54 -0.39 2.98 -29.76
C PHE O 54 0.33 3.01 -31.11
N ARG O 55 0.46 4.20 -31.70
CA ARG O 55 1.00 4.31 -33.05
C ARG O 55 2.45 3.86 -33.07
N GLY O 56 2.74 2.90 -33.95
CA GLY O 56 4.11 2.46 -34.12
C GLY O 56 4.52 1.33 -33.20
N PHE O 57 3.65 0.96 -32.26
CA PHE O 57 3.84 -0.25 -31.48
C PHE O 57 2.92 -1.34 -32.01
N PHE O 58 1.72 -0.94 -32.43
CA PHE O 58 0.78 -1.82 -33.09
C PHE O 58 0.51 -1.38 -34.53
N ASP O 59 -0.06 -2.30 -35.30
CA ASP O 59 -0.55 -2.01 -36.64
C ASP O 59 -1.56 -3.09 -37.01
N ILE O 60 -2.47 -2.78 -37.91
CA ILE O 60 -3.48 -3.74 -38.37
C ILE O 60 -3.41 -3.84 -39.89
N HIS O 61 -3.65 -5.04 -40.40
CA HIS O 61 -3.82 -5.24 -41.83
C HIS O 61 -4.77 -6.40 -42.10
N ARG O 62 -5.09 -6.64 -43.36
CA ARG O 62 -6.05 -7.67 -43.73
C ARG O 62 -5.62 -8.49 -44.94
N SER O 63 -6.06 -9.75 -44.95
CA SER O 63 -5.99 -10.59 -46.14
C SER O 63 -7.19 -11.53 -46.11
N ALA O 64 -8.00 -11.52 -47.17
CA ALA O 64 -9.16 -12.38 -47.27
C ALA O 64 -10.11 -12.18 -46.06
N ASN O 65 -10.63 -13.26 -45.48
CA ASN O 65 -11.52 -13.16 -44.33
C ASN O 65 -10.80 -13.10 -42.99
N THR O 66 -9.51 -12.75 -43.01
CA THR O 66 -8.69 -12.70 -41.80
C THR O 66 -8.22 -11.30 -41.46
N PHE O 67 -8.18 -11.01 -40.16
CA PHE O 67 -7.79 -9.70 -39.65
C PHE O 67 -6.64 -9.87 -38.67
N PHE O 68 -5.57 -9.12 -38.86
CA PHE O 68 -4.36 -9.28 -38.05
C PHE O 68 -4.08 -8.06 -37.20
N LEU O 69 -3.66 -8.29 -35.95
CA LEU O 69 -3.12 -7.24 -35.13
C LEU O 69 -1.64 -7.53 -34.84
N VAL O 70 -0.76 -6.85 -35.57
CA VAL O 70 0.68 -7.01 -35.39
C VAL O 70 1.21 -6.05 -34.32
N VAL O 71 1.90 -6.60 -33.33
CA VAL O 71 2.67 -5.77 -32.40
C VAL O 71 4.10 -5.74 -32.95
N THR O 72 4.50 -4.58 -33.43
CA THR O 72 5.76 -4.44 -34.13
C THR O 72 6.96 -4.78 -33.23
N ALA O 73 6.81 -4.56 -31.92
CA ALA O 73 7.82 -4.97 -30.95
C ALA O 73 7.20 -5.18 -29.57
N ALA O 74 7.32 -6.40 -29.05
CA ALA O 74 6.64 -6.77 -27.81
C ALA O 74 7.40 -6.32 -26.56
N ASN O 75 6.65 -5.79 -25.59
CA ASN O 75 7.17 -5.47 -24.26
C ASN O 75 6.18 -5.90 -23.18
N ILE O 76 6.56 -5.75 -21.92
CA ILE O 76 5.80 -6.35 -20.82
C ILE O 76 4.43 -5.71 -20.67
N SER O 77 4.31 -4.43 -21.05
CA SER O 77 3.04 -3.74 -21.05
C SER O 77 2.00 -4.47 -21.90
N HIS O 78 2.45 -5.16 -22.93
CA HIS O 78 1.55 -5.82 -23.87
C HIS O 78 0.97 -7.16 -23.41
N ASP O 79 1.47 -7.72 -22.30
CA ASP O 79 0.85 -8.93 -21.75
C ASP O 79 -0.55 -8.58 -21.26
N GLY O 80 -1.54 -9.31 -21.74
CA GLY O 80 -2.92 -9.03 -21.37
C GLY O 80 -3.88 -9.47 -22.46
N ASN O 81 -5.17 -9.42 -22.18
CA ASN O 81 -6.17 -9.81 -23.16
C ASN O 81 -6.46 -8.70 -24.16
N TYR O 82 -6.84 -9.10 -25.37
CA TYR O 82 -7.20 -8.16 -26.42
C TYR O 82 -8.55 -8.53 -26.99
N LEU O 83 -9.31 -7.52 -27.37
CA LEU O 83 -10.68 -7.72 -27.84
C LEU O 83 -10.85 -7.11 -29.22
N CYS O 84 -11.49 -7.87 -30.10
CA CYS O 84 -11.79 -7.41 -31.45
C CYS O 84 -13.29 -7.36 -31.71
N ARG O 85 -13.81 -6.18 -32.06
CA ARG O 85 -15.21 -6.05 -32.45
C ARG O 85 -15.26 -5.92 -33.95
N MET O 86 -15.93 -6.88 -34.56
CA MET O 86 -16.15 -6.92 -35.99
C MET O 86 -17.64 -6.80 -36.25
N LYS O 87 -18.03 -5.68 -36.86
CA LYS O 87 -19.43 -5.40 -37.13
C LYS O 87 -19.71 -5.44 -38.62
N LEU O 88 -20.93 -5.81 -38.99
CA LEU O 88 -21.34 -5.78 -40.39
C LEU O 88 -22.75 -5.22 -40.39
N GLY O 89 -22.87 -3.90 -40.30
CA GLY O 89 -24.18 -3.28 -40.18
C GLY O 89 -24.83 -3.76 -38.89
N GLU O 90 -26.02 -4.35 -38.98
CA GLU O 90 -26.73 -4.75 -37.76
C GLU O 90 -26.01 -5.80 -36.92
N THR O 91 -25.37 -6.78 -37.56
CA THR O 91 -24.72 -7.86 -36.82
C THR O 91 -23.28 -7.52 -36.42
N GLU O 92 -22.91 -7.92 -35.20
CA GLU O 92 -21.58 -7.67 -34.66
C GLU O 92 -21.07 -8.81 -33.80
N VAL O 93 -19.82 -9.21 -34.04
CA VAL O 93 -19.21 -10.30 -33.31
C VAL O 93 -17.98 -9.79 -32.55
N THR O 94 -17.80 -10.30 -31.34
CA THR O 94 -16.75 -9.85 -30.43
C THR O 94 -15.83 -11.03 -30.12
N LYS O 95 -14.66 -11.09 -30.74
CA LYS O 95 -13.75 -12.21 -30.48
C LYS O 95 -12.55 -11.81 -29.62
N GLN O 96 -12.35 -12.49 -28.50
CA GLN O 96 -11.22 -12.23 -27.61
C GLN O 96 -9.98 -12.99 -28.05
N GLU O 97 -8.83 -12.56 -27.53
CA GLU O 97 -7.54 -13.17 -27.84
C GLU O 97 -6.51 -12.76 -26.78
N HIS O 98 -5.96 -13.74 -26.07
CA HIS O 98 -4.95 -13.48 -25.05
C HIS O 98 -3.54 -13.51 -25.61
N LEU O 99 -2.64 -12.77 -24.97
CA LEU O 99 -1.22 -12.76 -25.32
C LEU O 99 -0.37 -12.77 -24.05
N SER O 100 0.47 -13.78 -23.92
CA SER O 100 1.48 -13.79 -22.87
C SER O 100 2.82 -13.34 -23.43
N VAL O 101 3.40 -12.31 -22.82
CA VAL O 101 4.75 -11.90 -23.17
C VAL O 101 5.70 -12.53 -22.16
N VAL O 102 6.87 -12.94 -22.62
CA VAL O 102 7.81 -13.69 -21.79
C VAL O 102 9.23 -13.11 -21.88
N LYS O 103 9.89 -13.02 -20.74
CA LYS O 103 11.31 -12.62 -20.70
C LYS O 103 12.19 -13.82 -20.36
N PRO O 104 13.20 -14.11 -21.20
CA PRO O 104 14.03 -15.28 -20.91
C PRO O 104 14.85 -15.05 -19.64
N LEU O 105 14.69 -15.92 -18.66
CA LEU O 105 15.27 -15.69 -17.34
C LEU O 105 16.76 -15.42 -17.39
N THR O 106 17.21 -14.62 -16.43
CA THR O 106 18.61 -14.23 -16.38
C THR O 106 19.17 -14.60 -15.01
N LEU O 107 19.80 -15.77 -14.94
CA LEU O 107 20.36 -16.26 -13.68
C LEU O 107 21.75 -15.73 -13.38
N SER O 108 21.93 -15.11 -12.22
CA SER O 108 23.23 -14.57 -11.80
C SER O 108 23.72 -15.16 -10.46
N VAL O 109 25.03 -15.39 -10.34
CA VAL O 109 25.65 -15.77 -9.05
C VAL O 109 26.95 -15.03 -8.77
N HIS O 110 27.11 -14.56 -7.54
CA HIS O 110 28.41 -14.15 -7.00
C HIS O 110 28.55 -14.41 -5.49
N SER O 111 29.77 -14.67 -5.06
CA SER O 111 30.07 -14.95 -3.66
C SER O 111 30.33 -13.65 -2.92
N GLU O 112 30.40 -13.76 -1.61
CA GLU O 112 30.90 -12.70 -0.77
C GLU O 112 31.40 -13.42 0.47
N ARG O 113 32.46 -12.92 1.09
CA ARG O 113 32.80 -13.37 2.43
C ARG O 113 32.37 -12.30 3.41
N SER O 114 31.90 -12.73 4.58
CA SER O 114 31.47 -11.80 5.60
C SER O 114 32.66 -10.97 6.06
N GLN O 115 32.41 -9.71 6.39
CA GLN O 115 33.47 -8.82 6.83
C GLN O 115 33.55 -8.75 8.35
N PHE O 116 32.55 -9.31 9.04
CA PHE O 116 32.51 -9.28 10.49
C PHE O 116 31.65 -10.43 11.02
N PRO O 117 32.03 -11.03 12.16
CA PRO O 117 33.25 -10.80 12.96
C PRO O 117 34.47 -11.50 12.38
N ASP O 118 34.30 -12.31 11.35
CA ASP O 118 35.42 -13.04 10.74
C ASP O 118 35.15 -13.18 9.26
N PHE O 119 36.08 -13.83 8.56
CA PHE O 119 35.96 -14.01 7.13
C PHE O 119 35.74 -15.49 6.83
N SER O 120 34.97 -16.14 7.69
CA SER O 120 34.62 -17.54 7.54
C SER O 120 33.26 -17.71 6.87
N VAL O 121 32.30 -16.88 7.22
CA VAL O 121 30.94 -17.04 6.72
C VAL O 121 30.82 -16.64 5.25
N LEU O 122 30.97 -17.63 4.36
CA LEU O 122 30.83 -17.37 2.93
C LEU O 122 29.36 -17.34 2.50
N THR O 123 28.94 -16.19 1.99
CA THR O 123 27.58 -15.96 1.53
C THR O 123 27.57 -15.90 0.00
N VAL O 124 26.74 -16.72 -0.64
CA VAL O 124 26.53 -16.64 -2.08
C VAL O 124 25.12 -16.17 -2.39
N THR O 125 24.97 -15.48 -3.51
CA THR O 125 23.71 -14.89 -3.91
C THR O 125 23.32 -15.39 -5.29
N CYS O 126 22.20 -16.11 -5.38
CA CYS O 126 21.65 -16.51 -6.67
C CYS O 126 20.47 -15.62 -7.04
N THR O 127 20.52 -15.02 -8.22
CA THR O 127 19.52 -14.05 -8.67
C THR O 127 18.92 -14.40 -10.03
N VAL O 128 17.63 -14.11 -10.20
CA VAL O 128 16.94 -14.31 -11.47
C VAL O 128 15.95 -13.22 -11.85
N ASN O 129 16.13 -12.73 -13.07
CA ASN O 129 15.29 -11.70 -13.66
C ASN O 129 14.56 -12.28 -14.85
N ALA O 130 13.28 -12.59 -14.67
CA ALA O 130 12.47 -13.17 -15.74
C ALA O 130 11.07 -12.60 -15.73
N PHE O 131 10.23 -13.13 -16.62
CA PHE O 131 8.83 -12.77 -16.66
C PHE O 131 8.06 -13.92 -17.31
N PRO O 132 6.89 -14.29 -16.77
CA PRO O 132 6.11 -13.64 -15.71
C PRO O 132 6.27 -14.22 -14.30
N HIS O 133 6.81 -15.43 -14.17
CA HIS O 133 6.91 -16.07 -12.87
C HIS O 133 8.32 -16.56 -12.56
N PRO O 134 9.23 -15.64 -12.18
CA PRO O 134 10.56 -16.12 -11.77
C PRO O 134 10.61 -16.71 -10.37
N HIS O 135 11.52 -17.65 -10.16
CA HIS O 135 11.61 -18.35 -8.88
C HIS O 135 12.98 -19.00 -8.69
N VAL O 136 13.68 -18.62 -7.61
CA VAL O 136 15.02 -19.11 -7.30
C VAL O 136 15.01 -19.89 -5.99
N GLN O 137 15.86 -20.90 -5.90
CA GLN O 137 15.86 -21.75 -4.73
C GLN O 137 17.24 -22.39 -4.58
N TRP O 138 17.79 -22.44 -3.35
CA TRP O 138 19.11 -23.06 -3.14
C TRP O 138 18.99 -24.52 -2.76
N LEU O 139 19.69 -25.40 -3.48
CA LEU O 139 19.64 -26.82 -3.11
C LEU O 139 20.60 -27.39 -2.02
N MET O 140 19.99 -27.85 -0.93
CA MET O 140 20.58 -28.55 0.24
C MET O 140 19.65 -29.72 0.54
N PRO O 141 20.06 -30.70 1.38
CA PRO O 141 21.31 -30.92 2.11
C PRO O 141 22.25 -31.82 1.33
N VAL O 155 11.28 -9.77 -3.69
CA VAL O 155 10.73 -9.47 -5.00
C VAL O 155 10.82 -8.00 -5.38
N MET O 156 11.60 -7.73 -6.43
CA MET O 156 11.80 -6.39 -6.93
C MET O 156 11.18 -6.29 -8.32
N LYS O 157 10.76 -5.09 -8.72
CA LYS O 157 10.26 -4.85 -10.08
C LYS O 157 11.19 -3.91 -10.84
N GLU O 158 11.59 -4.33 -12.05
CA GLU O 158 12.55 -3.58 -12.84
C GLU O 158 11.89 -2.47 -13.67
N LYS O 159 12.72 -1.65 -14.31
CA LYS O 159 12.27 -0.57 -15.16
C LYS O 159 11.51 -1.09 -16.37
N ASP O 160 12.06 -2.14 -16.97
CA ASP O 160 11.48 -2.75 -18.17
C ASP O 160 10.18 -3.53 -17.91
N GLY O 161 9.71 -3.55 -16.66
CA GLY O 161 8.43 -4.16 -16.33
C GLY O 161 8.61 -5.59 -15.86
N SER O 162 9.79 -6.14 -16.07
CA SER O 162 10.11 -7.49 -15.66
C SER O 162 10.22 -7.60 -14.14
N LEU O 163 10.29 -8.83 -13.66
CA LEU O 163 10.42 -9.11 -12.23
C LEU O 163 11.77 -9.73 -11.94
N SER O 164 12.32 -9.39 -10.77
CA SER O 164 13.56 -9.98 -10.30
C SER O 164 13.38 -10.53 -8.90
N VAL O 165 14.07 -11.64 -8.64
CA VAL O 165 14.17 -12.21 -7.31
C VAL O 165 15.49 -12.94 -7.06
N ALA O 166 15.95 -12.90 -5.81
CA ALA O 166 17.20 -13.57 -5.40
C ALA O 166 17.14 -14.11 -3.97
N VAL O 167 18.03 -15.05 -3.67
CA VAL O 167 18.20 -15.56 -2.31
C VAL O 167 19.66 -15.80 -1.92
N ASP O 168 19.99 -15.56 -0.65
CA ASP O 168 21.34 -15.75 -0.12
C ASP O 168 21.48 -17.06 0.63
N LEU O 169 22.73 -17.52 0.81
CA LEU O 169 22.99 -18.80 1.49
C LEU O 169 24.31 -18.72 2.26
N SER O 170 24.23 -18.80 3.59
CA SER O 170 25.41 -18.69 4.44
C SER O 170 26.06 -20.05 4.72
N LEU O 171 27.36 -20.16 4.43
CA LEU O 171 28.13 -21.39 4.65
C LEU O 171 29.34 -21.15 5.55
N PRO O 172 29.22 -21.47 6.85
CA PRO O 172 30.41 -21.31 7.72
C PRO O 172 31.52 -22.31 7.42
N LYS O 173 32.75 -21.97 7.79
CA LYS O 173 33.90 -22.81 7.49
C LYS O 173 33.79 -24.16 8.20
N PRO O 174 34.16 -25.26 7.52
CA PRO O 174 34.64 -25.32 6.14
C PRO O 174 33.50 -25.18 5.14
N TRP O 175 33.78 -24.55 4.01
CA TRP O 175 32.79 -24.29 2.98
C TRP O 175 32.38 -25.55 2.23
N HIS O 176 31.11 -25.91 2.38
CA HIS O 176 30.55 -27.12 1.77
C HIS O 176 30.28 -27.00 0.28
N LEU O 177 31.37 -26.81 -0.47
CA LEU O 177 31.29 -26.64 -1.91
C LEU O 177 31.49 -27.98 -2.61
N PRO O 178 31.10 -28.07 -3.88
CA PRO O 178 30.32 -27.10 -4.67
C PRO O 178 28.86 -27.05 -4.23
N VAL O 179 28.18 -25.93 -4.47
CA VAL O 179 26.77 -25.77 -4.12
C VAL O 179 26.01 -25.17 -5.30
N THR O 180 24.73 -25.53 -5.43
CA THR O 180 23.98 -25.26 -6.65
C THR O 180 22.62 -24.63 -6.39
N CYS O 181 22.31 -23.57 -7.13
CA CYS O 181 21.00 -22.91 -7.07
C CYS O 181 20.20 -23.18 -8.35
N VAL O 182 18.87 -23.16 -8.22
CA VAL O 182 17.98 -23.46 -9.34
C VAL O 182 17.03 -22.30 -9.58
N GLY O 183 17.24 -21.62 -10.71
CA GLY O 183 16.33 -20.56 -11.13
C GLY O 183 15.41 -21.08 -12.21
N LYS O 184 14.16 -20.68 -12.18
CA LYS O 184 13.22 -21.10 -13.21
C LYS O 184 12.11 -20.08 -13.43
N ASN O 185 11.62 -20.06 -14.66
CA ASN O 185 10.53 -19.20 -15.08
C ASN O 185 9.43 -20.03 -15.73
N ASP O 186 8.54 -20.57 -14.89
CA ASP O 186 7.54 -21.52 -15.34
C ASP O 186 8.30 -22.71 -15.93
N LYS O 187 8.03 -23.11 -17.17
CA LYS O 187 8.70 -24.28 -17.75
C LYS O 187 10.21 -24.08 -17.87
N GLU O 188 10.62 -22.86 -18.25
CA GLU O 188 12.04 -22.54 -18.41
C GLU O 188 12.78 -22.78 -17.10
N GLU O 189 13.98 -23.35 -17.19
CA GLU O 189 14.79 -23.66 -16.02
C GLU O 189 16.30 -23.50 -16.29
N ALA O 190 17.04 -23.07 -15.25
CA ALA O 190 18.50 -22.95 -15.35
C ALA O 190 19.14 -22.98 -13.96
N HIS O 191 20.43 -23.35 -13.90
CA HIS O 191 21.15 -23.52 -12.65
C HIS O 191 22.39 -22.66 -12.56
N GLY O 192 22.89 -22.50 -11.33
CA GLY O 192 24.14 -21.81 -11.07
C GLY O 192 24.95 -22.58 -10.04
N VAL O 193 26.17 -22.96 -10.39
CA VAL O 193 27.06 -23.68 -9.48
C VAL O 193 28.21 -22.80 -9.02
N TYR O 194 28.44 -22.72 -7.72
CA TYR O 194 29.65 -22.11 -7.20
C TYR O 194 30.66 -23.20 -6.86
N VAL O 195 31.80 -23.16 -7.55
CA VAL O 195 32.82 -24.21 -7.40
C VAL O 195 33.82 -23.92 -6.27
N SER O 196 34.62 -22.86 -6.41
CA SER O 196 35.65 -22.54 -5.39
C SER O 196 35.85 -21.04 -5.17
N GLY O 197 36.36 -20.68 -3.99
CA GLY O 197 36.64 -19.29 -3.66
C GLY O 197 37.96 -18.82 -4.24
N TYR O 198 38.42 -17.64 -3.82
CA TYR O 198 39.71 -17.12 -4.29
C TYR O 198 40.91 -17.79 -3.65
N LEU O 199 40.89 -17.94 -2.32
CA LEU O 199 41.96 -18.65 -1.64
C LEU O 199 41.44 -19.68 -0.63
N VAL P 1 4.00 6.67 -55.31
CA VAL P 1 2.85 7.10 -54.53
C VAL P 1 3.13 8.44 -53.85
N THR P 2 2.14 8.94 -53.11
CA THR P 2 2.26 10.23 -52.42
C THR P 2 1.39 10.17 -51.18
N ALA P 3 1.84 10.80 -50.10
CA ALA P 3 1.03 10.89 -48.90
C ALA P 3 1.45 11.99 -47.91
N PHE P 4 0.52 12.46 -47.10
CA PHE P 4 0.79 13.56 -46.18
C PHE P 4 1.50 13.12 -44.90
N LEU P 5 1.94 14.14 -44.16
CA LEU P 5 2.65 13.98 -42.90
C LEU P 5 1.79 13.30 -41.82
N GLY P 6 2.37 12.34 -41.12
CA GLY P 6 1.70 11.64 -40.04
C GLY P 6 0.87 10.44 -40.46
N GLU P 7 0.62 10.29 -41.75
CA GLU P 7 -0.31 9.29 -42.24
C GLU P 7 0.29 7.89 -42.27
N ARG P 8 -0.59 6.88 -42.26
CA ARG P 8 -0.19 5.48 -42.41
C ARG P 8 -0.26 5.11 -43.88
N VAL P 9 0.91 5.10 -44.52
CA VAL P 9 1.02 4.87 -45.95
C VAL P 9 1.65 3.52 -46.32
N THR P 10 1.17 2.91 -47.40
CA THR P 10 1.62 1.57 -47.80
C THR P 10 2.27 1.58 -49.18
N LEU P 11 3.40 0.88 -49.32
CA LEU P 11 4.03 0.64 -50.62
C LEU P 11 3.92 -0.84 -50.96
N THR P 12 3.90 -1.16 -52.25
CA THR P 12 3.71 -2.56 -52.67
C THR P 12 4.65 -3.09 -53.76
N SER P 13 4.81 -4.41 -53.74
CA SER P 13 5.56 -5.16 -54.72
C SER P 13 4.92 -6.53 -54.84
N TYR P 14 5.23 -7.29 -55.89
CA TYR P 14 4.54 -8.56 -56.11
C TYR P 14 5.36 -9.50 -56.99
N TRP P 15 5.12 -10.80 -56.81
CA TRP P 15 5.70 -11.83 -57.66
C TRP P 15 4.71 -12.17 -58.76
N ARG P 16 5.18 -12.23 -60.01
CA ARG P 16 4.28 -12.43 -61.15
C ARG P 16 3.47 -13.72 -61.01
N ARG P 17 4.15 -14.80 -60.63
CA ARG P 17 3.49 -16.08 -60.46
C ARG P 17 2.62 -16.16 -59.20
N VAL P 18 1.34 -16.37 -59.46
CA VAL P 18 0.31 -16.40 -58.43
C VAL P 18 0.42 -17.65 -57.55
N SER P 19 1.23 -18.62 -57.96
CA SER P 19 1.50 -19.79 -57.12
C SER P 19 2.22 -19.48 -55.84
N LEU P 20 3.09 -18.47 -55.89
CA LEU P 20 4.06 -18.25 -54.83
C LEU P 20 3.83 -16.99 -54.04
N GLY P 21 3.88 -17.13 -52.72
CA GLY P 21 3.83 -15.99 -51.82
C GLY P 21 4.93 -16.04 -50.76
N PRO P 22 4.83 -16.98 -49.81
CA PRO P 22 5.80 -17.09 -48.72
C PRO P 22 7.20 -17.41 -49.19
N GLU P 23 7.29 -18.22 -50.25
CA GLU P 23 8.56 -18.79 -50.71
C GLU P 23 9.59 -17.73 -51.10
N ILE P 24 9.10 -16.55 -51.46
CA ILE P 24 9.98 -15.50 -51.97
C ILE P 24 10.77 -14.88 -50.82
N GLU P 25 12.07 -14.65 -51.01
CA GLU P 25 12.87 -13.96 -50.01
C GLU P 25 12.77 -12.46 -50.26
N VAL P 26 11.77 -11.84 -49.64
CA VAL P 26 11.54 -10.41 -49.80
C VAL P 26 12.36 -9.60 -48.82
N SER P 27 12.89 -8.47 -49.29
CA SER P 27 13.77 -7.64 -48.47
C SER P 27 13.76 -6.19 -48.98
N TRP P 28 13.17 -5.29 -48.21
CA TRP P 28 13.04 -3.89 -48.61
C TRP P 28 14.25 -3.05 -48.20
N PHE P 29 14.58 -2.03 -49.00
CA PHE P 29 15.67 -1.11 -48.69
C PHE P 29 15.23 0.34 -48.90
N LYS P 30 15.72 1.25 -48.06
CA LYS P 30 15.56 2.68 -48.31
C LYS P 30 16.78 3.18 -49.04
N LEU P 31 16.58 3.85 -50.17
CA LEU P 31 17.70 4.43 -50.89
C LEU P 31 18.10 5.74 -50.25
N GLY P 32 19.20 5.68 -49.50
CA GLY P 32 19.83 6.88 -48.98
C GLY P 32 20.51 7.55 -50.15
N PRO P 33 20.75 8.86 -50.05
CA PRO P 33 21.31 9.56 -51.21
C PRO P 33 22.65 8.96 -51.66
N GLY P 34 23.00 9.15 -52.93
CA GLY P 34 24.24 8.66 -53.47
C GLY P 34 24.22 7.15 -53.70
N GLU P 35 23.11 6.65 -54.23
CA GLU P 35 22.98 5.24 -54.62
C GLU P 35 23.18 4.28 -53.44
N GLU P 36 22.89 4.75 -52.23
CA GLU P 36 23.12 3.96 -51.03
C GLU P 36 21.98 2.97 -50.85
N GLN P 37 22.19 1.94 -50.01
CA GLN P 37 21.18 0.93 -49.76
C GLN P 37 21.11 0.48 -48.29
N VAL P 38 20.08 0.94 -47.59
CA VAL P 38 19.90 0.62 -46.18
C VAL P 38 18.76 -0.38 -45.98
N LEU P 39 19.07 -1.49 -45.32
CA LEU P 39 18.07 -2.54 -45.12
C LEU P 39 17.04 -2.13 -44.07
N ILE P 40 15.77 -2.19 -44.46
CA ILE P 40 14.67 -1.83 -43.58
C ILE P 40 14.13 -3.10 -42.92
N GLY P 41 13.90 -4.14 -43.71
CA GLY P 41 13.39 -5.38 -43.16
C GLY P 41 13.41 -6.52 -44.17
N ARG P 42 13.22 -7.74 -43.65
CA ARG P 42 13.23 -8.95 -44.47
C ARG P 42 12.04 -9.84 -44.12
N MET P 43 11.59 -10.61 -45.11
CA MET P 43 10.46 -11.53 -44.92
C MET P 43 10.67 -12.75 -45.78
N HIS P 44 10.48 -13.92 -45.18
CA HIS P 44 10.64 -15.18 -45.89
C HIS P 44 9.91 -16.29 -45.13
N HIS P 45 9.14 -17.09 -45.87
CA HIS P 45 8.32 -18.14 -45.27
C HIS P 45 7.44 -17.60 -44.14
N ASP P 46 6.87 -16.42 -44.36
CA ASP P 46 6.00 -15.76 -43.39
C ASP P 46 6.67 -15.64 -42.01
N VAL P 47 7.88 -15.11 -42.01
CA VAL P 47 8.48 -14.61 -40.78
C VAL P 47 9.12 -13.28 -41.10
N ILE P 48 8.56 -12.21 -40.54
CA ILE P 48 9.03 -10.87 -40.83
C ILE P 48 9.96 -10.40 -39.73
N PHE P 49 10.92 -9.57 -40.13
CA PHE P 49 11.81 -8.93 -39.18
C PHE P 49 12.25 -7.57 -39.70
N ILE P 50 11.92 -6.53 -38.95
CA ILE P 50 12.30 -5.17 -39.31
C ILE P 50 13.54 -4.82 -38.51
N GLU P 51 14.49 -4.14 -39.12
CA GLU P 51 15.72 -3.74 -38.44
C GLU P 51 15.40 -2.76 -37.32
N TRP P 52 16.18 -2.82 -36.25
CA TRP P 52 15.93 -2.02 -35.05
C TRP P 52 15.89 -0.49 -35.25
N PRO P 53 16.71 0.05 -36.16
CA PRO P 53 16.60 1.49 -36.40
C PRO P 53 15.27 1.89 -37.05
N PHE P 54 14.71 1.02 -37.87
CA PHE P 54 13.41 1.28 -38.51
C PHE P 54 12.23 0.65 -37.76
N ARG P 55 12.51 -0.01 -36.64
CA ARG P 55 11.48 -0.78 -35.94
C ARG P 55 10.40 0.17 -35.43
N GLY P 56 9.16 -0.10 -35.81
CA GLY P 56 8.03 0.67 -35.32
C GLY P 56 7.69 1.90 -36.12
N PHE P 57 8.51 2.20 -37.13
CA PHE P 57 8.16 3.22 -38.11
C PHE P 57 7.70 2.54 -39.40
N PHE P 58 8.33 1.41 -39.71
CA PHE P 58 7.93 0.56 -40.82
C PHE P 58 7.48 -0.82 -40.34
N ASP P 59 6.79 -1.52 -41.22
CA ASP P 59 6.42 -2.91 -40.99
C ASP P 59 6.14 -3.54 -42.34
N ILE P 60 6.31 -4.86 -42.42
CA ILE P 60 6.06 -5.59 -43.64
C ILE P 60 5.08 -6.73 -43.36
N HIS P 61 4.22 -7.01 -44.33
CA HIS P 61 3.38 -8.20 -44.28
C HIS P 61 3.08 -8.71 -45.68
N ARG P 62 2.39 -9.84 -45.77
CA ARG P 62 2.11 -10.47 -47.04
C ARG P 62 0.68 -10.98 -47.14
N SER P 63 0.17 -10.96 -48.36
CA SER P 63 -1.06 -11.66 -48.70
C SER P 63 -0.93 -12.14 -50.14
N ALA P 64 -1.09 -13.44 -50.35
CA ALA P 64 -1.01 -14.02 -51.70
C ALA P 64 0.35 -13.69 -52.36
N ASN P 65 0.35 -13.32 -53.65
CA ASN P 65 1.60 -12.97 -54.33
C ASN P 65 1.99 -11.51 -54.18
N THR P 66 1.43 -10.84 -53.16
CA THR P 66 1.69 -9.41 -52.94
C THR P 66 2.45 -9.15 -51.66
N PHE P 67 3.36 -8.18 -51.70
CA PHE P 67 4.21 -7.82 -50.57
C PHE P 67 4.04 -6.34 -50.24
N PHE P 68 3.79 -6.04 -48.97
CA PHE P 68 3.50 -4.67 -48.54
C PHE P 68 4.57 -4.13 -47.62
N LEU P 69 4.92 -2.86 -47.82
CA LEU P 69 5.74 -2.12 -46.86
C LEU P 69 4.91 -0.98 -46.27
N VAL P 70 4.42 -1.18 -45.04
CA VAL P 70 3.63 -0.16 -44.37
C VAL P 70 4.53 0.80 -43.60
N VAL P 71 4.39 2.11 -43.85
CA VAL P 71 5.00 3.11 -42.98
C VAL P 71 3.92 3.52 -41.98
N THR P 72 4.11 3.15 -40.73
CA THR P 72 3.08 3.34 -39.71
C THR P 72 2.76 4.80 -39.44
N ALA P 73 3.75 5.68 -39.64
CA ALA P 73 3.53 7.11 -39.55
C ALA P 73 4.56 7.85 -40.39
N ALA P 74 4.10 8.62 -41.35
CA ALA P 74 4.98 9.25 -42.32
C ALA P 74 5.60 10.52 -41.74
N ASN P 75 6.89 10.69 -42.00
CA ASN P 75 7.60 11.91 -41.68
C ASN P 75 8.52 12.30 -42.83
N ILE P 76 9.15 13.45 -42.75
CA ILE P 76 9.85 14.02 -43.90
C ILE P 76 11.06 13.18 -44.27
N SER P 77 11.64 12.51 -43.28
CA SER P 77 12.75 11.59 -43.52
C SER P 77 12.36 10.52 -44.54
N HIS P 78 11.08 10.17 -44.57
CA HIS P 78 10.60 9.09 -45.43
C HIS P 78 10.42 9.46 -46.91
N ASP P 79 10.50 10.74 -47.26
CA ASP P 79 10.46 11.11 -48.67
C ASP P 79 11.72 10.56 -49.30
N GLY P 80 11.54 9.80 -50.37
CA GLY P 80 12.67 9.18 -51.05
C GLY P 80 12.26 7.89 -51.72
N ASN P 81 13.17 7.34 -52.50
CA ASN P 81 12.91 6.10 -53.22
C ASN P 81 13.10 4.88 -52.32
N TYR P 82 12.36 3.83 -52.62
CA TYR P 82 12.46 2.57 -51.89
C TYR P 82 12.64 1.43 -52.87
N LEU P 83 13.40 0.44 -52.45
CA LEU P 83 13.76 -0.66 -53.32
C LEU P 83 13.35 -1.97 -52.66
N CYS P 84 12.73 -2.84 -53.44
CA CYS P 84 12.35 -4.16 -52.96
C CYS P 84 13.06 -5.24 -53.74
N ARG P 85 13.82 -6.06 -53.03
CA ARG P 85 14.49 -7.20 -53.59
C ARG P 85 13.76 -8.48 -53.22
N MET P 86 13.26 -9.16 -54.26
CA MET P 86 12.57 -10.43 -54.13
C MET P 86 13.35 -11.52 -54.86
N LYS P 87 13.89 -12.47 -54.10
CA LYS P 87 14.69 -13.54 -54.67
C LYS P 87 14.01 -14.90 -54.57
N LEU P 88 14.32 -15.76 -55.53
CA LEU P 88 13.87 -17.14 -55.55
C LEU P 88 15.03 -18.02 -55.98
N GLY P 89 15.94 -18.32 -55.06
CA GLY P 89 17.13 -19.06 -55.43
C GLY P 89 17.94 -18.25 -56.43
N GLU P 90 18.16 -18.86 -57.60
CA GLU P 90 19.00 -18.27 -58.65
C GLU P 90 18.50 -16.93 -59.21
N THR P 91 17.19 -16.86 -59.42
CA THR P 91 16.55 -15.69 -60.02
C THR P 91 16.15 -14.66 -58.96
N GLU P 92 16.36 -13.39 -59.26
CA GLU P 92 16.04 -12.29 -58.33
C GLU P 92 15.53 -11.01 -59.02
N VAL P 93 14.45 -10.44 -58.50
CA VAL P 93 13.89 -9.22 -59.08
C VAL P 93 13.93 -8.04 -58.12
N THR P 94 14.23 -6.88 -58.69
CA THR P 94 14.42 -5.64 -57.95
C THR P 94 13.40 -4.63 -58.42
N LYS P 95 12.36 -4.41 -57.62
CA LYS P 95 11.29 -3.47 -57.96
C LYS P 95 11.39 -2.19 -57.15
N GLN P 96 11.48 -1.05 -57.84
CA GLN P 96 11.55 0.24 -57.18
C GLN P 96 10.16 0.80 -56.90
N GLU P 97 10.10 1.78 -56.01
CA GLU P 97 8.85 2.43 -55.63
C GLU P 97 9.17 3.75 -54.94
N HIS P 98 8.71 4.86 -55.52
CA HIS P 98 8.94 6.19 -54.93
C HIS P 98 7.82 6.60 -53.98
N LEU P 99 8.17 7.45 -53.01
CA LEU P 99 7.21 8.03 -52.09
C LEU P 99 7.49 9.51 -51.86
N SER P 100 6.52 10.35 -52.16
CA SER P 100 6.59 11.77 -51.82
C SER P 100 5.80 12.03 -50.54
N VAL P 101 6.47 12.61 -49.55
CA VAL P 101 5.80 13.05 -48.33
C VAL P 101 5.49 14.54 -48.45
N VAL P 102 4.34 14.96 -47.93
CA VAL P 102 3.88 16.34 -48.11
C VAL P 102 3.42 16.92 -46.77
N LYS P 103 3.79 18.17 -46.51
CA LYS P 103 3.31 18.89 -45.33
C LYS P 103 2.32 19.98 -45.77
N PRO P 104 1.09 19.97 -45.21
CA PRO P 104 0.14 20.99 -45.66
C PRO P 104 0.58 22.39 -45.23
N LEU P 105 0.74 23.29 -46.20
CA LEU P 105 1.34 24.59 -45.93
C LEU P 105 0.65 25.33 -44.81
N THR P 106 1.45 26.13 -44.09
CA THR P 106 0.95 26.87 -42.94
C THR P 106 1.25 28.36 -43.13
N LEU P 107 0.27 29.10 -43.66
CA LEU P 107 0.43 30.52 -43.92
C LEU P 107 0.15 31.39 -42.69
N SER P 108 1.12 32.23 -42.32
CA SER P 108 0.98 33.13 -41.18
C SER P 108 1.17 34.61 -41.58
N VAL P 109 0.40 35.52 -40.97
CA VAL P 109 0.61 36.96 -41.13
C VAL P 109 0.52 37.75 -39.83
N HIS P 110 1.44 38.69 -39.58
CA HIS P 110 1.21 39.71 -38.55
C HIS P 110 1.87 41.04 -38.90
N SER P 111 1.28 42.16 -38.49
CA SER P 111 1.86 43.45 -38.79
C SER P 111 2.82 43.87 -37.69
N GLU P 112 3.57 44.92 -37.98
CA GLU P 112 4.35 45.65 -37.01
C GLU P 112 4.50 47.03 -37.61
N ARG P 113 4.55 48.04 -36.74
CA ARG P 113 4.97 49.37 -37.15
C ARG P 113 6.41 49.61 -36.71
N SER P 114 7.14 50.34 -37.54
CA SER P 114 8.53 50.67 -37.24
C SER P 114 8.59 51.51 -35.98
N GLN P 115 9.64 51.31 -35.20
CA GLN P 115 9.84 52.06 -33.95
C GLN P 115 10.74 53.27 -34.14
N PHE P 116 11.37 53.36 -35.30
CA PHE P 116 12.29 54.45 -35.60
C PHE P 116 12.40 54.64 -37.10
N PRO P 117 12.54 55.90 -37.57
CA PRO P 117 12.50 57.15 -36.80
C PRO P 117 11.06 57.58 -36.49
N ASP P 118 10.07 56.87 -37.03
CA ASP P 118 8.67 57.20 -36.83
C ASP P 118 7.85 55.93 -36.81
N PHE P 119 6.55 56.08 -36.64
CA PHE P 119 5.63 54.95 -36.58
C PHE P 119 4.74 54.98 -37.80
N SER P 120 5.34 55.37 -38.93
CA SER P 120 4.66 55.42 -40.21
C SER P 120 4.91 54.17 -41.04
N VAL P 121 6.14 53.67 -41.02
CA VAL P 121 6.52 52.55 -41.86
C VAL P 121 5.91 51.25 -41.34
N LEU P 122 4.72 50.88 -41.84
CA LEU P 122 4.08 49.63 -41.43
C LEU P 122 4.68 48.46 -42.19
N THR P 123 5.28 47.52 -41.46
CA THR P 123 5.90 46.34 -42.06
C THR P 123 5.02 45.14 -41.75
N VAL P 124 4.63 44.41 -42.79
CA VAL P 124 3.90 43.15 -42.62
C VAL P 124 4.74 41.96 -43.06
N THR P 125 4.49 40.83 -42.41
CA THR P 125 5.26 39.62 -42.64
C THR P 125 4.34 38.48 -43.02
N CYS P 126 4.48 37.95 -44.24
CA CYS P 126 3.76 36.75 -44.64
C CYS P 126 4.73 35.57 -44.59
N THR P 127 4.33 34.53 -43.86
CA THR P 127 5.19 33.37 -43.63
C THR P 127 4.49 32.09 -44.04
N VAL P 128 5.25 31.13 -44.58
CA VAL P 128 4.69 29.83 -44.94
C VAL P 128 5.64 28.67 -44.64
N ASN P 129 5.12 27.69 -43.91
CA ASN P 129 5.86 26.48 -43.54
C ASN P 129 5.21 25.27 -44.21
N ALA P 130 5.85 24.76 -45.27
CA ALA P 130 5.33 23.60 -46.00
C ALA P 130 6.43 22.65 -46.44
N PHE P 131 6.04 21.63 -47.19
CA PHE P 131 6.97 20.68 -47.77
C PHE P 131 6.33 20.04 -49.00
N PRO P 132 7.08 19.89 -50.10
CA PRO P 132 8.53 20.09 -50.28
C PRO P 132 8.95 21.43 -50.88
N HIS P 133 8.03 22.18 -51.49
CA HIS P 133 8.39 23.42 -52.17
C HIS P 133 7.51 24.59 -51.73
N PRO P 134 7.78 25.15 -50.54
CA PRO P 134 7.04 26.35 -50.16
C PRO P 134 7.56 27.58 -50.89
N HIS P 135 6.67 28.54 -51.11
CA HIS P 135 7.03 29.74 -51.87
C HIS P 135 6.05 30.86 -51.55
N VAL P 136 6.56 31.98 -51.07
CA VAL P 136 5.74 33.11 -50.67
C VAL P 136 6.03 34.34 -51.54
N GLN P 137 4.98 35.12 -51.75
CA GLN P 137 5.02 36.30 -52.62
C GLN P 137 3.98 37.33 -52.24
N TRP P 138 4.41 38.59 -52.23
CA TRP P 138 3.52 39.70 -51.94
C TRP P 138 2.95 40.25 -53.23
N LEU P 139 1.64 40.39 -53.27
CA LEU P 139 0.99 40.97 -54.43
C LEU P 139 1.14 42.45 -54.25
N MET P 140 1.80 43.04 -55.22
CA MET P 140 2.04 44.46 -55.21
C MET P 140 1.64 45.02 -56.56
N PRO P 141 0.56 45.83 -56.59
CA PRO P 141 0.06 46.32 -57.89
C PRO P 141 0.59 47.70 -58.26
N GLY P 153 12.31 36.10 -47.87
CA GLY P 153 13.60 36.08 -48.51
C GLY P 153 14.52 35.01 -47.96
N GLY P 154 14.43 34.73 -46.66
CA GLY P 154 15.29 33.71 -46.06
C GLY P 154 14.65 32.34 -45.86
N VAL P 155 15.32 31.33 -46.41
CA VAL P 155 14.91 29.93 -46.29
C VAL P 155 15.46 29.26 -45.03
N MET P 156 14.57 28.84 -44.13
CA MET P 156 14.98 28.21 -42.88
C MET P 156 14.53 26.74 -42.92
N LYS P 157 15.22 25.86 -42.20
CA LYS P 157 14.79 24.46 -42.07
C LYS P 157 14.40 24.15 -40.63
N GLU P 158 13.21 23.58 -40.46
CA GLU P 158 12.64 23.31 -39.14
C GLU P 158 13.11 22.00 -38.52
N LYS P 159 12.72 21.80 -37.26
CA LYS P 159 13.07 20.59 -36.52
C LYS P 159 12.43 19.37 -37.17
N ASP P 160 11.16 19.50 -37.53
CA ASP P 160 10.41 18.40 -38.14
C ASP P 160 10.84 18.07 -39.58
N GLY P 161 11.83 18.79 -40.10
CA GLY P 161 12.39 18.49 -41.40
C GLY P 161 11.75 19.33 -42.50
N SER P 162 10.62 19.96 -42.18
CA SER P 162 9.92 20.81 -43.12
C SER P 162 10.68 22.10 -43.40
N LEU P 163 10.24 22.83 -44.42
CA LEU P 163 10.87 24.10 -44.78
C LEU P 163 9.95 25.28 -44.54
N SER P 164 10.54 26.40 -44.12
CA SER P 164 9.82 27.65 -43.95
C SER P 164 10.52 28.78 -44.69
N VAL P 165 9.73 29.70 -45.24
CA VAL P 165 10.26 30.94 -45.79
C VAL P 165 9.22 32.03 -45.61
N ALA P 166 9.68 33.27 -45.43
CA ALA P 166 8.79 34.40 -45.27
C ALA P 166 9.41 35.62 -45.93
N VAL P 167 8.57 36.60 -46.23
CA VAL P 167 9.05 37.89 -46.73
C VAL P 167 8.28 39.07 -46.14
N ASP P 168 9.00 40.18 -45.96
CA ASP P 168 8.45 41.39 -45.38
C ASP P 168 8.10 42.42 -46.46
N LEU P 169 7.25 43.38 -46.11
CA LEU P 169 6.82 44.41 -47.08
C LEU P 169 6.56 45.73 -46.36
N SER P 170 7.36 46.74 -46.67
CA SER P 170 7.27 48.05 -46.03
C SER P 170 6.32 49.00 -46.77
N LEU P 171 5.35 49.55 -46.04
CA LEU P 171 4.37 50.48 -46.59
C LEU P 171 4.37 51.81 -45.83
N PRO P 172 5.05 52.83 -46.37
CA PRO P 172 5.02 54.14 -45.69
C PRO P 172 3.64 54.80 -45.77
N LYS P 173 3.36 55.71 -44.84
CA LYS P 173 2.07 56.37 -44.74
C LYS P 173 1.81 57.19 -46.02
N PRO P 174 0.57 57.17 -46.54
CA PRO P 174 -0.59 56.41 -46.07
C PRO P 174 -0.49 54.94 -46.44
N TRP P 175 -1.00 54.07 -45.57
CA TRP P 175 -0.92 52.63 -45.82
C TRP P 175 -1.91 52.25 -46.92
N HIS P 176 -1.38 51.77 -48.06
CA HIS P 176 -2.22 51.40 -49.20
C HIS P 176 -2.89 50.05 -49.00
N LEU P 177 -3.78 49.98 -48.02
CA LEU P 177 -4.49 48.76 -47.67
C LEU P 177 -5.82 48.69 -48.41
N PRO P 178 -6.42 47.50 -48.48
CA PRO P 178 -5.88 46.19 -48.07
C PRO P 178 -4.78 45.68 -48.99
N VAL P 179 -3.91 44.82 -48.45
CA VAL P 179 -2.82 44.24 -49.23
C VAL P 179 -2.79 42.75 -48.96
N THR P 180 -2.40 41.98 -49.96
CA THR P 180 -2.58 40.52 -49.95
C THR P 180 -1.31 39.76 -50.36
N CYS P 181 -0.96 38.73 -49.59
CA CYS P 181 0.17 37.84 -49.90
C CYS P 181 -0.31 36.47 -50.36
N VAL P 182 0.51 35.81 -51.18
CA VAL P 182 0.15 34.51 -51.76
C VAL P 182 1.20 33.46 -51.41
N GLY P 183 0.83 32.52 -50.56
CA GLY P 183 1.66 31.39 -50.24
C GLY P 183 1.21 30.15 -50.99
N LYS P 184 2.16 29.35 -51.44
CA LYS P 184 1.82 28.11 -52.15
C LYS P 184 2.88 27.05 -51.99
N ASN P 185 2.43 25.80 -52.05
CA ASN P 185 3.29 24.63 -51.97
C ASN P 185 3.02 23.72 -53.15
N ASP P 186 3.70 24.01 -54.27
CA ASP P 186 3.43 23.33 -55.53
C ASP P 186 1.96 23.63 -55.87
N LYS P 187 1.13 22.61 -56.10
CA LYS P 187 -0.26 22.82 -56.48
C LYS P 187 -1.05 23.52 -55.38
N GLU P 188 -0.79 23.15 -54.12
CA GLU P 188 -1.49 23.75 -52.99
C GLU P 188 -1.25 25.27 -52.98
N GLU P 189 -2.31 26.03 -52.68
CA GLU P 189 -2.22 27.49 -52.65
C GLU P 189 -3.13 28.10 -51.58
N ALA P 190 -2.68 29.21 -50.99
CA ALA P 190 -3.48 29.94 -50.00
C ALA P 190 -3.01 31.41 -49.88
N HIS P 191 -3.89 32.28 -49.40
CA HIS P 191 -3.62 33.71 -49.32
C HIS P 191 -3.77 34.27 -47.90
N GLY P 192 -3.21 35.47 -47.70
CA GLY P 192 -3.37 36.20 -46.46
C GLY P 192 -3.62 37.66 -46.79
N VAL P 193 -4.75 38.20 -46.31
CA VAL P 193 -5.09 39.61 -46.54
C VAL P 193 -4.98 40.40 -45.25
N TYR P 194 -4.26 41.52 -45.29
CA TYR P 194 -4.28 42.46 -44.19
C TYR P 194 -5.23 43.63 -44.45
N VAL P 195 -6.27 43.77 -43.61
CA VAL P 195 -7.29 44.80 -43.83
C VAL P 195 -6.98 46.15 -43.18
N SER P 196 -6.90 46.20 -41.85
CA SER P 196 -6.67 47.46 -41.14
C SER P 196 -5.79 47.31 -39.90
N GLY P 197 -5.14 48.41 -39.49
CA GLY P 197 -4.30 48.39 -38.30
C GLY P 197 -5.13 48.56 -37.05
N TYR P 198 -4.47 48.77 -35.91
CA TYR P 198 -5.16 48.98 -34.63
C TYR P 198 -5.75 50.40 -34.53
N LEU P 199 -4.95 51.41 -34.88
CA LEU P 199 -5.39 52.82 -34.94
C LEU P 199 -5.02 53.51 -36.24
N SER P 200 -5.83 54.49 -36.61
CA SER P 200 -5.65 55.28 -37.82
C SER P 200 -5.91 54.45 -39.07
N VAL Q 1 -3.30 56.57 -23.00
CA VAL Q 1 -2.50 56.28 -24.18
C VAL Q 1 -2.55 54.80 -24.57
N THR Q 2 -1.85 54.46 -25.65
CA THR Q 2 -1.82 53.10 -26.17
C THR Q 2 -0.47 52.87 -26.85
N ALA Q 3 0.05 51.64 -26.77
CA ALA Q 3 1.27 51.29 -27.50
C ALA Q 3 1.46 49.78 -27.69
N PHE Q 4 2.20 49.41 -28.73
CA PHE Q 4 2.39 47.99 -29.09
C PHE Q 4 3.45 47.26 -28.27
N LEU Q 5 3.49 45.95 -28.45
CA LEU Q 5 4.43 45.06 -27.76
C LEU Q 5 5.88 45.38 -28.12
N GLY Q 6 6.73 45.44 -27.10
CA GLY Q 6 8.16 45.67 -27.30
C GLY Q 6 8.60 47.11 -27.39
N GLU Q 7 7.66 48.04 -27.54
CA GLU Q 7 8.00 49.43 -27.83
C GLU Q 7 8.45 50.21 -26.59
N ARG Q 8 9.18 51.30 -26.82
CA ARG Q 8 9.55 52.20 -25.74
C ARG Q 8 8.49 53.29 -25.67
N VAL Q 9 7.55 53.15 -24.74
CA VAL Q 9 6.44 54.10 -24.62
C VAL Q 9 6.57 54.94 -23.34
N THR Q 10 6.17 56.20 -23.41
CA THR Q 10 6.32 57.14 -22.31
C THR Q 10 4.97 57.68 -21.80
N LEU Q 11 4.82 57.74 -20.48
CA LEU Q 11 3.67 58.39 -19.83
C LEU Q 11 4.11 59.66 -19.13
N THR Q 12 3.18 60.61 -18.99
CA THR Q 12 3.51 61.93 -18.39
C THR Q 12 2.56 62.49 -17.34
N SER Q 13 3.14 63.34 -16.50
CA SER Q 13 2.43 64.10 -15.49
C SER Q 13 3.17 65.43 -15.31
N TYR Q 14 2.56 66.43 -14.66
CA TYR Q 14 3.17 67.76 -14.59
C TYR Q 14 2.66 68.59 -13.42
N TRP Q 15 3.50 69.52 -12.97
CA TRP Q 15 3.11 70.48 -11.95
C TRP Q 15 2.63 71.76 -12.62
N ARG Q 16 1.49 72.26 -12.19
CA ARG Q 16 0.85 73.42 -12.79
C ARG Q 16 1.76 74.65 -12.78
N ARG Q 17 2.43 74.90 -11.66
CA ARG Q 17 3.29 76.07 -11.54
C ARG Q 17 4.58 75.88 -12.35
N VAL Q 18 4.80 76.73 -13.35
CA VAL Q 18 5.96 76.60 -14.24
C VAL Q 18 7.26 76.96 -13.50
N SER Q 19 7.15 77.53 -12.30
CA SER Q 19 8.33 77.79 -11.45
C SER Q 19 9.06 76.55 -10.99
N LEU Q 20 8.32 75.46 -10.79
CA LEU Q 20 8.83 74.29 -10.07
C LEU Q 20 9.01 73.03 -10.90
N GLY Q 21 10.17 72.39 -10.74
CA GLY Q 21 10.42 71.09 -11.34
C GLY Q 21 11.00 70.07 -10.36
N PRO Q 22 12.26 70.28 -9.94
CA PRO Q 22 12.95 69.34 -9.02
C PRO Q 22 12.28 69.25 -7.65
N GLU Q 23 11.74 70.37 -7.20
CA GLU Q 23 11.24 70.51 -5.82
C GLU Q 23 10.12 69.53 -5.52
N ILE Q 24 9.43 69.08 -6.55
CA ILE Q 24 8.27 68.22 -6.34
C ILE Q 24 8.73 66.80 -5.99
N GLU Q 25 8.09 66.19 -4.99
CA GLU Q 25 8.39 64.79 -4.65
C GLU Q 25 7.51 63.87 -5.49
N VAL Q 26 8.00 63.49 -6.66
CA VAL Q 26 7.27 62.63 -7.58
C VAL Q 26 7.48 61.15 -7.28
N SER Q 27 6.40 60.38 -7.41
CA SER Q 27 6.43 58.96 -7.08
C SER Q 27 5.34 58.20 -7.83
N TRP Q 28 5.74 57.37 -8.79
CA TRP Q 28 4.80 56.64 -9.64
C TRP Q 28 4.42 55.29 -9.02
N PHE Q 29 3.18 54.86 -9.27
CA PHE Q 29 2.69 53.56 -8.79
C PHE Q 29 1.97 52.82 -9.92
N LYS Q 30 2.10 51.49 -9.96
CA LYS Q 30 1.27 50.68 -10.84
C LYS Q 30 0.06 50.19 -10.05
N LEU Q 31 -1.13 50.43 -10.57
CA LEU Q 31 -2.33 49.95 -9.91
C LEU Q 31 -2.56 48.48 -10.23
N GLY Q 32 -2.22 47.62 -9.28
CA GLY Q 32 -2.57 46.23 -9.37
C GLY Q 32 -4.07 46.12 -9.14
N PRO Q 33 -4.70 45.04 -9.63
CA PRO Q 33 -6.16 44.96 -9.50
C PRO Q 33 -6.63 45.04 -8.05
N GLY Q 34 -7.88 45.46 -7.86
CA GLY Q 34 -8.46 45.58 -6.54
C GLY Q 34 -7.93 46.78 -5.78
N GLU Q 35 -7.81 47.91 -6.47
CA GLU Q 35 -7.43 49.18 -5.85
C GLU Q 35 -6.06 49.12 -5.19
N GLU Q 36 -5.18 48.25 -5.68
CA GLU Q 36 -3.87 48.05 -5.08
C GLU Q 36 -2.93 49.15 -5.54
N GLN Q 37 -1.81 49.32 -4.83
CA GLN Q 37 -0.83 50.35 -5.14
C GLN Q 37 0.60 49.85 -4.97
N VAL Q 38 1.29 49.59 -6.07
CA VAL Q 38 2.67 49.08 -6.05
C VAL Q 38 3.65 50.17 -6.47
N LEU Q 39 4.64 50.45 -5.63
CA LEU Q 39 5.59 51.52 -5.92
C LEU Q 39 6.57 51.12 -7.02
N ILE Q 40 6.64 51.94 -8.06
CA ILE Q 40 7.55 51.71 -9.18
C ILE Q 40 8.85 52.47 -9.00
N GLY Q 41 8.75 53.75 -8.66
CA GLY Q 41 9.93 54.57 -8.45
C GLY Q 41 9.63 55.95 -7.87
N ARG Q 42 10.68 56.62 -7.40
CA ARG Q 42 10.55 57.93 -6.79
C ARG Q 42 11.60 58.90 -7.34
N MET Q 43 11.27 60.19 -7.36
CA MET Q 43 12.18 61.21 -7.84
C MET Q 43 11.96 62.50 -7.06
N HIS Q 44 13.05 63.09 -6.61
CA HIS Q 44 13.03 64.32 -5.83
C HIS Q 44 14.39 65.00 -5.88
N HIS Q 45 14.38 66.31 -6.14
CA HIS Q 45 15.61 67.09 -6.30
C HIS Q 45 16.56 66.45 -7.31
N ASP Q 46 15.98 65.98 -8.41
CA ASP Q 46 16.74 65.33 -9.48
C ASP Q 46 17.62 64.22 -8.96
N VAL Q 47 17.03 63.32 -8.19
CA VAL Q 47 17.66 62.05 -7.91
C VAL Q 47 16.58 60.99 -8.05
N ILE Q 48 16.69 60.15 -9.08
CA ILE Q 48 15.67 59.16 -9.37
C ILE Q 48 16.11 57.82 -8.80
N PHE Q 49 15.12 57.02 -8.39
CA PHE Q 49 15.38 55.66 -7.93
C PHE Q 49 14.18 54.79 -8.26
N ILE Q 50 14.43 53.75 -9.07
CA ILE Q 50 13.40 52.80 -9.45
C ILE Q 50 13.53 51.58 -8.57
N GLU Q 51 12.41 51.01 -8.13
CA GLU Q 51 12.43 49.83 -7.28
C GLU Q 51 13.01 48.65 -8.05
N TRP Q 52 13.70 47.76 -7.33
CA TRP Q 52 14.41 46.64 -7.93
C TRP Q 52 13.57 45.67 -8.77
N PRO Q 53 12.31 45.42 -8.37
CA PRO Q 53 11.49 44.56 -9.22
C PRO Q 53 11.15 45.18 -10.57
N PHE Q 54 11.02 46.51 -10.62
CA PHE Q 54 10.75 47.22 -11.86
C PHE Q 54 12.01 47.77 -12.53
N ARG Q 55 13.18 47.52 -11.94
CA ARG Q 55 14.41 48.14 -12.41
C ARG Q 55 14.73 47.67 -13.83
N GLY Q 56 14.92 48.63 -14.74
CA GLY Q 56 15.32 48.31 -16.09
C GLY Q 56 14.18 48.03 -17.03
N PHE Q 57 12.96 47.99 -16.51
CA PHE Q 57 11.76 47.96 -17.35
C PHE Q 57 11.13 49.34 -17.38
N PHE Q 58 11.19 50.02 -16.23
CA PHE Q 58 10.76 51.41 -16.13
C PHE Q 58 11.94 52.31 -15.80
N ASP Q 59 11.74 53.59 -16.03
CA ASP Q 59 12.68 54.62 -15.61
C ASP Q 59 11.93 55.94 -15.58
N ILE Q 60 12.39 56.87 -14.76
CA ILE Q 60 11.78 58.18 -14.65
C ILE Q 60 12.83 59.25 -14.90
N HIS Q 61 12.40 60.35 -15.52
CA HIS Q 61 13.25 61.53 -15.63
C HIS Q 61 12.38 62.79 -15.66
N ARG Q 62 13.03 63.94 -15.69
CA ARG Q 62 12.33 65.22 -15.62
C ARG Q 62 12.89 66.24 -16.59
N SER Q 63 12.00 67.13 -17.03
CA SER Q 63 12.40 68.34 -17.72
C SER Q 63 11.39 69.42 -17.38
N ALA Q 64 11.89 70.54 -16.85
CA ALA Q 64 11.04 71.66 -16.49
C ALA Q 64 9.93 71.22 -15.51
N ASN Q 65 8.68 71.65 -15.70
CA ASN Q 65 7.60 71.27 -14.81
C ASN Q 65 6.94 69.95 -15.21
N THR Q 66 7.62 69.15 -16.04
CA THR Q 66 7.08 67.89 -16.53
C THR Q 66 7.86 66.66 -16.04
N PHE Q 67 7.12 65.60 -15.77
CA PHE Q 67 7.63 64.32 -15.27
C PHE Q 67 7.19 63.17 -16.16
N PHE Q 68 8.18 62.35 -16.54
CA PHE Q 68 7.98 61.27 -17.49
C PHE Q 68 8.20 59.92 -16.85
N LEU Q 69 7.34 58.95 -17.19
CA LEU Q 69 7.59 57.56 -16.84
C LEU Q 69 7.80 56.77 -18.13
N VAL Q 70 9.05 56.47 -18.43
CA VAL Q 70 9.39 55.68 -19.63
C VAL Q 70 9.34 54.19 -19.34
N VAL Q 71 8.59 53.45 -20.16
CA VAL Q 71 8.66 52.00 -20.15
C VAL Q 71 9.65 51.63 -21.25
N THR Q 72 10.83 51.16 -20.85
CA THR Q 72 11.90 50.92 -21.81
C THR Q 72 11.53 49.85 -22.84
N ALA Q 73 10.70 48.90 -22.43
CA ALA Q 73 10.17 47.90 -23.35
C ALA Q 73 8.84 47.35 -22.84
N ALA Q 74 7.80 47.51 -23.65
CA ALA Q 74 6.44 47.17 -23.24
C ALA Q 74 6.13 45.69 -23.39
N ASN Q 75 5.46 45.14 -22.38
CA ASN Q 75 4.93 43.78 -22.44
C ASN Q 75 3.52 43.79 -21.84
N ILE Q 76 2.84 42.65 -21.92
CA ILE Q 76 1.42 42.60 -21.62
C ILE Q 76 1.14 42.87 -20.14
N SER Q 77 2.11 42.53 -19.29
CA SER Q 77 2.00 42.83 -17.87
C SER Q 77 1.77 44.32 -17.64
N HIS Q 78 2.28 45.15 -18.55
CA HIS Q 78 2.20 46.59 -18.39
C HIS Q 78 0.84 47.21 -18.74
N ASP Q 79 -0.07 46.44 -19.34
CA ASP Q 79 -1.41 46.94 -19.59
C ASP Q 79 -2.08 47.16 -18.23
N GLY Q 80 -2.57 48.37 -18.00
CA GLY Q 80 -3.19 48.69 -16.73
C GLY Q 80 -3.04 50.17 -16.43
N ASN Q 81 -3.71 50.60 -15.37
CA ASN Q 81 -3.67 52.00 -14.96
C ASN Q 81 -2.42 52.31 -14.14
N TYR Q 82 -1.95 53.55 -14.23
CA TYR Q 82 -0.80 54.00 -13.46
C TYR Q 82 -1.13 55.28 -12.72
N LEU Q 83 -0.57 55.43 -11.53
CA LEU Q 83 -0.87 56.55 -10.66
C LEU Q 83 0.40 57.29 -10.29
N CYS Q 84 0.35 58.62 -10.37
CA CYS Q 84 1.48 59.45 -9.97
C CYS Q 84 1.11 60.38 -8.82
N ARG Q 85 1.83 60.28 -7.70
CA ARG Q 85 1.61 61.22 -6.60
C ARG Q 85 2.74 62.22 -6.56
N MET Q 86 2.41 63.50 -6.75
CA MET Q 86 3.42 64.54 -6.64
C MET Q 86 3.02 65.48 -5.51
N LYS Q 87 3.83 65.47 -4.45
CA LYS Q 87 3.57 66.28 -3.26
C LYS Q 87 4.62 67.38 -3.15
N LEU Q 88 4.21 68.48 -2.54
CA LEU Q 88 5.06 69.61 -2.23
C LEU Q 88 4.70 69.99 -0.81
N GLY Q 89 5.30 69.25 0.11
CA GLY Q 89 5.00 69.39 1.52
C GLY Q 89 3.55 69.05 1.78
N GLU Q 90 2.84 70.02 2.32
CA GLU Q 90 1.46 69.85 2.75
C GLU Q 90 0.55 69.49 1.58
N THR Q 91 0.81 70.12 0.43
CA THR Q 91 -0.03 69.93 -0.75
C THR Q 91 0.41 68.75 -1.61
N GLU Q 92 -0.56 67.98 -2.08
CA GLU Q 92 -0.32 66.82 -2.92
C GLU Q 92 -1.36 66.56 -4.01
N VAL Q 93 -0.90 66.28 -5.23
CA VAL Q 93 -1.80 66.01 -6.36
C VAL Q 93 -1.59 64.60 -6.88
N THR Q 94 -2.69 63.96 -7.23
CA THR Q 94 -2.70 62.56 -7.65
C THR Q 94 -3.24 62.46 -9.07
N LYS Q 95 -2.34 62.27 -10.03
CA LYS Q 95 -2.70 62.15 -11.45
C LYS Q 95 -2.63 60.73 -12.00
N GLN Q 96 -3.76 60.27 -12.54
CA GLN Q 96 -3.85 58.96 -13.16
C GLN Q 96 -3.44 59.00 -14.63
N GLU Q 97 -3.14 57.81 -15.17
CA GLU Q 97 -2.76 57.69 -16.57
C GLU Q 97 -2.91 56.22 -16.97
N HIS Q 98 -3.78 55.94 -17.93
CA HIS Q 98 -3.97 54.56 -18.41
C HIS Q 98 -3.06 54.20 -19.57
N LEU Q 99 -2.74 52.91 -19.69
CA LEU Q 99 -1.96 52.40 -20.82
C LEU Q 99 -2.55 51.09 -21.31
N SER Q 100 -2.93 51.05 -22.59
CA SER Q 100 -3.32 49.81 -23.24
C SER Q 100 -2.14 49.28 -24.04
N VAL Q 101 -1.74 48.04 -23.76
CA VAL Q 101 -0.72 47.38 -24.57
C VAL Q 101 -1.39 46.48 -25.62
N VAL Q 102 -0.78 46.42 -26.81
CA VAL Q 102 -1.38 45.71 -27.95
C VAL Q 102 -0.39 44.77 -28.64
N LYS Q 103 -0.85 43.58 -28.99
CA LYS Q 103 -0.06 42.64 -29.79
C LYS Q 103 -0.65 42.56 -31.19
N PRO Q 104 0.17 42.79 -32.24
CA PRO Q 104 -0.40 42.74 -33.59
C PRO Q 104 -0.81 41.31 -33.95
N LEU Q 105 -2.09 41.11 -34.28
CA LEU Q 105 -2.62 39.77 -34.44
C LEU Q 105 -1.80 38.95 -35.44
N THR Q 106 -1.77 37.64 -35.20
CA THR Q 106 -0.97 36.74 -36.02
C THR Q 106 -1.89 35.63 -36.56
N LEU Q 107 -2.40 35.83 -37.77
CA LEU Q 107 -3.31 34.87 -38.39
C LEU Q 107 -2.59 33.74 -39.11
N SER Q 108 -2.91 32.50 -38.74
CA SER Q 108 -2.32 31.32 -39.37
C SER Q 108 -3.37 30.38 -39.98
N VAL Q 109 -3.07 29.76 -41.13
CA VAL Q 109 -3.92 28.71 -41.71
C VAL Q 109 -3.11 27.53 -42.24
N HIS Q 110 -3.56 26.30 -41.97
CA HIS Q 110 -3.09 25.12 -42.70
C HIS Q 110 -4.16 24.03 -42.87
N SER Q 111 -4.12 23.29 -43.97
CA SER Q 111 -5.10 22.23 -44.18
C SER Q 111 -4.62 20.91 -43.59
N GLU Q 112 -5.55 19.97 -43.52
CA GLU Q 112 -5.27 18.57 -43.27
C GLU Q 112 -6.45 17.84 -43.89
N ARG Q 113 -6.19 16.64 -44.38
CA ARG Q 113 -7.25 15.72 -44.74
C ARG Q 113 -7.41 14.66 -43.67
N SER Q 114 -8.66 14.25 -43.46
CA SER Q 114 -8.96 13.23 -42.47
C SER Q 114 -8.28 11.93 -42.84
N GLN Q 115 -7.84 11.19 -41.83
CA GLN Q 115 -7.17 9.93 -42.05
C GLN Q 115 -8.12 8.74 -41.94
N PHE Q 116 -9.35 8.99 -41.48
CA PHE Q 116 -10.33 7.93 -41.32
C PHE Q 116 -11.75 8.51 -41.37
N PRO Q 117 -12.71 7.78 -41.95
CA PRO Q 117 -12.58 6.51 -42.67
C PRO Q 117 -12.08 6.68 -44.11
N ASP Q 118 -11.95 7.92 -44.56
CA ASP Q 118 -11.50 8.20 -45.92
C ASP Q 118 -10.69 9.48 -45.91
N PHE Q 119 -10.22 9.87 -47.08
CA PHE Q 119 -9.40 11.07 -47.23
C PHE Q 119 -10.18 12.11 -48.03
N SER Q 120 -11.48 12.17 -47.76
CA SER Q 120 -12.37 13.13 -48.40
C SER Q 120 -12.59 14.36 -47.52
N VAL Q 121 -12.73 14.15 -46.21
CA VAL Q 121 -13.05 15.25 -45.31
C VAL Q 121 -11.86 16.19 -45.09
N LEU Q 122 -11.76 17.25 -45.90
CA LEU Q 122 -10.68 18.21 -45.75
C LEU Q 122 -10.99 19.21 -44.64
N THR Q 123 -10.14 19.22 -43.61
CA THR Q 123 -10.29 20.10 -42.48
C THR Q 123 -9.21 21.18 -42.53
N VAL Q 124 -9.64 22.44 -42.48
CA VAL Q 124 -8.70 23.58 -42.38
C VAL Q 124 -8.84 24.26 -41.03
N THR Q 125 -7.74 24.83 -40.56
CA THR Q 125 -7.67 25.47 -39.25
C THR Q 125 -7.20 26.91 -39.41
N CYS Q 126 -8.04 27.86 -39.03
CA CYS Q 126 -7.63 29.26 -38.99
C CYS Q 126 -7.35 29.65 -37.54
N THR Q 127 -6.16 30.19 -37.29
CA THR Q 127 -5.70 30.52 -35.94
C THR Q 127 -5.27 31.97 -35.84
N VAL Q 128 -5.52 32.60 -34.69
CA VAL Q 128 -5.09 33.98 -34.45
C VAL Q 128 -4.60 34.23 -33.03
N ASN Q 129 -3.40 34.80 -32.95
CA ASN Q 129 -2.76 35.15 -31.69
C ASN Q 129 -2.60 36.67 -31.57
N ALA Q 130 -3.45 37.30 -30.76
CA ALA Q 130 -3.41 38.75 -30.58
C ALA Q 130 -3.68 39.16 -29.14
N PHE Q 131 -3.75 40.48 -28.93
CA PHE Q 131 -4.09 41.05 -27.65
C PHE Q 131 -4.68 42.44 -27.86
N PRO Q 132 -5.77 42.80 -27.15
CA PRO Q 132 -6.40 42.10 -26.03
C PRO Q 132 -7.64 41.25 -26.38
N HIS Q 133 -8.24 41.46 -27.56
CA HIS Q 133 -9.46 40.75 -27.94
C HIS Q 133 -9.35 40.10 -29.31
N PRO Q 134 -8.66 38.95 -29.40
CA PRO Q 134 -8.63 38.23 -30.68
C PRO Q 134 -9.93 37.49 -30.91
N HIS Q 135 -10.30 37.33 -32.18
CA HIS Q 135 -11.57 36.70 -32.52
C HIS Q 135 -11.52 36.18 -33.96
N VAL Q 136 -11.76 34.88 -34.11
CA VAL Q 136 -11.69 34.23 -35.43
C VAL Q 136 -13.05 33.66 -35.83
N GLN Q 137 -13.29 33.68 -37.15
CA GLN Q 137 -14.54 33.26 -37.74
C GLN Q 137 -14.40 32.80 -39.18
N TRP Q 138 -15.06 31.70 -39.49
CA TRP Q 138 -15.08 31.13 -40.82
C TRP Q 138 -16.31 31.68 -41.53
N LEU Q 139 -16.10 32.21 -42.73
CA LEU Q 139 -17.19 32.71 -43.58
C LEU Q 139 -17.75 31.45 -44.20
N MET Q 140 -19.05 31.25 -43.96
CA MET Q 140 -19.84 30.07 -44.41
C MET Q 140 -20.16 29.10 -43.27
N VAL Q 155 -10.01 28.51 -26.20
CA VAL Q 155 -9.39 29.80 -25.92
C VAL Q 155 -8.15 29.53 -25.06
N MET Q 156 -6.97 29.84 -25.58
CA MET Q 156 -5.70 29.60 -24.87
C MET Q 156 -4.96 30.89 -24.48
N LYS Q 157 -4.17 30.81 -23.42
CA LYS Q 157 -3.28 31.90 -23.00
C LYS Q 157 -1.81 31.50 -23.15
N GLU Q 158 -1.04 32.36 -23.82
CA GLU Q 158 0.36 32.08 -24.14
C GLU Q 158 1.32 32.45 -23.02
N LYS Q 159 2.59 32.09 -23.22
CA LYS Q 159 3.64 32.38 -22.25
C LYS Q 159 3.85 33.89 -22.15
N ASP Q 160 3.87 34.55 -23.32
CA ASP Q 160 4.08 35.99 -23.37
C ASP Q 160 2.89 36.83 -22.88
N GLY Q 161 1.83 36.16 -22.44
CA GLY Q 161 0.69 36.83 -21.85
C GLY Q 161 -0.41 37.10 -22.85
N SER Q 162 -0.10 36.95 -24.14
CA SER Q 162 -1.07 37.17 -25.20
C SER Q 162 -2.12 36.06 -25.22
N LEU Q 163 -3.18 36.27 -25.98
CA LEU Q 163 -4.24 35.29 -26.11
C LEU Q 163 -4.29 34.73 -27.53
N SER Q 164 -4.60 33.45 -27.62
CA SER Q 164 -4.78 32.78 -28.91
C SER Q 164 -6.12 32.06 -28.98
N VAL Q 165 -6.72 32.05 -30.15
CA VAL Q 165 -7.91 31.23 -30.40
C VAL Q 165 -7.95 30.78 -31.86
N ALA Q 166 -8.50 29.59 -32.10
CA ALA Q 166 -8.64 29.06 -33.46
C ALA Q 166 -9.91 28.25 -33.62
N VAL Q 167 -10.34 28.08 -34.86
CA VAL Q 167 -11.46 27.20 -35.18
C VAL Q 167 -11.23 26.40 -36.47
N ASP Q 168 -11.74 25.17 -36.50
CA ASP Q 168 -11.61 24.26 -37.64
C ASP Q 168 -12.88 24.25 -38.49
N LEU Q 169 -12.76 23.76 -39.73
CA LEU Q 169 -13.87 23.72 -40.68
C LEU Q 169 -13.79 22.50 -41.60
N SER Q 170 -14.77 21.60 -41.48
CA SER Q 170 -14.78 20.36 -42.24
C SER Q 170 -15.53 20.48 -43.59
N LEU Q 171 -14.85 20.09 -44.67
CA LEU Q 171 -15.40 20.14 -46.03
C LEU Q 171 -15.36 18.77 -46.74
N PRO Q 172 -16.48 18.04 -46.74
CA PRO Q 172 -16.53 16.75 -47.47
C PRO Q 172 -16.49 16.93 -48.99
N LYS Q 173 -16.07 15.89 -49.71
CA LYS Q 173 -15.92 15.98 -51.16
C LYS Q 173 -17.27 16.26 -51.82
N PRO Q 174 -17.30 17.13 -52.85
CA PRO Q 174 -16.19 17.91 -53.42
C PRO Q 174 -15.86 19.10 -52.54
N TRP Q 175 -14.59 19.47 -52.48
CA TRP Q 175 -14.19 20.58 -51.62
C TRP Q 175 -14.68 21.87 -52.26
N HIS Q 176 -15.62 22.52 -51.58
CA HIS Q 176 -16.21 23.75 -52.10
C HIS Q 176 -15.28 24.96 -51.88
N LEU Q 177 -14.14 24.92 -52.56
CA LEU Q 177 -13.12 25.95 -52.46
C LEU Q 177 -13.32 27.01 -53.55
N PRO Q 178 -12.69 28.19 -53.37
CA PRO Q 178 -11.96 28.68 -52.19
C PRO Q 178 -12.85 29.06 -51.00
N VAL Q 179 -12.28 29.01 -49.80
CA VAL Q 179 -12.98 29.36 -48.56
C VAL Q 179 -12.09 30.28 -47.73
N THR Q 180 -12.72 31.17 -46.96
CA THR Q 180 -12.03 32.29 -46.32
C THR Q 180 -12.37 32.44 -44.85
N CYS Q 181 -11.35 32.63 -44.02
CA CYS Q 181 -11.53 32.88 -42.59
C CYS Q 181 -11.20 34.33 -42.27
N VAL Q 182 -11.82 34.86 -41.23
CA VAL Q 182 -11.66 36.27 -40.87
C VAL Q 182 -11.19 36.39 -39.43
N GLY Q 183 -9.94 36.79 -39.24
CA GLY Q 183 -9.39 37.06 -37.93
C GLY Q 183 -9.34 38.54 -37.66
N LYS Q 184 -9.63 38.94 -36.42
CA LYS Q 184 -9.58 40.35 -36.04
C LYS Q 184 -9.26 40.55 -34.57
N ASN Q 185 -8.62 41.68 -34.30
CA ASN Q 185 -8.23 42.09 -32.95
C ASN Q 185 -8.77 43.50 -32.69
N ASP Q 186 -10.03 43.57 -32.25
CA ASP Q 186 -10.74 44.84 -32.10
C ASP Q 186 -10.76 45.46 -33.51
N LYS Q 187 -10.29 46.70 -33.68
CA LYS Q 187 -10.33 47.36 -34.97
C LYS Q 187 -9.48 46.65 -36.03
N GLU Q 188 -8.31 46.15 -35.62
CA GLU Q 188 -7.43 45.43 -36.55
C GLU Q 188 -8.14 44.24 -37.17
N GLU Q 189 -7.93 44.01 -38.46
CA GLU Q 189 -8.57 42.91 -39.17
C GLU Q 189 -7.68 42.31 -40.28
N ALA Q 190 -7.79 41.01 -40.48
CA ALA Q 190 -7.05 40.31 -41.54
C ALA Q 190 -7.73 38.99 -41.92
N HIS Q 191 -7.47 38.50 -43.13
CA HIS Q 191 -8.11 37.29 -43.67
C HIS Q 191 -7.11 36.21 -44.09
N GLY Q 192 -7.62 35.01 -44.24
CA GLY Q 192 -6.86 33.88 -44.77
C GLY Q 192 -7.72 33.11 -45.77
N VAL Q 193 -7.23 32.98 -47.00
CA VAL Q 193 -7.93 32.24 -48.05
C VAL Q 193 -7.23 30.93 -48.36
N TYR Q 194 -7.97 29.83 -48.36
CA TYR Q 194 -7.44 28.58 -48.87
C TYR Q 194 -7.90 28.31 -50.30
N VAL Q 195 -6.94 28.23 -51.24
CA VAL Q 195 -7.27 28.06 -52.66
C VAL Q 195 -7.41 26.60 -53.11
N SER Q 196 -6.32 25.84 -53.04
CA SER Q 196 -6.34 24.44 -53.51
C SER Q 196 -5.50 23.49 -52.66
N GLY Q 197 -5.85 22.21 -52.71
CA GLY Q 197 -5.13 21.16 -52.00
C GLY Q 197 -3.90 20.74 -52.80
N TYR Q 198 -3.26 19.65 -52.39
CA TYR Q 198 -2.08 19.17 -53.13
C TYR Q 198 -2.43 18.49 -54.45
N LEU Q 199 -3.41 17.58 -54.41
CA LEU Q 199 -3.89 16.93 -55.63
C LEU Q 199 -5.41 16.90 -55.73
N VAL R 1 32.64 60.76 -15.57
CA VAL R 1 31.93 60.60 -14.30
C VAL R 1 32.45 59.34 -13.61
N THR R 2 31.91 59.05 -12.43
CA THR R 2 32.31 57.90 -11.66
C THR R 2 31.05 57.51 -10.91
N ALA R 3 30.82 56.22 -10.72
CA ALA R 3 29.68 55.77 -9.92
C ALA R 3 29.76 54.32 -9.45
N PHE R 4 29.09 53.98 -8.35
CA PHE R 4 29.20 52.63 -7.79
C PHE R 4 28.33 51.60 -8.51
N LEU R 5 28.58 50.33 -8.17
CA LEU R 5 27.86 49.17 -8.71
C LEU R 5 26.36 49.16 -8.34
N GLY R 6 25.52 48.87 -9.34
CA GLY R 6 24.08 48.77 -9.14
C GLY R 6 23.32 50.08 -9.27
N GLU R 7 24.04 51.19 -9.29
CA GLU R 7 23.43 52.51 -9.21
C GLU R 7 22.84 52.96 -10.56
N ARG R 8 21.91 53.90 -10.51
CA ARG R 8 21.35 54.52 -11.71
C ARG R 8 22.18 55.75 -12.00
N VAL R 9 23.09 55.61 -12.95
CA VAL R 9 24.03 56.67 -13.30
C VAL R 9 23.76 57.29 -14.67
N THR R 10 23.99 58.61 -14.76
CA THR R 10 23.67 59.37 -15.97
C THR R 10 24.91 60.02 -16.60
N LEU R 11 25.01 59.91 -17.92
CA LEU R 11 26.03 60.61 -18.70
C LEU R 11 25.35 61.69 -19.56
N THR R 12 26.08 62.75 -19.89
CA THR R 12 25.48 63.87 -20.64
C THR R 12 26.28 64.42 -21.82
N SER R 13 25.54 65.01 -22.75
CA SER R 13 26.09 65.71 -23.90
C SER R 13 25.12 66.83 -24.25
N TYR R 14 25.56 67.79 -25.07
CA TYR R 14 24.73 68.97 -25.33
C TYR R 14 25.11 69.68 -26.63
N TRP R 15 24.13 70.37 -27.21
CA TRP R 15 24.36 71.22 -28.38
C TRP R 15 24.60 72.66 -27.90
N ARG R 16 25.65 73.27 -28.41
CA ARG R 16 26.05 74.62 -27.98
C ARG R 16 24.96 75.66 -28.15
N ARG R 17 24.31 75.63 -29.31
CA ARG R 17 23.25 76.59 -29.58
C ARG R 17 22.01 76.25 -28.78
N VAL R 18 21.66 77.18 -27.90
CA VAL R 18 20.55 76.99 -26.97
C VAL R 18 19.20 77.02 -27.71
N SER R 19 19.19 77.38 -28.99
CA SER R 19 17.98 77.30 -29.81
C SER R 19 17.45 75.88 -30.06
N LEU R 20 18.36 74.91 -30.16
CA LEU R 20 18.04 73.58 -30.70
C LEU R 20 18.10 72.43 -29.69
N GLY R 21 17.07 71.59 -29.71
CA GLY R 21 17.07 70.36 -28.92
C GLY R 21 16.67 69.11 -29.68
N PRO R 22 15.39 69.00 -30.07
CA PRO R 22 14.90 67.81 -30.78
C PRO R 22 15.57 67.60 -32.13
N GLU R 23 15.87 68.69 -32.81
CA GLU R 23 16.34 68.67 -34.19
C GLU R 23 17.62 67.88 -34.36
N ILE R 24 18.41 67.78 -33.30
CA ILE R 24 19.71 67.15 -33.41
C ILE R 24 19.54 65.64 -33.52
N GLU R 25 20.28 65.04 -34.44
CA GLU R 25 20.27 63.59 -34.58
C GLU R 25 21.32 62.98 -33.65
N VAL R 26 20.91 62.70 -32.41
CA VAL R 26 21.78 62.13 -31.38
C VAL R 26 21.87 60.61 -31.44
N SER R 27 23.07 60.09 -31.20
CA SER R 27 23.32 58.66 -31.29
C SER R 27 24.54 58.27 -30.44
N TRP R 28 24.30 57.56 -29.35
CA TRP R 28 25.36 57.19 -28.41
C TRP R 28 26.03 55.86 -28.80
N PHE R 29 27.31 55.75 -28.51
CA PHE R 29 28.07 54.51 -28.77
C PHE R 29 28.91 54.13 -27.55
N LYS R 30 29.06 52.83 -27.30
CA LYS R 30 30.01 52.35 -26.31
C LYS R 30 31.31 52.00 -27.03
N LEU R 31 32.42 52.56 -26.55
CA LEU R 31 33.72 52.23 -27.13
C LEU R 31 34.23 50.92 -26.59
N GLY R 32 34.12 49.87 -27.40
CA GLY R 32 34.77 48.61 -27.10
C GLY R 32 36.25 48.80 -27.34
N PRO R 33 37.09 47.98 -26.70
CA PRO R 33 38.54 48.20 -26.83
C PRO R 33 39.00 48.14 -28.28
N GLY R 34 40.12 48.78 -28.58
CA GLY R 34 40.67 48.78 -29.93
C GLY R 34 39.89 49.68 -30.87
N GLU R 35 39.53 50.87 -30.40
CA GLU R 35 38.89 51.89 -31.24
C GLU R 35 37.55 51.43 -31.82
N GLU R 36 36.90 50.50 -31.14
CA GLU R 36 35.66 49.92 -31.65
C GLU R 36 34.50 50.87 -31.38
N GLN R 37 33.39 50.66 -32.07
CA GLN R 37 32.21 51.52 -31.93
C GLN R 37 30.92 50.70 -31.97
N VAL R 38 30.29 50.52 -30.81
CA VAL R 38 29.06 49.75 -30.72
C VAL R 38 27.86 50.67 -30.48
N LEU R 39 26.85 50.60 -31.34
CA LEU R 39 25.69 51.50 -31.21
C LEU R 39 24.78 51.10 -30.05
N ILE R 40 24.54 52.05 -29.15
CA ILE R 40 23.67 51.83 -28.00
C ILE R 40 22.24 52.28 -28.28
N GLY R 41 22.08 53.49 -28.83
CA GLY R 41 20.77 54.01 -29.12
C GLY R 41 20.79 55.30 -29.93
N ARG R 42 19.62 55.67 -30.47
CA ARG R 42 19.47 56.86 -31.30
C ARG R 42 18.25 57.68 -30.87
N MET R 43 18.32 58.99 -31.09
CA MET R 43 17.22 59.89 -30.74
C MET R 43 17.17 61.03 -31.75
N HIS R 44 15.98 61.31 -32.26
CA HIS R 44 15.82 62.39 -33.22
C HIS R 44 14.35 62.81 -33.23
N HIS R 45 14.11 64.12 -33.19
CA HIS R 45 12.75 64.66 -33.12
C HIS R 45 11.94 64.02 -31.99
N ASP R 46 12.59 63.85 -30.84
CA ASP R 46 11.96 63.25 -29.67
C ASP R 46 11.31 61.92 -29.98
N VAL R 47 12.06 61.03 -30.62
CA VAL R 47 11.69 59.63 -30.67
C VAL R 47 12.95 58.83 -30.40
N ILE R 48 12.99 58.15 -29.27
CA ILE R 48 14.17 57.42 -28.85
C ILE R 48 14.03 55.94 -29.18
N PHE R 49 15.17 55.31 -29.48
CA PHE R 49 15.21 53.87 -29.70
C PHE R 49 16.56 53.31 -29.27
N ILE R 50 16.53 52.40 -28.29
CA ILE R 50 17.74 51.75 -27.80
C ILE R 50 17.86 50.39 -28.47
N GLU R 51 19.07 50.01 -28.85
CA GLU R 51 19.31 48.71 -29.49
C GLU R 51 18.98 47.57 -28.53
N TRP R 52 18.50 46.46 -29.07
CA TRP R 52 18.04 45.32 -28.29
C TRP R 52 19.05 44.69 -27.33
N PRO R 53 20.34 44.65 -27.71
CA PRO R 53 21.31 44.12 -26.74
C PRO R 53 21.49 45.01 -25.51
N PHE R 54 21.34 46.32 -25.69
CA PHE R 54 21.44 47.26 -24.56
C PHE R 54 20.08 47.65 -23.97
N ARG R 55 19.00 47.08 -24.49
CA ARG R 55 17.66 47.50 -24.10
C ARG R 55 17.43 47.20 -22.63
N GLY R 56 17.06 48.22 -21.86
CA GLY R 56 16.72 48.02 -20.46
C GLY R 56 17.90 48.13 -19.52
N PHE R 57 19.10 48.27 -20.06
CA PHE R 57 20.27 48.62 -19.25
C PHE R 57 20.59 50.10 -19.44
N PHE R 58 20.40 50.58 -20.65
CA PHE R 58 20.53 52.00 -20.97
C PHE R 58 19.20 52.60 -21.42
N ASP R 59 19.14 53.92 -21.40
CA ASP R 59 18.02 54.67 -21.96
C ASP R 59 18.48 56.08 -22.22
N ILE R 60 17.84 56.75 -23.17
CA ILE R 60 18.18 58.12 -23.53
C ILE R 60 16.93 58.98 -23.43
N HIS R 61 17.10 60.23 -23.02
CA HIS R 61 16.03 61.21 -23.08
C HIS R 61 16.62 62.61 -23.27
N ARG R 62 15.75 63.60 -23.42
CA ARG R 62 16.21 64.96 -23.72
C ARG R 62 15.44 66.00 -22.93
N SER R 63 16.14 67.10 -22.62
CA SER R 63 15.53 68.31 -22.12
C SER R 63 16.34 69.50 -22.66
N ALA R 64 15.67 70.42 -23.34
CA ALA R 64 16.32 71.61 -23.87
C ALA R 64 17.50 71.22 -24.79
N ASN R 65 18.65 71.89 -24.68
CA ASN R 65 19.81 71.57 -25.51
C ASN R 65 20.70 70.48 -24.92
N THR R 66 20.15 69.69 -23.99
CA THR R 66 20.90 68.65 -23.31
C THR R 66 20.41 67.24 -23.63
N PHE R 67 21.37 66.33 -23.74
CA PHE R 67 21.08 64.93 -24.08
C PHE R 67 21.66 64.02 -23.00
N PHE R 68 20.83 63.12 -22.50
CA PHE R 68 21.23 62.26 -21.38
C PHE R 68 21.29 60.80 -21.80
N LEU R 69 22.31 60.11 -21.31
CA LEU R 69 22.37 58.67 -21.39
C LEU R 69 22.30 58.10 -20.00
N VAL R 70 21.13 57.59 -19.65
CA VAL R 70 20.89 56.99 -18.35
C VAL R 70 21.28 55.52 -18.35
N VAL R 71 22.15 55.13 -17.41
CA VAL R 71 22.39 53.71 -17.15
C VAL R 71 21.47 53.29 -16.02
N THR R 72 20.46 52.49 -16.34
CA THR R 72 19.44 52.16 -15.35
C THR R 72 20.00 51.37 -14.17
N ALA R 73 21.05 50.59 -14.42
CA ALA R 73 21.76 49.89 -13.36
C ALA R 73 23.19 49.58 -13.80
N ALA R 74 24.15 50.10 -13.04
CA ALA R 74 25.55 50.02 -13.43
C ALA R 74 26.16 48.67 -13.06
N ASN R 75 26.95 48.12 -13.99
CA ASN R 75 27.75 46.94 -13.70
C ASN R 75 29.15 47.11 -14.30
N ILE R 76 30.05 46.18 -14.03
CA ILE R 76 31.47 46.41 -14.36
C ILE R 76 31.67 46.42 -15.87
N SER R 77 30.81 45.71 -16.60
CA SER R 77 30.85 45.74 -18.05
C SER R 77 30.76 47.18 -18.55
N HIS R 78 30.07 48.03 -17.80
CA HIS R 78 29.84 49.41 -18.20
C HIS R 78 31.02 50.37 -17.99
N ASP R 79 32.06 49.93 -17.27
CA ASP R 79 33.26 50.74 -17.14
C ASP R 79 33.89 50.85 -18.52
N GLY R 80 34.13 52.07 -18.96
CA GLY R 80 34.69 52.30 -20.27
C GLY R 80 34.25 53.64 -20.81
N ASN R 81 34.83 54.02 -21.94
CA ASN R 81 34.51 55.29 -22.57
C ASN R 81 33.24 55.20 -23.40
N TYR R 82 32.53 56.32 -23.50
CA TYR R 82 31.32 56.40 -24.30
C TYR R 82 31.40 57.59 -25.25
N LEU R 83 30.81 57.42 -26.43
CA LEU R 83 30.91 58.43 -27.47
C LEU R 83 29.51 58.84 -27.89
N CYS R 84 29.31 60.15 -28.03
CA CYS R 84 28.04 60.68 -28.49
C CYS R 84 28.22 61.42 -29.80
N ARG R 85 27.50 60.97 -30.82
CA ARG R 85 27.48 61.65 -32.11
C ARG R 85 26.17 62.41 -32.25
N MET R 86 26.32 63.73 -32.37
CA MET R 86 25.21 64.65 -32.58
C MET R 86 25.38 65.34 -33.93
N LYS R 87 24.46 65.05 -34.84
CA LYS R 87 24.52 65.61 -36.19
C LYS R 87 23.39 66.60 -36.45
N LEU R 88 23.66 67.57 -37.31
CA LEU R 88 22.68 68.55 -37.76
C LEU R 88 22.84 68.76 -39.25
N GLY R 89 22.29 67.84 -40.04
CA GLY R 89 22.48 67.89 -41.47
C GLY R 89 23.97 67.75 -41.73
N GLU R 90 24.51 68.75 -42.41
CA GLU R 90 25.91 68.76 -42.83
C GLU R 90 26.94 68.73 -41.69
N THR R 91 26.66 69.48 -40.63
CA THR R 91 27.60 69.61 -39.50
C THR R 91 27.37 68.53 -38.43
N GLU R 92 28.46 67.98 -37.89
CA GLU R 92 28.39 66.93 -36.87
C GLU R 92 29.50 67.00 -35.81
N VAL R 93 29.12 66.87 -34.54
CA VAL R 93 30.07 66.93 -33.42
C VAL R 93 30.09 65.61 -32.64
N THR R 94 31.29 65.21 -32.23
CA THR R 94 31.53 63.93 -31.55
C THR R 94 32.10 64.30 -30.18
N LYS R 95 31.25 64.22 -29.16
CA LYS R 95 31.63 64.56 -27.79
C LYS R 95 31.79 63.28 -26.94
N GLN R 96 32.96 63.10 -26.33
CA GLN R 96 33.26 61.94 -25.48
C GLN R 96 32.86 62.06 -24.02
N GLU R 97 32.80 60.93 -23.32
CA GLU R 97 32.44 60.90 -21.90
C GLU R 97 32.87 59.57 -21.26
N HIS R 98 33.76 59.62 -20.27
CA HIS R 98 34.22 58.41 -19.57
C HIS R 98 33.38 58.06 -18.34
N LEU R 99 33.33 56.78 -18.00
CA LEU R 99 32.66 56.31 -16.79
C LEU R 99 33.48 55.23 -16.09
N SER R 100 33.83 55.50 -14.84
CA SER R 100 34.44 54.51 -13.98
C SER R 100 33.38 53.90 -13.06
N VAL R 101 33.24 52.59 -13.10
CA VAL R 101 32.38 51.89 -12.16
C VAL R 101 33.23 51.38 -11.01
N VAL R 102 32.67 51.40 -9.81
CA VAL R 102 33.43 51.08 -8.60
C VAL R 102 32.63 50.09 -7.74
N LYS R 103 33.33 49.09 -7.22
CA LYS R 103 32.74 48.14 -6.26
C LYS R 103 33.29 48.39 -4.86
N PRO R 104 32.41 48.59 -3.87
CA PRO R 104 32.93 48.86 -2.52
C PRO R 104 33.64 47.63 -1.95
N LEU R 105 34.92 47.80 -1.61
CA LEU R 105 35.76 46.67 -1.24
C LEU R 105 35.19 45.82 -0.12
N THR R 106 35.50 44.53 -0.17
CA THR R 106 34.98 43.57 0.79
C THR R 106 36.11 42.81 1.48
N LEU R 107 36.52 43.31 2.66
CA LEU R 107 37.62 42.70 3.41
C LEU R 107 37.18 41.53 4.28
N SER R 108 37.81 40.37 4.09
CA SER R 108 37.51 39.17 4.88
C SER R 108 38.76 38.64 5.63
N VAL R 109 38.57 38.13 6.84
CA VAL R 109 39.65 37.43 7.58
C VAL R 109 39.19 36.14 8.26
N HIS R 110 39.96 35.06 8.14
CA HIS R 110 39.81 33.90 9.03
C HIS R 110 41.14 33.20 9.31
N SER R 111 41.25 32.59 10.49
CA SER R 111 42.47 31.88 10.88
C SER R 111 42.43 30.44 10.44
N GLU R 112 43.58 29.79 10.56
CA GLU R 112 43.67 28.35 10.44
C GLU R 112 44.90 27.98 11.25
N ARG R 113 44.88 26.82 11.89
CA ARG R 113 46.11 26.26 12.44
C ARG R 113 46.60 25.12 11.55
N SER R 114 47.91 25.00 11.40
CA SER R 114 48.48 23.94 10.59
C SER R 114 48.12 22.59 11.20
N GLN R 115 47.90 21.58 10.36
CA GLN R 115 47.55 20.26 10.83
C GLN R 115 48.76 19.33 10.93
N PHE R 116 49.90 19.77 10.39
CA PHE R 116 51.11 18.97 10.39
C PHE R 116 52.34 19.88 10.28
N PRO R 117 53.45 19.51 10.95
CA PRO R 117 53.62 18.40 11.89
C PRO R 117 53.08 18.72 13.28
N ASP R 118 52.65 19.95 13.49
CA ASP R 118 52.12 20.37 14.78
C ASP R 118 51.03 21.38 14.57
N PHE R 119 50.45 21.88 15.67
CA PHE R 119 49.37 22.84 15.62
C PHE R 119 49.86 24.16 16.18
N SER R 120 51.11 24.49 15.86
CA SER R 120 51.73 25.74 16.29
C SER R 120 51.64 26.80 15.19
N VAL R 121 51.85 26.39 13.93
CA VAL R 121 51.88 27.37 12.86
C VAL R 121 50.48 27.90 12.54
N LEU R 122 50.09 29.01 13.17
CA LEU R 122 48.80 29.62 12.90
C LEU R 122 48.89 30.48 11.64
N THR R 123 48.09 30.11 10.64
CA THR R 123 48.06 30.81 9.36
C THR R 123 46.75 31.59 9.28
N VAL R 124 46.85 32.89 9.02
CA VAL R 124 45.68 33.74 8.77
C VAL R 124 45.61 34.24 7.35
N THR R 125 44.39 34.46 6.87
CA THR R 125 44.13 34.87 5.49
C THR R 125 43.32 36.16 5.47
N CYS R 126 43.89 37.22 4.92
CA CYS R 126 43.15 38.46 4.71
C CYS R 126 42.79 38.52 3.21
N THR R 127 41.51 38.72 2.92
CA THR R 127 41.00 38.71 1.55
C THR R 127 40.25 39.98 1.26
N VAL R 128 40.35 40.46 0.02
CA VAL R 128 39.61 41.66 -0.39
C VAL R 128 39.06 41.58 -1.82
N ASN R 129 37.77 41.84 -1.95
CA ASN R 129 37.07 41.84 -3.23
C ASN R 129 36.56 43.24 -3.58
N ALA R 130 37.25 43.90 -4.51
CA ALA R 130 36.87 45.26 -4.91
C ALA R 130 37.05 45.47 -6.41
N PHE R 131 36.80 46.70 -6.84
CA PHE R 131 37.02 47.12 -8.22
C PHE R 131 37.24 48.63 -8.23
N PRO R 132 38.22 49.11 -9.02
CA PRO R 132 39.04 48.42 -10.02
C PRO R 132 40.43 47.98 -9.55
N HIS R 133 40.92 48.51 -8.43
CA HIS R 133 42.26 48.20 -7.95
C HIS R 133 42.30 47.73 -6.50
N PRO R 134 41.92 46.47 -6.25
CA PRO R 134 42.05 45.96 -4.88
C PRO R 134 43.50 45.62 -4.55
N HIS R 135 43.87 45.74 -3.28
CA HIS R 135 45.25 45.51 -2.86
C HIS R 135 45.28 45.23 -1.35
N VAL R 136 45.82 44.07 -0.98
CA VAL R 136 45.85 43.63 0.42
C VAL R 136 47.29 43.50 0.91
N GLN R 137 47.53 43.80 2.19
CA GLN R 137 48.88 43.78 2.74
C GLN R 137 48.86 43.54 4.26
N TRP R 138 49.77 42.69 4.74
CA TRP R 138 49.88 42.38 6.17
C TRP R 138 50.91 43.27 6.88
N LEU R 139 50.53 43.90 8.00
CA LEU R 139 51.47 44.72 8.76
C LEU R 139 52.32 43.82 9.64
N MET R 140 53.61 43.90 9.35
CA MET R 140 54.66 43.14 10.02
C MET R 140 54.88 43.47 11.50
N VAL R 155 45.67 36.73 -7.80
CA VAL R 155 44.61 37.53 -8.40
C VAL R 155 43.56 36.69 -9.11
N MET R 156 42.33 36.71 -8.61
CA MET R 156 41.26 35.95 -9.22
C MET R 156 40.24 36.95 -9.79
N LYS R 157 39.50 36.54 -10.81
CA LYS R 157 38.40 37.34 -11.36
C LYS R 157 37.06 36.65 -11.10
N GLU R 158 36.12 37.40 -10.54
CA GLU R 158 34.83 36.87 -10.14
C GLU R 158 33.80 36.86 -11.27
N LYS R 159 32.65 36.26 -10.99
CA LYS R 159 31.56 36.16 -11.96
C LYS R 159 31.00 37.55 -12.28
N ASP R 160 30.82 38.36 -11.24
CA ASP R 160 30.28 39.71 -11.41
C ASP R 160 31.25 40.67 -12.09
N GLY R 161 32.44 40.20 -12.44
CA GLY R 161 33.39 41.00 -13.19
C GLY R 161 34.40 41.68 -12.27
N SER R 162 34.12 41.68 -10.97
CA SER R 162 34.99 42.28 -9.98
C SER R 162 36.27 41.48 -9.80
N LEU R 163 37.23 42.06 -9.09
CA LEU R 163 38.49 41.39 -8.82
C LEU R 163 38.65 41.08 -7.35
N SER R 164 39.27 39.95 -7.04
CA SER R 164 39.59 39.57 -5.68
C SER R 164 41.06 39.20 -5.55
N VAL R 165 41.67 39.53 -4.42
CA VAL R 165 43.02 39.04 -4.12
C VAL R 165 43.17 38.89 -2.60
N ALA R 166 43.98 37.92 -2.18
CA ALA R 166 44.23 37.70 -0.76
C ALA R 166 45.67 37.24 -0.52
N VAL R 167 46.14 37.39 0.71
CA VAL R 167 47.45 36.88 1.12
C VAL R 167 47.44 36.26 2.52
N ASP R 168 48.28 35.23 2.70
CA ASP R 168 48.40 34.49 3.95
C ASP R 168 49.59 34.93 4.78
N LEU R 169 49.57 34.61 6.07
CA LEU R 169 50.63 35.01 7.00
C LEU R 169 50.84 33.94 8.08
N SER R 170 52.00 33.30 8.08
CA SER R 170 52.31 32.23 9.03
C SER R 170 52.97 32.78 10.31
N LEU R 171 52.38 32.43 11.46
CA LEU R 171 52.89 32.87 12.76
C LEU R 171 53.19 31.69 13.68
N PRO R 172 54.47 31.27 13.77
CA PRO R 172 54.80 30.18 14.71
C PRO R 172 54.67 30.57 16.17
N LYS R 173 54.47 29.59 17.04
CA LYS R 173 54.26 29.83 18.47
C LYS R 173 55.51 30.49 19.07
N PRO R 174 55.33 31.48 19.96
CA PRO R 174 54.06 32.04 20.41
C PRO R 174 53.47 32.98 19.35
N TRP R 175 52.14 33.00 19.26
CA TRP R 175 51.47 33.83 18.26
C TRP R 175 51.59 35.28 18.69
N HIS R 176 52.30 36.08 17.91
CA HIS R 176 52.50 37.49 18.25
C HIS R 176 51.26 38.31 17.93
N LEU R 177 50.17 38.04 18.64
CA LEU R 177 48.90 38.73 18.43
C LEU R 177 48.79 39.93 19.37
N PRO R 178 47.87 40.86 19.05
CA PRO R 178 47.06 40.94 17.82
C PRO R 178 47.87 41.33 16.59
N VAL R 179 47.37 40.96 15.42
CA VAL R 179 48.01 41.27 14.15
C VAL R 179 46.98 41.80 13.18
N THR R 180 47.39 42.71 12.31
CA THR R 180 46.46 43.51 11.52
C THR R 180 46.82 43.57 10.02
N CYS R 181 45.81 43.37 9.17
CA CYS R 181 45.96 43.47 7.71
C CYS R 181 45.27 44.72 7.16
N VAL R 182 45.78 45.23 6.03
CA VAL R 182 45.27 46.46 5.43
C VAL R 182 44.81 46.23 4.00
N GLY R 183 43.51 46.30 3.79
CA GLY R 183 42.92 46.22 2.47
C GLY R 183 42.52 47.60 1.96
N LYS R 184 42.71 47.85 0.68
CA LYS R 184 42.33 49.13 0.09
C LYS R 184 41.98 48.99 -1.39
N ASN R 185 41.10 49.88 -1.82
CA ASN R 185 40.64 49.94 -3.20
C ASN R 185 40.83 51.37 -3.71
N ASP R 186 42.04 51.67 -4.17
CA ASP R 186 42.42 53.02 -4.54
C ASP R 186 42.28 53.86 -3.25
N LYS R 187 41.52 54.96 -3.26
CA LYS R 187 41.38 55.81 -2.09
C LYS R 187 40.72 55.08 -0.92
N GLU R 188 39.71 54.26 -1.21
CA GLU R 188 39.00 53.51 -0.18
C GLU R 188 39.97 52.62 0.60
N GLU R 189 39.78 52.56 1.92
CA GLU R 189 40.67 51.77 2.78
C GLU R 189 39.94 51.14 3.97
N ALA R 190 40.38 49.94 4.37
CA ALA R 190 39.82 49.25 5.53
C ALA R 190 40.81 48.21 6.09
N HIS R 191 40.66 47.87 7.37
CA HIS R 191 41.57 46.95 8.06
C HIS R 191 40.86 45.75 8.66
N GLY R 192 41.64 44.73 8.99
CA GLY R 192 41.18 43.55 9.68
C GLY R 192 42.15 43.16 10.78
N VAL R 193 41.66 43.07 12.01
CA VAL R 193 42.50 42.69 13.16
C VAL R 193 42.13 41.30 13.65
N TYR R 194 43.13 40.44 13.79
CA TYR R 194 42.94 39.17 14.47
C TYR R 194 43.40 39.26 15.93
N VAL R 195 42.47 39.08 16.87
CA VAL R 195 42.76 39.23 18.29
C VAL R 195 43.26 37.95 18.98
N SER R 196 42.43 36.91 19.04
CA SER R 196 42.79 35.67 19.74
C SER R 196 42.26 34.39 19.08
N GLY R 197 42.94 33.26 19.34
CA GLY R 197 42.55 31.96 18.83
C GLY R 197 41.44 31.34 19.66
N TYR R 198 41.12 30.07 19.44
CA TYR R 198 40.07 29.41 20.23
C TYR R 198 40.58 29.07 21.65
N LEU R 199 41.76 28.46 21.73
CA LEU R 199 42.44 28.19 23.01
C LEU R 199 43.91 28.60 23.01
N SER R 200 44.41 28.94 24.19
CA SER R 200 45.79 29.35 24.39
C SER R 200 46.07 30.71 23.75
N SER S 8 51.73 7.52 69.57
CA SER S 8 50.90 6.33 69.40
C SER S 8 51.17 5.65 68.04
N GLU S 9 51.38 6.46 67.01
CA GLU S 9 51.63 6.01 65.64
C GLU S 9 53.06 5.53 65.37
N TYR S 10 53.17 4.41 64.68
CA TYR S 10 54.44 3.76 64.40
C TYR S 10 54.73 3.82 62.90
N CYS S 11 54.08 4.74 62.18
CA CYS S 11 54.17 4.76 60.72
C CYS S 11 55.53 5.19 60.16
N SER S 12 56.31 5.94 60.92
CA SER S 12 57.61 6.46 60.46
C SER S 12 58.42 5.43 59.67
N HIS S 13 58.42 4.19 60.15
CA HIS S 13 59.20 3.08 59.57
C HIS S 13 58.30 1.97 59.05
N MET S 14 57.13 2.36 58.53
CA MET S 14 56.18 1.40 57.98
C MET S 14 56.70 0.92 56.63
N ILE S 15 57.14 1.86 55.80
CA ILE S 15 57.72 1.54 54.50
C ILE S 15 59.17 1.13 54.66
N GLY S 16 59.44 -0.16 54.71
CA GLY S 16 60.79 -0.66 54.81
C GLY S 16 61.58 -0.39 53.55
N SER S 17 62.90 -0.47 53.65
CA SER S 17 63.78 -0.33 52.50
C SER S 17 63.60 -1.50 51.54
N GLY S 18 63.34 -2.68 52.10
CA GLY S 18 63.11 -3.88 51.31
C GLY S 18 61.92 -3.83 50.37
N HIS S 19 60.98 -2.93 50.65
CA HIS S 19 59.83 -2.73 49.76
C HIS S 19 60.29 -2.04 48.50
N LEU S 20 61.01 -0.93 48.67
CA LEU S 20 61.53 -0.16 47.56
C LEU S 20 62.57 -0.93 46.77
N GLN S 21 63.27 -1.85 47.43
CA GLN S 21 64.24 -2.73 46.76
C GLN S 21 63.58 -3.45 45.59
N SER S 22 62.43 -4.05 45.86
CA SER S 22 61.67 -4.77 44.84
C SER S 22 61.09 -3.89 43.74
N LEU S 23 60.67 -2.68 44.08
CA LEU S 23 60.09 -1.79 43.08
C LEU S 23 61.06 -1.45 41.97
N GLN S 24 62.29 -1.11 42.34
CA GLN S 24 63.34 -0.80 41.37
C GLN S 24 63.73 -2.07 40.63
N ARG S 25 63.66 -3.20 41.32
CA ARG S 25 63.90 -4.51 40.72
C ARG S 25 62.86 -4.79 39.65
N LEU S 26 61.62 -4.41 39.93
CA LEU S 26 60.52 -4.53 38.97
C LEU S 26 60.82 -3.77 37.68
N ILE S 27 61.27 -2.53 37.82
CA ILE S 27 61.53 -1.67 36.67
C ILE S 27 62.76 -2.14 35.89
N ASP S 28 63.80 -2.54 36.62
CA ASP S 28 65.01 -3.04 35.99
C ASP S 28 64.72 -4.29 35.18
N SER S 29 63.85 -5.15 35.70
CA SER S 29 63.54 -6.42 35.07
C SER S 29 62.69 -6.30 33.80
N GLN S 30 61.96 -5.19 33.65
CA GLN S 30 61.09 -5.00 32.51
C GLN S 30 61.87 -4.73 31.23
N MET S 31 61.31 -5.19 30.11
CA MET S 31 61.96 -5.06 28.82
C MET S 31 61.73 -3.67 28.23
N GLU S 32 62.74 -3.15 27.55
CA GLU S 32 62.64 -1.85 26.89
C GLU S 32 61.74 -1.98 25.66
N THR S 33 60.68 -1.18 25.61
CA THR S 33 59.68 -1.31 24.56
C THR S 33 59.01 0.02 24.21
N SER S 34 58.53 0.13 22.97
CA SER S 34 57.88 1.35 22.50
C SER S 34 56.38 1.28 22.84
N CYS S 35 55.96 0.19 23.50
CA CYS S 35 54.55 -0.03 23.79
C CYS S 35 53.98 1.02 24.73
N GLN S 36 52.67 1.23 24.64
CA GLN S 36 51.96 2.13 25.54
C GLN S 36 50.65 1.54 26.03
N ILE S 37 50.18 2.02 27.18
CA ILE S 37 48.96 1.51 27.81
C ILE S 37 48.25 2.62 28.57
N THR S 38 46.94 2.46 28.75
CA THR S 38 46.11 3.48 29.41
C THR S 38 45.77 3.11 30.85
N PHE S 39 45.70 4.12 31.72
CA PHE S 39 45.40 3.89 33.13
C PHE S 39 45.01 5.15 33.88
N GLU S 40 44.23 4.98 34.94
CA GLU S 40 43.83 6.09 35.80
C GLU S 40 44.99 6.43 36.73
N PHE S 41 45.16 7.71 37.03
CA PHE S 41 46.13 8.15 38.02
C PHE S 41 45.83 9.59 38.40
N VAL S 42 46.47 10.08 39.46
CA VAL S 42 46.21 11.44 39.91
C VAL S 42 46.83 12.48 38.99
N ASP S 43 46.03 13.46 38.60
CA ASP S 43 46.50 14.54 37.75
C ASP S 43 47.37 15.48 38.56
N GLN S 44 48.68 15.28 38.42
CA GLN S 44 49.69 16.01 39.17
C GLN S 44 49.55 17.54 39.05
N GLU S 45 48.89 18.01 37.99
CA GLU S 45 48.68 19.45 37.81
C GLU S 45 47.37 19.96 38.44
N GLN S 46 46.32 19.15 38.44
CA GLN S 46 45.09 19.53 39.14
C GLN S 46 45.31 19.60 40.65
N LEU S 47 46.10 18.68 41.17
CA LEU S 47 46.43 18.64 42.58
C LEU S 47 47.95 18.80 42.72
N LYS S 48 48.35 20.04 42.98
CA LYS S 48 49.75 20.43 42.97
C LYS S 48 50.44 20.07 44.29
N ASP S 49 49.76 20.36 45.39
CA ASP S 49 50.26 20.09 46.73
C ASP S 49 50.76 18.65 46.90
N PRO S 50 52.05 18.48 47.25
CA PRO S 50 52.58 17.11 47.32
C PRO S 50 52.09 16.34 48.55
N VAL S 51 51.57 17.06 49.55
CA VAL S 51 51.03 16.40 50.73
C VAL S 51 49.71 15.75 50.38
N CYS S 52 48.82 16.54 49.79
CA CYS S 52 47.50 16.04 49.39
C CYS S 52 47.55 15.19 48.12
N TYR S 53 48.58 15.36 47.31
CA TYR S 53 48.74 14.53 46.11
C TYR S 53 48.96 13.10 46.52
N LEU S 54 49.95 12.88 47.38
CA LEU S 54 50.25 11.54 47.84
C LEU S 54 49.07 10.96 48.60
N LYS S 55 48.34 11.81 49.31
CA LYS S 55 47.16 11.36 50.06
C LYS S 55 46.11 10.77 49.12
N LYS S 56 45.69 11.56 48.13
CA LYS S 56 44.67 11.12 47.17
C LYS S 56 45.19 9.97 46.32
N ALA S 57 46.37 10.18 45.73
CA ALA S 57 47.00 9.18 44.87
C ALA S 57 47.06 7.84 45.54
N PHE S 58 47.32 7.85 46.84
CA PHE S 58 47.51 6.61 47.59
C PHE S 58 46.26 5.73 47.65
N LEU S 59 45.10 6.32 47.87
CA LEU S 59 43.88 5.55 47.99
C LEU S 59 43.57 4.78 46.71
N LEU S 60 43.80 5.42 45.57
CA LEU S 60 43.50 4.81 44.29
C LEU S 60 44.46 3.66 43.91
N VAL S 61 45.70 3.69 44.43
CA VAL S 61 46.73 2.69 44.05
C VAL S 61 46.32 1.23 44.15
N GLN S 62 45.50 0.94 45.15
CA GLN S 62 45.07 -0.42 45.44
C GLN S 62 44.43 -1.00 44.18
N ASP S 63 43.47 -0.26 43.61
CA ASP S 63 42.74 -0.69 42.42
C ASP S 63 43.67 -0.75 41.20
N ILE S 64 44.65 0.14 41.16
CA ILE S 64 45.57 0.20 40.02
C ILE S 64 46.39 -1.05 39.92
N MET S 65 47.14 -1.34 40.97
CA MET S 65 48.03 -2.49 41.00
C MET S 65 47.34 -3.74 40.51
N GLU S 66 46.10 -3.95 40.92
CA GLU S 66 45.35 -5.11 40.47
C GLU S 66 45.04 -5.03 38.98
N ASP S 67 44.53 -3.88 38.53
CA ASP S 67 44.19 -3.72 37.12
C ASP S 67 45.42 -3.57 36.23
N THR S 68 46.55 -3.15 36.81
CA THR S 68 47.74 -2.86 36.04
C THR S 68 48.87 -3.85 36.19
N MET S 69 49.49 -3.85 37.36
CA MET S 69 50.69 -4.63 37.60
C MET S 69 50.32 -6.06 37.90
N ARG S 70 50.19 -6.83 36.83
CA ARG S 70 49.82 -8.23 36.93
C ARG S 70 51.00 -9.06 36.45
N PHE S 71 51.37 -10.07 37.23
CA PHE S 71 52.41 -11.00 36.84
C PHE S 71 51.93 -12.42 37.07
N ARG S 72 52.67 -13.37 36.50
CA ARG S 72 52.35 -14.79 36.59
C ARG S 72 52.40 -15.20 38.07
N ASP S 73 51.45 -16.01 38.55
CA ASP S 73 51.31 -16.27 39.98
C ASP S 73 52.57 -16.83 40.67
N ASN S 74 52.95 -16.21 41.79
CA ASN S 74 54.10 -16.65 42.60
C ASN S 74 55.38 -16.66 41.77
N THR S 75 55.63 -15.51 41.16
CA THR S 75 56.87 -15.23 40.45
C THR S 75 57.53 -14.13 41.26
N PRO S 76 58.82 -13.86 41.04
CA PRO S 76 59.51 -12.92 41.95
C PRO S 76 58.80 -11.58 42.05
N ASN S 77 58.21 -11.14 40.95
CA ASN S 77 57.63 -9.81 40.86
C ASN S 77 56.22 -9.81 41.47
N ALA S 78 55.43 -10.83 41.16
CA ALA S 78 54.07 -10.92 41.69
C ALA S 78 54.12 -10.94 43.21
N ILE S 79 55.14 -11.59 43.76
CA ILE S 79 55.33 -11.59 45.20
C ILE S 79 55.42 -10.15 45.66
N ALA S 80 56.32 -9.39 45.04
CA ALA S 80 56.52 -7.98 45.35
C ALA S 80 55.20 -7.20 45.27
N ILE S 81 54.39 -7.48 44.27
CA ILE S 81 53.14 -6.75 44.09
C ILE S 81 52.17 -6.92 45.26
N VAL S 82 52.10 -8.14 45.74
CA VAL S 82 51.25 -8.51 46.86
C VAL S 82 51.77 -7.84 48.13
N GLN S 83 53.10 -7.76 48.24
CA GLN S 83 53.75 -7.16 49.40
C GLN S 83 53.32 -5.72 49.47
N LEU S 84 53.30 -5.10 48.29
CA LEU S 84 52.99 -3.70 48.17
C LEU S 84 51.53 -3.44 48.49
N GLN S 85 50.68 -4.41 48.17
CA GLN S 85 49.28 -4.36 48.55
C GLN S 85 49.16 -4.56 50.05
N GLU S 86 49.92 -5.52 50.58
CA GLU S 86 50.00 -5.74 52.01
C GLU S 86 50.37 -4.44 52.71
N LEU S 87 51.46 -3.85 52.26
CA LEU S 87 51.95 -2.59 52.80
C LEU S 87 50.90 -1.49 52.64
N SER S 88 50.30 -1.44 51.46
CA SER S 88 49.30 -0.42 51.16
C SER S 88 48.14 -0.48 52.14
N LEU S 89 47.64 -1.69 52.36
CA LEU S 89 46.52 -1.91 53.25
C LEU S 89 46.85 -1.43 54.66
N ARG S 90 48.05 -1.74 55.15
CA ARG S 90 48.50 -1.32 56.48
C ARG S 90 48.47 0.20 56.61
N LEU S 91 48.77 0.86 55.51
CA LEU S 91 48.89 2.32 55.45
C LEU S 91 47.57 3.09 55.50
N LYS S 92 46.46 2.45 55.15
CA LYS S 92 45.16 3.14 55.16
C LYS S 92 44.80 3.73 56.51
N SER S 93 45.32 3.14 57.56
CA SER S 93 45.12 3.65 58.90
C SER S 93 45.87 4.96 59.14
N CYS S 94 47.03 5.12 58.51
CA CYS S 94 47.77 6.38 58.60
C CYS S 94 47.16 7.54 57.82
N PHE S 95 46.17 7.27 56.97
CA PHE S 95 45.50 8.35 56.24
C PHE S 95 44.08 8.61 56.73
N THR S 96 43.81 9.85 57.13
CA THR S 96 42.46 10.29 57.48
C THR S 96 41.54 10.42 56.25
N LYS S 97 40.45 9.66 56.22
CA LYS S 97 39.51 9.70 55.11
C LYS S 97 38.86 11.08 55.04
N ASP S 98 38.52 11.51 53.83
CA ASP S 98 37.86 12.79 53.60
C ASP S 98 36.45 12.57 53.02
N TYR S 99 35.78 13.64 52.59
CA TYR S 99 34.42 13.52 52.07
C TYR S 99 34.30 12.49 50.95
N GLU S 100 33.25 11.69 51.08
CA GLU S 100 33.00 10.56 50.20
C GLU S 100 32.63 10.97 48.76
N GLU S 101 32.06 12.18 48.65
CA GLU S 101 31.74 12.83 47.38
C GLU S 101 32.96 13.10 46.49
N HIS S 102 34.12 13.23 47.13
CA HIS S 102 35.38 13.46 46.43
C HIS S 102 35.90 12.27 45.65
N ASP S 103 35.23 11.12 45.75
CA ASP S 103 35.70 9.91 45.08
C ASP S 103 35.73 10.08 43.55
N LYS S 104 36.83 9.67 42.94
CA LYS S 104 37.02 9.75 41.49
C LYS S 104 37.21 11.15 40.90
N ALA S 105 37.50 12.14 41.74
CA ALA S 105 37.94 13.46 41.27
C ALA S 105 39.46 13.59 41.42
N CYS S 106 40.03 14.64 40.83
CA CYS S 106 41.48 14.83 40.82
C CYS S 106 42.23 13.72 40.09
N VAL S 107 41.57 13.10 39.11
CA VAL S 107 42.11 11.93 38.42
C VAL S 107 42.03 12.10 36.90
N ARG S 108 43.01 11.56 36.18
CA ARG S 108 43.06 11.69 34.72
C ARG S 108 43.51 10.41 34.02
N THR S 109 43.41 10.42 32.68
CA THR S 109 43.89 9.34 31.84
C THR S 109 45.37 9.54 31.56
N PHE S 110 46.10 8.45 31.34
CA PHE S 110 47.50 8.54 30.91
C PHE S 110 47.76 7.42 29.92
N TYR S 111 48.22 7.76 28.71
CA TYR S 111 48.63 6.76 27.71
C TYR S 111 50.15 6.69 27.61
N GLU S 112 50.75 5.82 28.41
CA GLU S 112 52.21 5.77 28.57
C GLU S 112 52.77 4.34 28.62
N THR S 113 54.09 4.22 28.60
CA THR S 113 54.76 2.92 28.72
C THR S 113 54.52 2.34 30.11
N PRO S 114 54.66 1.01 30.25
CA PRO S 114 54.60 0.47 31.61
C PRO S 114 55.75 1.02 32.45
N LEU S 115 56.91 1.09 31.80
CA LEU S 115 58.15 1.60 32.38
C LEU S 115 57.91 2.96 33.04
N GLN S 116 57.12 3.79 32.37
CA GLN S 116 56.75 5.11 32.89
C GLN S 116 55.81 5.00 34.08
N LEU S 117 54.83 4.15 33.94
CA LEU S 117 53.83 3.95 34.99
C LEU S 117 54.47 3.45 36.27
N LEU S 118 55.37 2.48 36.17
CA LEU S 118 56.05 1.97 37.35
C LEU S 118 56.88 3.08 37.99
N GLU S 119 57.48 3.92 37.16
CA GLU S 119 58.26 5.05 37.63
C GLU S 119 57.39 5.99 38.44
N LYS S 120 56.13 6.13 38.03
CA LYS S 120 55.15 6.93 38.73
C LYS S 120 54.74 6.35 40.08
N VAL S 121 54.62 5.03 40.12
CA VAL S 121 54.21 4.35 41.34
C VAL S 121 55.39 4.27 42.32
N LYS S 122 56.58 3.95 41.82
CA LYS S 122 57.78 3.94 42.66
C LYS S 122 57.97 5.30 43.30
N ASN S 123 57.72 6.36 42.52
CA ASN S 123 57.82 7.71 43.04
C ASN S 123 56.80 8.01 44.15
N VAL S 124 55.60 7.44 44.06
CA VAL S 124 54.62 7.62 45.14
C VAL S 124 55.10 7.00 46.44
N PHE S 125 55.57 5.76 46.38
CA PHE S 125 56.02 5.07 47.56
C PHE S 125 57.26 5.74 48.14
N ASN S 126 58.19 6.07 47.25
CA ASN S 126 59.47 6.62 47.68
C ASN S 126 59.31 8.02 48.25
N GLU S 127 58.46 8.84 47.63
CA GLU S 127 58.20 10.16 48.16
C GLU S 127 57.45 10.09 49.49
N THR S 128 56.57 9.10 49.64
CA THR S 128 55.86 8.90 50.90
C THR S 128 56.82 8.55 52.03
N LYS S 129 57.83 7.73 51.74
CA LYS S 129 58.83 7.36 52.76
C LYS S 129 59.58 8.58 53.25
N ASN S 130 59.91 9.48 52.34
CA ASN S 130 60.65 10.68 52.70
C ASN S 130 59.84 11.61 53.57
N LEU S 131 58.56 11.76 53.22
CA LEU S 131 57.65 12.59 54.02
C LEU S 131 57.24 11.91 55.33
N LEU S 132 57.24 10.58 55.37
CA LEU S 132 56.95 9.90 56.64
C LEU S 132 58.09 10.00 57.63
N ASP S 133 59.30 9.81 57.11
CA ASP S 133 60.50 9.86 57.92
C ASP S 133 60.63 11.21 58.64
N LYS S 134 60.43 12.30 57.91
CA LYS S 134 60.52 13.63 58.49
C LYS S 134 59.44 13.94 59.54
N ASP S 135 58.18 13.73 59.17
CA ASP S 135 57.07 13.94 60.09
C ASP S 135 56.02 12.84 59.87
N TRP S 136 55.87 11.96 60.84
CA TRP S 136 54.90 10.86 60.72
C TRP S 136 53.43 11.26 60.72
N ASN S 137 53.08 12.31 61.45
CA ASN S 137 51.67 12.68 61.58
C ASN S 137 51.18 13.56 60.41
N ILE S 138 52.05 13.80 59.43
CA ILE S 138 51.77 14.76 58.36
C ILE S 138 50.53 14.46 57.54
N PHE S 139 50.22 13.18 57.34
CA PHE S 139 49.11 12.80 56.47
C PHE S 139 47.71 12.96 57.08
N SER S 140 47.63 13.66 58.21
CA SER S 140 46.35 13.96 58.82
C SER S 140 45.72 15.21 58.25
N LYS S 141 46.46 15.98 57.46
CA LYS S 141 45.96 17.26 56.97
C LYS S 141 44.68 17.07 56.17
N ASN S 142 43.74 17.98 56.40
CA ASN S 142 42.45 17.90 55.76
C ASN S 142 42.52 18.47 54.35
N CYS S 143 42.40 17.59 53.35
CA CYS S 143 42.54 17.97 51.95
C CYS S 143 41.20 18.21 51.25
N ASN S 144 40.10 18.22 51.99
CA ASN S 144 38.78 18.50 51.41
C ASN S 144 38.77 19.83 50.66
N ASN S 145 39.58 20.78 51.15
CA ASN S 145 39.74 22.05 50.47
C ASN S 145 40.41 21.85 49.11
N SER S 146 41.50 21.09 49.12
CA SER S 146 42.29 20.87 47.92
C SER S 146 41.61 19.96 46.89
N PHE S 147 40.78 19.03 47.34
CA PHE S 147 40.09 18.13 46.41
C PHE S 147 38.96 18.80 45.65
N ALA S 148 38.36 19.82 46.23
CA ALA S 148 37.34 20.60 45.54
C ALA S 148 37.89 21.30 44.31
N GLU S 149 39.15 21.72 44.40
CA GLU S 149 39.79 22.49 43.35
C GLU S 149 39.96 21.72 42.02
N CYS S 150 39.88 20.39 42.04
CA CYS S 150 40.04 19.61 40.81
C CYS S 150 38.70 19.54 40.09
N SER S 151 38.58 18.64 39.10
CA SER S 151 37.31 18.42 38.43
C SER S 151 36.33 17.64 39.32
N TYR T 10 81.56 -32.59 23.14
CA TYR T 10 81.85 -31.19 22.90
C TYR T 10 80.64 -30.28 22.96
N CYS T 11 79.81 -30.25 21.92
CA CYS T 11 78.69 -29.32 21.89
C CYS T 11 77.64 -29.80 22.90
N SER T 12 77.63 -31.10 23.17
CA SER T 12 76.65 -31.75 24.05
C SER T 12 76.26 -31.01 25.30
N HIS T 13 77.26 -30.44 25.94
CA HIS T 13 77.04 -29.77 27.21
C HIS T 13 77.36 -28.29 27.09
N MET T 14 77.14 -27.73 25.89
CA MET T 14 77.40 -26.32 25.65
C MET T 14 76.32 -25.48 26.32
N ILE T 15 75.07 -25.88 26.09
CA ILE T 15 73.94 -25.20 26.70
C ILE T 15 73.73 -25.69 28.13
N GLY T 16 74.27 -24.92 29.07
CA GLY T 16 74.13 -25.22 30.49
C GLY T 16 72.71 -25.02 30.96
N SER T 17 72.39 -25.62 32.11
CA SER T 17 71.08 -25.42 32.72
C SER T 17 70.91 -23.98 33.21
N GLY T 18 72.01 -23.38 33.66
CA GLY T 18 71.98 -22.00 34.13
C GLY T 18 71.61 -20.96 33.10
N HIS T 19 71.76 -21.28 31.81
CA HIS T 19 71.34 -20.38 30.75
C HIS T 19 69.81 -20.33 30.69
N LEU T 20 69.18 -21.51 30.62
CA LEU T 20 67.73 -21.61 30.56
C LEU T 20 67.07 -21.12 31.85
N GLN T 21 67.79 -21.24 32.96
CA GLN T 21 67.30 -20.73 34.24
C GLN T 21 66.93 -19.27 34.07
N SER T 22 67.84 -18.54 33.46
CA SER T 22 67.65 -17.11 33.22
C SER T 22 66.55 -16.76 32.22
N LEU T 23 66.39 -17.57 31.18
CA LEU T 23 65.35 -17.29 30.19
C LEU T 23 63.95 -17.31 30.79
N GLN T 24 63.65 -18.31 31.60
CA GLN T 24 62.33 -18.39 32.21
C GLN T 24 62.17 -17.26 33.23
N ARG T 25 63.26 -16.87 33.88
CA ARG T 25 63.30 -15.71 34.78
C ARG T 25 62.99 -14.42 34.03
N LEU T 26 63.51 -14.31 32.81
CA LEU T 26 63.19 -13.17 31.97
C LEU T 26 61.68 -13.08 31.75
N ILE T 27 61.08 -14.22 31.39
CA ILE T 27 59.65 -14.27 31.09
C ILE T 27 58.78 -14.09 32.34
N ASP T 28 59.19 -14.71 33.45
CA ASP T 28 58.46 -14.58 34.70
C ASP T 28 58.44 -13.13 35.16
N SER T 29 59.56 -12.44 34.97
CA SER T 29 59.70 -11.07 35.43
C SER T 29 58.91 -10.05 34.62
N GLN T 30 58.57 -10.38 33.39
CA GLN T 30 57.87 -9.44 32.54
C GLN T 30 56.43 -9.26 33.00
N MET T 31 55.93 -8.04 32.82
CA MET T 31 54.57 -7.71 33.24
C MET T 31 53.57 -8.18 32.20
N GLU T 32 52.41 -8.62 32.66
CA GLU T 32 51.34 -9.07 31.78
C GLU T 32 50.70 -7.87 31.11
N THR T 33 50.68 -7.89 29.77
CA THR T 33 50.24 -6.75 28.98
C THR T 33 49.59 -7.18 27.67
N SER T 34 48.70 -6.33 27.18
CA SER T 34 47.98 -6.58 25.93
C SER T 34 48.79 -6.05 24.75
N CYS T 35 49.98 -5.51 25.02
CA CYS T 35 50.82 -4.89 24.00
C CYS T 35 51.29 -5.85 22.94
N GLN T 36 51.58 -5.32 21.76
CA GLN T 36 52.13 -6.13 20.68
C GLN T 36 53.27 -5.38 19.97
N ILE T 37 54.17 -6.14 19.35
CA ILE T 37 55.34 -5.58 18.67
C ILE T 37 55.72 -6.44 17.47
N THR T 38 56.41 -5.83 16.52
CA THR T 38 56.79 -6.52 15.28
C THR T 38 58.26 -6.94 15.29
N PHE T 39 58.55 -8.10 14.69
CA PHE T 39 59.92 -8.61 14.66
C PHE T 39 60.13 -9.71 13.62
N GLU T 40 61.37 -9.84 13.15
CA GLU T 40 61.74 -10.91 12.21
C GLU T 40 61.92 -12.21 12.98
N PHE T 41 61.53 -13.33 12.37
CA PHE T 41 61.79 -14.65 12.95
C PHE T 41 61.58 -15.70 11.86
N VAL T 42 61.98 -16.93 12.13
CA VAL T 42 61.85 -17.98 11.13
C VAL T 42 60.41 -18.44 10.97
N ASP T 43 59.96 -18.50 9.72
CA ASP T 43 58.62 -18.94 9.41
C ASP T 43 58.51 -20.44 9.60
N GLN T 44 57.96 -20.82 10.74
CA GLN T 44 57.85 -22.20 11.17
C GLN T 44 57.14 -23.10 10.14
N GLU T 45 56.33 -22.50 9.28
CA GLU T 45 55.63 -23.24 8.23
C GLU T 45 56.40 -23.36 6.90
N GLN T 46 57.17 -22.33 6.54
CA GLN T 46 58.02 -22.42 5.34
C GLN T 46 59.11 -23.45 5.54
N LEU T 47 59.66 -23.51 6.76
CA LEU T 47 60.68 -24.48 7.09
C LEU T 47 60.17 -25.37 8.22
N LYS T 48 59.65 -26.54 7.84
CA LYS T 48 58.95 -27.42 8.77
C LYS T 48 59.93 -28.26 9.57
N ASP T 49 60.93 -28.80 8.87
CA ASP T 49 61.96 -29.65 9.46
C ASP T 49 62.56 -29.00 10.71
N PRO T 50 62.46 -29.67 11.88
CA PRO T 50 62.95 -29.05 13.11
C PRO T 50 64.47 -29.01 13.22
N VAL T 51 65.17 -29.83 12.44
CA VAL T 51 66.63 -29.82 12.45
C VAL T 51 67.11 -28.56 11.75
N CYS T 52 66.61 -28.33 10.54
CA CYS T 52 66.99 -27.16 9.75
C CYS T 52 66.32 -25.88 10.25
N TYR T 53 65.19 -26.00 10.94
CA TYR T 53 64.54 -24.82 11.51
C TYR T 53 65.45 -24.23 12.56
N LEU T 54 65.87 -25.07 13.50
CA LEU T 54 66.74 -24.63 14.57
C LEU T 54 68.06 -24.13 13.98
N LYS T 55 68.51 -24.76 12.90
CA LYS T 55 69.76 -24.35 12.25
C LYS T 55 69.68 -22.92 11.72
N LYS T 56 68.69 -22.67 10.86
CA LYS T 56 68.49 -21.34 10.27
C LYS T 56 68.13 -20.32 11.32
N ALA T 57 67.12 -20.65 12.12
CA ALA T 57 66.65 -19.75 13.16
C ALA T 57 67.80 -19.27 14.02
N PHE T 58 68.75 -20.16 14.29
CA PHE T 58 69.84 -19.83 15.19
C PHE T 58 70.79 -18.73 14.72
N LEU T 59 71.16 -18.76 13.45
CA LEU T 59 72.09 -17.77 12.91
C LEU T 59 71.53 -16.35 12.98
N LEU T 60 70.24 -16.21 12.70
CA LEU T 60 69.56 -14.91 12.70
C LEU T 60 69.37 -14.28 14.10
N VAL T 61 69.28 -15.12 15.13
CA VAL T 61 68.96 -14.68 16.50
C VAL T 61 69.86 -13.52 16.97
N GLN T 62 71.11 -13.46 16.53
CA GLN T 62 72.04 -12.42 17.01
C GLN T 62 71.50 -11.05 16.79
N ASP T 63 71.10 -10.82 15.55
CA ASP T 63 70.60 -9.53 15.17
C ASP T 63 69.29 -9.24 15.92
N ILE T 64 68.50 -10.27 16.17
CA ILE T 64 67.22 -10.09 16.86
C ILE T 64 67.42 -9.58 18.28
N MET T 65 68.11 -10.40 19.08
CA MET T 65 68.34 -10.09 20.50
C MET T 65 68.80 -8.67 20.72
N GLU T 66 69.70 -8.20 19.87
CA GLU T 66 70.20 -6.83 19.98
C GLU T 66 69.08 -5.83 19.65
N ASP T 67 68.38 -6.06 18.54
CA ASP T 67 67.31 -5.17 18.10
C ASP T 67 66.04 -5.26 18.94
N THR T 68 65.86 -6.40 19.61
CA THR T 68 64.62 -6.67 20.34
C THR T 68 64.76 -6.61 21.85
N MET T 69 65.47 -7.59 22.41
CA MET T 69 65.57 -7.76 23.85
C MET T 69 66.61 -6.83 24.42
N ARG T 70 66.17 -5.62 24.74
CA ARG T 70 67.04 -4.60 25.30
C ARG T 70 66.59 -4.30 26.72
N PHE T 71 67.55 -4.27 27.64
CA PHE T 71 67.30 -3.90 29.02
C PHE T 71 68.32 -2.88 29.48
N ARG T 72 68.04 -2.25 30.62
CA ARG T 72 68.91 -1.22 31.18
C ARG T 72 70.27 -1.86 31.48
N ASP T 73 71.35 -1.14 31.17
CA ASP T 73 72.69 -1.72 31.21
C ASP T 73 73.07 -2.29 32.59
N ASN T 74 73.57 -3.52 32.60
CA ASN T 74 74.01 -4.19 33.82
C ASN T 74 72.89 -4.32 34.85
N THR T 75 71.78 -4.89 34.39
CA THR T 75 70.63 -5.27 35.21
C THR T 75 70.57 -6.79 35.12
N PRO T 76 69.80 -7.45 36.00
CA PRO T 76 69.87 -8.92 36.03
C PRO T 76 69.60 -9.55 34.66
N ASN T 77 68.69 -8.93 33.92
CA ASN T 77 68.21 -9.45 32.65
C ASN T 77 69.19 -9.12 31.52
N ALA T 78 69.68 -7.88 31.49
CA ALA T 78 70.63 -7.46 30.44
C ALA T 78 71.86 -8.36 30.49
N ILE T 79 72.26 -8.75 31.70
CA ILE T 79 73.35 -9.68 31.90
C ILE T 79 73.02 -10.95 31.14
N ALA T 80 71.83 -11.48 31.40
CA ALA T 80 71.35 -12.69 30.74
C ALA T 80 71.41 -12.60 29.22
N ILE T 81 71.00 -11.46 28.69
CA ILE T 81 70.97 -11.27 27.25
C ILE T 81 72.39 -11.35 26.67
N VAL T 82 73.35 -10.75 27.36
CA VAL T 82 74.73 -10.79 26.91
C VAL T 82 75.21 -12.23 27.02
N GLN T 83 74.84 -12.93 28.10
CA GLN T 83 75.19 -14.35 28.22
C GLN T 83 74.68 -15.20 27.08
N LEU T 84 73.49 -14.87 26.60
CA LEU T 84 72.87 -15.64 25.54
C LEU T 84 73.57 -15.35 24.22
N GLN T 85 74.05 -14.12 24.07
CA GLN T 85 74.85 -13.77 22.90
C GLN T 85 76.23 -14.43 22.99
N GLU T 86 76.83 -14.41 24.19
CA GLU T 86 78.08 -15.14 24.44
C GLU T 86 77.94 -16.60 24.06
N LEU T 87 76.91 -17.23 24.61
CA LEU T 87 76.62 -18.63 24.35
C LEU T 87 76.41 -18.88 22.89
N SER T 88 75.64 -17.98 22.30
CA SER T 88 75.31 -18.09 20.90
C SER T 88 76.52 -18.09 19.98
N LEU T 89 77.45 -17.16 20.22
CA LEU T 89 78.62 -17.03 19.36
C LEU T 89 79.42 -18.33 19.37
N ARG T 90 79.61 -18.93 20.54
CA ARG T 90 80.32 -20.21 20.62
C ARG T 90 79.60 -21.27 19.79
N LEU T 91 78.26 -21.21 19.74
CA LEU T 91 77.48 -22.21 19.02
C LEU T 91 77.62 -22.11 17.50
N LYS T 92 78.00 -20.95 16.97
CA LYS T 92 78.19 -20.78 15.53
C LYS T 92 79.18 -21.78 14.93
N SER T 93 80.12 -22.23 15.75
CA SER T 93 81.06 -23.25 15.30
C SER T 93 80.44 -24.66 15.16
N CYS T 94 79.45 -24.98 16.00
CA CYS T 94 78.73 -26.25 15.88
C CYS T 94 77.76 -26.31 14.69
N PHE T 95 77.52 -25.18 14.02
CA PHE T 95 76.67 -25.17 12.83
C PHE T 95 77.43 -24.97 11.53
N THR T 96 77.25 -25.91 10.60
CA THR T 96 77.78 -25.80 9.24
C THR T 96 77.09 -24.75 8.41
N LYS T 97 77.85 -23.76 7.96
CA LYS T 97 77.31 -22.69 7.14
C LYS T 97 76.85 -23.29 5.81
N ASP T 98 75.81 -22.71 5.23
CA ASP T 98 75.31 -23.17 3.93
C ASP T 98 75.49 -22.04 2.93
N TYR T 99 74.95 -22.19 1.72
CA TYR T 99 75.11 -21.15 0.71
C TYR T 99 74.65 -19.79 1.23
N GLU T 100 75.48 -18.77 0.97
CA GLU T 100 75.24 -17.42 1.47
C GLU T 100 74.05 -16.72 0.81
N GLU T 101 73.71 -17.15 -0.40
CA GLU T 101 72.52 -16.66 -1.11
C GLU T 101 71.23 -16.91 -0.34
N HIS T 102 71.22 -17.93 0.49
CA HIS T 102 70.05 -18.26 1.31
C HIS T 102 69.82 -17.27 2.46
N ASP T 103 70.73 -16.32 2.65
CA ASP T 103 70.63 -15.37 3.76
C ASP T 103 69.37 -14.50 3.67
N LYS T 104 68.68 -14.37 4.80
CA LYS T 104 67.45 -13.58 4.92
C LYS T 104 66.23 -14.17 4.20
N ALA T 105 66.31 -15.44 3.81
CA ALA T 105 65.16 -16.21 3.35
C ALA T 105 64.66 -17.12 4.48
N CYS T 106 63.48 -17.71 4.29
CA CYS T 106 62.83 -18.54 5.32
C CYS T 106 62.46 -17.76 6.59
N VAL T 107 62.21 -16.46 6.42
CA VAL T 107 61.98 -15.56 7.55
C VAL T 107 60.70 -14.74 7.31
N ARG T 108 59.98 -14.43 8.38
CA ARG T 108 58.71 -13.69 8.26
C ARG T 108 58.52 -12.67 9.38
N THR T 109 57.48 -11.86 9.23
CA THR T 109 57.08 -10.87 10.23
C THR T 109 56.21 -11.54 11.29
N PHE T 110 56.23 -11.01 12.51
CA PHE T 110 55.33 -11.47 13.57
C PHE T 110 54.90 -10.27 14.40
N TYR T 111 53.59 -10.03 14.50
CA TYR T 111 53.08 -8.98 15.37
C TYR T 111 52.45 -9.57 16.64
N GLU T 112 53.29 -9.74 17.68
CA GLU T 112 52.90 -10.46 18.90
C GLU T 112 53.39 -9.78 20.18
N THR T 113 52.96 -10.29 21.33
CA THR T 113 53.41 -9.78 22.63
C THR T 113 54.89 -10.08 22.81
N PRO T 114 55.57 -9.33 23.69
CA PRO T 114 56.96 -9.71 24.00
C PRO T 114 56.96 -11.09 24.65
N LEU T 115 55.99 -11.29 25.54
CA LEU T 115 55.80 -12.54 26.26
C LEU T 115 55.79 -13.73 25.29
N GLN T 116 55.13 -13.53 24.15
CA GLN T 116 55.07 -14.55 23.10
C GLN T 116 56.43 -14.75 22.43
N LEU T 117 57.09 -13.65 22.10
CA LEU T 117 58.39 -13.72 21.43
C LEU T 117 59.44 -14.43 22.30
N LEU T 118 59.52 -14.09 23.58
CA LEU T 118 60.49 -14.76 24.45
C LEU T 118 60.17 -16.25 24.50
N GLU T 119 58.87 -16.57 24.51
CA GLU T 119 58.43 -17.95 24.53
C GLU T 119 58.98 -18.63 23.26
N LYS T 120 59.03 -17.90 22.14
CA LYS T 120 59.62 -18.45 20.92
C LYS T 120 61.13 -18.65 21.04
N VAL T 121 61.84 -17.75 21.69
CA VAL T 121 63.29 -17.88 21.85
C VAL T 121 63.66 -18.93 22.88
N LYS T 122 62.97 -18.94 24.02
CA LYS T 122 63.22 -19.99 25.01
C LYS T 122 63.01 -21.33 24.35
N ASN T 123 61.99 -21.44 23.50
CA ASN T 123 61.75 -22.69 22.78
C ASN T 123 62.88 -23.05 21.81
N VAL T 124 63.49 -22.05 21.17
CA VAL T 124 64.63 -22.33 20.29
C VAL T 124 65.81 -22.89 21.07
N PHE T 125 66.17 -22.25 22.18
CA PHE T 125 67.31 -22.69 22.98
C PHE T 125 67.03 -24.05 23.61
N ASN T 126 65.84 -24.21 24.15
CA ASN T 126 65.48 -25.42 24.89
C ASN T 126 65.36 -26.62 23.95
N GLU T 127 64.77 -26.41 22.78
CA GLU T 127 64.67 -27.49 21.80
C GLU T 127 66.05 -27.89 21.26
N THR T 128 66.93 -26.91 21.13
CA THR T 128 68.30 -27.17 20.69
C THR T 128 69.06 -28.04 21.71
N LYS T 129 68.84 -27.80 23.00
CA LYS T 129 69.48 -28.60 24.06
C LYS T 129 69.06 -30.07 24.01
N ASN T 130 67.79 -30.34 23.74
CA ASN T 130 67.28 -31.70 23.69
C ASN T 130 67.88 -32.47 22.53
N LEU T 131 67.96 -31.79 21.38
CA LEU T 131 68.55 -32.36 20.18
C LEU T 131 70.08 -32.43 20.26
N LEU T 132 70.72 -31.55 21.04
CA LEU T 132 72.17 -31.67 21.19
C LEU T 132 72.57 -32.83 22.11
N ASP T 133 71.83 -32.95 23.21
CA ASP T 133 72.04 -34.00 24.19
C ASP T 133 71.90 -35.37 23.54
N LYS T 134 70.85 -35.51 22.74
CA LYS T 134 70.58 -36.77 22.06
C LYS T 134 71.68 -37.13 21.03
N ASP T 135 72.00 -36.22 20.11
CA ASP T 135 73.08 -36.41 19.12
C ASP T 135 73.84 -35.10 18.89
N TRP T 136 75.10 -35.01 19.32
CA TRP T 136 75.85 -33.74 19.14
C TRP T 136 76.20 -33.33 17.72
N ASN T 137 76.49 -34.29 16.85
CA ASN T 137 76.94 -33.96 15.50
C ASN T 137 75.77 -33.70 14.53
N ILE T 138 74.54 -33.75 15.04
CA ILE T 138 73.35 -33.71 14.19
C ILE T 138 73.25 -32.45 13.32
N PHE T 139 73.74 -31.31 13.82
CA PHE T 139 73.60 -30.03 13.12
C PHE T 139 74.55 -29.82 11.94
N SER T 140 75.19 -30.88 11.48
CA SER T 140 76.05 -30.82 10.30
C SER T 140 75.24 -31.02 9.00
N LYS T 141 73.96 -31.40 9.11
CA LYS T 141 73.14 -31.72 7.95
C LYS T 141 73.01 -30.56 6.97
N ASN T 142 73.04 -30.89 5.67
CA ASN T 142 72.99 -29.88 4.64
C ASN T 142 71.57 -29.40 4.40
N CYS T 143 71.29 -28.17 4.81
CA CYS T 143 69.95 -27.62 4.69
C CYS T 143 69.78 -26.74 3.44
N ASN T 144 70.80 -26.71 2.58
CA ASN T 144 70.71 -25.97 1.34
C ASN T 144 69.50 -26.39 0.50
N ASN T 145 69.16 -27.67 0.60
CA ASN T 145 67.97 -28.20 -0.04
C ASN T 145 66.70 -27.60 0.56
N SER T 146 66.64 -27.61 1.88
CA SER T 146 65.47 -27.14 2.61
C SER T 146 65.29 -25.62 2.55
N PHE T 147 66.40 -24.88 2.45
CA PHE T 147 66.34 -23.42 2.39
C PHE T 147 65.84 -22.91 1.04
N ALA T 148 66.04 -23.72 -0.01
CA ALA T 148 65.50 -23.38 -1.31
C ALA T 148 63.97 -23.34 -1.24
N GLU T 149 63.40 -24.19 -0.40
CA GLU T 149 61.96 -24.33 -0.27
C GLU T 149 61.18 -23.11 0.25
N CYS T 150 61.82 -22.15 0.91
CA CYS T 150 61.05 -21.03 1.43
C CYS T 150 60.80 -19.87 0.44
N SER T 151 61.70 -18.91 0.30
CA SER T 151 61.56 -17.86 -0.69
C SER T 151 62.92 -17.29 -1.10
N SER U 8 -30.06 -53.63 -37.68
CA SER U 8 -30.40 -52.32 -37.16
C SER U 8 -29.73 -51.20 -37.97
N GLU U 9 -28.50 -51.40 -38.43
CA GLU U 9 -27.75 -50.35 -39.17
C GLU U 9 -27.12 -50.72 -40.51
N TYR U 10 -27.31 -49.79 -41.44
CA TYR U 10 -26.93 -49.90 -42.85
C TYR U 10 -25.83 -48.89 -43.20
N CYS U 11 -25.13 -48.36 -42.20
CA CYS U 11 -24.18 -47.26 -42.45
C CYS U 11 -22.94 -47.63 -43.24
N SER U 12 -22.55 -48.90 -43.18
CA SER U 12 -21.35 -49.36 -43.85
C SER U 12 -21.14 -48.78 -45.22
N HIS U 13 -22.25 -48.70 -45.97
CA HIS U 13 -22.18 -48.27 -47.35
C HIS U 13 -22.96 -46.98 -47.63
N MET U 14 -22.97 -46.12 -46.62
CA MET U 14 -23.66 -44.84 -46.69
C MET U 14 -22.88 -43.88 -47.58
N ILE U 15 -21.57 -43.82 -47.38
CA ILE U 15 -20.71 -42.99 -48.20
C ILE U 15 -20.39 -43.67 -49.53
N GLY U 16 -21.15 -43.32 -50.56
CA GLY U 16 -20.92 -43.86 -51.89
C GLY U 16 -19.62 -43.35 -52.48
N SER U 17 -19.13 -44.04 -53.49
CA SER U 17 -17.93 -43.60 -54.20
C SER U 17 -18.21 -42.32 -54.99
N GLY U 18 -19.43 -42.18 -55.50
CA GLY U 18 -19.83 -41.00 -56.24
C GLY U 18 -19.78 -39.71 -55.45
N HIS U 19 -19.82 -39.81 -54.12
CA HIS U 19 -19.68 -38.63 -53.27
C HIS U 19 -18.24 -38.13 -53.29
N LEU U 20 -17.30 -39.03 -53.04
CA LEU U 20 -15.89 -38.66 -53.01
C LEU U 20 -15.35 -38.24 -54.38
N GLN U 21 -15.94 -38.78 -55.44
CA GLN U 21 -15.58 -38.40 -56.80
C GLN U 21 -15.71 -36.89 -56.98
N SER U 22 -16.84 -36.33 -56.55
CA SER U 22 -17.07 -34.89 -56.66
C SER U 22 -16.10 -34.10 -55.77
N LEU U 23 -15.75 -34.65 -54.61
CA LEU U 23 -14.82 -33.97 -53.70
C LEU U 23 -13.45 -33.72 -54.33
N GLN U 24 -12.89 -34.73 -54.99
CA GLN U 24 -11.61 -34.60 -55.66
C GLN U 24 -11.70 -33.68 -56.88
N ARG U 25 -12.86 -33.71 -57.52
CA ARG U 25 -13.18 -32.82 -58.63
C ARG U 25 -13.20 -31.36 -58.24
N LEU U 26 -13.76 -31.15 -57.05
CA LEU U 26 -13.80 -29.83 -56.43
C LEU U 26 -12.39 -29.31 -56.27
N ILE U 27 -11.52 -30.16 -55.75
CA ILE U 27 -10.15 -29.77 -55.47
C ILE U 27 -9.38 -29.59 -56.80
N ASP U 28 -9.61 -30.49 -57.75
CA ASP U 28 -8.97 -30.39 -59.06
C ASP U 28 -9.37 -29.12 -59.81
N SER U 29 -10.64 -28.75 -59.69
CA SER U 29 -11.19 -27.60 -60.40
C SER U 29 -10.70 -26.25 -59.86
N GLN U 30 -10.26 -26.23 -58.61
CA GLN U 30 -9.82 -24.99 -57.97
C GLN U 30 -8.48 -24.51 -58.55
N MET U 31 -8.30 -23.20 -58.60
CA MET U 31 -7.10 -22.59 -59.16
C MET U 31 -5.96 -22.59 -58.16
N GLU U 32 -4.74 -22.78 -58.65
CA GLU U 32 -3.55 -22.76 -57.80
C GLU U 32 -3.24 -21.34 -57.37
N THR U 33 -3.17 -21.12 -56.05
CA THR U 33 -3.02 -19.78 -55.51
C THR U 33 -2.26 -19.78 -54.19
N SER U 34 -1.58 -18.65 -53.92
CA SER U 34 -0.80 -18.51 -52.69
C SER U 34 -1.71 -17.97 -51.56
N CYS U 35 -3.00 -17.79 -51.85
CA CYS U 35 -3.95 -17.20 -50.91
C CYS U 35 -4.14 -18.03 -49.67
N GLN U 36 -4.53 -17.38 -48.58
CA GLN U 36 -4.82 -18.11 -47.35
C GLN U 36 -6.11 -17.58 -46.68
N ILE U 37 -6.77 -18.42 -45.88
CA ILE U 37 -8.04 -18.05 -45.23
C ILE U 37 -8.17 -18.73 -43.89
N THR U 38 -8.99 -18.15 -43.00
CA THR U 38 -9.15 -18.68 -41.65
C THR U 38 -10.46 -19.45 -41.47
N PHE U 39 -10.43 -20.50 -40.66
CA PHE U 39 -11.60 -21.34 -40.44
C PHE U 39 -11.49 -22.25 -39.20
N GLU U 40 -12.65 -22.61 -38.64
CA GLU U 40 -12.69 -23.52 -37.49
C GLU U 40 -12.52 -24.95 -38.00
N PHE U 41 -11.82 -25.79 -37.23
CA PHE U 41 -11.71 -27.20 -37.52
C PHE U 41 -11.20 -27.91 -36.28
N VAL U 42 -11.25 -29.24 -36.25
CA VAL U 42 -10.80 -29.98 -35.09
C VAL U 42 -9.29 -30.00 -34.94
N ASP U 43 -8.83 -29.67 -33.74
CA ASP U 43 -7.42 -29.67 -33.43
C ASP U 43 -6.93 -31.11 -33.32
N GLN U 44 -6.33 -31.59 -34.40
CA GLN U 44 -5.86 -32.97 -34.51
C GLN U 44 -4.93 -33.40 -33.37
N GLU U 45 -4.29 -32.45 -32.71
CA GLU U 45 -3.40 -32.73 -31.58
C GLU U 45 -4.09 -32.74 -30.22
N GLN U 46 -5.09 -31.88 -30.03
CA GLN U 46 -5.88 -31.90 -28.80
C GLN U 46 -6.67 -33.19 -28.67
N LEU U 47 -7.19 -33.66 -29.81
CA LEU U 47 -7.94 -34.91 -29.88
C LEU U 47 -7.21 -35.87 -30.81
N LYS U 48 -6.41 -36.75 -30.22
CA LYS U 48 -5.51 -37.60 -30.96
C LYS U 48 -6.22 -38.82 -31.55
N ASP U 49 -7.06 -39.44 -30.73
CA ASP U 49 -7.82 -40.62 -31.12
C ASP U 49 -8.57 -40.42 -32.44
N PRO U 50 -8.28 -41.25 -33.46
CA PRO U 50 -8.90 -41.03 -34.77
C PRO U 50 -10.37 -41.44 -34.82
N VAL U 51 -10.80 -42.23 -33.84
CA VAL U 51 -12.19 -42.64 -33.76
C VAL U 51 -13.02 -41.45 -33.31
N CYS U 52 -12.61 -40.83 -32.21
CA CYS U 52 -13.30 -39.68 -31.64
C CYS U 52 -13.03 -38.38 -32.40
N TYR U 53 -11.92 -38.32 -33.13
CA TYR U 53 -11.60 -37.16 -33.96
C TYR U 53 -12.64 -37.04 -35.05
N LEU U 54 -12.83 -38.12 -35.78
CA LEU U 54 -13.79 -38.14 -36.87
C LEU U 54 -15.19 -37.89 -36.33
N LYS U 55 -15.48 -38.37 -35.12
CA LYS U 55 -16.77 -38.17 -34.49
C LYS U 55 -17.09 -36.70 -34.26
N LYS U 56 -16.21 -36.02 -33.53
CA LYS U 56 -16.36 -34.61 -33.20
C LYS U 56 -16.30 -33.75 -34.46
N ALA U 57 -15.25 -33.97 -35.24
CA ALA U 57 -15.03 -33.20 -36.47
C ALA U 57 -16.27 -33.23 -37.33
N PHE U 58 -16.94 -34.37 -37.36
CA PHE U 58 -18.10 -34.56 -38.22
C PHE U 58 -19.26 -33.64 -37.85
N LEU U 59 -19.50 -33.47 -36.55
CA LEU U 59 -20.62 -32.63 -36.11
C LEU U 59 -20.51 -31.18 -36.54
N LEU U 60 -19.29 -30.66 -36.47
CA LEU U 60 -19.03 -29.29 -36.82
C LEU U 60 -19.09 -29.01 -38.34
N VAL U 61 -18.78 -30.02 -39.15
CA VAL U 61 -18.67 -29.85 -40.61
C VAL U 61 -19.84 -29.15 -41.28
N GLN U 62 -21.05 -29.39 -40.78
CA GLN U 62 -22.26 -28.86 -41.39
C GLN U 62 -22.15 -27.34 -41.44
N ASP U 63 -21.81 -26.75 -40.30
CA ASP U 63 -21.69 -25.29 -40.18
C ASP U 63 -20.53 -24.76 -41.03
N ILE U 64 -19.47 -25.54 -41.16
CA ILE U 64 -18.29 -25.12 -41.94
C ILE U 64 -18.67 -24.94 -43.39
N MET U 65 -19.14 -26.02 -44.00
CA MET U 65 -19.48 -26.04 -45.41
C MET U 65 -20.30 -24.82 -45.81
N GLU U 66 -21.26 -24.44 -44.99
CA GLU U 66 -22.07 -23.25 -45.29
C GLU U 66 -21.25 -21.97 -45.22
N ASP U 67 -20.49 -21.81 -44.15
CA ASP U 67 -19.68 -20.61 -43.95
C ASP U 67 -18.45 -20.56 -44.86
N THR U 68 -18.01 -21.73 -45.34
CA THR U 68 -16.76 -21.84 -46.10
C THR U 68 -16.95 -22.11 -47.58
N MET U 69 -17.37 -23.33 -47.90
CA MET U 69 -17.45 -23.79 -49.27
C MET U 69 -18.71 -23.28 -49.90
N ARG U 70 -18.61 -22.08 -50.46
CA ARG U 70 -19.73 -21.40 -51.09
C ARG U 70 -19.41 -21.28 -52.58
N PHE U 71 -20.38 -21.67 -53.42
CA PHE U 71 -20.24 -21.51 -54.87
C PHE U 71 -21.49 -20.87 -55.44
N ARG U 72 -21.37 -20.43 -56.68
CA ARG U 72 -22.47 -19.76 -57.38
C ARG U 72 -23.64 -20.73 -57.50
N ASP U 73 -24.86 -20.26 -57.26
CA ASP U 73 -26.03 -21.14 -57.15
C ASP U 73 -26.27 -22.03 -58.38
N ASN U 74 -26.47 -23.32 -58.13
CA ASN U 74 -26.75 -24.30 -59.19
C ASN U 74 -25.63 -24.35 -60.22
N THR U 75 -24.42 -24.53 -59.72
CA THR U 75 -23.23 -24.78 -60.52
C THR U 75 -22.79 -26.20 -60.16
N PRO U 76 -21.90 -26.81 -60.96
CA PRO U 76 -21.59 -28.23 -60.71
C PRO U 76 -21.13 -28.49 -59.28
N ASN U 77 -20.41 -27.54 -58.72
CA ASN U 77 -19.78 -27.68 -57.41
C ASN U 77 -20.78 -27.42 -56.29
N ALA U 78 -21.59 -26.37 -56.43
CA ALA U 78 -22.58 -26.04 -55.41
C ALA U 78 -23.52 -27.21 -55.21
N ILE U 79 -23.84 -27.89 -56.31
CA ILE U 79 -24.65 -29.10 -56.27
C ILE U 79 -23.97 -30.12 -55.35
N ALA U 80 -22.69 -30.39 -55.62
CA ALA U 80 -21.91 -31.32 -54.81
C ALA U 80 -21.96 -30.97 -53.33
N ILE U 81 -21.86 -29.68 -53.02
CA ILE U 81 -21.85 -29.22 -51.64
C ILE U 81 -23.17 -29.57 -50.97
N VAL U 82 -24.28 -29.39 -51.68
CA VAL U 82 -25.58 -29.73 -51.10
C VAL U 82 -25.68 -31.24 -50.92
N GLN U 83 -25.21 -32.02 -51.88
CA GLN U 83 -25.19 -33.47 -51.74
C GLN U 83 -24.41 -33.89 -50.49
N LEU U 84 -23.33 -33.17 -50.21
CA LEU U 84 -22.48 -33.50 -49.08
C LEU U 84 -23.16 -33.12 -47.77
N GLN U 85 -23.96 -32.04 -47.80
CA GLN U 85 -24.75 -31.67 -46.64
C GLN U 85 -25.89 -32.69 -46.49
N GLU U 86 -26.50 -33.06 -47.61
CA GLU U 86 -27.50 -34.14 -47.62
C GLU U 86 -26.93 -35.38 -46.96
N LEU U 87 -25.76 -35.81 -47.45
CA LEU U 87 -25.07 -36.98 -46.94
C LEU U 87 -24.76 -36.81 -45.45
N SER U 88 -24.28 -35.63 -45.10
CA SER U 88 -23.91 -35.33 -43.72
C SER U 88 -25.09 -35.52 -42.78
N LEU U 89 -26.25 -34.99 -43.18
CA LEU U 89 -27.45 -35.07 -42.35
C LEU U 89 -27.90 -36.50 -42.02
N ARG U 90 -27.93 -37.36 -43.02
CA ARG U 90 -28.29 -38.76 -42.83
C ARG U 90 -27.34 -39.43 -41.85
N LEU U 91 -26.08 -39.02 -41.88
CA LEU U 91 -25.03 -39.61 -41.04
C LEU U 91 -25.16 -39.24 -39.55
N LYS U 92 -25.88 -38.16 -39.23
CA LYS U 92 -26.03 -37.75 -37.83
C LYS U 92 -26.62 -38.87 -36.97
N SER U 93 -27.41 -39.75 -37.61
CA SER U 93 -27.97 -40.91 -36.94
C SER U 93 -26.96 -42.02 -36.61
N CYS U 94 -25.95 -42.19 -37.45
CA CYS U 94 -24.88 -43.16 -37.19
C CYS U 94 -23.92 -42.75 -36.07
N PHE U 95 -24.03 -41.51 -35.61
CA PHE U 95 -23.22 -41.02 -34.50
C PHE U 95 -24.09 -40.89 -33.27
N THR U 96 -23.64 -41.53 -32.18
CA THR U 96 -24.30 -41.38 -30.91
C THR U 96 -23.99 -39.93 -30.53
N LYS U 97 -25.07 -39.17 -30.39
CA LYS U 97 -25.00 -37.75 -30.09
C LYS U 97 -24.41 -37.26 -28.78
N ASP U 98 -23.81 -36.09 -28.91
CA ASP U 98 -23.22 -35.34 -27.82
C ASP U 98 -24.00 -34.03 -27.76
N TYR U 99 -24.48 -33.72 -26.57
CA TYR U 99 -25.27 -32.54 -26.25
C TYR U 99 -24.62 -31.23 -26.69
N GLU U 100 -25.40 -30.30 -27.25
CA GLU U 100 -24.85 -29.06 -27.79
C GLU U 100 -24.29 -28.23 -26.66
N GLU U 101 -24.73 -28.43 -25.42
CA GLU U 101 -24.06 -27.71 -24.35
C GLU U 101 -22.55 -28.08 -24.30
N HIS U 102 -22.20 -29.30 -24.74
CA HIS U 102 -20.80 -29.78 -24.81
C HIS U 102 -19.95 -29.19 -25.99
N ASP U 103 -20.62 -28.44 -26.85
CA ASP U 103 -20.17 -27.80 -28.12
C ASP U 103 -19.06 -26.71 -28.18
N LYS U 104 -18.23 -26.83 -29.22
CA LYS U 104 -17.09 -25.93 -29.52
C LYS U 104 -15.81 -26.02 -28.70
N ALA U 105 -15.64 -27.14 -28.00
CA ALA U 105 -14.34 -27.43 -27.41
C ALA U 105 -13.69 -28.43 -28.38
N CYS U 106 -12.38 -28.68 -28.21
CA CYS U 106 -11.60 -29.53 -29.12
C CYS U 106 -11.48 -28.99 -30.56
N VAL U 107 -11.57 -27.67 -30.72
CA VAL U 107 -11.60 -27.02 -32.05
C VAL U 107 -10.59 -25.88 -32.06
N ARG U 108 -9.97 -25.62 -33.22
CA ARG U 108 -8.96 -24.56 -33.33
C ARG U 108 -9.05 -23.77 -34.63
N THR U 109 -8.27 -22.70 -34.69
CA THR U 109 -8.16 -21.86 -35.88
C THR U 109 -7.15 -22.46 -36.84
N PHE U 110 -7.33 -22.22 -38.13
CA PHE U 110 -6.36 -22.62 -39.15
C PHE U 110 -6.29 -21.53 -40.20
N TYR U 111 -5.10 -20.98 -40.45
CA TYR U 111 -4.89 -20.02 -41.54
C TYR U 111 -4.16 -20.67 -42.72
N GLU U 112 -4.93 -21.24 -43.64
CA GLU U 112 -4.38 -22.05 -44.72
C GLU U 112 -5.05 -21.78 -46.08
N THR U 113 -4.51 -22.38 -47.14
CA THR U 113 -5.08 -22.28 -48.48
C THR U 113 -6.43 -22.98 -48.55
N PRO U 114 -7.26 -22.61 -49.53
CA PRO U 114 -8.49 -23.39 -49.71
C PRO U 114 -8.12 -24.82 -50.07
N LEU U 115 -7.11 -24.99 -50.92
CA LEU U 115 -6.64 -26.31 -51.34
C LEU U 115 -6.38 -27.23 -50.15
N GLN U 116 -5.80 -26.64 -49.10
CA GLN U 116 -5.50 -27.35 -47.87
C GLN U 116 -6.76 -27.70 -47.10
N LEU U 117 -7.66 -26.74 -46.99
CA LEU U 117 -8.90 -26.97 -46.27
C LEU U 117 -9.71 -28.06 -46.94
N LEU U 118 -9.82 -28.01 -48.26
CA LEU U 118 -10.56 -29.06 -48.98
C LEU U 118 -9.88 -30.40 -48.75
N GLU U 119 -8.56 -30.40 -48.72
CA GLU U 119 -7.78 -31.60 -48.45
C GLU U 119 -8.09 -32.16 -47.07
N LYS U 120 -8.31 -31.26 -46.11
CA LYS U 120 -8.68 -31.64 -44.75
C LYS U 120 -10.08 -32.25 -44.70
N VAL U 121 -11.01 -31.70 -45.49
CA VAL U 121 -12.39 -32.19 -45.52
C VAL U 121 -12.55 -33.48 -46.32
N LYS U 122 -11.90 -33.57 -47.48
CA LYS U 122 -11.92 -34.81 -48.25
C LYS U 122 -11.38 -35.95 -47.39
N ASN U 123 -10.35 -35.66 -46.60
CA ASN U 123 -9.79 -36.64 -45.69
C ASN U 123 -10.75 -37.09 -44.60
N VAL U 124 -11.60 -36.17 -44.11
CA VAL U 124 -12.61 -36.56 -43.13
C VAL U 124 -13.59 -37.56 -43.72
N PHE U 125 -14.11 -37.27 -44.90
CA PHE U 125 -15.07 -38.15 -45.54
C PHE U 125 -14.40 -39.48 -45.91
N ASN U 126 -13.20 -39.41 -46.46
CA ASN U 126 -12.51 -40.58 -46.96
C ASN U 126 -12.06 -41.51 -45.83
N GLU U 127 -11.55 -40.92 -44.75
CA GLU U 127 -11.16 -41.70 -43.58
C GLU U 127 -12.38 -42.33 -42.92
N THR U 128 -13.50 -41.62 -42.94
CA THR U 128 -14.76 -42.15 -42.39
C THR U 128 -15.26 -43.37 -43.19
N LYS U 129 -15.13 -43.33 -44.51
CA LYS U 129 -15.54 -44.45 -45.35
C LYS U 129 -14.74 -45.69 -45.04
N ASN U 130 -13.44 -45.50 -44.81
CA ASN U 130 -12.54 -46.60 -44.51
C ASN U 130 -12.82 -47.24 -43.19
N LEU U 131 -13.07 -46.42 -42.17
CA LEU U 131 -13.38 -46.92 -40.86
C LEU U 131 -14.81 -47.50 -40.80
N LEU U 132 -15.71 -47.02 -41.67
CA LEU U 132 -17.07 -47.60 -41.73
C LEU U 132 -17.08 -48.96 -42.39
N ASP U 133 -16.31 -49.10 -43.47
CA ASP U 133 -16.23 -50.35 -44.19
C ASP U 133 -15.77 -51.48 -43.29
N LYS U 134 -14.72 -51.23 -42.51
CA LYS U 134 -14.20 -52.24 -41.58
C LYS U 134 -15.16 -52.63 -40.45
N ASP U 135 -15.65 -51.63 -39.72
CA ASP U 135 -16.61 -51.88 -38.65
C ASP U 135 -17.68 -50.77 -38.63
N TRP U 136 -18.91 -51.10 -38.99
CA TRP U 136 -19.97 -50.09 -39.02
C TRP U 136 -20.40 -49.52 -37.67
N ASN U 137 -20.38 -50.33 -36.61
CA ASN U 137 -20.89 -49.88 -35.32
C ASN U 137 -19.85 -49.10 -34.49
N ILE U 138 -18.66 -48.87 -35.05
CA ILE U 138 -17.55 -48.31 -34.30
C ILE U 138 -17.84 -46.91 -33.71
N PHE U 139 -18.64 -46.11 -34.41
CA PHE U 139 -18.90 -44.73 -34.00
C PHE U 139 -19.87 -44.56 -32.83
N SER U 140 -20.17 -45.66 -32.14
CA SER U 140 -20.99 -45.62 -30.96
C SER U 140 -20.17 -45.33 -29.70
N LYS U 141 -18.84 -45.37 -29.82
CA LYS U 141 -17.98 -45.22 -28.64
C LYS U 141 -18.23 -43.90 -27.93
N ASN U 142 -18.24 -43.95 -26.60
CA ASN U 142 -18.51 -42.78 -25.80
C ASN U 142 -17.24 -41.93 -25.68
N CYS U 143 -17.24 -40.77 -26.32
CA CYS U 143 -16.06 -39.90 -26.35
C CYS U 143 -16.10 -38.77 -25.31
N ASN U 144 -17.08 -38.78 -24.42
CA ASN U 144 -17.15 -37.78 -23.36
C ASN U 144 -15.86 -37.69 -22.53
N ASN U 145 -15.17 -38.82 -22.34
CA ASN U 145 -13.87 -38.80 -21.66
C ASN U 145 -12.87 -38.02 -22.50
N SER U 146 -12.82 -38.34 -23.80
CA SER U 146 -11.84 -37.74 -24.69
C SER U 146 -12.11 -36.27 -24.96
N PHE U 147 -13.36 -35.83 -24.94
CA PHE U 147 -13.65 -34.42 -25.18
C PHE U 147 -13.29 -33.51 -24.00
N ALA U 148 -13.29 -34.05 -22.79
CA ALA U 148 -12.85 -33.31 -21.60
C ALA U 148 -11.38 -32.92 -21.68
N GLU U 149 -10.60 -33.79 -22.31
CA GLU U 149 -9.14 -33.65 -22.43
C GLU U 149 -8.64 -32.44 -23.22
N CYS U 150 -9.53 -31.83 -24.02
CA CYS U 150 -9.16 -30.69 -24.86
C CYS U 150 -9.20 -29.35 -24.12
N SER U 151 -9.15 -28.26 -24.88
CA SER U 151 -9.29 -26.92 -24.35
C SER U 151 -9.86 -25.94 -25.36
N GLU V 9 -7.62 -15.10 -95.36
CA GLU V 9 -7.61 -15.46 -93.93
C GLU V 9 -8.99 -15.46 -93.29
N TYR V 10 -9.30 -16.53 -92.56
CA TYR V 10 -10.62 -16.67 -91.95
C TYR V 10 -10.76 -16.69 -90.42
N CYS V 11 -10.54 -15.52 -89.82
CA CYS V 11 -10.54 -15.37 -88.37
C CYS V 11 -11.94 -15.41 -87.75
N SER V 12 -12.94 -15.03 -88.56
CA SER V 12 -14.34 -14.90 -88.13
C SER V 12 -14.85 -15.99 -87.21
N HIS V 13 -14.51 -17.24 -87.52
CA HIS V 13 -15.00 -18.37 -86.75
C HIS V 13 -13.83 -19.09 -86.08
N MET V 14 -12.80 -18.32 -85.71
CA MET V 14 -11.63 -18.84 -85.05
C MET V 14 -11.99 -19.18 -83.61
N ILE V 15 -12.67 -18.23 -82.96
CA ILE V 15 -13.15 -18.42 -81.60
C ILE V 15 -14.43 -19.24 -81.57
N GLY V 16 -14.29 -20.53 -81.34
CA GLY V 16 -15.45 -21.40 -81.25
C GLY V 16 -16.26 -21.11 -80.00
N SER V 17 -17.51 -21.55 -80.00
CA SER V 17 -18.37 -21.43 -78.84
C SER V 17 -17.85 -22.31 -77.70
N GLY V 18 -17.29 -23.46 -78.06
CA GLY V 18 -16.74 -24.40 -77.09
C GLY V 18 -15.58 -23.89 -76.25
N HIS V 19 -14.90 -22.85 -76.73
CA HIS V 19 -13.83 -22.23 -75.97
C HIS V 19 -14.42 -21.45 -74.79
N LEU V 20 -15.38 -20.60 -75.09
CA LEU V 20 -16.03 -19.79 -74.07
C LEU V 20 -16.84 -20.62 -73.08
N GLN V 21 -17.33 -21.77 -73.54
CA GLN V 21 -18.04 -22.70 -72.70
C GLN V 21 -17.20 -23.08 -71.48
N SER V 22 -15.95 -23.44 -71.73
CA SER V 22 -15.01 -23.80 -70.66
C SER V 22 -14.65 -22.62 -69.75
N LEU V 23 -14.56 -21.42 -70.32
CA LEU V 23 -14.21 -20.24 -69.52
C LEU V 23 -15.23 -19.97 -68.41
N GLN V 24 -16.51 -20.04 -68.74
CA GLN V 24 -17.54 -19.82 -67.73
C GLN V 24 -17.54 -20.98 -66.73
N ARG V 25 -17.21 -22.18 -67.20
CA ARG V 25 -17.03 -23.35 -66.34
C ARG V 25 -15.87 -23.15 -65.38
N LEU V 26 -14.80 -22.53 -65.85
CA LEU V 26 -13.68 -22.18 -64.98
C LEU V 26 -14.19 -21.28 -63.84
N ILE V 27 -14.96 -20.26 -64.18
CA ILE V 27 -15.45 -19.30 -63.20
C ILE V 27 -16.50 -19.90 -62.26
N ASP V 28 -17.40 -20.70 -62.81
CA ASP V 28 -18.42 -21.37 -62.01
C ASP V 28 -17.79 -22.32 -60.99
N SER V 29 -16.73 -23.01 -61.39
CA SER V 29 -16.09 -24.01 -60.54
C SER V 29 -15.30 -23.43 -59.38
N GLN V 30 -14.89 -22.18 -59.49
CA GLN V 30 -14.09 -21.56 -58.46
C GLN V 30 -14.92 -21.28 -57.22
N MET V 31 -14.26 -21.37 -56.07
CA MET V 31 -14.92 -21.17 -54.79
C MET V 31 -15.04 -19.68 -54.50
N GLU V 32 -16.13 -19.29 -53.86
CA GLU V 32 -16.34 -17.90 -53.48
C GLU V 32 -15.44 -17.53 -52.32
N THR V 33 -14.62 -16.49 -52.51
CA THR V 33 -13.61 -16.13 -51.51
C THR V 33 -13.31 -14.63 -51.48
N SER V 34 -12.87 -14.15 -50.31
CA SER V 34 -12.54 -12.73 -50.13
C SER V 34 -11.07 -12.50 -50.52
N CYS V 35 -10.39 -13.55 -50.99
CA CYS V 35 -8.97 -13.45 -51.31
C CYS V 35 -8.70 -12.48 -52.43
N GLN V 36 -7.51 -11.92 -52.45
CA GLN V 36 -7.10 -11.04 -53.54
C GLN V 36 -5.67 -11.35 -54.00
N ILE V 37 -5.36 -10.99 -55.25
CA ILE V 37 -4.07 -11.27 -55.85
C ILE V 37 -3.68 -10.18 -56.84
N THR V 38 -2.39 -10.02 -57.09
CA THR V 38 -1.89 -8.97 -57.97
C THR V 38 -1.50 -9.51 -59.36
N PHE V 39 -1.73 -8.70 -60.39
CA PHE V 39 -1.42 -9.12 -61.76
C PHE V 39 -1.40 -7.96 -62.75
N GLU V 40 -0.63 -8.14 -63.82
CA GLU V 40 -0.57 -7.14 -64.89
C GLU V 40 -1.80 -7.27 -65.78
N PHE V 41 -2.31 -6.15 -66.27
CA PHE V 41 -3.39 -6.16 -67.24
C PHE V 41 -3.49 -4.79 -67.89
N VAL V 42 -4.27 -4.68 -68.96
CA VAL V 42 -4.39 -3.41 -69.66
C VAL V 42 -5.24 -2.41 -68.89
N ASP V 43 -4.71 -1.20 -68.73
CA ASP V 43 -5.43 -0.15 -68.05
C ASP V 43 -6.54 0.37 -68.95
N GLN V 44 -7.74 -0.12 -68.69
CA GLN V 44 -8.93 0.19 -69.49
C GLN V 44 -9.19 1.69 -69.64
N GLU V 45 -8.66 2.50 -68.72
CA GLU V 45 -8.81 3.95 -68.78
C GLU V 45 -7.69 4.66 -69.56
N GLN V 46 -6.46 4.14 -69.49
CA GLN V 46 -5.37 4.68 -70.27
C GLN V 46 -5.61 4.47 -71.77
N LEU V 47 -6.17 3.31 -72.10
CA LEU V 47 -6.53 2.95 -73.46
C LEU V 47 -8.03 2.70 -73.55
N LYS V 48 -8.75 3.73 -73.98
CA LYS V 48 -10.21 3.72 -73.93
C LYS V 48 -10.79 2.96 -75.12
N ASP V 49 -10.25 3.21 -76.30
CA ASP V 49 -10.69 2.57 -77.53
C ASP V 49 -10.79 1.04 -77.40
N PRO V 50 -11.99 0.47 -77.61
CA PRO V 50 -12.15 -0.97 -77.40
C PRO V 50 -11.53 -1.82 -78.51
N VAL V 51 -11.25 -1.20 -79.65
CA VAL V 51 -10.60 -1.90 -80.76
C VAL V 51 -9.14 -2.13 -80.39
N CYS V 52 -8.45 -1.06 -80.01
CA CYS V 52 -7.04 -1.12 -79.64
C CYS V 52 -6.82 -1.71 -78.25
N TYR V 53 -7.84 -1.66 -77.40
CA TYR V 53 -7.75 -2.27 -76.06
C TYR V 53 -7.60 -3.76 -76.21
N LEU V 54 -8.51 -4.37 -76.96
CA LEU V 54 -8.47 -5.81 -77.18
C LEU V 54 -7.17 -6.18 -77.89
N LYS V 55 -6.69 -5.31 -78.77
CA LYS V 55 -5.44 -5.57 -79.49
C LYS V 55 -4.25 -5.70 -78.56
N LYS V 56 -4.02 -4.65 -77.76
CA LYS V 56 -2.91 -4.63 -76.82
C LYS V 56 -3.09 -5.70 -75.76
N ALA V 57 -4.26 -5.71 -75.13
CA ALA V 57 -4.55 -6.67 -74.07
C ALA V 57 -4.26 -8.09 -74.50
N PHE V 58 -4.57 -8.41 -75.76
CA PHE V 58 -4.41 -9.77 -76.25
C PHE V 58 -3.00 -10.33 -76.29
N LEU V 59 -2.05 -9.50 -76.73
CA LEU V 59 -0.67 -9.94 -76.85
C LEU V 59 -0.10 -10.32 -75.47
N LEU V 60 -0.45 -9.56 -74.43
CA LEU V 60 0.05 -9.83 -73.08
C LEU V 60 -0.56 -11.08 -72.43
N VAL V 61 -1.79 -11.43 -72.81
CA VAL V 61 -2.52 -12.52 -72.17
C VAL V 61 -1.73 -13.82 -72.07
N GLN V 62 -0.89 -14.11 -73.05
CA GLN V 62 -0.16 -15.37 -73.10
C GLN V 62 0.66 -15.53 -71.83
N ASP V 63 1.43 -14.49 -71.52
CA ASP V 63 2.32 -14.49 -70.35
C ASP V 63 1.51 -14.54 -69.06
N ILE V 64 0.34 -13.91 -69.08
CA ILE V 64 -0.54 -13.83 -67.93
C ILE V 64 -0.99 -15.23 -67.56
N MET V 65 -1.68 -15.90 -68.50
CA MET V 65 -2.24 -17.23 -68.29
C MET V 65 -1.24 -18.19 -67.64
N GLU V 66 0.02 -18.13 -68.07
CA GLU V 66 1.06 -18.98 -67.50
C GLU V 66 1.37 -18.60 -66.06
N ASP V 67 1.57 -17.30 -65.83
CA ASP V 67 1.90 -16.80 -64.50
C ASP V 67 0.70 -16.82 -63.56
N THR V 68 -0.50 -16.81 -64.12
CA THR V 68 -1.72 -16.69 -63.32
C THR V 68 -2.55 -17.95 -63.21
N MET V 69 -3.19 -18.33 -64.32
CA MET V 69 -4.14 -19.43 -64.33
C MET V 69 -3.40 -20.76 -64.40
N ARG V 70 -3.04 -21.27 -63.24
CA ARG V 70 -2.32 -22.53 -63.14
C ARG V 70 -3.20 -23.53 -62.42
N PHE V 71 -3.33 -24.73 -62.99
CA PHE V 71 -4.08 -25.81 -62.35
C PHE V 71 -3.28 -27.10 -62.36
N ARG V 72 -3.73 -28.07 -61.57
CA ARG V 72 -3.04 -29.35 -61.46
C ARG V 72 -3.03 -30.03 -62.82
N ASP V 73 -1.91 -30.64 -63.19
CA ASP V 73 -1.71 -31.14 -64.55
C ASP V 73 -2.79 -32.14 -64.99
N ASN V 74 -3.35 -31.91 -66.18
CA ASN V 74 -4.35 -32.79 -66.76
C ASN V 74 -5.60 -32.93 -65.88
N THR V 75 -6.14 -31.77 -65.51
CA THR V 75 -7.41 -31.66 -64.81
C THR V 75 -8.34 -30.93 -65.77
N PRO V 76 -9.66 -30.94 -65.52
CA PRO V 76 -10.58 -30.39 -66.53
C PRO V 76 -10.25 -28.96 -66.93
N ASN V 77 -9.77 -28.20 -65.95
CA ASN V 77 -9.53 -26.78 -66.12
C ASN V 77 -8.19 -26.52 -66.82
N ALA V 78 -7.15 -27.24 -66.40
CA ALA V 78 -5.83 -27.08 -66.99
C ALA V 78 -5.90 -27.35 -68.49
N ILE V 79 -6.73 -28.31 -68.87
CA ILE V 79 -6.97 -28.62 -70.26
C ILE V 79 -7.47 -27.35 -70.96
N ALA V 80 -8.51 -26.74 -70.40
CA ALA V 80 -9.09 -25.51 -70.94
C ALA V 80 -8.03 -24.42 -71.11
N ILE V 81 -7.13 -24.28 -70.14
CA ILE V 81 -6.11 -23.25 -70.17
C ILE V 81 -5.21 -23.47 -71.39
N VAL V 82 -4.85 -24.72 -71.65
CA VAL V 82 -4.03 -25.04 -72.82
C VAL V 82 -4.78 -24.76 -74.10
N GLN V 83 -6.06 -25.12 -74.09
CA GLN V 83 -6.93 -24.87 -75.23
C GLN V 83 -6.92 -23.38 -75.54
N LEU V 84 -6.89 -22.56 -74.50
CA LEU V 84 -6.91 -21.10 -74.65
C LEU V 84 -5.57 -20.53 -75.13
N GLN V 85 -4.47 -21.14 -74.71
CA GLN V 85 -3.15 -20.73 -75.22
C GLN V 85 -2.99 -21.17 -76.67
N GLU V 86 -3.43 -22.39 -76.95
CA GLU V 86 -3.48 -22.90 -78.31
C GLU V 86 -4.24 -21.92 -79.18
N LEU V 87 -5.45 -21.56 -78.75
CA LEU V 87 -6.30 -20.62 -79.46
C LEU V 87 -5.59 -19.27 -79.59
N SER V 88 -4.98 -18.84 -78.50
CA SER V 88 -4.29 -17.55 -78.46
C SER V 88 -3.18 -17.51 -79.51
N LEU V 89 -2.37 -18.56 -79.58
CA LEU V 89 -1.26 -18.59 -80.52
C LEU V 89 -1.69 -18.44 -81.98
N ARG V 90 -2.73 -19.17 -82.40
CA ARG V 90 -3.22 -19.01 -83.77
C ARG V 90 -3.66 -17.58 -84.05
N LEU V 91 -4.21 -16.93 -83.05
CA LEU V 91 -4.73 -15.59 -83.22
C LEU V 91 -3.67 -14.50 -83.38
N LYS V 92 -2.43 -14.73 -82.93
CA LYS V 92 -1.41 -13.68 -83.06
C LYS V 92 -1.26 -13.25 -84.51
N SER V 93 -1.56 -14.17 -85.43
CA SER V 93 -1.51 -13.87 -86.86
C SER V 93 -2.61 -12.92 -87.33
N CYS V 94 -3.77 -12.97 -86.71
CA CYS V 94 -4.82 -12.01 -87.04
C CYS V 94 -4.54 -10.59 -86.51
N PHE V 95 -3.50 -10.44 -85.67
CA PHE V 95 -3.12 -9.12 -85.16
C PHE V 95 -1.80 -8.59 -85.76
N THR V 96 -1.88 -7.39 -86.34
CA THR V 96 -0.73 -6.65 -86.83
C THR V 96 0.19 -6.08 -85.75
N LYS V 97 1.46 -6.48 -85.71
CA LYS V 97 2.36 -5.95 -84.69
C LYS V 97 2.53 -4.46 -84.90
N ASP V 98 2.74 -3.71 -83.83
CA ASP V 98 2.98 -2.26 -83.92
C ASP V 98 4.36 -1.91 -83.39
N GLU V 101 8.68 -1.02 -79.42
CA GLU V 101 8.95 0.03 -78.45
C GLU V 101 7.75 0.29 -77.53
N HIS V 102 6.56 0.02 -78.04
CA HIS V 102 5.33 0.15 -77.27
C HIS V 102 5.14 -0.96 -76.23
N ASP V 103 6.03 -1.95 -76.22
CA ASP V 103 5.90 -3.09 -75.32
C ASP V 103 5.97 -2.69 -73.84
N LYS V 104 5.04 -3.25 -73.07
CA LYS V 104 4.92 -3.02 -71.63
C LYS V 104 4.41 -1.63 -71.21
N ALA V 105 3.86 -0.88 -72.17
CA ALA V 105 3.12 0.35 -71.87
C ALA V 105 1.62 0.08 -71.95
N CYS V 106 0.81 1.02 -71.50
CA CYS V 106 -0.65 0.85 -71.44
C CYS V 106 -1.09 -0.26 -70.49
N VAL V 107 -0.27 -0.52 -69.46
CA VAL V 107 -0.48 -1.63 -68.55
C VAL V 107 -0.40 -1.17 -67.10
N ARG V 108 -1.20 -1.80 -66.24
CA ARG V 108 -1.23 -1.42 -64.82
C ARG V 108 -1.34 -2.62 -63.89
N THR V 109 -1.21 -2.34 -62.59
CA THR V 109 -1.38 -3.34 -61.54
C THR V 109 -2.86 -3.47 -61.19
N PHE V 110 -3.28 -4.64 -60.74
CA PHE V 110 -4.64 -4.85 -60.24
C PHE V 110 -4.57 -5.79 -59.04
N TYR V 111 -5.07 -5.36 -57.89
CA TYR V 111 -5.17 -6.22 -56.71
C TYR V 111 -6.62 -6.67 -56.48
N GLU V 112 -7.00 -7.79 -57.08
CA GLU V 112 -8.40 -8.24 -57.10
C GLU V 112 -8.55 -9.74 -56.87
N THR V 113 -9.79 -10.22 -56.73
CA THR V 113 -10.08 -11.64 -56.58
C THR V 113 -9.72 -12.38 -57.86
N PRO V 114 -9.48 -13.71 -57.76
CA PRO V 114 -9.30 -14.45 -59.01
C PRO V 114 -10.57 -14.40 -59.84
N LEU V 115 -11.69 -14.53 -59.15
CA LEU V 115 -13.02 -14.50 -59.73
C LEU V 115 -13.18 -13.26 -60.61
N GLN V 116 -12.64 -12.13 -60.15
CA GLN V 116 -12.68 -10.87 -60.91
C GLN V 116 -11.76 -10.94 -62.12
N LEU V 117 -10.56 -11.47 -61.91
CA LEU V 117 -9.58 -11.57 -62.98
C LEU V 117 -10.09 -12.44 -64.12
N LEU V 118 -10.69 -13.58 -63.80
CA LEU V 118 -11.23 -14.46 -64.83
C LEU V 118 -12.35 -13.74 -65.57
N GLU V 119 -13.15 -12.97 -64.84
CA GLU V 119 -14.24 -12.19 -65.44
C GLU V 119 -13.65 -11.20 -66.45
N LYS V 120 -12.47 -10.66 -66.13
CA LYS V 120 -11.78 -9.76 -67.06
C LYS V 120 -11.25 -10.49 -68.31
N VAL V 121 -10.77 -11.71 -68.12
CA VAL V 121 -10.24 -12.48 -69.25
C VAL V 121 -11.35 -13.04 -70.12
N LYS V 122 -12.40 -13.58 -69.49
CA LYS V 122 -13.55 -14.05 -70.26
C LYS V 122 -14.13 -12.91 -71.09
N ASN V 123 -14.17 -11.72 -70.51
CA ASN V 123 -14.63 -10.54 -71.24
C ASN V 123 -13.76 -10.17 -72.44
N VAL V 124 -12.45 -10.36 -72.32
CA VAL V 124 -11.56 -10.12 -73.45
C VAL V 124 -11.86 -11.07 -74.60
N PHE V 125 -11.98 -12.37 -74.31
CA PHE V 125 -12.24 -13.35 -75.35
C PHE V 125 -13.62 -13.15 -75.97
N ASN V 126 -14.61 -12.93 -75.13
CA ASN V 126 -16.00 -12.84 -75.59
C ASN V 126 -16.24 -11.56 -76.39
N GLU V 127 -15.66 -10.46 -75.96
CA GLU V 127 -15.76 -9.21 -76.71
C GLU V 127 -15.06 -9.29 -78.05
N THR V 128 -13.95 -10.04 -78.09
CA THR V 128 -13.23 -10.26 -79.33
C THR V 128 -14.06 -11.05 -80.34
N LYS V 129 -14.81 -12.06 -79.86
CA LYS V 129 -15.67 -12.87 -80.73
C LYS V 129 -16.77 -12.03 -81.39
N ASN V 130 -17.36 -11.11 -80.63
CA ASN V 130 -18.44 -10.27 -81.14
C ASN V 130 -17.93 -9.33 -82.20
N LEU V 131 -16.75 -8.77 -81.93
CA LEU V 131 -16.07 -7.88 -82.84
C LEU V 131 -15.47 -8.61 -84.04
N LEU V 132 -15.13 -9.88 -83.88
CA LEU V 132 -14.64 -10.66 -85.03
C LEU V 132 -15.78 -11.06 -85.97
N ASP V 133 -16.90 -11.47 -85.37
CA ASP V 133 -18.07 -11.88 -86.14
C ASP V 133 -18.59 -10.80 -87.08
N LYS V 134 -18.72 -9.58 -86.58
CA LYS V 134 -19.20 -8.50 -87.42
C LYS V 134 -18.19 -8.17 -88.53
N ASP V 135 -16.93 -7.95 -88.17
CA ASP V 135 -15.87 -7.69 -89.15
C ASP V 135 -14.54 -8.37 -88.78
N TRP V 136 -14.13 -9.36 -89.57
CA TRP V 136 -12.90 -10.11 -89.32
C TRP V 136 -11.61 -9.32 -89.47
N ASN V 137 -11.57 -8.38 -90.42
CA ASN V 137 -10.33 -7.64 -90.71
C ASN V 137 -10.12 -6.44 -89.77
N ILE V 138 -11.01 -6.26 -88.79
CA ILE V 138 -11.01 -5.07 -87.96
C ILE V 138 -9.70 -4.83 -87.19
N PHE V 139 -9.05 -5.92 -86.78
CA PHE V 139 -7.85 -5.84 -85.94
C PHE V 139 -6.55 -5.45 -86.67
N SER V 140 -6.65 -4.97 -87.90
CA SER V 140 -5.50 -4.48 -88.65
C SER V 140 -5.17 -3.01 -88.34
N LYS V 141 -6.07 -2.32 -87.64
CA LYS V 141 -5.93 -0.88 -87.39
C LYS V 141 -4.65 -0.51 -86.67
N ASN V 142 -4.05 0.60 -87.09
CA ASN V 142 -2.78 1.02 -86.51
C ASN V 142 -2.99 1.71 -85.18
N CYS V 143 -2.59 1.04 -84.11
CA CYS V 143 -2.79 1.56 -82.76
C CYS V 143 -1.52 2.23 -82.22
N ASN V 144 -0.50 2.39 -83.06
CA ASN V 144 0.72 3.08 -82.66
C ASN V 144 0.42 4.47 -82.14
N ASN V 145 -0.62 5.07 -82.72
CA ASN V 145 -1.12 6.36 -82.29
C ASN V 145 -1.69 6.28 -80.88
N SER V 146 -2.55 5.28 -80.66
CA SER V 146 -3.24 5.10 -79.40
C SER V 146 -2.34 4.62 -78.26
N PHE V 147 -1.29 3.86 -78.59
CA PHE V 147 -0.37 3.36 -77.56
C PHE V 147 0.55 4.45 -77.00
N ALA V 148 0.81 5.48 -77.80
CA ALA V 148 1.59 6.63 -77.33
C ALA V 148 0.87 7.36 -76.19
N GLU V 149 -0.45 7.38 -76.24
CA GLU V 149 -1.30 8.10 -75.28
C GLU V 149 -1.24 7.61 -73.82
N CYS V 150 -0.71 6.39 -73.63
CA CYS V 150 -0.59 5.74 -72.33
C CYS V 150 0.66 6.16 -71.57
N SER V 151 1.00 5.39 -70.54
CA SER V 151 2.21 5.62 -69.77
C SER V 151 2.79 4.34 -69.17
N VAL W 7 -25.51 100.56 -18.87
CA VAL W 7 -25.93 99.25 -19.39
C VAL W 7 -25.60 98.98 -20.87
N SER W 8 -24.97 99.94 -21.54
CA SER W 8 -24.58 99.83 -22.94
C SER W 8 -23.25 99.10 -22.92
N GLU W 9 -23.00 98.21 -23.88
CA GLU W 9 -21.75 97.45 -23.87
C GLU W 9 -20.63 98.38 -24.29
N TYR W 10 -19.54 98.29 -23.54
CA TYR W 10 -18.44 99.19 -23.74
C TYR W 10 -17.26 98.41 -24.32
N CYS W 11 -17.57 97.21 -24.82
CA CYS W 11 -16.53 96.29 -25.26
C CYS W 11 -15.78 96.56 -26.57
N SER W 12 -16.40 97.25 -27.53
CA SER W 12 -15.78 97.45 -28.84
C SER W 12 -14.27 97.81 -28.85
N HIS W 13 -13.91 98.76 -27.99
CA HIS W 13 -12.54 99.28 -27.86
C HIS W 13 -11.94 99.07 -26.47
N MET W 14 -12.33 97.97 -25.84
CA MET W 14 -11.86 97.61 -24.52
C MET W 14 -10.42 97.14 -24.62
N ILE W 15 -10.13 96.30 -25.61
CA ILE W 15 -8.75 95.85 -25.79
C ILE W 15 -7.98 96.96 -26.48
N GLY W 16 -7.29 97.75 -25.66
CA GLY W 16 -6.46 98.84 -26.15
C GLY W 16 -5.24 98.35 -26.90
N SER W 17 -4.65 99.24 -27.68
CA SER W 17 -3.42 98.93 -28.37
C SER W 17 -2.25 98.76 -27.41
N GLY W 18 -2.26 99.53 -26.32
CA GLY W 18 -1.23 99.46 -25.31
C GLY W 18 -1.12 98.12 -24.58
N HIS W 19 -2.18 97.32 -24.60
CA HIS W 19 -2.13 95.99 -24.02
C HIS W 19 -1.28 95.07 -24.88
N LEU W 20 -1.58 95.03 -26.17
CA LEU W 20 -0.85 94.19 -27.11
C LEU W 20 0.60 94.63 -27.29
N GLN W 21 0.85 95.92 -27.09
CA GLN W 21 2.21 96.45 -27.15
C GLN W 21 3.11 95.68 -26.20
N SER W 22 2.65 95.52 -24.96
CA SER W 22 3.39 94.79 -23.95
C SER W 22 3.51 93.29 -24.22
N LEU W 23 2.47 92.69 -24.79
CA LEU W 23 2.51 91.26 -25.06
C LEU W 23 3.64 90.89 -26.01
N GLN W 24 3.79 91.64 -27.09
CA GLN W 24 4.86 91.39 -28.05
C GLN W 24 6.21 91.74 -27.43
N ARG W 25 6.20 92.74 -26.55
CA ARG W 25 7.40 93.11 -25.78
C ARG W 25 7.82 91.96 -24.86
N LEU W 26 6.83 91.30 -24.26
CA LEU W 26 7.09 90.11 -23.44
C LEU W 26 7.83 89.06 -24.27
N ILE W 27 7.33 88.82 -25.47
CA ILE W 27 7.88 87.80 -26.35
C ILE W 27 9.26 88.19 -26.89
N ASP W 28 9.42 89.46 -27.26
CA ASP W 28 10.70 89.95 -27.74
C ASP W 28 11.78 89.82 -26.67
N SER W 29 11.39 90.10 -25.43
CA SER W 29 12.32 90.11 -24.30
C SER W 29 12.79 88.73 -23.84
N GLN W 30 12.03 87.69 -24.15
CA GLN W 30 12.36 86.34 -23.71
C GLN W 30 13.57 85.79 -24.46
N MET W 31 14.38 84.97 -23.78
CA MET W 31 15.58 84.41 -24.39
C MET W 31 15.25 83.19 -25.24
N GLU W 32 15.97 83.02 -26.32
CA GLU W 32 15.78 81.89 -27.22
C GLU W 32 16.31 80.61 -26.58
N THR W 33 15.43 79.61 -26.47
CA THR W 33 15.77 78.38 -25.76
C THR W 33 15.06 77.15 -26.33
N SER W 34 15.69 75.99 -26.16
CA SER W 34 15.13 74.73 -26.65
C SER W 34 14.22 74.12 -25.58
N CYS W 35 14.05 74.82 -24.45
CA CYS W 35 13.30 74.31 -23.32
C CYS W 35 11.84 74.10 -23.64
N GLN W 36 11.21 73.20 -22.90
CA GLN W 36 9.78 72.97 -23.02
C GLN W 36 9.12 72.84 -21.66
N ILE W 37 7.82 73.11 -21.61
CA ILE W 37 7.05 73.12 -20.38
C ILE W 37 5.61 72.68 -20.66
N THR W 38 4.93 72.16 -19.63
CA THR W 38 3.57 71.66 -19.79
C THR W 38 2.53 72.63 -19.24
N PHE W 39 1.38 72.69 -19.89
CA PHE W 39 0.31 73.61 -19.48
C PHE W 39 -1.05 73.29 -20.09
N GLU W 40 -2.10 73.68 -19.39
CA GLU W 40 -3.47 73.51 -19.88
C GLU W 40 -3.77 74.60 -20.91
N PHE W 41 -4.54 74.26 -21.94
CA PHE W 41 -5.02 75.25 -22.90
C PHE W 41 -6.14 74.63 -23.71
N VAL W 42 -6.86 75.45 -24.47
CA VAL W 42 -7.99 74.93 -25.24
C VAL W 42 -7.54 74.12 -26.45
N ASP W 43 -8.12 72.93 -26.58
CA ASP W 43 -7.82 72.07 -27.71
C ASP W 43 -8.46 72.60 -28.97
N GLN W 44 -7.65 73.30 -29.75
CA GLN W 44 -8.09 73.96 -30.97
C GLN W 44 -8.82 73.02 -31.95
N GLU W 45 -8.57 71.72 -31.84
CA GLU W 45 -9.24 70.73 -32.71
C GLU W 45 -10.56 70.20 -32.12
N GLN W 46 -10.65 70.06 -30.80
CA GLN W 46 -11.94 69.67 -30.19
C GLN W 46 -12.97 70.77 -30.39
N LEU W 47 -12.53 72.01 -30.28
CA LEU W 47 -13.40 73.16 -30.48
C LEU W 47 -12.87 73.99 -31.65
N LYS W 48 -13.46 73.75 -32.82
CA LYS W 48 -12.96 74.32 -34.07
C LYS W 48 -13.43 75.76 -34.26
N ASP W 49 -14.70 75.98 -33.99
CA ASP W 49 -15.32 77.30 -34.13
C ASP W 49 -14.51 78.40 -33.43
N PRO W 50 -14.06 79.41 -34.19
CA PRO W 50 -13.19 80.44 -33.59
C PRO W 50 -13.96 81.41 -32.69
N VAL W 51 -15.28 81.46 -32.82
CA VAL W 51 -16.09 82.32 -31.97
C VAL W 51 -16.16 81.71 -30.57
N CYS W 52 -16.53 80.44 -30.50
CA CYS W 52 -16.63 79.73 -29.23
C CYS W 52 -15.27 79.31 -28.66
N TYR W 53 -14.25 79.22 -29.51
CA TYR W 53 -12.90 78.89 -29.05
C TYR W 53 -12.41 80.03 -28.18
N LEU W 54 -12.48 81.24 -28.70
CA LEU W 54 -12.04 82.40 -27.96
C LEU W 54 -12.86 82.56 -26.69
N LYS W 55 -14.15 82.19 -26.76
CA LYS W 55 -15.03 82.29 -25.59
C LYS W 55 -14.56 81.39 -24.44
N LYS W 56 -14.42 80.09 -24.73
CA LYS W 56 -14.00 79.12 -23.72
C LYS W 56 -12.58 79.39 -23.28
N ALA W 57 -11.68 79.51 -24.26
CA ALA W 57 -10.26 79.75 -24.00
C ALA W 57 -10.08 80.92 -23.07
N PHE W 58 -10.92 81.94 -23.23
CA PHE W 58 -10.78 83.16 -22.46
C PHE W 58 -11.00 82.94 -20.97
N LEU W 59 -12.00 82.13 -20.61
CA LEU W 59 -12.32 81.88 -19.21
C LEU W 59 -11.15 81.23 -18.47
N LEU W 60 -10.49 80.31 -19.15
CA LEU W 60 -9.39 79.56 -18.54
C LEU W 60 -8.11 80.38 -18.34
N VAL W 61 -7.89 81.38 -19.18
CA VAL W 61 -6.65 82.16 -19.19
C VAL W 61 -6.21 82.73 -17.85
N GLN W 62 -7.20 83.10 -17.05
CA GLN W 62 -6.97 83.76 -15.77
C GLN W 62 -6.08 82.86 -14.89
N ASP W 63 -6.48 81.60 -14.74
CA ASP W 63 -5.74 80.65 -13.93
C ASP W 63 -4.37 80.34 -14.52
N ILE W 64 -4.29 80.35 -15.85
CA ILE W 64 -3.05 80.04 -16.56
C ILE W 64 -1.99 81.08 -16.25
N MET W 65 -2.29 82.34 -16.56
CA MET W 65 -1.34 83.43 -16.38
C MET W 65 -0.70 83.38 -14.99
N GLU W 66 -1.49 83.08 -13.96
CA GLU W 66 -0.93 82.98 -12.61
C GLU W 66 0.02 81.79 -12.46
N ASP W 67 -0.41 80.63 -12.93
CA ASP W 67 0.41 79.42 -12.82
C ASP W 67 1.59 79.42 -13.79
N THR W 68 1.49 80.19 -14.87
CA THR W 68 2.48 80.16 -15.93
C THR W 68 3.38 81.39 -16.00
N MET W 69 2.78 82.51 -16.40
CA MET W 69 3.55 83.72 -16.66
C MET W 69 3.82 84.45 -15.37
N ARG W 70 4.93 84.07 -14.74
CA ARG W 70 5.35 84.65 -13.47
C ARG W 70 6.66 85.39 -13.71
N PHE W 71 6.73 86.62 -13.23
CA PHE W 71 7.94 87.46 -13.30
C PHE W 71 8.24 88.09 -11.96
N ARG W 72 9.43 88.66 -11.81
CA ARG W 72 9.83 89.28 -10.55
C ARG W 72 8.92 90.39 -10.22
N ASP W 73 8.52 90.50 -8.96
CA ASP W 73 7.48 91.44 -8.66
C ASP W 73 7.95 92.80 -9.12
N ASN W 74 7.08 93.47 -9.87
CA ASN W 74 7.32 94.83 -10.33
C ASN W 74 8.52 95.08 -11.17
N THR W 75 8.51 94.26 -12.21
CA THR W 75 9.43 94.34 -13.30
C THR W 75 8.52 94.73 -14.49
N PRO W 76 9.08 95.20 -15.62
CA PRO W 76 8.23 95.73 -16.70
C PRO W 76 7.17 94.72 -17.15
N ASN W 77 7.53 93.45 -17.10
CA ASN W 77 6.71 92.38 -17.63
C ASN W 77 5.59 91.99 -16.65
N ALA W 78 5.91 91.89 -15.36
CA ALA W 78 4.94 91.53 -14.33
C ALA W 78 3.83 92.56 -14.38
N ILE W 79 4.20 93.81 -14.63
CA ILE W 79 3.23 94.88 -14.82
C ILE W 79 2.30 94.51 -15.95
N ALA W 80 2.86 94.17 -17.10
CA ALA W 80 2.04 93.78 -18.23
C ALA W 80 1.10 92.65 -17.85
N ILE W 81 1.61 91.67 -17.11
CA ILE W 81 0.81 90.51 -16.72
C ILE W 81 -0.38 90.90 -15.85
N VAL W 82 -0.16 91.79 -14.90
CA VAL W 82 -1.27 92.23 -14.05
C VAL W 82 -2.28 93.02 -14.87
N GLN W 83 -1.81 93.88 -15.77
CA GLN W 83 -2.71 94.63 -16.66
C GLN W 83 -3.56 93.66 -17.47
N LEU W 84 -2.96 92.54 -17.88
CA LEU W 84 -3.66 91.56 -18.70
C LEU W 84 -4.68 90.81 -17.84
N GLN W 85 -4.36 90.63 -16.56
CA GLN W 85 -5.32 90.04 -15.64
C GLN W 85 -6.45 91.04 -15.38
N GLU W 86 -6.08 92.31 -15.19
CA GLU W 86 -7.06 93.38 -15.08
C GLU W 86 -8.01 93.40 -16.26
N LEU W 87 -7.41 93.43 -17.45
CA LEU W 87 -8.15 93.45 -18.71
C LEU W 87 -9.02 92.22 -18.80
N SER W 88 -8.44 91.07 -18.45
CA SER W 88 -9.16 89.81 -18.53
C SER W 88 -10.42 89.85 -17.68
N LEU W 89 -10.30 90.33 -16.44
CA LEU W 89 -11.44 90.37 -15.54
C LEU W 89 -12.59 91.20 -16.10
N ARG W 90 -12.30 92.39 -16.61
CA ARG W 90 -13.36 93.22 -17.20
C ARG W 90 -14.05 92.53 -18.37
N LEU W 91 -13.31 91.75 -19.14
CA LEU W 91 -13.87 91.11 -20.34
C LEU W 91 -14.82 89.95 -20.07
N LYS W 92 -14.67 89.35 -18.91
CA LYS W 92 -15.51 88.23 -18.49
C LYS W 92 -17.00 88.57 -18.47
N SER W 93 -17.30 89.84 -18.25
CA SER W 93 -18.68 90.35 -18.30
C SER W 93 -19.22 90.39 -19.73
N CYS W 94 -18.33 90.63 -20.70
CA CYS W 94 -18.70 90.61 -22.11
C CYS W 94 -18.97 89.21 -22.65
N PHE W 95 -18.65 88.17 -21.88
CA PHE W 95 -18.93 86.81 -22.32
C PHE W 95 -20.08 86.19 -21.51
N THR W 96 -21.10 85.76 -22.23
CA THR W 96 -22.23 85.00 -21.69
C THR W 96 -21.87 83.57 -21.25
N LYS W 97 -22.08 83.28 -19.97
CA LYS W 97 -21.81 81.96 -19.40
C LYS W 97 -22.67 80.86 -20.02
N GLU W 101 -21.02 71.98 -14.98
CA GLU W 101 -20.51 70.70 -15.48
C GLU W 101 -19.60 70.89 -16.70
N HIS W 102 -19.82 71.96 -17.46
CA HIS W 102 -18.95 72.23 -18.61
C HIS W 102 -17.55 72.71 -18.23
N ASP W 103 -17.31 72.97 -16.96
CA ASP W 103 -16.02 73.49 -16.50
C ASP W 103 -14.88 72.50 -16.74
N LYS W 104 -13.75 72.96 -17.28
CA LYS W 104 -12.60 72.09 -17.53
C LYS W 104 -12.73 71.05 -18.65
N ALA W 105 -13.73 71.20 -19.52
CA ALA W 105 -13.81 70.42 -20.76
C ALA W 105 -13.33 71.25 -21.94
N CYS W 106 -13.13 70.60 -23.09
CA CYS W 106 -12.57 71.27 -24.28
C CYS W 106 -11.14 71.77 -24.07
N VAL W 107 -10.41 71.11 -23.18
CA VAL W 107 -9.07 71.53 -22.78
C VAL W 107 -8.08 70.36 -22.88
N ARG W 108 -6.83 70.66 -23.21
CA ARG W 108 -5.80 69.63 -23.39
C ARG W 108 -4.43 70.04 -22.84
N THR W 109 -3.52 69.07 -22.82
CA THR W 109 -2.13 69.29 -22.42
C THR W 109 -1.32 69.81 -23.61
N PHE W 110 -0.28 70.58 -23.34
CA PHE W 110 0.66 71.02 -24.38
C PHE W 110 2.06 71.03 -23.80
N TYR W 111 2.99 70.29 -24.41
CA TYR W 111 4.40 70.32 -24.01
C TYR W 111 5.23 71.13 -25.02
N GLU W 112 5.35 72.43 -24.78
CA GLU W 112 5.94 73.36 -25.74
C GLU W 112 6.86 74.41 -25.09
N THR W 113 7.55 75.20 -25.92
CA THR W 113 8.39 76.29 -25.43
C THR W 113 7.55 77.38 -24.80
N PRO W 114 8.15 78.21 -23.93
CA PRO W 114 7.39 79.35 -23.45
C PRO W 114 7.06 80.27 -24.63
N LEU W 115 8.02 80.45 -25.53
CA LEU W 115 7.86 81.29 -26.72
C LEU W 115 6.58 80.92 -27.47
N GLN W 116 6.33 79.62 -27.55
CA GLN W 116 5.13 79.10 -28.21
C GLN W 116 3.88 79.41 -27.42
N LEU W 117 3.94 79.19 -26.11
CA LEU W 117 2.80 79.44 -25.26
C LEU W 117 2.40 80.91 -25.32
N LEU W 118 3.38 81.82 -25.22
CA LEU W 118 3.07 83.24 -25.30
C LEU W 118 2.48 83.59 -26.67
N GLU W 119 3.00 82.95 -27.72
CA GLU W 119 2.49 83.15 -29.07
C GLU W 119 1.02 82.73 -29.12
N LYS W 120 0.67 81.67 -28.39
CA LYS W 120 -0.73 81.23 -28.29
C LYS W 120 -1.60 82.23 -27.53
N VAL W 121 -1.07 82.84 -26.48
CA VAL W 121 -1.85 83.79 -25.69
C VAL W 121 -1.98 85.13 -26.41
N LYS W 122 -0.89 85.62 -27.00
CA LYS W 122 -0.96 86.84 -27.79
C LYS W 122 -1.99 86.68 -28.90
N ASN W 123 -2.02 85.49 -29.51
CA ASN W 123 -3.01 85.21 -30.55
C ASN W 123 -4.45 85.24 -30.04
N VAL W 124 -4.67 84.80 -28.80
CA VAL W 124 -6.01 84.88 -28.21
C VAL W 124 -6.49 86.32 -28.06
N PHE W 125 -5.63 87.17 -27.49
CA PHE W 125 -6.00 88.57 -27.27
C PHE W 125 -6.17 89.31 -28.58
N ASN W 126 -5.23 89.09 -29.50
CA ASN W 126 -5.20 89.82 -30.75
C ASN W 126 -6.34 89.40 -31.67
N GLU W 127 -6.64 88.11 -31.72
CA GLU W 127 -7.78 87.63 -32.51
C GLU W 127 -9.10 88.14 -31.94
N THR W 128 -9.18 88.25 -30.62
CA THR W 128 -10.37 88.79 -29.98
C THR W 128 -10.60 90.26 -30.36
N LYS W 129 -9.52 91.03 -30.44
CA LYS W 129 -9.61 92.44 -30.83
C LYS W 129 -10.18 92.59 -32.25
N ASN W 130 -9.76 91.72 -33.15
CA ASN W 130 -10.21 91.77 -34.54
C ASN W 130 -11.70 91.44 -34.66
N LEU W 131 -12.13 90.42 -33.92
CA LEU W 131 -13.54 90.04 -33.91
C LEU W 131 -14.41 91.03 -33.13
N LEU W 132 -13.84 91.75 -32.16
CA LEU W 132 -14.64 92.77 -31.47
C LEU W 132 -14.86 93.99 -32.34
N ASP W 133 -13.81 94.40 -33.05
CA ASP W 133 -13.88 95.56 -33.92
C ASP W 133 -14.96 95.36 -34.99
N LYS W 134 -14.97 94.19 -35.61
CA LYS W 134 -15.96 93.87 -36.65
C LYS W 134 -17.40 93.79 -36.13
N ASP W 135 -17.61 93.00 -35.07
CA ASP W 135 -18.92 92.86 -34.44
C ASP W 135 -18.77 92.80 -32.93
N TRP W 136 -19.21 93.84 -32.24
CA TRP W 136 -19.10 93.90 -30.78
C TRP W 136 -19.97 92.88 -30.06
N ASN W 137 -21.16 92.61 -30.59
CA ASN W 137 -22.12 91.73 -29.92
C ASN W 137 -21.88 90.22 -30.19
N ILE W 138 -20.82 89.91 -30.94
CA ILE W 138 -20.60 88.54 -31.42
C ILE W 138 -20.48 87.48 -30.32
N PHE W 139 -19.90 87.86 -29.18
CA PHE W 139 -19.63 86.90 -28.11
C PHE W 139 -20.84 86.50 -27.25
N SER W 140 -22.04 86.84 -27.69
CA SER W 140 -23.26 86.43 -26.99
C SER W 140 -23.75 85.04 -27.41
N LYS W 141 -23.16 84.49 -28.47
CA LYS W 141 -23.63 83.23 -29.03
C LYS W 141 -23.58 82.08 -28.02
N ASN W 142 -24.60 81.24 -28.06
CA ASN W 142 -24.71 80.14 -27.11
C ASN W 142 -23.82 78.99 -27.54
N CYS W 143 -22.75 78.76 -26.78
CA CYS W 143 -21.78 77.72 -27.12
C CYS W 143 -22.00 76.42 -26.35
N ASN W 144 -23.09 76.34 -25.59
CA ASN W 144 -23.43 75.11 -24.87
C ASN W 144 -23.52 73.91 -25.81
N ASN W 145 -23.95 74.17 -27.04
CA ASN W 145 -23.99 73.14 -28.07
C ASN W 145 -22.58 72.70 -28.42
N SER W 146 -21.71 73.67 -28.65
CA SER W 146 -20.34 73.41 -29.07
C SER W 146 -19.47 72.81 -27.96
N PHE W 147 -19.76 73.15 -26.71
CA PHE W 147 -18.98 72.60 -25.59
C PHE W 147 -19.28 71.14 -25.29
N ALA W 148 -20.49 70.68 -25.63
CA ALA W 148 -20.84 69.27 -25.49
C ALA W 148 -19.99 68.38 -26.38
N GLU W 149 -19.64 68.90 -27.56
CA GLU W 149 -18.89 68.16 -28.57
C GLU W 149 -17.46 67.76 -28.18
N CYS W 150 -16.88 68.39 -27.15
CA CYS W 150 -15.50 68.07 -26.77
C CYS W 150 -15.37 66.87 -25.83
N SER W 151 -15.52 67.06 -24.51
CA SER W 151 -15.51 65.96 -23.56
C SER W 151 -16.32 66.28 -22.29
N SER X 8 48.94 105.40 -21.69
CA SER X 8 48.23 104.24 -21.15
C SER X 8 46.72 104.50 -21.05
N GLU X 9 45.95 103.45 -21.38
CA GLU X 9 44.49 103.44 -21.38
C GLU X 9 43.95 103.32 -19.96
N TYR X 10 42.90 104.08 -19.71
CA TYR X 10 42.32 104.23 -18.38
C TYR X 10 40.95 103.57 -18.36
N CYS X 11 41.03 102.26 -18.21
CA CYS X 11 39.94 101.29 -18.29
C CYS X 11 39.00 101.52 -17.10
N SER X 12 39.50 102.18 -16.05
CA SER X 12 38.75 102.44 -14.82
C SER X 12 37.27 102.79 -15.11
N HIS X 13 37.00 103.57 -16.15
CA HIS X 13 35.60 103.97 -16.43
C HIS X 13 35.14 103.38 -17.75
N MET X 14 35.65 102.19 -18.08
CA MET X 14 35.29 101.49 -19.30
C MET X 14 33.88 100.87 -19.17
N ILE X 15 33.65 100.18 -18.06
CA ILE X 15 32.36 99.57 -17.78
C ILE X 15 31.39 100.61 -17.23
N GLY X 16 30.57 101.18 -18.12
CA GLY X 16 29.57 102.14 -17.71
C GLY X 16 28.47 101.52 -16.88
N SER X 17 27.75 102.35 -16.16
CA SER X 17 26.59 101.92 -15.39
C SER X 17 25.46 101.47 -16.31
N GLY X 18 25.35 102.13 -17.46
CA GLY X 18 24.33 101.81 -18.45
C GLY X 18 24.43 100.42 -19.06
N HIS X 19 25.59 99.81 -19.00
CA HIS X 19 25.76 98.44 -19.47
C HIS X 19 25.07 97.48 -18.51
N LEU X 20 25.38 97.61 -17.23
CA LEU X 20 24.80 96.75 -16.20
C LEU X 20 23.30 96.98 -16.04
N GLN X 21 22.84 98.19 -16.33
CA GLN X 21 21.42 98.52 -16.31
C GLN X 21 20.64 97.55 -17.18
N SER X 22 21.12 97.35 -18.40
CA SER X 22 20.47 96.43 -19.34
C SER X 22 20.56 94.96 -18.90
N LEU X 23 21.66 94.56 -18.29
CA LEU X 23 21.81 93.17 -17.85
C LEU X 23 20.74 92.74 -16.83
N GLN X 24 20.50 93.61 -15.85
CA GLN X 24 19.50 93.33 -14.82
C GLN X 24 18.13 93.37 -15.48
N ARG X 25 18.00 94.21 -16.50
CA ARG X 25 16.77 94.26 -17.29
C ARG X 25 16.49 92.97 -18.02
N LEU X 26 17.57 92.38 -18.54
CA LEU X 26 17.51 91.09 -19.20
C LEU X 26 16.99 90.03 -18.24
N ILE X 27 17.54 90.04 -17.04
CA ILE X 27 17.18 89.06 -16.02
C ILE X 27 15.76 89.30 -15.53
N ASP X 28 15.45 90.57 -15.33
CA ASP X 28 14.13 90.98 -14.90
C ASP X 28 13.05 90.59 -15.93
N SER X 29 13.38 90.73 -17.20
CA SER X 29 12.45 90.47 -18.30
C SER X 29 12.18 88.98 -18.54
N GLN X 30 13.08 88.12 -18.09
CA GLN X 30 12.96 86.69 -18.33
C GLN X 30 11.84 86.08 -17.47
N MET X 31 11.17 85.07 -18.02
CA MET X 31 10.05 84.41 -17.33
C MET X 31 10.57 83.37 -16.35
N GLU X 32 9.85 83.25 -15.25
CA GLU X 32 10.16 82.29 -14.21
C GLU X 32 9.87 80.87 -14.69
N THR X 33 10.87 80.00 -14.66
CA THR X 33 10.72 78.67 -15.25
C THR X 33 11.56 77.60 -14.55
N SER X 34 11.09 76.36 -14.62
CA SER X 34 11.80 75.25 -13.99
C SER X 34 12.82 74.67 -14.98
N CYS X 35 12.92 75.27 -16.17
CA CYS X 35 13.78 74.79 -17.25
C CYS X 35 15.26 74.84 -16.94
N GLN X 36 16.01 73.96 -17.61
CA GLN X 36 17.47 73.94 -17.51
C GLN X 36 18.13 73.77 -18.86
N ILE X 37 19.38 74.23 -18.95
CA ILE X 37 20.17 74.20 -20.19
C ILE X 37 21.64 74.01 -19.88
N THR X 38 22.38 73.47 -20.85
CA THR X 38 23.79 73.19 -20.66
C THR X 38 24.66 74.25 -21.34
N PHE X 39 25.80 74.56 -20.74
CA PHE X 39 26.69 75.58 -21.28
C PHE X 39 28.09 75.55 -20.69
N GLU X 40 29.06 76.02 -21.46
CA GLU X 40 30.44 76.12 -21.01
C GLU X 40 30.58 77.36 -20.11
N PHE X 41 31.41 77.26 -19.08
CA PHE X 41 31.73 78.41 -18.24
C PHE X 41 32.96 78.06 -17.42
N VAL X 42 33.55 79.05 -16.77
CA VAL X 42 34.75 78.81 -15.98
C VAL X 42 34.44 78.07 -14.69
N ASP X 43 35.20 77.01 -14.44
CA ASP X 43 35.04 76.22 -13.23
C ASP X 43 35.60 76.99 -12.04
N GLN X 44 34.68 77.62 -11.31
CA GLN X 44 34.99 78.49 -10.20
C GLN X 44 35.87 77.79 -9.14
N GLU X 45 35.85 76.46 -9.11
CA GLU X 45 36.67 75.68 -8.17
C GLU X 45 38.06 75.29 -8.71
N GLN X 46 38.18 75.03 -10.01
CA GLN X 46 39.50 74.76 -10.60
C GLN X 46 40.38 75.99 -10.54
N LEU X 47 39.77 77.15 -10.76
CA LEU X 47 40.46 78.43 -10.70
C LEU X 47 39.82 79.28 -9.61
N LYS X 48 40.45 79.25 -8.44
CA LYS X 48 39.89 79.84 -7.23
C LYS X 48 40.12 81.34 -7.19
N ASP X 49 41.35 81.74 -7.53
CA ASP X 49 41.77 83.14 -7.53
C ASP X 49 40.79 84.03 -8.32
N PRO X 50 40.19 85.04 -7.65
CA PRO X 50 39.19 85.86 -8.35
C PRO X 50 39.80 86.82 -9.36
N VAL X 51 41.09 87.07 -9.26
CA VAL X 51 41.78 87.94 -10.21
C VAL X 51 41.92 87.21 -11.54
N CYS X 52 42.46 86.00 -11.49
CA CYS X 52 42.66 85.18 -12.68
C CYS X 52 41.36 84.54 -13.17
N TYR X 53 40.38 84.37 -12.30
CA TYR X 53 39.09 83.83 -12.71
C TYR X 53 38.43 84.78 -13.68
N LEU X 54 38.30 86.04 -13.28
CA LEU X 54 37.70 87.04 -14.15
C LEU X 54 38.52 87.18 -15.42
N LYS X 55 39.84 87.05 -15.30
CA LYS X 55 40.71 87.16 -16.47
C LYS X 55 40.38 86.09 -17.50
N LYS X 56 40.43 84.83 -17.09
CA LYS X 56 40.14 83.72 -17.99
C LYS X 56 38.69 83.73 -18.45
N ALA X 57 37.78 83.80 -17.48
CA ALA X 57 36.36 83.80 -17.75
C ALA X 57 35.98 84.83 -18.78
N PHE X 58 36.62 85.99 -18.72
CA PHE X 58 36.25 87.10 -19.58
C PHE X 58 36.47 86.85 -21.07
N LEU X 59 37.60 86.24 -21.43
CA LEU X 59 37.93 85.98 -22.83
C LEU X 59 36.92 85.03 -23.49
N LEU X 60 36.49 84.02 -22.75
CA LEU X 60 35.57 83.01 -23.27
C LEU X 60 34.15 83.55 -23.47
N VAL X 61 33.77 84.57 -22.71
CA VAL X 61 32.40 85.10 -22.70
C VAL X 61 31.85 85.39 -24.10
N GLN X 62 32.71 85.82 -25.02
CA GLN X 62 32.26 86.22 -26.36
C GLN X 62 31.52 85.08 -27.04
N ASP X 63 32.16 83.92 -27.04
CA ASP X 63 31.62 82.73 -27.68
C ASP X 63 30.34 82.27 -26.97
N ILE X 64 30.27 82.46 -25.66
CA ILE X 64 29.11 82.01 -24.90
C ILE X 64 27.87 82.75 -25.32
N MET X 65 27.92 84.08 -25.16
CA MET X 65 26.80 84.95 -25.45
C MET X 65 26.17 84.64 -26.81
N GLU X 66 26.99 84.37 -27.82
CA GLU X 66 26.47 84.03 -29.14
C GLU X 66 25.77 82.67 -29.14
N ASP X 67 26.42 81.66 -28.56
CA ASP X 67 25.86 80.32 -28.52
C ASP X 67 24.71 80.21 -27.52
N THR X 68 24.67 81.12 -26.56
CA THR X 68 23.70 81.03 -25.47
C THR X 68 22.59 82.07 -25.55
N MET X 69 22.96 83.32 -25.29
CA MET X 69 22.01 84.41 -25.17
C MET X 69 21.63 84.91 -26.54
N ARG X 70 20.60 84.28 -27.10
CA ARG X 70 20.12 84.62 -28.42
C ARG X 70 18.72 85.19 -28.28
N PHE X 71 18.48 86.32 -28.92
CA PHE X 71 17.16 86.94 -28.95
C PHE X 71 16.81 87.33 -30.38
N ARG X 72 15.54 87.65 -30.60
CA ARG X 72 15.05 88.02 -31.92
C ARG X 72 15.80 89.27 -32.38
N ASP X 73 16.22 89.33 -33.64
CA ASP X 73 17.12 90.39 -34.10
C ASP X 73 16.55 91.79 -33.87
N ASN X 74 17.37 92.65 -33.29
CA ASN X 74 17.00 94.05 -33.04
C ASN X 74 15.75 94.20 -32.17
N THR X 75 15.82 93.53 -31.03
CA THR X 75 14.84 93.63 -29.95
C THR X 75 15.59 94.24 -28.80
N PRO X 76 14.90 94.74 -27.76
CA PRO X 76 15.60 95.49 -26.71
C PRO X 76 16.77 94.70 -26.11
N ASN X 77 16.60 93.39 -26.01
CA ASN X 77 17.56 92.53 -25.33
C ASN X 77 18.74 92.21 -26.25
N ALA X 78 18.44 91.87 -27.50
CA ALA X 78 19.48 91.54 -28.47
C ALA X 78 20.44 92.71 -28.62
N ILE X 79 19.89 93.92 -28.57
CA ILE X 79 20.72 95.11 -28.61
C ILE X 79 21.72 95.06 -27.46
N ALA X 80 21.21 94.85 -26.26
CA ALA X 80 22.04 94.75 -25.06
C ALA X 80 23.13 93.70 -25.24
N ILE X 81 22.77 92.56 -25.83
CA ILE X 81 23.72 91.47 -26.02
C ILE X 81 24.88 91.91 -26.90
N VAL X 82 24.57 92.63 -27.96
CA VAL X 82 25.59 93.13 -28.87
C VAL X 82 26.43 94.18 -28.13
N GLN X 83 25.76 95.02 -27.34
CA GLN X 83 26.43 96.04 -26.53
C GLN X 83 27.45 95.39 -25.60
N LEU X 84 27.10 94.22 -25.08
CA LEU X 84 27.96 93.52 -24.14
C LEU X 84 29.14 92.86 -24.85
N GLN X 85 28.92 92.43 -26.09
CA GLN X 85 30.02 91.90 -26.90
C GLN X 85 30.95 93.01 -27.35
N GLU X 86 30.38 94.14 -27.75
CA GLU X 86 31.15 95.33 -28.07
C GLU X 86 32.04 95.66 -26.88
N LEU X 87 31.41 95.77 -25.71
CA LEU X 87 32.13 96.07 -24.48
C LEU X 87 33.19 95.00 -24.19
N SER X 88 32.80 93.74 -24.33
CA SER X 88 33.71 92.63 -24.06
C SER X 88 34.95 92.71 -24.93
N LEU X 89 34.73 92.93 -26.22
CA LEU X 89 35.85 93.00 -27.17
C LEU X 89 36.85 94.08 -26.84
N ARG X 90 36.34 95.29 -26.53
CA ARG X 90 37.22 96.38 -26.16
C ARG X 90 38.03 96.04 -24.90
N LEU X 91 37.41 95.32 -23.98
CA LEU X 91 38.06 94.98 -22.71
C LEU X 91 39.14 93.91 -22.82
N LYS X 92 39.08 93.11 -23.88
CA LYS X 92 40.08 92.05 -24.06
C LYS X 92 41.50 92.62 -24.09
N SER X 93 41.60 93.88 -24.51
CA SER X 93 42.88 94.59 -24.52
C SER X 93 43.42 94.99 -23.14
N CYS X 94 42.54 95.29 -22.19
CA CYS X 94 42.98 95.58 -20.82
C CYS X 94 43.46 94.36 -20.04
N PHE X 95 43.24 93.17 -20.59
CA PHE X 95 43.68 91.92 -19.99
C PHE X 95 44.85 91.42 -20.83
N THR X 96 45.99 91.17 -20.19
CA THR X 96 47.10 90.57 -20.92
C THR X 96 46.67 89.15 -21.22
N LYS X 97 46.54 88.83 -22.50
CA LYS X 97 46.10 87.50 -22.90
C LYS X 97 47.13 86.43 -22.54
N ASP X 103 44.23 77.52 -23.90
CA ASP X 103 42.90 77.82 -24.42
C ASP X 103 41.94 76.66 -24.20
N LYS X 104 40.73 76.96 -23.73
CA LYS X 104 39.71 75.95 -23.46
C LYS X 104 40.00 75.03 -22.26
N ALA X 105 40.95 75.43 -21.41
CA ALA X 105 41.17 74.82 -20.10
C ALA X 105 40.55 75.68 -19.00
N CYS X 106 40.49 75.13 -17.78
CA CYS X 106 39.83 75.82 -16.66
C CYS X 106 38.34 76.04 -16.88
N VAL X 107 37.72 75.14 -17.66
CA VAL X 107 36.33 75.29 -18.08
C VAL X 107 35.54 74.00 -17.82
N ARG X 108 34.26 74.15 -17.48
CA ARG X 108 33.39 73.01 -17.18
C ARG X 108 31.97 73.15 -17.72
N THR X 109 31.21 72.06 -17.60
CA THR X 109 29.79 72.03 -17.97
C THR X 109 28.93 72.55 -16.83
N PHE X 110 27.77 73.13 -17.15
CA PHE X 110 26.80 73.54 -16.14
C PHE X 110 25.41 73.25 -16.68
N TYR X 111 24.61 72.46 -15.97
CA TYR X 111 23.20 72.24 -16.35
C TYR X 111 22.27 73.01 -15.41
N GLU X 112 21.96 74.25 -15.78
CA GLU X 112 21.24 75.18 -14.91
C GLU X 112 20.18 75.99 -15.66
N THR X 113 19.38 76.76 -14.92
CA THR X 113 18.39 77.64 -15.52
C THR X 113 19.08 78.74 -16.30
N PRO X 114 18.37 79.35 -17.26
CA PRO X 114 18.97 80.53 -17.91
C PRO X 114 19.17 81.63 -16.88
N LEU X 115 18.17 81.75 -16.01
CA LEU X 115 18.13 82.73 -14.93
C LEU X 115 19.42 82.69 -14.13
N GLN X 116 19.91 81.48 -13.88
CA GLN X 116 21.16 81.26 -13.16
C GLN X 116 22.36 81.67 -13.99
N LEU X 117 22.34 81.29 -15.26
CA LEU X 117 23.43 81.59 -16.17
C LEU X 117 23.62 83.09 -16.36
N LEU X 118 22.54 83.83 -16.55
CA LEU X 118 22.64 85.27 -16.73
C LEU X 118 23.23 85.88 -15.48
N GLU X 119 22.83 85.34 -14.35
CA GLU X 119 23.34 85.77 -13.07
C GLU X 119 24.84 85.60 -12.92
N LYS X 120 25.35 84.51 -13.49
CA LYS X 120 26.75 84.20 -13.50
C LYS X 120 27.49 85.21 -14.38
N VAL X 121 26.86 85.59 -15.47
CA VAL X 121 27.46 86.55 -16.40
C VAL X 121 27.37 87.98 -15.85
N LYS X 122 26.21 88.37 -15.30
CA LYS X 122 26.10 89.69 -14.68
C LYS X 122 27.13 89.86 -13.58
N ASN X 123 27.36 88.81 -12.80
CA ASN X 123 28.36 88.83 -11.74
C ASN X 123 29.77 89.01 -12.28
N VAL X 124 30.05 88.44 -13.45
CA VAL X 124 31.36 88.66 -14.06
C VAL X 124 31.57 90.13 -14.37
N PHE X 125 30.59 90.75 -14.99
CA PHE X 125 30.71 92.14 -15.35
C PHE X 125 30.75 93.01 -14.10
N ASN X 126 29.84 92.74 -13.18
CA ASN X 126 29.72 93.54 -11.96
C ASN X 126 30.93 93.44 -11.02
N GLU X 127 31.43 92.22 -10.84
CA GLU X 127 32.60 91.98 -10.00
C GLU X 127 33.84 92.61 -10.64
N THR X 128 33.90 92.60 -11.96
CA THR X 128 35.01 93.25 -12.66
C THR X 128 35.02 94.76 -12.43
N LYS X 129 33.85 95.39 -12.43
CA LYS X 129 33.77 96.84 -12.20
C LYS X 129 34.27 97.23 -10.81
N ASN X 130 33.95 96.43 -9.80
CA ASN X 130 34.36 96.72 -8.44
C ASN X 130 35.87 96.60 -8.28
N LEU X 131 36.44 95.56 -8.88
CA LEU X 131 37.88 95.34 -8.85
C LEU X 131 38.67 96.31 -9.75
N LEU X 132 38.09 96.84 -10.82
CA LEU X 132 38.82 97.86 -11.60
C LEU X 132 38.83 99.18 -10.83
N ASP X 133 37.69 99.51 -10.22
CA ASP X 133 37.56 100.74 -9.46
C ASP X 133 38.62 100.79 -8.35
N LYS X 134 38.78 99.69 -7.62
CA LYS X 134 39.77 99.64 -6.54
C LYS X 134 41.22 99.74 -7.02
N ASP X 135 41.60 98.89 -7.99
CA ASP X 135 42.94 98.93 -8.58
C ASP X 135 42.79 98.67 -10.08
N TRP X 136 43.05 99.70 -10.87
CA TRP X 136 42.89 99.61 -12.33
C TRP X 136 43.90 98.69 -13.03
N ASN X 137 45.13 98.65 -12.53
CA ASN X 137 46.20 97.88 -13.17
C ASN X 137 46.23 96.38 -12.77
N ILE X 138 45.27 95.96 -11.96
CA ILE X 138 45.29 94.62 -11.37
C ILE X 138 45.31 93.47 -12.39
N PHE X 139 44.65 93.66 -13.52
CA PHE X 139 44.49 92.59 -14.51
C PHE X 139 45.72 92.32 -15.39
N SER X 140 46.87 92.87 -15.02
CA SER X 140 48.11 92.59 -15.72
C SER X 140 48.80 91.32 -15.21
N LYS X 141 48.33 90.78 -14.08
CA LYS X 141 49.00 89.65 -13.45
C LYS X 141 49.09 88.45 -14.39
N ASN X 142 50.25 87.79 -14.37
CA ASN X 142 50.50 86.66 -15.24
C ASN X 142 49.87 85.42 -14.64
N CYS X 143 48.81 84.93 -15.27
CA CYS X 143 48.06 83.78 -14.75
C CYS X 143 48.47 82.44 -15.38
N ASN X 144 49.53 82.44 -16.18
CA ASN X 144 50.04 81.21 -16.77
C ASN X 144 50.32 80.15 -15.71
N ASN X 145 50.72 80.60 -14.53
CA ASN X 145 50.93 79.70 -13.39
C ASN X 145 49.60 79.10 -12.96
N SER X 146 48.60 79.95 -12.80
CA SER X 146 47.28 79.54 -12.32
C SER X 146 46.49 78.71 -13.32
N PHE X 147 46.70 78.94 -14.61
CA PHE X 147 45.99 78.19 -15.65
C PHE X 147 46.52 76.76 -15.77
N ALA X 148 47.77 76.56 -15.39
CA ALA X 148 48.35 75.22 -15.34
C ALA X 148 47.60 74.36 -14.33
N GLU X 149 47.09 75.00 -13.29
CA GLU X 149 46.42 74.32 -12.19
C GLU X 149 45.11 73.60 -12.56
N CYS X 150 44.51 73.98 -13.69
CA CYS X 150 43.26 73.38 -14.14
C CYS X 150 43.50 72.12 -14.97
N SER X 151 42.46 71.68 -15.68
CA SER X 151 42.59 70.56 -16.62
C SER X 151 43.34 70.97 -17.88
#